data_7V7B
#
_entry.id   7V7B
#
_cell.length_a   1.00
_cell.length_b   1.00
_cell.length_c   1.00
_cell.angle_alpha   90.00
_cell.angle_beta   90.00
_cell.angle_gamma   90.00
#
_symmetry.space_group_name_H-M   'P 1'
#
loop_
_entity.id
_entity.type
_entity.pdbx_description
1 polymer 'DDB1- and CUL4-associated factor 1'
2 polymer 'DNA damage-binding protein 1'
#
loop_
_entity_poly.entity_id
_entity_poly.type
_entity_poly.pdbx_seq_one_letter_code
_entity_poly.pdbx_strand_id
1 'polypeptide(L)'
;MTTVVVHVDSKAELTTLLEQWEKEHGSGQDMVPILTRMSQLIEKETEEYRKGDPDPFDDRHPGRADPECMLGHLLRILFK
NDDFMNALVNAYVMTSREPPLNTAACRLLLDIMPGLETAVVFQEKEGIVENLFKWAREADQPLRTYSTGLLGGAMENQDI
AANYRDENSQLVAIVLRRLRELQLQEVALRQENKRPSPRKLSSEPLLPLDEEAVDMDYGDMAVDVVDGDQEEASGDMEIS
FHLDSGHKTSSRVNSTTKPEDGGLKKNKSAKQGDRENFRKAKQKLGFSSSDPDRMFVELSNSSWSEMSPWVIGTNYTLYP
MTPAIEQRLILQYLTPLGEYQELLPIFMQLGSRELMMFYIDLKQTNDVLLTFEALKHLASLLLHNKFATEFVAHGGVQKL
LEIPRPSMAATGVSMCLYYLSYNQDAMERVCMHPHNVLSDVVNYTLWLMECSHASGCCHATMFFSICFSFRAVLELFDRY
DGLRRLVNLISTLEILNLEDQGALLSDDEIFASRQTGKHTCMALRKYFEAHLAIKLEQVKQSLQRTEGGILVHPQPPYKA
CSYTHEQIVEMMEFLIEYGPAQLYWEPAEVFLKLSCVQLLLQLISIACNWKTYYARNDTVRFALDVLAILTVVPKIQLQL
AESVDVLDEAGSTVSTVGISIILGVAEGEFFIHDAEIQKSALQIIINCVCGPDNRISSIGKFISGTPRRKLPQNPKSSEH
TLAKMWNVVQSNNGIKVLLSLLSIKMPITDADQIRALACKALVGLSRSSTVRQIISKLPLFSSCQIQQLMKEPVLQDKRS
DHVKFCKYAAELIERVSGKPLLIGTDVSLARLQKADVVAQSRISFPEKELLLLIRNHLISKGLGETATVLTKEADLPMTA
ASHSSAFTPVTAAASPVSLPRTPRIANGIATRLGSHAAVGASAPSAPTAHPQPRPPQGPLALPGPSYAGNSPLIGRISFI
RERPSPCNGRKIRVLRQKSDHGAYSQSPAIKKQLDRHLPSPPTLDSIITEYLREQHARCKNPVATCPPFSLFTPHQCPEP
KQRRQAPINFTSRLNRRASFPKYGGVDGGCFDRHLIFSRFRPISVFREANEDESGFTCCAFSARERFLMLGTCTGQLKLY
NVFSGQEEASYNCHNSAITHLEPSRDGSLLLTSATWSQPLSALWGMKSVFDMKHSFTEDHYVEFSKHSQDRVIGTKGDIA
HIYDIQTGNKLLTLFNPDLANNYKRNCATFNPTDDLVLNDGVLWDVRSAQAIHKFDKFNMNISGVFHPNGLEVIINTEIW
DLRTFHLLHTVPALDQCRVVFNHTGTVMYGAMLQADDEDDLMEERMKSPFGSSFRTFNATDYKPIATIDVKRNIFDLCTD
TKDCYLAVIENQGSMDALNMDTVCRLYEVGRQRLAEDEDEEEDQEEEEQEEEDDDEDDDDTDDLDELDTDQLLEAELEED
DNNENAGEDGDNDFSPSDEELANLLEEGEDGEDEDSDADEEVELILGDTDSSDNSDLEDDIILSLNE
;
A,C
2 'polypeptide(L)'
;MSYNYVVTAQKPTAVNGCVTGHFTSAEDLNLLIAKNTRLEIYVVTAEGLRPVKEVGMYGKIAVMELFRPKGESKDLLFIL
TAKYNACILEYKQSGESIDIITRAHGNVQDRIGRPSETGIIGIIDPECRMIGLRLYDGLFKVIPLDRDNKELKAFNIRLE
ELHVIDVKFLYGCQAPTICFVYQDPQGRHVKTYEVSLREKEFNKGPWKQENVEAEASMVIAVPEPFGGAIIIGQESITYH
NGDKYLAIAPPIIKQSTIVCHNRVDPNGSRYLLGDMEGRLFMLLLEKEEQMDGTVTLKDLRVELLGETSIAECLTYLDNG
VVFVGSRLGDSQLVKLNVDSNEQGSYVVAMETFTNLGPIVDMCVVDLERQGQGQLVTCSGAFKEGSLRIIRNGIGIHEHA
SIDLPGIKGLWPLRSDPNRETDDTLVLSFVGQTRVLMLNGEEVEETELMGFVDDQQTFFCGNVAHQQLIQITSASVRLVS
QEPKALVSEWKEPQAKNISVASCNSSQVVVAVGRALYYLQIHPQELRQISHTEMEHEVACLDITPLGDSNGLSPLCAIGL
WTDISARILKLPSFELLHKEMLGGEIIPRSILMTTFESSHYLLCALGDGALFYFGLNIETGLLSDRKKVTLGTQPTVLRT
FRSLSTTNVFACSDRPTVIYSSNHKLVFSNVNLKEVNYMCPLNSDGYPDSLALANNSTLTIGTIDEIQKLHIRTVPLYES
PRKICYQEVSQCFGVLSSRIEVQDTSGGTTALRPSASTQALSSSVSSSKLFSSSTAPHETSFGEEVEVHNLLIIDQHTFE
VLHAHQFLQNEYALSLVSCKLGKDPNTYFIVGTAMVYPEEAEPKQGRIVVFQYSDGKLQTVAEKEVKGAVYSMVEFNGKL
LASINSTVRLYEWTTEKELRTECNHYNNIMALYLKTKGDFILVGDLMRSVLLLAYKPMEGNFEEIARDFNPNWMSAVEIL
DDDNFLGAENAFNLFVCQKDSAATTDEERQHLQEVGLFHLGEFVNVFCHGSLVMQNLGETSTPTQGSVLFGTVNGMIGLV
TSLSESWYNLLLDMQNRLNKVIKSVGKIEHSFWRSFHTERKTEPATGFIDGDLIESFLDISRPKMQEVVANLQYDDGSGM
KREATADDLIKVVEELTRIH
;
B,D
#
# COMPACT_ATOMS: atom_id res chain seq x y z
N MET A 1 -33.70 51.95 34.85
CA MET A 1 -34.56 52.14 36.00
C MET A 1 -34.85 53.63 36.23
N THR A 2 -35.85 53.88 37.10
CA THR A 2 -36.44 55.19 37.45
C THR A 2 -36.54 56.14 36.25
N THR A 3 -37.05 55.62 35.14
CA THR A 3 -37.10 56.35 33.89
C THR A 3 -38.32 57.27 33.83
N VAL A 4 -38.17 58.48 34.36
CA VAL A 4 -39.22 59.48 34.30
C VAL A 4 -38.81 60.56 33.30
N VAL A 5 -39.79 61.33 32.84
CA VAL A 5 -39.57 62.34 31.79
C VAL A 5 -39.44 63.71 32.43
N VAL A 6 -38.92 64.66 31.65
CA VAL A 6 -38.85 66.05 32.10
C VAL A 6 -40.11 66.82 31.72
N HIS A 7 -40.92 66.31 30.81
CA HIS A 7 -42.19 66.93 30.43
C HIS A 7 -43.31 66.32 31.29
N VAL A 8 -44.56 66.57 30.88
CA VAL A 8 -45.69 65.89 31.50
C VAL A 8 -45.66 64.42 31.10
N ASP A 9 -45.89 63.53 32.08
CA ASP A 9 -45.72 62.09 31.92
C ASP A 9 -46.73 61.54 30.93
N SER A 10 -46.29 60.59 30.12
CA SER A 10 -47.17 60.00 29.11
C SER A 10 -47.83 58.72 29.61
N LYS A 11 -47.16 57.98 30.50
CA LYS A 11 -47.73 56.73 31.00
C LYS A 11 -48.86 56.98 31.99
N ALA A 12 -48.77 58.07 32.76
CA ALA A 12 -49.87 58.46 33.63
C ALA A 12 -51.09 58.90 32.84
N GLU A 13 -50.88 59.50 31.67
CA GLU A 13 -51.97 59.74 30.75
C GLU A 13 -52.49 58.45 30.14
N LEU A 14 -51.60 57.50 29.86
CA LEU A 14 -51.98 56.17 29.37
C LEU A 14 -52.77 55.40 30.41
N THR A 15 -52.31 55.40 31.66
CA THR A 15 -53.00 54.68 32.73
C THR A 15 -54.35 55.32 33.04
N THR A 16 -54.46 56.63 32.87
CA THR A 16 -55.74 57.32 32.99
C THR A 16 -56.70 56.88 31.89
N LEU A 17 -56.17 56.52 30.71
CA LEU A 17 -57.01 55.87 29.72
C LEU A 17 -57.20 54.39 30.05
N LEU A 18 -56.24 53.78 30.74
CA LEU A 18 -56.38 52.37 31.12
C LEU A 18 -57.32 52.16 32.30
N GLU A 19 -57.81 53.22 32.94
CA GLU A 19 -58.84 53.07 33.95
C GLU A 19 -60.24 53.41 33.43
N GLN A 20 -60.34 53.87 32.19
CA GLN A 20 -61.63 54.18 31.58
C GLN A 20 -62.08 53.11 30.59
N TRP A 21 -61.21 52.72 29.66
CA TRP A 21 -61.59 51.70 28.69
C TRP A 21 -61.62 50.30 29.29
N GLU A 22 -60.71 50.00 30.24
CA GLU A 22 -60.65 48.66 30.80
C GLU A 22 -61.83 48.35 31.73
N LYS A 23 -62.51 49.38 32.23
CA LYS A 23 -63.73 49.17 33.00
C LYS A 23 -64.99 49.35 32.18
N GLU A 24 -64.88 49.34 30.85
CA GLU A 24 -66.03 49.54 29.96
C GLU A 24 -66.59 48.16 29.58
N HIS A 25 -67.45 47.63 30.44
CA HIS A 25 -68.11 46.35 30.18
C HIS A 25 -69.61 46.53 29.99
N GLY A 26 -69.98 46.80 28.74
CA GLY A 26 -71.39 46.96 28.38
C GLY A 26 -72.07 48.15 29.01
N SER A 27 -71.34 49.26 29.20
CA SER A 27 -71.87 50.39 29.95
C SER A 27 -72.64 51.36 29.07
N GLY A 28 -72.58 51.22 27.75
CA GLY A 28 -73.34 52.09 26.87
C GLY A 28 -72.71 53.45 26.67
N GLN A 29 -71.40 53.48 26.44
CA GLN A 29 -70.66 54.70 26.18
C GLN A 29 -69.97 54.59 24.83
N ASP A 30 -69.63 55.75 24.27
CA ASP A 30 -68.92 55.83 23.00
C ASP A 30 -67.67 56.68 23.22
N MET A 31 -66.51 56.03 23.15
CA MET A 31 -65.23 56.66 23.51
C MET A 31 -64.55 57.35 22.33
N VAL A 32 -65.28 57.66 21.27
CA VAL A 32 -64.70 58.17 20.01
C VAL A 32 -64.03 59.55 20.07
N PRO A 33 -64.31 60.47 20.99
CA PRO A 33 -63.35 61.57 21.20
C PRO A 33 -62.37 61.34 22.34
N ILE A 34 -62.41 60.19 23.00
CA ILE A 34 -61.54 59.91 24.14
C ILE A 34 -60.45 58.96 23.66
N LEU A 35 -60.82 58.00 22.81
CA LEU A 35 -59.84 57.13 22.15
C LEU A 35 -59.12 57.82 21.00
N THR A 36 -59.44 59.09 20.72
CA THR A 36 -58.57 59.92 19.90
C THR A 36 -57.19 60.06 20.53
N ARG A 37 -57.11 59.99 21.87
CA ARG A 37 -55.82 59.97 22.56
C ARG A 37 -54.96 58.80 22.11
N MET A 38 -55.55 57.60 21.98
CA MET A 38 -54.79 56.42 21.58
C MET A 38 -54.21 56.52 20.18
N SER A 39 -54.77 57.39 19.33
CA SER A 39 -54.14 57.74 18.08
C SER A 39 -53.34 59.03 18.14
N GLN A 40 -53.41 59.77 19.27
CA GLN A 40 -52.66 61.02 19.42
C GLN A 40 -51.53 60.88 20.43
N LEU A 41 -51.66 59.93 21.37
CA LEU A 41 -50.59 59.71 22.34
C LEU A 41 -49.36 59.12 21.68
N ILE A 42 -49.53 58.43 20.56
CA ILE A 42 -48.39 57.86 19.86
C ILE A 42 -47.84 58.78 18.78
N GLU A 43 -48.61 59.77 18.33
CA GLU A 43 -48.13 60.64 17.26
C GLU A 43 -47.19 61.73 17.79
N LYS A 44 -47.49 62.29 18.97
CA LYS A 44 -46.52 63.11 19.67
C LYS A 44 -45.31 62.29 20.07
N GLU A 45 -45.55 61.03 20.44
CA GLU A 45 -44.49 60.04 20.68
C GLU A 45 -43.72 59.71 19.41
N THR A 46 -44.35 59.84 18.24
CA THR A 46 -43.63 59.75 16.97
C THR A 46 -42.93 61.07 16.64
N GLU A 47 -43.52 62.20 17.08
CA GLU A 47 -42.95 63.52 16.79
C GLU A 47 -41.61 63.73 17.48
N GLU A 48 -41.44 63.16 18.67
CA GLU A 48 -40.15 63.21 19.34
C GLU A 48 -39.21 62.10 18.90
N TYR A 49 -39.70 61.12 18.14
CA TYR A 49 -38.89 59.99 17.74
C TYR A 49 -37.94 60.32 16.60
N ARG A 50 -38.18 61.42 15.88
CA ARG A 50 -37.32 61.79 14.76
C ARG A 50 -36.00 62.44 15.19
N LYS A 51 -35.81 62.71 16.48
CA LYS A 51 -34.58 63.37 16.91
C LYS A 51 -33.40 62.40 16.93
N GLY A 52 -33.64 61.15 17.28
CA GLY A 52 -32.59 60.15 17.39
C GLY A 52 -32.05 59.59 16.10
N ASP A 53 -32.49 60.11 14.93
CA ASP A 53 -32.12 59.70 13.58
C ASP A 53 -32.36 58.20 13.40
N PRO A 54 -33.61 57.76 13.28
CA PRO A 54 -33.88 56.32 13.34
C PRO A 54 -33.47 55.58 12.08
N ASP A 55 -33.16 54.31 12.26
CA ASP A 55 -32.96 53.40 11.15
C ASP A 55 -34.32 52.89 10.67
N PRO A 56 -34.71 53.13 9.42
CA PRO A 56 -36.06 52.74 8.97
C PRO A 56 -36.28 51.24 8.84
N PHE A 57 -35.22 50.42 8.87
CA PHE A 57 -35.36 48.97 8.86
C PHE A 57 -35.61 48.44 10.27
N ASP A 58 -36.75 48.83 10.83
CA ASP A 58 -37.12 48.48 12.19
C ASP A 58 -38.44 47.71 12.10
N ASP A 59 -38.33 46.42 11.81
CA ASP A 59 -39.50 45.55 11.78
C ASP A 59 -39.92 45.09 13.17
N ARG A 60 -39.04 45.26 14.16
CA ARG A 60 -39.33 44.88 15.53
C ARG A 60 -39.91 46.06 16.29
N HIS A 61 -39.98 45.96 17.60
CA HIS A 61 -40.44 47.04 18.45
C HIS A 61 -39.25 47.67 19.20
N PRO A 62 -39.32 48.96 19.49
CA PRO A 62 -38.26 49.59 20.31
C PRO A 62 -38.25 49.14 21.76
N GLY A 63 -39.31 48.46 22.23
CA GLY A 63 -39.24 47.87 23.56
C GLY A 63 -38.23 46.74 23.63
N ARG A 64 -38.04 46.04 22.52
CA ARG A 64 -36.93 45.11 22.36
C ARG A 64 -35.64 45.82 21.95
N ALA A 65 -35.74 46.97 21.29
CA ALA A 65 -34.60 47.62 20.65
C ALA A 65 -34.09 48.85 21.39
N ASP A 66 -34.95 49.85 21.62
CA ASP A 66 -34.52 51.18 22.06
C ASP A 66 -35.24 51.56 23.36
N PRO A 67 -34.68 51.22 24.52
CA PRO A 67 -35.27 51.67 25.78
C PRO A 67 -34.83 53.08 26.19
N GLU A 68 -34.19 53.83 25.30
CA GLU A 68 -33.73 55.17 25.62
C GLU A 68 -34.81 56.23 25.51
N CYS A 69 -35.79 56.04 24.63
CA CYS A 69 -36.87 56.99 24.43
C CYS A 69 -38.20 56.36 24.81
N MET A 70 -39.24 57.19 24.86
CA MET A 70 -40.54 56.76 25.35
C MET A 70 -41.33 55.92 24.35
N LEU A 71 -40.80 55.65 23.16
CA LEU A 71 -41.53 54.82 22.22
C LEU A 71 -41.50 53.36 22.65
N GLY A 72 -40.34 52.86 23.05
CA GLY A 72 -40.23 51.49 23.52
C GLY A 72 -40.89 51.24 24.86
N HIS A 73 -41.06 52.28 25.68
CA HIS A 73 -41.70 52.11 26.97
C HIS A 73 -43.19 51.83 26.83
N LEU A 74 -43.86 52.51 25.90
CA LEU A 74 -45.31 52.52 25.84
C LEU A 74 -45.91 51.50 24.90
N LEU A 75 -45.17 51.04 23.89
CA LEU A 75 -45.71 50.04 22.99
C LEU A 75 -45.76 48.66 23.64
N ARG A 76 -44.89 48.41 24.62
CA ARG A 76 -44.93 47.14 25.33
C ARG A 76 -46.15 47.02 26.25
N ILE A 77 -46.68 48.14 26.72
CA ILE A 77 -47.77 48.11 27.69
C ILE A 77 -49.06 47.67 27.01
N LEU A 78 -49.32 48.21 25.81
CA LEU A 78 -50.53 47.90 25.06
C LEU A 78 -50.39 46.63 24.23
N PHE A 79 -49.25 45.95 24.28
CA PHE A 79 -49.06 44.70 23.54
C PHE A 79 -49.22 43.47 24.42
N LYS A 80 -48.88 43.58 25.72
CA LYS A 80 -49.16 42.51 26.68
C LYS A 80 -50.62 42.65 27.11
N ASN A 81 -51.49 42.06 26.29
CA ASN A 81 -52.92 42.33 26.40
C ASN A 81 -53.68 41.28 27.19
N ASP A 82 -53.20 40.02 27.20
CA ASP A 82 -53.74 38.92 28.02
C ASP A 82 -55.22 38.64 27.72
N ASP A 83 -55.58 38.59 26.43
CA ASP A 83 -56.92 38.25 25.93
C ASP A 83 -57.99 39.22 26.45
N PHE A 84 -57.60 40.49 26.62
CA PHE A 84 -58.52 41.54 27.03
C PHE A 84 -58.70 42.58 25.94
N MET A 85 -57.61 43.16 25.45
CA MET A 85 -57.62 43.96 24.23
C MET A 85 -57.84 43.10 22.98
N ASN A 86 -57.57 41.80 23.07
CA ASN A 86 -57.63 40.93 21.90
C ASN A 86 -59.06 40.57 21.50
N ALA A 87 -60.05 40.85 22.35
CA ALA A 87 -61.44 40.64 21.96
C ALA A 87 -61.99 41.82 21.18
N LEU A 88 -61.25 42.94 21.15
CA LEU A 88 -61.68 44.11 20.38
C LEU A 88 -61.63 43.85 18.88
N VAL A 89 -60.74 42.96 18.44
CA VAL A 89 -60.69 42.59 17.03
C VAL A 89 -61.92 41.78 16.64
N ASN A 90 -62.40 40.93 17.56
CA ASN A 90 -63.62 40.18 17.33
C ASN A 90 -64.86 41.07 17.46
N ALA A 91 -64.71 42.22 18.12
CA ALA A 91 -65.87 43.05 18.43
C ALA A 91 -66.11 44.13 17.36
N TYR A 92 -65.12 45.00 17.13
CA TYR A 92 -65.29 46.18 16.29
C TYR A 92 -65.05 45.90 14.80
N VAL A 93 -65.04 44.63 14.40
CA VAL A 93 -64.90 44.24 13.00
C VAL A 93 -66.04 43.34 12.55
N MET A 94 -66.31 42.26 13.30
CA MET A 94 -67.29 41.26 12.90
C MET A 94 -68.72 41.80 12.93
N THR A 95 -69.06 42.60 13.94
CA THR A 95 -70.41 43.15 14.05
C THR A 95 -70.36 44.66 13.88
N SER A 96 -69.60 45.14 12.91
CA SER A 96 -69.36 46.56 12.72
C SER A 96 -69.94 47.00 11.38
N ARG A 97 -70.88 47.94 11.41
CA ARG A 97 -71.48 48.46 10.19
C ARG A 97 -71.48 49.99 10.19
N GLU A 98 -71.60 50.60 11.36
CA GLU A 98 -71.82 52.04 11.45
C GLU A 98 -70.49 52.79 11.47
N PRO A 99 -70.47 54.04 10.98
CA PRO A 99 -69.19 54.78 10.88
C PRO A 99 -68.61 55.21 12.23
N PRO A 100 -69.41 55.58 13.26
CA PRO A 100 -68.77 55.66 14.60
C PRO A 100 -68.42 54.31 15.17
N LEU A 101 -69.13 53.26 14.78
CA LEU A 101 -68.76 51.90 15.14
C LEU A 101 -67.52 51.41 14.38
N ASN A 102 -67.32 51.86 13.14
CA ASN A 102 -66.08 51.63 12.41
C ASN A 102 -65.03 52.68 12.68
N THR A 103 -65.36 53.72 13.45
CA THR A 103 -64.33 54.64 13.92
C THR A 103 -63.42 53.95 14.94
N ALA A 104 -63.99 53.08 15.76
CA ALA A 104 -63.29 52.45 16.86
C ALA A 104 -62.42 51.27 16.44
N ALA A 105 -62.28 51.00 15.15
CA ALA A 105 -61.40 49.95 14.66
C ALA A 105 -60.33 50.50 13.72
N CYS A 106 -60.71 51.36 12.77
CA CYS A 106 -59.76 51.85 11.78
C CYS A 106 -58.87 52.96 12.31
N ARG A 107 -59.29 53.68 13.35
CA ARG A 107 -58.40 54.64 13.99
C ARG A 107 -57.53 53.99 15.05
N LEU A 108 -57.69 52.69 15.27
CA LEU A 108 -56.99 51.98 16.34
C LEU A 108 -56.12 50.83 15.85
N LEU A 109 -56.50 50.16 14.75
CA LEU A 109 -55.62 49.16 14.18
C LEU A 109 -54.37 49.80 13.58
N LEU A 110 -54.48 51.06 13.16
CA LEU A 110 -53.31 51.83 12.76
C LEU A 110 -52.47 52.29 13.94
N ASP A 111 -52.97 52.14 15.18
CA ASP A 111 -52.15 52.43 16.34
C ASP A 111 -51.29 51.24 16.75
N ILE A 112 -51.64 50.04 16.30
CA ILE A 112 -50.87 48.83 16.57
C ILE A 112 -50.30 48.33 15.26
N MET A 113 -50.00 49.26 14.36
CA MET A 113 -49.39 48.94 13.08
C MET A 113 -48.04 48.21 13.19
N PRO A 114 -47.11 48.55 14.11
CA PRO A 114 -46.00 47.61 14.33
C PRO A 114 -46.42 46.39 15.12
N GLY A 115 -47.48 46.46 15.92
CA GLY A 115 -47.89 45.35 16.73
C GLY A 115 -48.63 44.26 15.97
N LEU A 116 -49.25 44.60 14.85
CA LEU A 116 -50.00 43.64 14.05
C LEU A 116 -49.03 42.73 13.30
N GLU A 117 -48.60 41.63 13.91
CA GLU A 117 -47.44 40.92 13.37
C GLU A 117 -47.80 40.00 12.21
N THR A 118 -48.42 38.86 12.51
CA THR A 118 -48.66 37.85 11.48
C THR A 118 -50.11 37.38 11.36
N ALA A 119 -50.70 36.99 12.49
CA ALA A 119 -51.78 36.01 12.47
C ALA A 119 -53.15 36.58 12.79
N VAL A 120 -53.27 37.88 13.01
CA VAL A 120 -54.60 38.46 13.20
C VAL A 120 -55.36 38.52 11.90
N VAL A 121 -54.71 39.01 10.83
CA VAL A 121 -55.31 39.01 9.51
C VAL A 121 -55.24 37.63 8.87
N PHE A 122 -54.40 36.73 9.39
CA PHE A 122 -54.28 35.37 8.91
C PHE A 122 -55.24 34.42 9.61
N GLN A 123 -55.96 34.89 10.62
CA GLN A 123 -56.91 34.07 11.39
C GLN A 123 -58.09 33.69 10.49
N GLU A 124 -58.83 32.63 10.88
CA GLU A 124 -59.98 32.17 10.10
C GLU A 124 -61.10 33.22 10.09
N LYS A 125 -61.11 34.14 11.04
CA LYS A 125 -61.85 35.39 10.88
C LYS A 125 -61.07 36.23 9.86
N GLU A 126 -61.29 35.91 8.58
CA GLU A 126 -60.59 36.53 7.47
C GLU A 126 -61.53 37.37 6.62
N GLY A 127 -62.78 37.52 7.03
CA GLY A 127 -63.72 38.39 6.36
C GLY A 127 -63.35 39.86 6.44
N ILE A 128 -62.49 40.23 7.40
CA ILE A 128 -61.91 41.57 7.49
C ILE A 128 -61.13 41.94 6.22
N VAL A 129 -60.56 40.95 5.51
CA VAL A 129 -60.00 41.20 4.20
C VAL A 129 -61.09 41.57 3.22
N GLU A 130 -62.15 40.74 3.13
CA GLU A 130 -63.30 41.07 2.28
C GLU A 130 -64.09 42.25 2.82
N ASN A 131 -64.01 42.52 4.14
CA ASN A 131 -64.56 43.77 4.64
C ASN A 131 -63.75 44.95 4.15
N LEU A 132 -62.43 44.80 4.04
CA LEU A 132 -61.63 45.89 3.50
C LEU A 132 -61.73 45.99 1.99
N PHE A 133 -62.21 44.95 1.30
CA PHE A 133 -62.67 45.16 -0.07
C PHE A 133 -63.99 45.91 -0.08
N LYS A 134 -64.79 45.76 0.98
CA LYS A 134 -66.01 46.54 1.13
C LYS A 134 -65.71 47.93 1.68
N TRP A 135 -64.70 48.06 2.55
CA TRP A 135 -64.34 49.32 3.17
C TRP A 135 -63.34 50.12 2.35
N ALA A 136 -63.22 49.82 1.06
CA ALA A 136 -62.45 50.63 0.12
C ALA A 136 -63.25 51.00 -1.10
N ARG A 137 -64.17 50.13 -1.52
CA ARG A 137 -65.05 50.44 -2.64
C ARG A 137 -66.22 51.31 -2.22
N GLU A 138 -66.65 51.23 -0.96
CA GLU A 138 -67.90 51.84 -0.51
C GLU A 138 -67.77 52.63 0.77
N ALA A 139 -66.56 53.04 1.17
CA ALA A 139 -66.36 53.59 2.50
C ALA A 139 -66.57 55.10 2.52
N ASP A 140 -66.39 55.68 3.71
CA ASP A 140 -66.47 57.12 3.91
C ASP A 140 -65.08 57.72 3.71
N GLN A 141 -65.04 59.03 3.44
CA GLN A 141 -63.78 59.72 3.19
C GLN A 141 -62.92 59.87 4.46
N PRO A 142 -63.46 60.17 5.66
CA PRO A 142 -62.62 59.97 6.86
C PRO A 142 -62.34 58.52 7.15
N LEU A 143 -63.18 57.60 6.66
CA LEU A 143 -62.90 56.18 6.84
C LEU A 143 -61.80 55.72 5.89
N ARG A 144 -61.91 56.06 4.59
CA ARG A 144 -60.89 55.71 3.61
C ARG A 144 -59.58 56.47 3.85
N THR A 145 -59.64 57.57 4.60
CA THR A 145 -58.42 58.19 5.13
C THR A 145 -57.63 57.20 5.98
N TYR A 146 -58.33 56.38 6.78
CA TYR A 146 -57.70 55.38 7.62
C TYR A 146 -58.09 53.95 7.27
N SER A 147 -58.19 53.60 5.98
CA SER A 147 -58.60 52.25 5.63
C SER A 147 -57.71 51.57 4.58
N THR A 148 -56.84 52.30 3.89
CA THR A 148 -56.12 51.69 2.78
C THR A 148 -54.99 50.79 3.27
N GLY A 149 -54.15 51.30 4.17
CA GLY A 149 -53.02 50.54 4.68
C GLY A 149 -53.36 49.50 5.74
N LEU A 150 -54.63 49.15 5.93
CA LEU A 150 -54.99 48.18 6.96
C LEU A 150 -54.66 46.75 6.55
N LEU A 151 -54.68 46.43 5.27
CA LEU A 151 -54.13 45.17 4.78
C LEU A 151 -52.66 45.28 4.43
N GLY A 152 -51.94 46.25 5.01
CA GLY A 152 -50.50 46.31 4.83
C GLY A 152 -49.80 45.13 5.44
N GLY A 153 -50.33 44.59 6.54
CA GLY A 153 -49.82 43.36 7.10
C GLY A 153 -50.18 42.13 6.30
N ALA A 154 -51.23 42.22 5.47
CA ALA A 154 -51.60 41.07 4.63
C ALA A 154 -50.66 40.91 3.46
N MET A 155 -50.24 42.03 2.85
CA MET A 155 -49.33 41.96 1.72
C MET A 155 -47.90 41.62 2.14
N GLU A 156 -47.57 41.87 3.41
CA GLU A 156 -46.30 41.38 3.95
C GLU A 156 -46.26 39.86 4.00
N ASN A 157 -47.40 39.23 4.25
CA ASN A 157 -47.52 37.78 4.11
C ASN A 157 -47.50 37.42 2.63
N GLN A 158 -46.71 36.40 2.30
CA GLN A 158 -46.73 35.87 0.94
C GLN A 158 -47.82 34.83 0.74
N ASP A 159 -48.58 34.50 1.79
CA ASP A 159 -49.64 33.50 1.66
C ASP A 159 -50.98 34.14 1.35
N ILE A 160 -51.19 35.37 1.82
CA ILE A 160 -52.45 36.06 1.51
C ILE A 160 -52.42 36.59 0.08
N ALA A 161 -51.27 37.09 -0.38
CA ALA A 161 -51.17 37.61 -1.74
C ALA A 161 -51.14 36.51 -2.79
N ALA A 162 -50.88 35.26 -2.40
CA ALA A 162 -50.97 34.14 -3.33
C ALA A 162 -52.37 33.54 -3.37
N ASN A 163 -53.11 33.61 -2.25
CA ASN A 163 -54.52 33.24 -2.24
C ASN A 163 -55.39 34.30 -2.91
N TYR A 164 -54.88 35.51 -3.07
CA TYR A 164 -55.65 36.65 -3.59
C TYR A 164 -54.84 37.40 -4.64
N ARG A 165 -54.26 36.66 -5.59
CA ARG A 165 -53.45 37.29 -6.62
C ARG A 165 -54.29 37.81 -7.79
N ASP A 166 -55.60 37.63 -7.76
CA ASP A 166 -56.51 38.26 -8.71
C ASP A 166 -57.64 39.04 -8.04
N GLU A 167 -57.95 38.71 -6.79
CA GLU A 167 -58.94 39.50 -6.04
C GLU A 167 -58.39 40.86 -5.67
N ASN A 168 -57.09 40.96 -5.41
CA ASN A 168 -56.46 42.26 -5.15
C ASN A 168 -56.38 43.10 -6.41
N SER A 169 -56.18 42.46 -7.57
CA SER A 169 -56.05 43.16 -8.84
C SER A 169 -57.33 43.89 -9.23
N GLN A 170 -58.48 43.42 -8.75
CA GLN A 170 -59.71 44.19 -8.85
C GLN A 170 -59.57 45.51 -8.08
N LEU A 171 -59.04 45.44 -6.86
CA LEU A 171 -58.96 46.61 -6.00
C LEU A 171 -57.88 47.59 -6.45
N VAL A 172 -56.86 47.09 -7.14
CA VAL A 172 -55.80 47.96 -7.66
C VAL A 172 -56.36 48.88 -8.76
N ALA A 173 -57.35 48.39 -9.51
CA ALA A 173 -58.00 49.22 -10.52
C ALA A 173 -58.78 50.38 -9.90
N ILE A 174 -59.24 50.23 -8.66
CA ILE A 174 -59.89 51.35 -7.98
C ILE A 174 -58.84 52.33 -7.45
N VAL A 175 -57.83 51.82 -6.74
CA VAL A 175 -56.99 52.71 -5.96
C VAL A 175 -56.02 53.52 -6.80
N LEU A 176 -55.75 53.12 -8.04
CA LEU A 176 -54.87 53.92 -8.89
C LEU A 176 -55.59 55.10 -9.49
N ARG A 177 -56.89 54.97 -9.74
CA ARG A 177 -57.69 56.09 -10.22
C ARG A 177 -57.79 57.18 -9.16
N ARG A 178 -58.00 56.78 -7.90
CA ARG A 178 -57.91 57.73 -6.80
C ARG A 178 -56.50 58.27 -6.65
N LEU A 179 -55.49 57.42 -6.92
CA LEU A 179 -54.11 57.87 -6.84
C LEU A 179 -53.78 58.85 -7.96
N ARG A 180 -54.47 58.75 -9.09
CA ARG A 180 -54.30 59.74 -10.14
C ARG A 180 -54.97 61.07 -9.78
N GLU A 181 -56.04 61.01 -8.99
CA GLU A 181 -56.80 62.22 -8.66
C GLU A 181 -56.03 63.16 -7.74
N LEU A 182 -55.16 62.65 -6.88
CA LEU A 182 -54.53 63.49 -5.87
C LEU A 182 -53.47 64.40 -6.48
N GLN A 183 -52.79 63.93 -7.53
CA GLN A 183 -51.94 64.81 -8.31
C GLN A 183 -52.76 65.88 -9.04
N LEU A 184 -54.00 65.57 -9.41
CA LEU A 184 -54.85 66.58 -10.00
C LEU A 184 -55.47 67.50 -8.95
N GLN A 185 -55.60 67.03 -7.71
CA GLN A 185 -56.14 67.86 -6.64
C GLN A 185 -55.09 68.79 -6.07
N GLU A 186 -54.02 68.22 -5.52
CA GLU A 186 -53.11 68.97 -4.65
C GLU A 186 -52.22 69.92 -5.43
N VAL A 187 -51.82 69.54 -6.65
CA VAL A 187 -50.98 70.40 -7.47
C VAL A 187 -51.78 71.60 -7.96
N ALA A 188 -53.04 71.38 -8.36
CA ALA A 188 -53.90 72.48 -8.76
C ALA A 188 -54.25 73.39 -7.59
N LEU A 189 -54.25 72.86 -6.37
CA LEU A 189 -54.37 73.72 -5.20
C LEU A 189 -53.08 74.48 -4.94
N ARG A 190 -51.94 73.93 -5.38
CA ARG A 190 -50.68 74.66 -5.26
C ARG A 190 -50.41 75.52 -6.49
N GLN A 191 -51.01 75.19 -7.63
CA GLN A 191 -50.94 76.06 -8.81
C GLN A 191 -52.03 77.15 -8.73
N GLU A 192 -51.87 78.02 -7.74
CA GLU A 192 -52.78 79.14 -7.53
C GLU A 192 -52.07 80.48 -7.40
N ASN A 193 -50.85 80.51 -6.86
CA ASN A 193 -50.14 81.73 -6.55
C ASN A 193 -48.89 81.86 -7.42
N LYS A 194 -49.00 81.48 -8.69
CA LYS A 194 -47.86 81.50 -9.60
C LYS A 194 -48.11 82.43 -10.77
N PRO A 323 -54.07 66.42 3.70
CA PRO A 323 -54.44 66.20 2.29
C PRO A 323 -53.56 65.15 1.61
N ALA A 324 -52.24 65.24 1.82
CA ALA A 324 -51.32 64.22 1.35
C ALA A 324 -51.14 63.09 2.34
N ILE A 325 -51.87 63.10 3.46
CA ILE A 325 -51.74 62.03 4.44
C ILE A 325 -52.44 60.77 3.96
N GLU A 326 -53.43 60.89 3.06
CA GLU A 326 -53.92 59.70 2.37
C GLU A 326 -52.91 59.24 1.35
N GLN A 327 -52.26 60.19 0.67
CA GLN A 327 -51.22 59.89 -0.31
C GLN A 327 -50.03 59.20 0.33
N ARG A 328 -49.79 59.46 1.62
CA ARG A 328 -48.77 58.72 2.36
C ARG A 328 -49.22 57.30 2.65
N LEU A 329 -50.48 57.12 3.04
CA LEU A 329 -50.94 55.84 3.56
C LEU A 329 -51.56 54.92 2.53
N ILE A 330 -51.75 55.38 1.29
CA ILE A 330 -52.15 54.46 0.23
C ILE A 330 -50.92 53.77 -0.35
N LEU A 331 -49.83 54.52 -0.52
CA LEU A 331 -48.56 53.94 -0.96
C LEU A 331 -47.96 52.99 0.07
N GLN A 332 -48.30 53.16 1.35
CA GLN A 332 -47.93 52.16 2.35
C GLN A 332 -48.64 50.84 2.10
N TYR A 333 -49.89 50.89 1.66
CA TYR A 333 -50.58 49.66 1.28
C TYR A 333 -50.02 49.12 -0.03
N LEU A 334 -49.78 49.99 -1.00
CA LEU A 334 -49.47 49.52 -2.34
C LEU A 334 -48.02 49.10 -2.51
N THR A 335 -47.15 49.36 -1.54
CA THR A 335 -45.74 48.98 -1.62
C THR A 335 -45.51 47.46 -1.62
N PRO A 336 -46.00 46.64 -0.68
CA PRO A 336 -45.57 45.22 -0.70
C PRO A 336 -46.19 44.41 -1.81
N LEU A 337 -47.27 44.89 -2.44
CA LEU A 337 -47.74 44.22 -3.64
C LEU A 337 -47.26 44.88 -4.92
N GLY A 338 -46.34 45.85 -4.83
CA GLY A 338 -45.68 46.35 -6.02
C GLY A 338 -44.67 45.39 -6.62
N GLU A 339 -44.28 44.36 -5.86
CA GLU A 339 -43.25 43.43 -6.32
C GLU A 339 -43.84 42.21 -7.02
N TYR A 340 -45.08 41.83 -6.71
CA TYR A 340 -45.62 40.55 -7.17
C TYR A 340 -45.86 40.54 -8.68
N GLN A 341 -46.02 39.33 -9.20
CA GLN A 341 -46.17 39.08 -10.62
C GLN A 341 -47.57 39.46 -11.09
N GLU A 342 -47.70 39.62 -12.42
CA GLU A 342 -48.95 39.76 -13.15
C GLU A 342 -49.75 41.00 -12.74
N LEU A 343 -49.05 42.04 -12.28
CA LEU A 343 -49.69 43.23 -11.77
C LEU A 343 -49.07 44.44 -12.45
N LEU A 344 -47.83 44.25 -12.91
CA LEU A 344 -47.21 45.13 -13.90
C LEU A 344 -48.04 45.42 -15.15
N PRO A 345 -48.86 44.50 -15.73
CA PRO A 345 -49.73 44.92 -16.85
C PRO A 345 -50.67 46.08 -16.54
N ILE A 346 -51.44 46.01 -15.45
CA ILE A 346 -52.31 47.14 -15.15
C ILE A 346 -51.56 48.30 -14.51
N PHE A 347 -50.32 48.08 -14.09
CA PHE A 347 -49.48 49.21 -13.64
C PHE A 347 -49.15 50.13 -14.80
N MET A 348 -48.48 49.62 -15.83
CA MET A 348 -48.11 50.43 -16.98
C MET A 348 -49.29 50.83 -17.84
N GLN A 349 -50.40 50.09 -17.74
CA GLN A 349 -51.63 50.48 -18.43
C GLN A 349 -52.20 51.76 -17.82
N LEU A 350 -52.20 51.85 -16.49
CA LEU A 350 -52.64 53.04 -15.78
C LEU A 350 -51.50 54.01 -15.51
N GLY A 351 -50.35 53.81 -16.16
CA GLY A 351 -49.28 54.77 -16.11
C GLY A 351 -48.50 54.81 -14.81
N SER A 352 -48.24 53.66 -14.20
CA SER A 352 -47.47 53.61 -12.96
C SER A 352 -46.00 53.98 -13.17
N ARG A 353 -45.51 53.91 -14.42
CA ARG A 353 -44.26 54.57 -14.75
C ARG A 353 -44.37 56.07 -14.52
N GLU A 354 -45.49 56.67 -14.93
CA GLU A 354 -45.63 58.12 -14.87
C GLU A 354 -46.25 58.59 -13.56
N LEU A 355 -46.90 57.68 -12.83
CA LEU A 355 -47.39 58.02 -11.49
C LEU A 355 -46.26 58.31 -10.53
N MET A 356 -45.22 57.47 -10.55
CA MET A 356 -44.19 57.50 -9.51
C MET A 356 -43.14 58.57 -9.73
N MET A 357 -43.07 59.15 -10.94
CA MET A 357 -42.09 60.20 -11.20
C MET A 357 -42.53 61.53 -10.58
N PHE A 358 -43.84 61.72 -10.44
CA PHE A 358 -44.33 62.92 -9.77
C PHE A 358 -44.12 62.88 -8.27
N TYR A 359 -43.97 61.68 -7.70
CA TYR A 359 -44.00 61.49 -6.25
C TYR A 359 -42.66 61.74 -5.60
N ILE A 360 -41.65 62.09 -6.38
CA ILE A 360 -40.34 62.40 -5.86
C ILE A 360 -40.08 63.89 -6.09
N ASP A 361 -39.30 64.50 -5.20
CA ASP A 361 -39.13 65.95 -5.14
C ASP A 361 -38.47 66.51 -6.39
N LEU A 362 -39.09 67.56 -6.96
CA LEU A 362 -38.56 68.30 -8.09
C LEU A 362 -38.77 69.79 -7.77
N LYS A 363 -37.81 70.38 -7.04
CA LYS A 363 -37.80 71.80 -6.66
C LYS A 363 -39.13 72.18 -5.98
N GLN A 364 -39.50 71.42 -4.96
CA GLN A 364 -40.88 71.32 -4.54
C GLN A 364 -40.97 71.32 -3.02
N THR A 365 -42.12 71.74 -2.49
CA THR A 365 -42.35 71.74 -1.06
C THR A 365 -42.95 70.37 -0.70
N ASN A 366 -42.07 69.38 -0.59
CA ASN A 366 -42.44 68.04 -0.17
C ASN A 366 -42.00 67.80 1.27
N ASP A 367 -42.52 66.74 1.88
CA ASP A 367 -41.98 66.26 3.14
C ASP A 367 -40.82 65.31 2.87
N VAL A 368 -40.42 64.59 3.92
CA VAL A 368 -39.44 63.52 3.73
C VAL A 368 -40.16 62.18 3.71
N LEU A 369 -41.23 62.03 4.49
CA LEU A 369 -41.77 60.71 4.78
C LEU A 369 -42.59 60.14 3.62
N LEU A 370 -43.30 61.00 2.88
CA LEU A 370 -44.03 60.51 1.71
C LEU A 370 -43.07 60.17 0.58
N THR A 371 -41.96 60.90 0.48
CA THR A 371 -40.97 60.62 -0.56
C THR A 371 -40.27 59.30 -0.29
N PHE A 372 -39.86 59.07 0.96
CA PHE A 372 -39.18 57.82 1.33
C PHE A 372 -40.12 56.62 1.26
N GLU A 373 -41.41 56.83 1.48
CA GLU A 373 -42.37 55.73 1.33
C GLU A 373 -42.91 55.62 -0.08
N ALA A 374 -42.49 56.50 -1.00
CA ALA A 374 -42.76 56.32 -2.41
C ALA A 374 -41.70 55.49 -3.12
N LEU A 375 -40.42 55.69 -2.78
CA LEU A 375 -39.36 54.85 -3.35
C LEU A 375 -39.46 53.42 -2.86
N LYS A 376 -40.05 53.20 -1.69
CA LYS A 376 -40.24 51.85 -1.17
C LYS A 376 -41.22 51.06 -2.03
N HIS A 377 -42.26 51.73 -2.53
CA HIS A 377 -43.04 51.17 -3.63
C HIS A 377 -42.19 51.01 -4.87
N LEU A 378 -41.41 52.04 -5.23
CA LEU A 378 -40.72 52.07 -6.51
C LEU A 378 -39.59 51.03 -6.55
N ALA A 379 -39.02 50.70 -5.40
CA ALA A 379 -38.03 49.63 -5.35
C ALA A 379 -38.66 48.27 -5.58
N SER A 380 -39.94 48.10 -5.23
CA SER A 380 -40.65 46.90 -5.63
C SER A 380 -41.05 46.98 -7.11
N LEU A 381 -41.06 48.18 -7.68
CA LEU A 381 -41.43 48.35 -9.08
C LEU A 381 -40.24 48.14 -10.01
N LEU A 382 -39.03 48.51 -9.57
CA LEU A 382 -37.84 48.41 -10.41
C LEU A 382 -37.33 46.98 -10.59
N LEU A 383 -38.06 45.97 -10.12
CA LEU A 383 -37.63 44.58 -10.32
C LEU A 383 -37.83 44.15 -11.78
N HIS A 384 -38.81 44.72 -12.47
CA HIS A 384 -39.12 44.29 -13.82
C HIS A 384 -38.39 45.14 -14.84
N ASN A 385 -37.75 44.47 -15.81
CA ASN A 385 -36.88 45.14 -16.77
C ASN A 385 -37.65 46.05 -17.72
N LYS A 386 -38.86 45.64 -18.11
CA LYS A 386 -39.68 46.44 -19.00
C LYS A 386 -40.09 47.75 -18.33
N PHE A 387 -40.28 47.71 -17.01
CA PHE A 387 -40.33 48.94 -16.24
C PHE A 387 -38.95 49.58 -16.16
N ALA A 388 -37.91 48.78 -15.91
CA ALA A 388 -36.58 49.33 -15.61
C ALA A 388 -35.89 49.88 -16.84
N THR A 389 -36.28 49.44 -18.04
CA THR A 389 -35.70 50.02 -19.25
C THR A 389 -36.21 51.43 -19.46
N GLU A 390 -37.50 51.64 -19.20
CA GLU A 390 -38.13 52.92 -19.46
C GLU A 390 -37.84 53.95 -18.39
N PHE A 391 -37.47 53.50 -17.18
CA PHE A 391 -37.14 54.43 -16.10
C PHE A 391 -35.92 55.26 -16.41
N VAL A 392 -34.85 54.62 -16.87
CA VAL A 392 -33.63 55.34 -17.19
C VAL A 392 -33.78 56.09 -18.51
N ALA A 393 -34.46 55.48 -19.49
CA ALA A 393 -34.57 56.08 -20.82
C ALA A 393 -35.44 57.32 -20.81
N HIS A 394 -36.35 57.44 -19.85
CA HIS A 394 -37.07 58.68 -19.63
C HIS A 394 -36.47 59.53 -18.52
N GLY A 395 -35.23 59.25 -18.13
CA GLY A 395 -34.50 60.12 -17.22
C GLY A 395 -34.91 60.05 -15.77
N GLY A 396 -35.22 58.84 -15.28
CA GLY A 396 -35.61 58.72 -13.88
C GLY A 396 -34.46 58.76 -12.90
N VAL A 397 -33.25 58.40 -13.33
CA VAL A 397 -32.11 58.33 -12.42
C VAL A 397 -31.62 59.74 -12.09
N GLN A 398 -31.55 60.62 -13.09
CA GLN A 398 -31.24 62.02 -12.84
C GLN A 398 -32.33 62.68 -12.00
N LYS A 399 -33.57 62.26 -12.18
CA LYS A 399 -34.66 62.67 -11.29
C LYS A 399 -34.44 62.12 -9.89
N LEU A 400 -33.97 60.87 -9.80
CA LEU A 400 -33.72 60.26 -8.50
C LEU A 400 -32.50 60.87 -7.82
N LEU A 401 -31.57 61.44 -8.59
CA LEU A 401 -30.41 62.13 -8.05
C LEU A 401 -30.67 63.63 -7.93
N GLU A 402 -31.71 63.94 -7.16
CA GLU A 402 -32.07 65.32 -6.86
C GLU A 402 -32.17 65.56 -5.36
N ILE A 403 -31.69 64.63 -4.56
CA ILE A 403 -31.82 64.72 -3.10
C ILE A 403 -30.64 65.51 -2.55
N PRO A 404 -30.86 66.56 -1.76
CA PRO A 404 -29.76 67.13 -0.98
C PRO A 404 -29.27 66.12 0.05
N ARG A 405 -27.96 66.14 0.29
CA ARG A 405 -27.25 65.04 0.97
C ARG A 405 -27.70 64.78 2.41
N PRO A 406 -27.93 65.80 3.31
CA PRO A 406 -28.56 65.45 4.60
C PRO A 406 -30.03 65.14 4.41
N SER A 407 -30.38 63.86 4.46
CA SER A 407 -31.74 63.43 4.18
C SER A 407 -32.01 62.08 4.82
N MET A 408 -33.24 61.91 5.32
CA MET A 408 -33.67 60.62 5.84
C MET A 408 -34.04 59.66 4.72
N ALA A 409 -34.27 60.18 3.51
CA ALA A 409 -34.66 59.34 2.38
C ALA A 409 -33.47 58.71 1.66
N ALA A 410 -32.27 58.75 2.26
CA ALA A 410 -31.10 58.19 1.60
C ALA A 410 -31.13 56.66 1.53
N THR A 411 -31.90 56.01 2.41
CA THR A 411 -31.95 54.56 2.38
C THR A 411 -32.74 54.06 1.18
N GLY A 412 -33.82 54.76 0.83
CA GLY A 412 -34.62 54.33 -0.31
C GLY A 412 -33.93 54.60 -1.63
N VAL A 413 -33.07 55.63 -1.67
CA VAL A 413 -32.26 55.89 -2.85
C VAL A 413 -31.30 54.75 -3.10
N SER A 414 -30.69 54.23 -2.04
CA SER A 414 -29.77 53.11 -2.18
C SER A 414 -30.49 51.81 -2.53
N MET A 415 -31.75 51.66 -2.11
CA MET A 415 -32.49 50.47 -2.51
C MET A 415 -32.89 50.54 -3.97
N CYS A 416 -33.22 51.74 -4.47
CA CYS A 416 -33.55 51.88 -5.88
C CYS A 416 -32.32 51.74 -6.75
N LEU A 417 -31.14 52.06 -6.20
CA LEU A 417 -29.90 51.83 -6.96
C LEU A 417 -29.49 50.36 -6.92
N TYR A 418 -29.77 49.67 -5.82
CA TYR A 418 -29.35 48.27 -5.70
C TYR A 418 -30.19 47.36 -6.58
N TYR A 419 -31.51 47.55 -6.60
CA TYR A 419 -32.33 46.73 -7.48
C TYR A 419 -32.31 47.24 -8.91
N LEU A 420 -31.66 48.39 -9.16
CA LEU A 420 -31.40 48.81 -10.54
C LEU A 420 -30.46 47.86 -11.24
N SER A 421 -29.38 47.45 -10.57
CA SER A 421 -28.39 46.55 -11.12
C SER A 421 -28.48 45.14 -10.55
N TYR A 422 -29.66 44.71 -10.12
CA TYR A 422 -29.79 43.39 -9.51
C TYR A 422 -29.65 42.28 -10.54
N ASN A 423 -30.55 42.25 -11.52
CA ASN A 423 -30.53 41.19 -12.53
C ASN A 423 -30.47 41.74 -13.94
N GLN A 424 -31.16 42.83 -14.22
CA GLN A 424 -31.10 43.44 -15.54
C GLN A 424 -29.76 44.13 -15.75
N ASP A 425 -29.36 44.24 -17.01
CA ASP A 425 -28.08 44.86 -17.35
C ASP A 425 -28.25 46.33 -17.67
N ALA A 426 -28.83 47.06 -16.71
CA ALA A 426 -29.14 48.46 -16.94
C ALA A 426 -27.88 49.33 -16.84
N MET A 427 -26.85 48.87 -16.13
CA MET A 427 -25.63 49.65 -15.97
C MET A 427 -24.82 49.71 -17.26
N GLU A 428 -25.11 48.84 -18.23
CA GLU A 428 -24.61 49.02 -19.58
C GLU A 428 -25.16 50.30 -20.21
N ARG A 429 -26.41 50.64 -19.90
CA ARG A 429 -27.05 51.79 -20.50
C ARG A 429 -26.66 53.11 -19.85
N VAL A 430 -26.23 53.09 -18.59
CA VAL A 430 -25.89 54.31 -17.85
C VAL A 430 -24.65 55.00 -18.41
N CYS A 431 -23.82 54.27 -19.17
CA CYS A 431 -22.59 54.82 -19.71
C CYS A 431 -22.86 55.92 -20.74
N MET A 432 -23.58 55.59 -21.81
CA MET A 432 -23.75 56.49 -22.95
C MET A 432 -24.80 57.55 -22.63
N HIS A 433 -24.35 58.66 -22.05
CA HIS A 433 -25.13 59.77 -21.50
C HIS A 433 -24.21 60.99 -21.44
N PRO A 434 -24.68 62.19 -20.97
CA PRO A 434 -23.72 63.20 -20.51
C PRO A 434 -22.76 62.67 -19.46
N HIS A 435 -21.52 63.20 -19.49
CA HIS A 435 -20.36 62.64 -18.82
C HIS A 435 -20.51 62.51 -17.30
N ASN A 436 -21.26 63.41 -16.67
CA ASN A 436 -21.37 63.42 -15.22
C ASN A 436 -22.54 62.61 -14.68
N VAL A 437 -22.99 61.58 -15.39
CA VAL A 437 -24.03 60.71 -14.84
C VAL A 437 -23.45 59.77 -13.79
N LEU A 438 -22.44 58.98 -14.18
CA LEU A 438 -21.77 58.11 -13.22
C LEU A 438 -20.90 58.91 -12.26
N SER A 439 -20.46 60.11 -12.66
CA SER A 439 -19.76 61.00 -11.75
C SER A 439 -20.66 61.50 -10.64
N ASP A 440 -21.97 61.55 -10.86
CA ASP A 440 -22.91 61.76 -9.76
C ASP A 440 -23.18 60.49 -8.98
N VAL A 441 -22.99 59.32 -9.62
CA VAL A 441 -23.17 58.05 -8.92
C VAL A 441 -22.00 57.81 -7.97
N VAL A 442 -20.78 58.08 -8.42
CA VAL A 442 -19.59 57.89 -7.59
C VAL A 442 -19.56 58.93 -6.46
N ASN A 443 -20.01 60.15 -6.75
CA ASN A 443 -20.06 61.20 -5.73
C ASN A 443 -21.05 60.85 -4.61
N TYR A 444 -22.20 60.28 -4.95
CA TYR A 444 -23.24 60.11 -3.96
C TYR A 444 -23.11 58.78 -3.21
N THR A 445 -22.76 57.70 -3.92
CA THR A 445 -22.72 56.39 -3.28
C THR A 445 -21.52 56.27 -2.33
N LEU A 446 -20.34 56.74 -2.75
CA LEU A 446 -19.19 56.74 -1.85
C LEU A 446 -19.37 57.69 -0.67
N TRP A 447 -20.16 58.74 -0.84
CA TRP A 447 -20.54 59.55 0.32
C TRP A 447 -21.44 58.75 1.26
N LEU A 448 -22.30 57.90 0.70
CA LEU A 448 -23.24 57.13 1.51
C LEU A 448 -22.55 56.03 2.29
N MET A 449 -21.48 55.45 1.75
CA MET A 449 -20.63 54.57 2.54
C MET A 449 -19.86 55.37 3.59
N GLU A 450 -19.53 56.63 3.27
CA GLU A 450 -18.88 57.53 4.22
C GLU A 450 -19.88 58.10 5.20
N CYS A 451 -21.17 58.11 4.83
CA CYS A 451 -22.23 58.61 5.71
C CYS A 451 -22.40 57.75 6.95
N SER A 452 -22.01 56.47 6.86
CA SER A 452 -22.00 55.51 7.98
C SER A 452 -23.40 55.30 8.56
N HIS A 453 -24.35 55.08 7.65
CA HIS A 453 -25.70 54.76 8.06
C HIS A 453 -25.75 53.32 8.58
N ALA A 454 -26.76 53.04 9.40
CA ALA A 454 -26.88 51.73 10.04
C ALA A 454 -27.13 50.61 9.03
N SER A 455 -27.77 50.92 7.90
CA SER A 455 -27.90 49.96 6.82
C SER A 455 -27.57 50.58 5.47
N GLY A 456 -27.09 51.83 5.45
CA GLY A 456 -26.61 52.41 4.21
C GLY A 456 -25.31 51.80 3.74
N CYS A 457 -24.52 51.27 4.67
CA CYS A 457 -23.35 50.49 4.31
C CYS A 457 -23.69 49.02 4.09
N CYS A 458 -24.94 48.63 4.34
CA CYS A 458 -25.39 47.28 4.08
C CYS A 458 -25.93 47.11 2.66
N HIS A 459 -26.27 48.21 1.98
CA HIS A 459 -26.72 48.17 0.60
C HIS A 459 -25.76 48.81 -0.39
N ALA A 460 -25.22 49.99 -0.08
CA ALA A 460 -24.34 50.68 -1.01
C ALA A 460 -22.99 49.99 -1.17
N THR A 461 -22.63 49.09 -0.24
CA THR A 461 -21.47 48.25 -0.44
C THR A 461 -21.77 47.10 -1.40
N MET A 462 -22.98 46.54 -1.30
CA MET A 462 -23.45 45.48 -2.20
C MET A 462 -23.55 45.96 -3.64
N PHE A 463 -23.76 47.26 -3.85
CA PHE A 463 -23.82 47.82 -5.20
C PHE A 463 -22.46 47.75 -5.88
N PHE A 464 -21.38 47.81 -5.09
CA PHE A 464 -20.06 47.68 -5.70
C PHE A 464 -19.63 46.22 -5.83
N SER A 465 -20.47 45.27 -5.46
CA SER A 465 -20.07 43.87 -5.55
C SER A 465 -20.16 43.34 -6.97
N ILE A 466 -21.00 43.91 -7.81
CA ILE A 466 -21.18 43.43 -9.18
C ILE A 466 -20.73 44.47 -10.20
N CYS A 467 -20.98 45.76 -9.93
CA CYS A 467 -20.75 46.83 -10.89
C CYS A 467 -19.29 47.15 -11.14
N PHE A 468 -18.34 46.50 -10.45
CA PHE A 468 -16.93 46.64 -10.77
C PHE A 468 -16.53 46.01 -12.09
N SER A 469 -17.41 45.23 -12.72
CA SER A 469 -17.10 44.62 -14.01
C SER A 469 -16.95 45.67 -15.10
N PHE A 470 -17.68 46.78 -14.99
CA PHE A 470 -17.55 47.87 -15.92
C PHE A 470 -16.30 48.68 -15.57
N ARG A 471 -15.45 48.91 -16.57
CA ARG A 471 -14.12 49.46 -16.32
C ARG A 471 -14.16 50.95 -15.94
N ALA A 472 -15.15 51.69 -16.43
CA ALA A 472 -15.25 53.10 -16.08
C ALA A 472 -15.69 53.30 -14.64
N VAL A 473 -16.33 52.28 -14.04
CA VAL A 473 -16.64 52.33 -12.61
C VAL A 473 -15.36 52.32 -11.79
N LEU A 474 -14.41 51.47 -12.19
CA LEU A 474 -13.11 51.46 -11.53
C LEU A 474 -12.28 52.67 -11.90
N GLU A 475 -12.51 53.25 -13.08
CA GLU A 475 -11.77 54.43 -13.50
C GLU A 475 -12.11 55.64 -12.64
N LEU A 476 -13.41 55.86 -12.39
CA LEU A 476 -13.81 56.90 -11.46
C LEU A 476 -13.54 56.50 -10.02
N PHE A 477 -13.31 55.22 -9.74
CA PHE A 477 -13.00 54.80 -8.39
C PHE A 477 -11.59 55.23 -8.00
N ASP A 478 -10.71 55.42 -8.98
CA ASP A 478 -9.32 55.70 -8.66
C ASP A 478 -8.96 57.16 -8.89
N ARG A 479 -9.77 57.91 -9.64
CA ARG A 479 -9.53 59.35 -9.74
C ARG A 479 -9.93 60.07 -8.47
N TYR A 480 -10.84 59.49 -7.70
CA TYR A 480 -11.15 59.91 -6.34
C TYR A 480 -10.23 59.17 -5.38
N ASP A 481 -10.58 59.18 -4.08
CA ASP A 481 -9.70 58.63 -3.06
C ASP A 481 -9.58 57.11 -3.15
N GLY A 482 -10.67 56.42 -3.48
CA GLY A 482 -10.62 54.99 -3.68
C GLY A 482 -10.63 54.15 -2.42
N LEU A 483 -9.54 53.43 -2.17
CA LEU A 483 -9.49 52.55 -1.01
C LEU A 483 -9.24 53.31 0.28
N ARG A 484 -8.81 54.57 0.20
CA ARG A 484 -8.73 55.41 1.38
C ARG A 484 -10.11 55.65 1.98
N ARG A 485 -11.14 55.69 1.14
CA ARG A 485 -12.52 55.70 1.62
C ARG A 485 -13.07 54.30 1.84
N LEU A 486 -12.30 53.25 1.53
CA LEU A 486 -12.73 51.89 1.81
C LEU A 486 -12.06 51.31 3.04
N VAL A 487 -10.74 51.49 3.18
CA VAL A 487 -10.00 50.96 4.33
C VAL A 487 -10.44 51.66 5.62
N ASN A 488 -10.86 52.92 5.52
CA ASN A 488 -11.36 53.68 6.67
C ASN A 488 -12.64 53.09 7.25
N LEU A 489 -13.35 52.25 6.50
CA LEU A 489 -14.42 51.47 7.09
C LEU A 489 -13.86 50.40 8.02
N ILE A 490 -12.88 49.63 7.56
CA ILE A 490 -12.40 48.50 8.34
C ILE A 490 -11.59 48.98 9.54
N SER A 491 -10.81 50.05 9.36
CA SER A 491 -9.99 50.59 10.44
C SER A 491 -10.79 51.27 11.54
N THR A 492 -12.06 51.56 11.29
CA THR A 492 -12.90 52.20 12.30
C THR A 492 -13.82 51.17 12.96
N LEU A 493 -13.68 49.90 12.59
CA LEU A 493 -14.49 48.84 13.19
C LEU A 493 -14.12 48.63 14.66
N GLU A 494 -15.11 48.82 15.53
CA GLU A 494 -14.92 48.68 16.96
C GLU A 494 -14.91 47.22 17.41
N ILE A 495 -15.21 46.28 16.51
CA ILE A 495 -15.04 44.87 16.84
C ILE A 495 -13.59 44.45 16.62
N LEU A 496 -12.81 45.28 15.92
CA LEU A 496 -11.40 44.99 15.70
C LEU A 496 -10.48 45.68 16.70
N ASN A 497 -10.97 46.75 17.33
CA ASN A 497 -10.16 47.55 18.24
C ASN A 497 -9.93 46.76 19.53
N LEU A 498 -8.74 46.16 19.64
CA LEU A 498 -8.39 45.34 20.80
C LEU A 498 -8.29 46.18 22.06
N GLU A 499 -7.87 47.44 21.92
CA GLU A 499 -7.80 48.36 23.05
C GLU A 499 -9.18 48.76 23.58
N ASP A 500 -10.23 48.62 22.76
CA ASP A 500 -11.58 48.97 23.16
C ASP A 500 -12.59 47.87 22.86
N GLN A 501 -12.16 46.60 22.86
CA GLN A 501 -13.05 45.49 22.55
C GLN A 501 -13.98 45.12 23.69
N GLY A 502 -13.67 45.54 24.92
CA GLY A 502 -14.52 45.23 26.05
C GLY A 502 -15.38 46.40 26.46
N ALA A 503 -15.55 47.35 25.53
CA ALA A 503 -16.33 48.55 25.76
C ALA A 503 -17.80 48.38 25.44
N LEU A 504 -18.12 47.94 24.22
CA LEU A 504 -19.49 47.81 23.78
C LEU A 504 -19.91 46.34 23.85
N LEU A 505 -21.04 46.08 24.52
CA LEU A 505 -21.55 44.72 24.68
C LEU A 505 -22.97 44.55 24.19
N SER A 506 -23.66 45.62 23.81
CA SER A 506 -25.02 45.52 23.33
C SER A 506 -25.05 44.92 21.92
N ASP A 507 -26.04 44.05 21.70
CA ASP A 507 -26.12 43.27 20.46
C ASP A 507 -26.54 44.09 19.25
N ASP A 508 -26.85 45.37 19.42
CA ASP A 508 -27.12 46.21 18.26
C ASP A 508 -25.82 46.53 17.51
N GLU A 509 -24.77 46.89 18.24
CA GLU A 509 -23.49 47.22 17.62
C GLU A 509 -22.53 46.04 17.53
N ILE A 510 -23.05 44.81 17.59
CA ILE A 510 -22.25 43.60 17.42
C ILE A 510 -22.63 42.84 16.16
N PHE A 511 -23.92 42.50 16.02
CA PHE A 511 -24.39 41.82 14.82
C PHE A 511 -24.32 42.71 13.60
N ALA A 512 -24.43 44.03 13.78
CA ALA A 512 -24.27 44.97 12.68
C ALA A 512 -22.81 45.29 12.42
N SER A 513 -21.93 45.05 13.40
CA SER A 513 -20.52 45.35 13.20
C SER A 513 -19.72 44.11 12.87
N ARG A 514 -20.35 42.93 12.92
CA ARG A 514 -19.74 41.72 12.39
C ARG A 514 -20.35 41.32 11.05
N GLN A 515 -21.30 42.10 10.55
CA GLN A 515 -21.81 42.00 9.19
C GLN A 515 -21.17 43.01 8.25
N THR A 516 -20.81 44.19 8.78
CA THR A 516 -20.30 45.30 7.98
C THR A 516 -18.97 44.94 7.31
N GLY A 517 -18.10 44.24 8.04
CA GLY A 517 -16.86 43.78 7.45
C GLY A 517 -17.04 42.62 6.48
N LYS A 518 -18.11 41.84 6.65
CA LYS A 518 -18.35 40.68 5.78
C LYS A 518 -18.65 41.11 4.36
N HIS A 519 -19.51 42.11 4.20
CA HIS A 519 -19.78 42.65 2.87
C HIS A 519 -18.61 43.47 2.36
N THR A 520 -17.73 43.93 3.26
CA THR A 520 -16.58 44.71 2.85
C THR A 520 -15.50 43.84 2.23
N CYS A 521 -15.33 42.62 2.75
CA CYS A 521 -14.39 41.67 2.15
C CYS A 521 -14.89 41.18 0.80
N MET A 522 -16.21 41.03 0.64
CA MET A 522 -16.77 40.69 -0.66
C MET A 522 -16.67 41.87 -1.62
N ALA A 523 -16.76 43.10 -1.11
CA ALA A 523 -16.45 44.28 -1.91
C ALA A 523 -14.98 44.25 -2.34
N LEU A 524 -14.11 43.74 -1.48
CA LEU A 524 -12.72 43.50 -1.87
C LEU A 524 -12.58 42.31 -2.81
N ARG A 525 -13.44 41.30 -2.65
CA ARG A 525 -13.26 40.04 -3.37
C ARG A 525 -13.43 40.23 -4.88
N LYS A 526 -14.54 40.85 -5.29
CA LYS A 526 -14.72 41.17 -6.69
C LYS A 526 -13.90 42.37 -7.13
N TYR A 527 -13.31 43.12 -6.19
CA TYR A 527 -12.39 44.20 -6.57
C TYR A 527 -11.10 43.64 -7.13
N PHE A 528 -10.56 42.61 -6.48
CA PHE A 528 -9.29 42.05 -6.90
C PHE A 528 -9.42 41.05 -8.02
N GLU A 529 -10.55 40.35 -8.14
CA GLU A 529 -10.77 39.53 -9.34
C GLU A 529 -10.88 40.38 -10.59
N ALA A 530 -11.43 41.59 -10.47
CA ALA A 530 -11.48 42.54 -11.57
C ALA A 530 -10.09 43.07 -11.91
N HIS A 531 -9.36 43.56 -10.92
CA HIS A 531 -8.01 44.07 -11.14
C HIS A 531 -7.01 42.99 -11.49
N LEU A 532 -7.35 41.71 -11.30
CA LEU A 532 -6.51 40.64 -11.81
C LEU A 532 -6.60 40.55 -13.32
N ALA A 533 -7.81 40.67 -13.87
CA ALA A 533 -8.00 40.65 -15.32
C ALA A 533 -7.64 41.97 -15.98
N ILE A 534 -7.64 43.08 -15.21
CA ILE A 534 -7.16 44.36 -15.75
C ILE A 534 -5.67 44.28 -16.04
N LYS A 535 -4.88 43.91 -15.03
CA LYS A 535 -3.44 43.77 -15.20
C LYS A 535 -3.07 42.62 -16.12
N LEU A 536 -3.93 41.60 -16.22
CA LEU A 536 -3.70 40.55 -17.22
C LEU A 536 -3.87 41.09 -18.63
N GLU A 537 -4.74 42.09 -18.82
CA GLU A 537 -4.78 42.79 -20.09
C GLU A 537 -3.54 43.66 -20.29
N GLN A 538 -2.98 44.18 -19.19
CA GLN A 538 -1.72 44.91 -19.27
C GLN A 538 -0.51 43.97 -19.25
N VAL A 539 -0.75 42.66 -19.13
CA VAL A 539 0.26 41.65 -19.38
C VAL A 539 0.13 41.05 -20.78
N LYS A 540 -1.08 40.62 -21.15
CA LYS A 540 -1.27 39.94 -22.43
C LYS A 540 -1.19 40.87 -23.64
N GLN A 541 -1.11 42.19 -23.44
CA GLN A 541 -0.93 43.12 -24.54
C GLN A 541 0.44 43.77 -24.58
N SER A 542 1.04 44.06 -23.43
CA SER A 542 2.36 44.68 -23.39
C SER A 542 3.49 43.68 -23.53
N LEU A 543 3.29 42.43 -23.09
CA LEU A 543 4.33 41.42 -23.15
C LEU A 543 4.24 40.55 -24.40
N GLN A 544 3.03 40.13 -24.78
CA GLN A 544 2.87 39.19 -25.88
C GLN A 544 3.25 39.82 -27.22
N ARG A 545 2.65 40.98 -27.53
CA ARG A 545 2.99 41.84 -28.67
C ARG A 545 2.85 41.09 -30.00
N THR A 546 1.59 40.71 -30.26
CA THR A 546 1.01 40.00 -31.41
C THR A 546 1.40 38.51 -31.40
N GLU A 547 2.26 38.07 -30.49
CA GLU A 547 2.62 36.66 -30.38
C GLU A 547 1.50 35.96 -29.60
N GLY A 548 0.48 35.53 -30.33
CA GLY A 548 -0.69 34.94 -29.70
C GLY A 548 -1.70 35.95 -29.19
N GLY A 549 -1.67 37.18 -29.70
CA GLY A 549 -2.57 38.21 -29.23
C GLY A 549 -3.01 39.10 -30.37
N ILE A 550 -4.19 39.69 -30.20
CA ILE A 550 -4.81 40.55 -31.21
C ILE A 550 -5.04 41.92 -30.60
N LEU A 551 -4.43 42.95 -31.18
CA LEU A 551 -4.51 44.31 -30.64
C LEU A 551 -5.75 44.98 -31.22
N VAL A 552 -6.90 44.64 -30.62
CA VAL A 552 -8.17 45.34 -30.85
C VAL A 552 -8.71 45.68 -29.47
N HIS A 553 -8.90 46.98 -29.21
CA HIS A 553 -9.22 47.44 -27.87
C HIS A 553 -10.03 48.73 -27.96
N PRO A 554 -11.35 48.65 -27.88
CA PRO A 554 -12.20 49.86 -27.99
C PRO A 554 -12.50 50.55 -26.67
N GLN A 555 -12.01 50.02 -25.54
CA GLN A 555 -12.45 50.32 -24.17
C GLN A 555 -13.97 50.29 -24.05
N PRO A 556 -14.61 49.12 -24.13
CA PRO A 556 -16.07 49.10 -24.14
C PRO A 556 -16.64 48.95 -22.74
N PRO A 557 -17.93 49.19 -22.56
CA PRO A 557 -18.61 48.65 -21.39
C PRO A 557 -18.88 47.16 -21.60
N TYR A 558 -18.09 46.30 -20.97
CA TYR A 558 -18.13 44.87 -21.25
C TYR A 558 -17.62 44.09 -20.05
N LYS A 559 -18.31 43.00 -19.75
CA LYS A 559 -18.07 42.21 -18.54
C LYS A 559 -16.97 41.19 -18.81
N ALA A 560 -15.78 41.43 -18.27
CA ALA A 560 -14.61 40.60 -18.55
C ALA A 560 -13.84 40.30 -17.26
N CYS A 561 -14.55 39.90 -16.21
CA CYS A 561 -13.93 39.53 -14.94
C CYS A 561 -13.80 38.03 -14.74
N SER A 562 -14.21 37.23 -15.73
CA SER A 562 -14.06 35.78 -15.89
C SER A 562 -14.95 34.96 -14.96
N TYR A 563 -15.57 35.59 -13.96
CA TYR A 563 -16.78 35.18 -13.26
C TYR A 563 -16.75 33.77 -12.66
N THR A 564 -15.59 33.16 -12.44
CA THR A 564 -15.55 31.81 -11.88
C THR A 564 -14.29 31.66 -11.04
N HIS A 565 -14.44 31.70 -9.72
CA HIS A 565 -13.31 31.42 -8.84
C HIS A 565 -13.05 29.94 -8.70
N GLU A 566 -13.94 29.10 -9.20
CA GLU A 566 -13.71 27.66 -9.15
C GLU A 566 -12.69 27.24 -10.21
N GLN A 567 -12.72 27.87 -11.38
CA GLN A 567 -11.92 27.42 -12.50
C GLN A 567 -10.88 28.44 -12.94
N ILE A 568 -11.29 29.65 -13.28
CA ILE A 568 -10.50 30.52 -14.14
C ILE A 568 -9.89 31.70 -13.38
N VAL A 569 -10.51 32.18 -12.30
CA VAL A 569 -9.82 33.11 -11.42
C VAL A 569 -8.64 32.40 -10.75
N GLU A 570 -8.83 31.12 -10.42
CA GLU A 570 -7.71 30.26 -10.04
C GLU A 570 -6.66 30.18 -11.15
N MET A 571 -7.11 30.12 -12.40
CA MET A 571 -6.18 29.98 -13.52
C MET A 571 -5.48 31.30 -13.83
N MET A 572 -6.16 32.44 -13.65
CA MET A 572 -5.52 33.72 -13.92
C MET A 572 -4.44 34.05 -12.89
N GLU A 573 -4.54 33.46 -11.70
CA GLU A 573 -3.49 33.64 -10.69
C GLU A 573 -2.20 32.93 -11.09
N PHE A 574 -2.27 31.98 -12.03
CA PHE A 574 -1.10 31.19 -12.39
C PHE A 574 -0.29 31.84 -13.50
N LEU A 575 -0.97 32.46 -14.47
CA LEU A 575 -0.25 33.05 -15.61
C LEU A 575 0.41 34.38 -15.29
N ILE A 576 0.21 34.92 -14.08
CA ILE A 576 0.95 36.11 -13.67
C ILE A 576 2.36 35.78 -13.23
N GLU A 577 2.67 34.49 -13.06
CA GLU A 577 4.03 34.06 -12.73
C GLU A 577 5.02 34.31 -13.87
N TYR A 578 4.53 34.44 -15.10
CA TYR A 578 5.37 34.69 -16.25
C TYR A 578 5.62 36.16 -16.52
N GLY A 579 5.39 37.02 -15.53
CA GLY A 579 5.52 38.43 -15.70
C GLY A 579 6.96 38.92 -15.60
N PRO A 580 7.13 40.20 -15.28
CA PRO A 580 8.49 40.76 -15.19
C PRO A 580 9.20 40.46 -13.88
N ALA A 581 8.48 39.92 -12.89
CA ALA A 581 8.90 39.73 -11.49
C ALA A 581 9.27 41.06 -10.83
N GLN A 582 8.76 42.16 -11.37
CA GLN A 582 8.88 43.52 -10.84
C GLN A 582 7.51 44.15 -10.82
N LEU A 583 6.56 43.42 -10.25
CA LEU A 583 5.14 43.70 -10.41
C LEU A 583 4.75 45.00 -9.69
N TYR A 584 4.18 45.92 -10.46
CA TYR A 584 3.77 47.24 -9.95
C TYR A 584 2.26 47.33 -10.13
N TRP A 585 1.54 47.38 -9.01
CA TRP A 585 0.12 47.66 -9.04
C TRP A 585 -0.19 48.93 -8.26
N GLU A 586 -0.94 49.84 -8.88
CA GLU A 586 -1.68 50.83 -8.11
C GLU A 586 -2.72 50.20 -7.17
N PRO A 587 -3.29 49.01 -7.43
CA PRO A 587 -3.89 48.24 -6.32
C PRO A 587 -2.93 47.88 -5.18
N ALA A 588 -1.62 47.81 -5.41
CA ALA A 588 -0.70 47.40 -4.35
C ALA A 588 -0.03 48.59 -3.65
N GLU A 589 0.21 49.68 -4.39
CA GLU A 589 0.93 50.82 -3.82
C GLU A 589 0.12 51.52 -2.74
N VAL A 590 -1.18 51.71 -2.95
CA VAL A 590 -2.02 52.27 -1.90
C VAL A 590 -2.22 51.22 -0.79
N PHE A 591 -2.10 49.93 -1.14
CA PHE A 591 -2.35 48.86 -0.18
C PHE A 591 -1.22 48.75 0.83
N LEU A 592 0.03 48.70 0.37
CA LEU A 592 1.14 48.47 1.30
C LEU A 592 1.78 49.75 1.81
N LYS A 593 1.46 50.92 1.25
CA LYS A 593 1.83 52.15 1.93
C LYS A 593 0.85 52.43 3.08
N LEU A 594 -0.37 51.89 2.98
CA LEU A 594 -1.21 51.81 4.16
C LEU A 594 -0.90 50.56 4.98
N SER A 595 -0.44 49.50 4.32
CA SER A 595 0.06 48.26 4.93
C SER A 595 -0.98 47.60 5.83
N CYS A 596 -2.15 47.32 5.23
CA CYS A 596 -3.26 46.75 5.97
C CYS A 596 -3.39 45.25 5.73
N VAL A 597 -2.36 44.62 5.18
CA VAL A 597 -2.30 43.16 5.14
C VAL A 597 -2.13 42.60 6.55
N GLN A 598 -1.50 43.38 7.44
CA GLN A 598 -1.45 43.00 8.85
C GLN A 598 -2.84 43.05 9.47
N LEU A 599 -3.66 44.02 9.06
CA LEU A 599 -5.04 44.10 9.51
C LEU A 599 -5.85 42.92 8.98
N LEU A 600 -5.57 42.49 7.75
CA LEU A 600 -6.18 41.29 7.18
C LEU A 600 -5.90 40.05 8.02
N LEU A 601 -4.72 39.99 8.63
CA LEU A 601 -4.42 38.91 9.56
C LEU A 601 -5.27 39.02 10.82
N GLN A 602 -5.57 40.25 11.25
CA GLN A 602 -6.41 40.44 12.43
C GLN A 602 -7.86 40.10 12.15
N LEU A 603 -8.32 40.31 10.90
CA LEU A 603 -9.66 39.89 10.52
C LEU A 603 -9.81 38.39 10.58
N ILE A 604 -8.78 37.65 10.16
CA ILE A 604 -8.82 36.20 10.23
C ILE A 604 -8.66 35.74 11.68
N SER A 605 -7.97 36.55 12.49
CA SER A 605 -7.68 36.16 13.86
C SER A 605 -8.93 36.21 14.75
N ILE A 606 -9.65 37.34 14.72
CA ILE A 606 -10.80 37.53 15.60
C ILE A 606 -11.96 36.64 15.17
N ALA A 607 -12.05 36.34 13.87
CA ALA A 607 -13.09 35.48 13.32
C ALA A 607 -12.93 34.01 13.71
N CYS A 608 -11.81 33.63 14.31
CA CYS A 608 -11.62 32.25 14.73
C CYS A 608 -12.60 31.87 15.83
N ASN A 609 -12.83 32.77 16.78
CA ASN A 609 -13.59 32.44 17.99
C ASN A 609 -14.68 33.47 18.24
N TRP A 610 -15.83 33.29 17.59
CA TRP A 610 -17.07 33.97 17.91
C TRP A 610 -18.16 33.01 18.35
N LYS A 611 -18.33 31.91 17.60
CA LYS A 611 -19.04 30.69 18.04
C LYS A 611 -20.55 30.89 18.21
N THR A 612 -21.09 32.02 17.76
CA THR A 612 -22.53 32.25 17.83
C THR A 612 -23.11 32.79 16.53
N TYR A 613 -22.48 32.49 15.38
CA TYR A 613 -23.06 32.63 14.04
C TYR A 613 -23.42 34.07 13.68
N TYR A 614 -22.41 34.94 13.61
CA TYR A 614 -22.59 36.26 13.01
C TYR A 614 -22.29 36.25 11.52
N ALA A 615 -22.89 35.26 10.82
CA ALA A 615 -22.55 34.89 9.45
C ALA A 615 -21.04 34.78 9.26
N ARG A 616 -20.38 34.07 10.18
CA ARG A 616 -18.93 34.15 10.27
C ARG A 616 -18.21 33.08 9.45
N ASN A 617 -18.92 32.04 9.00
CA ASN A 617 -18.29 31.01 8.19
C ASN A 617 -17.82 31.57 6.86
N ASP A 618 -18.64 32.41 6.23
CA ASP A 618 -18.23 33.01 4.98
C ASP A 618 -17.29 34.18 5.21
N THR A 619 -17.32 34.78 6.41
CA THR A 619 -16.59 36.02 6.69
C THR A 619 -15.07 35.83 6.59
N VAL A 620 -14.56 34.73 7.16
CA VAL A 620 -13.15 34.42 6.98
C VAL A 620 -12.86 33.90 5.56
N ARG A 621 -13.85 33.27 4.91
CA ARG A 621 -13.67 32.80 3.54
C ARG A 621 -13.59 33.96 2.57
N PHE A 622 -14.40 35.00 2.79
CA PHE A 622 -14.21 36.24 2.02
C PHE A 622 -12.91 36.93 2.38
N ALA A 623 -12.42 36.73 3.61
CA ALA A 623 -11.14 37.31 3.98
C ALA A 623 -9.98 36.60 3.29
N LEU A 624 -10.13 35.30 3.03
CA LEU A 624 -9.04 34.56 2.38
C LEU A 624 -8.90 34.89 0.91
N ASP A 625 -10.00 35.25 0.24
CA ASP A 625 -9.87 35.52 -1.19
C ASP A 625 -9.45 36.97 -1.45
N VAL A 626 -9.22 37.74 -0.40
CA VAL A 626 -8.39 38.93 -0.56
C VAL A 626 -6.96 38.53 -0.82
N LEU A 627 -6.52 37.44 -0.17
CA LEU A 627 -5.10 37.08 -0.15
C LEU A 627 -4.64 36.52 -1.47
N ALA A 628 -5.41 35.56 -2.02
CA ALA A 628 -4.92 34.69 -3.09
C ALA A 628 -4.63 35.43 -4.38
N ILE A 629 -5.15 36.64 -4.54
CA ILE A 629 -4.77 37.46 -5.69
C ILE A 629 -3.62 38.39 -5.30
N LEU A 630 -3.54 38.76 -4.01
CA LEU A 630 -2.45 39.64 -3.57
C LEU A 630 -1.14 38.89 -3.39
N THR A 631 -1.17 37.58 -3.13
CA THR A 631 0.03 36.81 -2.81
C THR A 631 1.02 36.65 -3.97
N VAL A 632 0.68 37.11 -5.17
CA VAL A 632 1.64 37.05 -6.26
C VAL A 632 2.54 38.27 -6.27
N VAL A 633 2.26 39.27 -5.44
CA VAL A 633 3.16 40.41 -5.28
C VAL A 633 4.40 39.95 -4.51
N PRO A 634 5.61 40.26 -4.98
CA PRO A 634 6.80 39.78 -4.26
C PRO A 634 7.03 40.44 -2.92
N LYS A 635 6.91 41.77 -2.82
CA LYS A 635 7.19 42.43 -1.56
C LYS A 635 6.11 42.22 -0.52
N ILE A 636 4.93 41.72 -0.91
CA ILE A 636 3.96 41.34 0.11
C ILE A 636 4.24 39.92 0.60
N GLN A 637 4.99 39.13 -0.16
CA GLN A 637 5.50 37.88 0.38
C GLN A 637 6.68 38.12 1.30
N LEU A 638 7.33 39.29 1.18
CA LEU A 638 8.27 39.71 2.21
C LEU A 638 7.54 40.02 3.51
N GLN A 639 6.35 40.59 3.45
CA GLN A 639 5.60 40.96 4.64
C GLN A 639 4.63 39.89 5.11
N LEU A 640 4.93 38.62 4.85
CA LEU A 640 4.11 37.54 5.36
C LEU A 640 4.55 37.03 6.72
N ALA A 641 5.74 37.42 7.20
CA ALA A 641 6.21 36.94 8.49
C ALA A 641 6.85 38.03 9.33
N GLU A 642 7.14 39.18 8.73
CA GLU A 642 7.94 40.21 9.41
C GLU A 642 7.15 40.87 10.53
N SER A 643 6.07 41.57 10.19
CA SER A 643 5.23 42.18 11.22
C SER A 643 4.34 41.10 11.84
N VAL A 644 4.32 41.05 13.17
CA VAL A 644 3.67 39.96 13.89
C VAL A 644 2.65 40.50 14.87
N ASP A 645 2.06 41.66 14.57
CA ASP A 645 1.13 42.31 15.49
C ASP A 645 -0.24 41.66 15.45
N VAL A 646 -0.39 40.52 16.14
CA VAL A 646 -1.61 39.72 16.12
C VAL A 646 -2.05 39.42 17.55
N LEU A 647 -3.11 38.61 17.70
CA LEU A 647 -3.62 38.24 19.01
C LEU A 647 -4.29 36.87 18.90
N ASP A 648 -4.35 36.16 20.03
CA ASP A 648 -4.86 34.79 20.07
C ASP A 648 -6.01 34.60 21.06
N GLU A 649 -6.39 33.36 21.33
CA GLU A 649 -7.53 33.06 22.19
C GLU A 649 -7.19 33.05 23.67
N ALA A 650 -5.93 33.31 24.05
CA ALA A 650 -5.54 33.29 25.45
C ALA A 650 -5.83 34.60 26.17
N GLY A 651 -6.38 35.59 25.48
CA GLY A 651 -6.70 36.85 26.12
C GLY A 651 -5.49 37.71 26.43
N SER A 652 -4.55 37.83 25.49
CA SER A 652 -3.37 38.66 25.67
C SER A 652 -2.80 39.04 24.31
N THR A 653 -2.11 40.17 24.26
CA THR A 653 -1.38 40.57 23.07
C THR A 653 -0.15 39.69 22.88
N VAL A 654 -0.14 38.91 21.81
CA VAL A 654 0.94 37.97 21.50
C VAL A 654 1.55 38.37 20.17
N SER A 655 2.50 37.57 19.70
CA SER A 655 3.14 37.83 18.42
C SER A 655 3.46 36.52 17.74
N THR A 656 2.76 36.23 16.65
CA THR A 656 3.14 35.13 15.77
C THR A 656 3.07 35.62 14.33
N VAL A 657 3.72 34.88 13.44
CA VAL A 657 3.75 35.27 12.04
C VAL A 657 2.42 34.98 11.39
N GLY A 658 2.19 35.60 10.23
CA GLY A 658 0.95 35.41 9.52
C GLY A 658 0.84 34.06 8.85
N ILE A 659 1.98 33.42 8.59
CA ILE A 659 1.97 32.10 7.97
C ILE A 659 1.45 31.05 8.93
N SER A 660 1.73 31.23 10.23
CA SER A 660 1.31 30.25 11.23
C SER A 660 -0.20 30.26 11.44
N ILE A 661 -0.85 31.40 11.18
CA ILE A 661 -2.30 31.46 11.29
C ILE A 661 -2.96 30.69 10.15
N ILE A 662 -2.47 30.88 8.92
CA ILE A 662 -2.98 30.17 7.77
C ILE A 662 -2.72 28.68 7.89
N LEU A 663 -1.52 28.31 8.35
CA LEU A 663 -1.22 26.93 8.68
C LEU A 663 -2.07 26.44 9.85
N GLY A 664 -2.35 27.32 10.81
CA GLY A 664 -3.32 26.99 11.84
C GLY A 664 -4.72 26.81 11.30
N VAL A 665 -5.05 27.56 10.24
CA VAL A 665 -6.31 27.32 9.55
C VAL A 665 -6.22 26.05 8.71
N ALA A 666 -5.10 25.85 8.01
CA ALA A 666 -4.99 24.72 7.07
C ALA A 666 -4.94 23.38 7.78
N GLU A 667 -4.57 23.36 9.05
CA GLU A 667 -4.72 22.13 9.83
C GLU A 667 -6.18 21.81 10.05
N GLY A 668 -6.95 22.77 10.53
CA GLY A 668 -8.36 22.57 10.82
C GLY A 668 -8.69 22.44 12.29
N GLU A 669 -7.84 22.94 13.19
CA GLU A 669 -8.18 23.00 14.60
C GLU A 669 -9.36 23.94 14.84
N PHE A 670 -9.39 25.06 14.12
CA PHE A 670 -10.54 25.94 14.03
C PHE A 670 -11.27 25.63 12.74
N PHE A 671 -12.51 26.11 12.64
CA PHE A 671 -13.32 26.12 11.42
C PHE A 671 -13.53 24.69 10.89
N ILE A 672 -14.29 23.92 11.67
CA ILE A 672 -14.18 22.46 11.68
C ILE A 672 -14.63 21.87 10.35
N HIS A 673 -15.88 22.08 9.97
CA HIS A 673 -16.42 21.42 8.79
C HIS A 673 -16.43 22.32 7.56
N ASP A 674 -15.44 23.19 7.40
CA ASP A 674 -15.37 24.07 6.25
C ASP A 674 -14.47 23.48 5.17
N ALA A 675 -14.86 23.67 3.92
CA ALA A 675 -14.20 23.00 2.80
C ALA A 675 -13.58 23.98 1.81
N GLU A 676 -14.29 25.05 1.46
CA GLU A 676 -13.74 26.03 0.53
C GLU A 676 -12.64 26.87 1.17
N ILE A 677 -12.58 26.90 2.50
CA ILE A 677 -11.58 27.69 3.20
C ILE A 677 -10.19 27.09 3.06
N GLN A 678 -10.06 25.76 3.23
CA GLN A 678 -8.77 25.11 3.07
C GLN A 678 -8.26 25.18 1.63
N LYS A 679 -9.18 25.09 0.67
CA LYS A 679 -8.77 25.22 -0.73
C LYS A 679 -8.53 26.68 -1.10
N SER A 680 -9.05 27.62 -0.31
CA SER A 680 -8.59 29.00 -0.42
C SER A 680 -7.33 29.21 0.41
N ALA A 681 -7.03 28.29 1.32
CA ALA A 681 -5.80 28.40 2.10
C ALA A 681 -4.61 27.86 1.33
N LEU A 682 -4.79 26.75 0.60
CA LEU A 682 -3.66 26.12 -0.08
C LEU A 682 -3.18 26.95 -1.27
N GLN A 683 -4.04 27.80 -1.82
CA GLN A 683 -3.61 28.68 -2.91
C GLN A 683 -2.71 29.80 -2.41
N ILE A 684 -2.78 30.09 -1.11
CA ILE A 684 -1.83 31.04 -0.53
C ILE A 684 -0.44 30.42 -0.48
N ILE A 685 -0.36 29.13 -0.15
CA ILE A 685 0.92 28.44 -0.02
C ILE A 685 1.55 28.24 -1.39
N ILE A 686 0.75 27.81 -2.37
CA ILE A 686 1.24 27.48 -3.71
C ILE A 686 1.77 28.72 -4.42
N ASN A 687 1.23 29.90 -4.08
CA ASN A 687 1.82 31.15 -4.54
C ASN A 687 3.21 31.40 -3.99
N CYS A 688 3.56 30.77 -2.87
CA CYS A 688 4.80 31.07 -2.18
C CYS A 688 5.89 30.02 -2.34
N VAL A 689 5.57 28.82 -2.82
CA VAL A 689 6.55 27.75 -2.87
C VAL A 689 6.81 27.22 -4.28
N CYS A 690 5.88 27.34 -5.23
CA CYS A 690 6.02 26.62 -6.50
C CYS A 690 6.22 27.62 -7.65
N GLY A 691 7.05 28.63 -7.43
CA GLY A 691 7.26 29.67 -8.42
C GLY A 691 8.27 29.28 -9.48
N PRO A 692 8.72 30.26 -10.26
CA PRO A 692 9.74 29.99 -11.28
C PRO A 692 11.14 30.03 -10.68
N ASP A 693 12.13 29.90 -11.57
CA ASP A 693 13.52 29.90 -11.14
C ASP A 693 14.04 31.31 -10.89
N ASN A 694 13.56 32.29 -11.65
CA ASN A 694 13.98 33.68 -11.46
C ASN A 694 12.83 34.52 -10.93
N LYS A 716 20.15 37.87 -8.61
CA LYS A 716 20.57 37.15 -7.41
C LYS A 716 19.84 37.67 -6.18
N SER A 717 18.84 38.50 -6.40
CA SER A 717 17.98 39.00 -5.33
C SER A 717 16.56 38.44 -5.44
N SER A 718 16.05 38.26 -6.66
CA SER A 718 14.72 37.69 -6.83
C SER A 718 14.73 36.19 -6.55
N GLU A 719 15.87 35.52 -6.76
CA GLU A 719 15.99 34.13 -6.34
C GLU A 719 16.06 34.02 -4.82
N HIS A 720 16.61 35.03 -4.15
CA HIS A 720 16.83 34.97 -2.72
C HIS A 720 15.53 35.13 -1.94
N THR A 721 14.55 35.83 -2.52
CA THR A 721 13.27 36.01 -1.84
C THR A 721 12.49 34.70 -1.78
N LEU A 722 12.44 33.97 -2.89
CA LEU A 722 11.81 32.66 -2.91
C LEU A 722 12.59 31.65 -2.08
N ALA A 723 13.92 31.80 -2.03
CA ALA A 723 14.72 30.96 -1.14
C ALA A 723 14.43 31.27 0.32
N LYS A 724 14.14 32.53 0.63
CA LYS A 724 13.76 32.90 1.99
C LYS A 724 12.37 32.36 2.34
N MET A 725 11.46 32.33 1.36
CA MET A 725 10.12 31.80 1.59
C MET A 725 10.14 30.30 1.82
N TRP A 726 11.11 29.60 1.22
CA TRP A 726 11.30 28.19 1.55
C TRP A 726 11.76 28.04 2.99
N ASN A 727 12.55 28.99 3.48
CA ASN A 727 13.12 28.86 4.81
C ASN A 727 12.10 29.11 5.91
N VAL A 728 11.10 29.97 5.65
CA VAL A 728 10.15 30.32 6.69
C VAL A 728 9.08 29.24 6.86
N VAL A 729 8.65 28.64 5.74
CA VAL A 729 7.77 27.47 5.82
C VAL A 729 8.50 26.30 6.47
N GLN A 730 9.79 26.16 6.17
CA GLN A 730 10.61 25.19 6.88
C GLN A 730 10.85 25.61 8.33
N SER A 731 10.80 26.92 8.61
CA SER A 731 10.94 27.37 9.99
C SER A 731 9.68 27.08 10.80
N ASN A 732 8.54 27.57 10.34
CA ASN A 732 7.30 27.49 11.14
C ASN A 732 6.50 26.23 10.84
N ASN A 733 7.21 25.11 10.80
CA ASN A 733 6.65 23.75 10.78
C ASN A 733 5.65 23.51 9.66
N GLY A 734 5.94 24.10 8.49
CA GLY A 734 5.05 23.94 7.36
C GLY A 734 5.12 22.57 6.74
N ILE A 735 6.21 21.84 7.02
CA ILE A 735 6.33 20.46 6.57
C ILE A 735 5.45 19.54 7.40
N LYS A 736 4.98 20.00 8.57
CA LYS A 736 4.09 19.18 9.38
C LYS A 736 2.70 19.08 8.77
N VAL A 737 2.17 20.21 8.29
CA VAL A 737 0.76 20.31 7.94
C VAL A 737 0.46 19.53 6.66
N LEU A 738 1.30 19.70 5.64
CA LEU A 738 1.05 19.15 4.32
C LEU A 738 1.06 17.63 4.31
N LEU A 739 1.81 17.01 5.23
CA LEU A 739 1.81 15.56 5.33
C LEU A 739 0.49 15.03 5.88
N SER A 740 -0.30 15.88 6.53
CA SER A 740 -1.60 15.46 7.00
C SER A 740 -2.69 15.75 5.98
N LEU A 741 -2.62 16.90 5.30
CA LEU A 741 -3.58 17.23 4.26
C LEU A 741 -3.41 16.40 3.01
N LEU A 742 -2.31 15.67 2.88
CA LEU A 742 -2.09 14.73 1.79
C LEU A 742 -2.77 13.39 2.05
N SER A 743 -3.54 13.27 3.14
CA SER A 743 -4.29 12.06 3.43
C SER A 743 -5.67 12.37 4.02
N ILE A 744 -6.20 13.57 3.77
CA ILE A 744 -7.47 13.96 4.36
C ILE A 744 -8.60 13.21 3.67
N LYS A 745 -9.60 12.77 4.47
CA LYS A 745 -10.66 11.91 3.96
C LYS A 745 -12.07 12.24 4.44
N MET A 746 -12.26 13.21 5.34
CA MET A 746 -13.59 13.37 5.90
C MET A 746 -14.57 14.14 4.99
N PRO A 747 -14.22 15.32 4.39
CA PRO A 747 -15.18 15.90 3.44
C PRO A 747 -15.15 15.18 2.10
N ILE A 748 -15.94 14.11 1.99
CA ILE A 748 -15.82 13.13 0.91
C ILE A 748 -16.20 13.64 -0.47
N THR A 749 -16.65 14.89 -0.60
CA THR A 749 -16.82 15.48 -1.92
C THR A 749 -15.49 15.92 -2.49
N ASP A 750 -14.79 16.79 -1.78
CA ASP A 750 -13.53 17.36 -2.24
C ASP A 750 -12.33 16.68 -1.57
N ALA A 751 -12.41 15.36 -1.41
CA ALA A 751 -11.25 14.60 -0.95
C ALA A 751 -10.11 14.68 -1.96
N ASP A 752 -10.42 14.55 -3.25
CA ASP A 752 -9.36 14.58 -4.26
C ASP A 752 -8.97 16.00 -4.62
N GLN A 753 -9.81 16.98 -4.28
CA GLN A 753 -9.48 18.35 -4.65
C GLN A 753 -8.48 18.98 -3.69
N ILE A 754 -8.29 18.40 -2.51
CA ILE A 754 -7.36 19.00 -1.56
C ILE A 754 -5.95 18.45 -1.74
N ARG A 755 -5.84 17.14 -1.96
CA ARG A 755 -4.53 16.48 -2.04
C ARG A 755 -3.75 16.92 -3.28
N ALA A 756 -4.44 17.05 -4.41
CA ALA A 756 -3.77 17.54 -5.62
C ALA A 756 -3.42 19.02 -5.47
N LEU A 757 -4.18 19.76 -4.67
CA LEU A 757 -3.79 21.12 -4.35
C LEU A 757 -2.94 21.19 -3.10
N ALA A 758 -2.46 20.05 -2.61
CA ALA A 758 -1.45 20.03 -1.54
C ALA A 758 -0.14 19.47 -2.05
N CYS A 759 -0.21 18.44 -2.90
CA CYS A 759 1.00 17.84 -3.48
C CYS A 759 1.70 18.80 -4.42
N LYS A 760 0.97 19.77 -4.99
CA LYS A 760 1.56 20.82 -5.80
C LYS A 760 2.52 21.69 -4.98
N ALA A 761 2.27 21.82 -3.67
CA ALA A 761 3.17 22.59 -2.84
C ALA A 761 4.46 21.83 -2.53
N LEU A 762 4.40 20.51 -2.38
CA LEU A 762 5.58 19.72 -2.05
C LEU A 762 6.58 19.72 -3.19
N VAL A 763 6.07 19.66 -4.43
CA VAL A 763 6.93 19.78 -5.61
C VAL A 763 7.56 21.16 -5.65
N GLY A 764 6.85 22.18 -5.17
CA GLY A 764 7.44 23.50 -5.11
C GLY A 764 8.49 23.63 -4.02
N LEU A 765 8.22 23.06 -2.85
CA LEU A 765 9.08 23.28 -1.69
C LEU A 765 10.30 22.38 -1.69
N SER A 766 10.19 21.13 -2.17
CA SER A 766 11.31 20.19 -2.10
C SER A 766 12.39 20.44 -3.14
N ARG A 767 12.39 21.59 -3.80
CA ARG A 767 13.56 22.07 -4.51
C ARG A 767 14.55 22.73 -3.57
N SER A 768 14.16 22.98 -2.32
CA SER A 768 15.07 23.54 -1.33
C SER A 768 16.11 22.51 -0.93
N SER A 769 17.33 23.00 -0.69
CA SER A 769 18.50 22.12 -0.54
C SER A 769 18.43 21.25 0.70
N THR A 770 18.13 21.84 1.86
CA THR A 770 18.07 21.06 3.09
C THR A 770 16.82 20.18 3.11
N VAL A 771 15.73 20.66 2.51
CA VAL A 771 14.44 20.02 2.65
C VAL A 771 14.33 18.76 1.80
N ARG A 772 15.21 18.61 0.78
CA ARG A 772 15.25 17.38 -0.01
C ARG A 772 15.54 16.16 0.85
N GLN A 773 16.56 16.25 1.71
CA GLN A 773 16.97 15.11 2.51
C GLN A 773 15.98 14.86 3.65
N ILE A 774 15.26 15.90 4.08
CA ILE A 774 14.40 15.76 5.25
C ILE A 774 13.13 15.01 4.88
N ILE A 775 12.53 15.33 3.74
CA ILE A 775 11.32 14.62 3.34
C ILE A 775 11.63 13.22 2.80
N SER A 776 12.83 13.01 2.24
CA SER A 776 13.11 11.76 1.53
C SER A 776 13.31 10.57 2.45
N LYS A 777 13.44 10.79 3.75
CA LYS A 777 13.63 9.71 4.69
C LYS A 777 12.37 9.36 5.47
N LEU A 778 11.31 10.14 5.32
CA LEU A 778 10.09 10.01 6.12
C LEU A 778 9.33 8.74 5.77
N PRO A 779 8.34 8.35 6.59
CA PRO A 779 7.45 7.25 6.20
C PRO A 779 6.54 7.57 5.03
N LEU A 780 6.52 8.80 4.55
CA LEU A 780 5.89 9.10 3.27
C LEU A 780 6.56 8.34 2.14
N PHE A 781 7.89 8.32 2.12
CA PHE A 781 8.66 7.62 1.09
C PHE A 781 9.08 6.22 1.52
N SER A 782 8.71 5.79 2.72
CA SER A 782 8.82 4.37 3.04
C SER A 782 7.75 3.58 2.29
N SER A 783 6.49 3.94 2.47
CA SER A 783 5.39 3.40 1.71
C SER A 783 4.24 4.41 1.75
N CYS A 784 3.10 4.03 1.15
CA CYS A 784 1.82 4.72 1.13
C CYS A 784 1.80 6.02 0.34
N GLN A 785 2.94 6.51 -0.15
CA GLN A 785 2.89 7.45 -1.26
C GLN A 785 2.35 6.77 -2.49
N ILE A 786 2.77 5.53 -2.72
CA ILE A 786 2.25 4.74 -3.83
C ILE A 786 0.79 4.38 -3.59
N GLN A 787 0.40 4.12 -2.34
CA GLN A 787 -0.97 3.69 -2.07
C GLN A 787 -1.94 4.85 -1.91
N GLN A 788 -1.54 6.06 -2.26
CA GLN A 788 -2.49 7.14 -2.53
C GLN A 788 -2.68 7.37 -4.02
N LEU A 789 -2.13 6.49 -4.86
CA LEU A 789 -2.21 6.59 -6.31
C LEU A 789 -3.03 5.47 -6.92
N MET A 790 -3.31 4.40 -6.16
CA MET A 790 -3.98 3.23 -6.70
C MET A 790 -5.39 3.02 -6.18
N LYS A 791 -5.79 3.72 -5.11
CA LYS A 791 -7.07 3.44 -4.49
C LYS A 791 -8.24 4.01 -5.28
N GLU A 792 -8.10 5.25 -5.78
CA GLU A 792 -9.16 6.07 -6.35
C GLU A 792 -10.33 6.13 -5.36
N PRO A 793 -10.19 6.87 -4.25
CA PRO A 793 -11.20 6.81 -3.17
C PRO A 793 -12.53 7.44 -3.54
N VAL A 794 -12.49 8.48 -4.37
CA VAL A 794 -13.68 9.11 -4.91
C VAL A 794 -13.66 8.87 -6.41
N LEU A 795 -14.50 7.93 -6.86
CA LEU A 795 -14.48 7.47 -8.25
C LEU A 795 -15.12 8.46 -9.22
N GLN A 796 -15.66 9.58 -8.73
CA GLN A 796 -16.37 10.52 -9.58
C GLN A 796 -15.48 11.64 -10.08
N ASP A 797 -14.48 12.05 -9.30
CA ASP A 797 -13.43 12.93 -9.78
C ASP A 797 -12.23 12.14 -10.31
N LYS A 798 -12.47 10.91 -10.77
CA LYS A 798 -11.40 10.03 -11.25
C LYS A 798 -10.77 10.58 -12.52
N ARG A 799 -11.57 10.80 -13.55
CA ARG A 799 -11.10 11.39 -14.79
C ARG A 799 -11.08 12.91 -14.74
N SER A 800 -11.46 13.49 -13.61
CA SER A 800 -11.56 14.94 -13.48
C SER A 800 -10.38 15.52 -12.71
N ASP A 801 -10.16 15.07 -11.47
CA ASP A 801 -9.12 15.63 -10.62
C ASP A 801 -8.19 14.61 -10.00
N HIS A 802 -8.56 13.33 -9.97
CA HIS A 802 -7.64 12.29 -9.50
C HIS A 802 -6.48 12.09 -10.46
N VAL A 803 -6.70 12.34 -11.75
CA VAL A 803 -5.67 12.06 -12.74
C VAL A 803 -4.74 13.26 -12.89
N LYS A 804 -5.07 14.39 -12.28
CA LYS A 804 -4.09 15.45 -12.16
C LYS A 804 -3.34 15.40 -10.84
N PHE A 805 -3.80 14.57 -9.90
CA PHE A 805 -2.98 14.26 -8.73
C PHE A 805 -1.77 13.42 -9.14
N CYS A 806 -1.98 12.45 -10.03
CA CYS A 806 -0.88 11.63 -10.54
C CYS A 806 0.07 12.42 -11.45
N LYS A 807 -0.37 13.57 -11.97
CA LYS A 807 0.57 14.48 -12.61
C LYS A 807 1.50 15.11 -11.59
N TYR A 808 1.01 15.34 -10.37
CA TYR A 808 1.89 15.87 -9.33
C TYR A 808 2.56 14.77 -8.53
N ALA A 809 2.18 13.51 -8.77
CA ALA A 809 2.77 12.41 -8.00
C ALA A 809 4.09 11.94 -8.59
N ALA A 810 4.10 11.58 -9.88
CA ALA A 810 5.35 11.21 -10.53
C ALA A 810 6.27 12.40 -10.75
N GLU A 811 5.75 13.62 -10.60
CA GLU A 811 6.59 14.80 -10.57
C GLU A 811 7.35 14.90 -9.24
N LEU A 812 6.81 14.27 -8.18
CA LEU A 812 7.44 14.37 -6.87
C LEU A 812 8.56 13.34 -6.69
N ILE A 813 8.27 12.07 -6.99
CA ILE A 813 9.21 10.96 -6.79
C ILE A 813 10.48 11.16 -7.63
N GLU A 814 10.33 11.75 -8.81
CA GLU A 814 11.48 12.11 -9.65
C GLU A 814 12.40 13.13 -8.97
N ARG A 815 11.84 14.04 -8.17
CA ARG A 815 12.64 15.15 -7.69
C ARG A 815 13.56 14.75 -6.53
N VAL A 816 13.11 13.82 -5.68
CA VAL A 816 13.90 13.45 -4.49
C VAL A 816 14.83 12.28 -4.82
N SER A 817 14.89 11.89 -6.09
CA SER A 817 15.72 10.79 -6.53
C SER A 817 16.51 11.26 -7.75
N GLY A 818 17.13 10.32 -8.46
CA GLY A 818 18.14 10.63 -9.45
C GLY A 818 17.69 11.11 -10.83
N LYS A 819 16.48 11.66 -10.92
CA LYS A 819 15.92 12.34 -12.09
C LYS A 819 15.89 11.53 -13.37
N PRO A 820 15.02 10.51 -13.51
CA PRO A 820 14.81 9.94 -14.86
C PRO A 820 13.97 10.88 -15.70
N LEU A 821 14.13 10.80 -17.02
CA LEU A 821 13.53 11.77 -17.94
C LEU A 821 12.09 11.43 -18.30
N LEU A 822 11.26 11.34 -17.24
CA LEU A 822 9.81 11.14 -17.32
C LEU A 822 9.45 9.85 -18.04
N ILE A 823 10.13 8.76 -17.66
CA ILE A 823 9.81 7.42 -18.13
C ILE A 823 9.12 6.68 -17.00
N GLY A 824 7.90 6.21 -17.26
CA GLY A 824 7.12 5.54 -16.23
C GLY A 824 7.38 4.05 -16.15
N THR A 825 8.25 3.66 -15.22
CA THR A 825 8.62 2.28 -14.95
C THR A 825 9.03 2.25 -13.49
N ASP A 826 8.88 1.07 -12.86
CA ASP A 826 9.43 0.64 -11.55
C ASP A 826 9.37 1.72 -10.45
N VAL A 827 8.13 2.09 -10.13
CA VAL A 827 7.84 3.31 -9.39
C VAL A 827 8.26 3.27 -7.92
N SER A 828 8.71 2.12 -7.42
CA SER A 828 9.31 2.07 -6.10
C SER A 828 10.64 2.82 -6.10
N LEU A 829 11.01 3.36 -4.93
CA LEU A 829 12.17 4.24 -4.89
C LEU A 829 13.47 3.46 -4.69
N ALA A 830 13.43 2.32 -3.99
CA ALA A 830 14.60 1.45 -3.94
C ALA A 830 14.88 0.84 -5.30
N ARG A 831 13.85 0.61 -6.10
CA ARG A 831 14.00 0.19 -7.48
C ARG A 831 14.20 1.36 -8.43
N LEU A 832 14.49 2.56 -7.92
CA LEU A 832 14.74 3.68 -8.82
C LEU A 832 16.22 4.04 -8.81
N GLN A 833 16.92 3.82 -7.71
CA GLN A 833 18.37 4.01 -7.69
C GLN A 833 19.12 2.73 -8.02
N LYS A 834 18.43 1.60 -8.15
CA LYS A 834 18.99 0.49 -8.91
C LYS A 834 19.10 0.86 -10.37
N ALA A 835 18.08 1.53 -10.90
CA ALA A 835 18.08 1.96 -12.29
C ALA A 835 19.03 3.12 -12.56
N ASP A 836 19.56 3.74 -11.51
CA ASP A 836 20.60 4.75 -11.70
C ASP A 836 21.93 4.10 -12.02
N VAL A 837 22.19 2.92 -11.47
CA VAL A 837 23.49 2.28 -11.62
C VAL A 837 23.53 1.39 -12.85
N VAL A 838 22.48 0.58 -13.06
CA VAL A 838 22.47 -0.38 -14.15
C VAL A 838 22.42 0.33 -15.50
N ALA A 839 21.77 1.49 -15.56
CA ALA A 839 21.74 2.27 -16.80
C ALA A 839 23.07 2.95 -17.09
N GLN A 840 23.61 3.70 -16.13
CA GLN A 840 24.80 4.52 -16.38
C GLN A 840 26.10 3.74 -16.19
N SER A 841 26.06 2.42 -16.14
CA SER A 841 27.30 1.66 -16.09
C SER A 841 28.00 1.68 -17.44
N ARG A 842 29.29 1.35 -17.43
CA ARG A 842 30.11 1.39 -18.63
C ARG A 842 30.42 -0.05 -19.03
N ILE A 843 29.53 -0.62 -19.83
CA ILE A 843 29.68 -1.99 -20.31
C ILE A 843 30.66 -2.02 -21.46
N SER A 844 31.67 -2.89 -21.36
CA SER A 844 32.58 -3.14 -22.47
C SER A 844 32.78 -4.65 -22.57
N PHE A 845 33.21 -5.10 -23.75
CA PHE A 845 33.23 -6.53 -24.05
C PHE A 845 34.34 -6.80 -25.05
N PRO A 846 34.96 -7.98 -24.99
CA PRO A 846 35.92 -8.35 -26.04
C PRO A 846 35.20 -8.74 -27.33
N GLU A 847 35.85 -8.43 -28.45
CA GLU A 847 35.27 -8.73 -29.75
C GLU A 847 35.32 -10.23 -30.08
N LYS A 848 36.18 -10.99 -29.40
CA LYS A 848 36.44 -12.37 -29.79
C LYS A 848 35.26 -13.27 -29.49
N GLU A 849 34.54 -13.01 -28.40
CA GLU A 849 33.37 -13.80 -28.05
C GLU A 849 32.24 -13.63 -29.05
N LEU A 850 32.19 -12.50 -29.75
CA LEU A 850 31.16 -12.20 -30.73
C LEU A 850 31.45 -12.79 -32.09
N LEU A 851 32.74 -12.89 -32.46
CA LEU A 851 33.08 -13.41 -33.77
C LEU A 851 32.87 -14.91 -33.87
N LEU A 852 32.90 -15.62 -32.74
CA LEU A 852 32.54 -17.03 -32.76
C LEU A 852 31.03 -17.21 -32.83
N LEU A 853 30.27 -16.24 -32.31
CA LEU A 853 28.82 -16.28 -32.43
C LEU A 853 28.36 -16.05 -33.86
N ILE A 854 29.13 -15.29 -34.64
CA ILE A 854 28.83 -15.10 -36.05
C ILE A 854 29.02 -16.41 -36.82
N ARG A 855 30.13 -17.10 -36.56
CA ARG A 855 30.43 -18.32 -37.32
C ARG A 855 29.53 -19.48 -36.90
N ASN A 856 29.12 -19.52 -35.63
CA ASN A 856 28.21 -20.55 -35.17
C ASN A 856 26.79 -20.34 -35.70
N HIS A 857 26.48 -19.14 -36.21
CA HIS A 857 25.16 -18.89 -36.80
C HIS A 857 25.15 -19.23 -38.29
N LEU A 858 26.28 -19.03 -38.97
CA LEU A 858 26.33 -19.26 -40.42
C LEU A 858 26.28 -20.74 -40.77
N ILE A 859 26.96 -21.59 -40.00
CA ILE A 859 26.97 -23.02 -40.28
C ILE A 859 25.60 -23.64 -40.04
N SER A 860 24.86 -23.13 -39.03
CA SER A 860 23.57 -23.71 -38.70
C SER A 860 22.50 -23.32 -39.71
N LYS A 861 22.57 -22.11 -40.24
CA LYS A 861 21.57 -21.63 -41.20
C LYS A 861 21.98 -21.88 -42.65
N GLY A 862 22.37 -23.12 -42.95
CA GLY A 862 22.51 -23.57 -44.33
C GLY A 862 23.68 -23.06 -45.14
N LEU A 863 24.22 -21.88 -44.82
CA LEU A 863 25.28 -21.27 -45.63
C LEU A 863 26.57 -21.26 -44.83
N GLY A 864 27.28 -22.39 -44.89
CA GLY A 864 28.50 -22.55 -44.11
C GLY A 864 29.76 -22.57 -44.95
N GLU A 865 29.71 -22.02 -46.16
CA GLU A 865 30.86 -22.03 -47.04
C GLU A 865 31.78 -20.83 -46.86
N THR A 866 31.57 -20.03 -45.80
CA THR A 866 32.52 -19.00 -45.41
C THR A 866 33.05 -19.18 -44.00
N ALA A 867 32.78 -20.33 -43.37
CA ALA A 867 33.39 -20.65 -42.09
C ALA A 867 34.89 -20.89 -42.24
N THR A 868 35.27 -21.54 -43.34
CA THR A 868 36.69 -21.69 -43.66
C THR A 868 37.33 -20.40 -44.13
N VAL A 869 36.53 -19.50 -44.73
CA VAL A 869 37.01 -18.16 -45.10
C VAL A 869 37.34 -17.33 -43.88
N LEU A 870 36.68 -17.57 -42.74
CA LEU A 870 36.92 -16.76 -41.55
C LEU A 870 38.19 -17.18 -40.80
N THR A 871 38.94 -18.14 -41.34
CA THR A 871 40.27 -18.46 -40.82
C THR A 871 41.24 -17.30 -41.02
N LYS A 872 41.04 -16.51 -42.08
CA LYS A 872 42.01 -15.48 -42.43
C LYS A 872 41.89 -14.25 -41.54
N GLU A 873 40.68 -13.71 -41.34
CA GLU A 873 40.49 -12.49 -40.56
C GLU A 873 40.87 -12.64 -39.10
N ALA A 874 40.53 -13.76 -38.48
CA ALA A 874 40.84 -13.97 -37.06
C ALA A 874 41.01 -15.46 -36.83
N ASP A 875 41.25 -15.82 -35.58
CA ASP A 875 41.52 -17.21 -35.23
C ASP A 875 40.27 -18.07 -35.39
N LEU A 876 40.50 -19.37 -35.56
CA LEU A 876 39.42 -20.35 -35.65
C LEU A 876 39.65 -21.40 -34.58
N PRO A 877 39.11 -21.21 -33.37
CA PRO A 877 39.35 -22.20 -32.31
C PRO A 877 38.58 -23.50 -32.51
N MET A 878 37.32 -23.42 -32.93
CA MET A 878 36.50 -24.60 -33.18
C MET A 878 36.25 -24.72 -34.67
N THR A 879 36.04 -25.95 -35.15
CA THR A 879 35.87 -26.20 -36.56
C THR A 879 34.48 -25.78 -37.06
N PRO A 1001 24.99 -23.92 -25.21
CA PRO A 1001 25.56 -22.59 -25.47
C PRO A 1001 24.61 -21.70 -26.27
N PRO A 1002 24.66 -20.39 -26.03
CA PRO A 1002 23.81 -19.46 -26.77
C PRO A 1002 24.40 -19.09 -28.12
N THR A 1003 23.50 -18.73 -29.03
CA THR A 1003 23.83 -18.23 -30.36
C THR A 1003 23.17 -16.88 -30.58
N LEU A 1004 23.16 -16.44 -31.84
CA LEU A 1004 22.33 -15.32 -32.21
C LEU A 1004 20.86 -15.71 -32.32
N ASP A 1005 20.57 -17.00 -32.38
CA ASP A 1005 19.17 -17.43 -32.42
C ASP A 1005 18.56 -17.50 -31.02
N SER A 1006 19.34 -17.15 -30.00
CA SER A 1006 18.79 -16.98 -28.65
C SER A 1006 18.87 -15.54 -28.17
N ILE A 1007 19.92 -14.81 -28.57
CA ILE A 1007 20.07 -13.43 -28.15
C ILE A 1007 19.07 -12.53 -28.86
N ILE A 1008 18.95 -12.68 -30.19
CA ILE A 1008 18.00 -11.86 -30.94
C ILE A 1008 16.57 -12.33 -30.66
N THR A 1009 16.42 -13.59 -30.25
CA THR A 1009 15.14 -14.06 -29.74
C THR A 1009 14.75 -13.32 -28.47
N GLU A 1010 15.71 -13.09 -27.57
CA GLU A 1010 15.40 -12.46 -26.29
C GLU A 1010 15.53 -10.94 -26.37
N TYR A 1011 16.18 -10.41 -27.41
CA TYR A 1011 16.31 -8.97 -27.54
C TYR A 1011 14.97 -8.32 -27.89
N LEU A 1012 14.13 -9.02 -28.62
CA LEU A 1012 12.84 -8.44 -29.00
C LEU A 1012 11.81 -8.64 -27.90
N ARG A 1013 11.97 -9.68 -27.08
CA ARG A 1013 10.94 -10.03 -26.11
C ARG A 1013 10.88 -9.05 -24.95
N GLU A 1014 12.03 -8.59 -24.46
CA GLU A 1014 12.00 -7.53 -23.46
C GLU A 1014 11.69 -6.18 -24.07
N GLN A 1015 11.89 -6.03 -25.38
CA GLN A 1015 11.37 -4.88 -26.12
C GLN A 1015 9.87 -5.01 -26.33
N HIS A 1016 9.35 -6.23 -26.34
CA HIS A 1016 7.93 -6.49 -26.49
C HIS A 1016 7.14 -6.17 -25.23
N ALA A 1017 7.79 -6.17 -24.05
CA ALA A 1017 7.09 -5.97 -22.79
C ALA A 1017 6.80 -4.50 -22.49
N ARG A 1018 7.16 -3.58 -23.38
CA ARG A 1018 6.72 -2.20 -23.28
C ARG A 1018 5.49 -1.93 -24.13
N CYS A 1019 4.91 -2.96 -24.73
CA CYS A 1019 3.65 -2.81 -25.45
C CYS A 1019 2.52 -2.63 -24.47
N LYS A 1020 1.89 -1.45 -24.50
CA LYS A 1020 0.59 -1.29 -23.85
C LYS A 1020 -0.42 -2.15 -24.59
N ASN A 1021 -1.01 -3.13 -23.87
CA ASN A 1021 -1.81 -4.22 -24.43
C ASN A 1021 -1.06 -4.95 -25.54
N PRO A 1022 -0.11 -5.81 -25.21
CA PRO A 1022 0.62 -6.56 -26.22
C PRO A 1022 -0.25 -7.59 -26.94
N VAL A 1023 0.38 -8.28 -27.90
CA VAL A 1023 -0.31 -9.25 -28.73
C VAL A 1023 0.22 -10.64 -28.43
N ALA A 1024 -0.35 -11.66 -29.08
CA ALA A 1024 0.11 -13.03 -28.93
C ALA A 1024 0.70 -13.58 -30.24
N THR A 1025 -0.05 -13.50 -31.33
CA THR A 1025 0.46 -13.92 -32.65
C THR A 1025 0.95 -12.68 -33.38
N CYS A 1026 2.19 -12.32 -33.07
CA CYS A 1026 2.76 -11.06 -33.49
C CYS A 1026 3.10 -11.06 -34.98
N PRO A 1027 3.12 -9.88 -35.61
CA PRO A 1027 3.63 -9.77 -36.98
C PRO A 1027 5.13 -9.96 -37.04
N PRO A 1028 5.71 -10.17 -38.22
CA PRO A 1028 7.17 -10.21 -38.34
C PRO A 1028 7.80 -8.87 -38.00
N PHE A 1029 9.03 -8.93 -37.46
CA PHE A 1029 9.67 -7.80 -36.83
C PHE A 1029 10.53 -7.04 -37.82
N SER A 1030 11.08 -5.92 -37.34
CA SER A 1030 12.01 -5.10 -38.13
C SER A 1030 13.00 -4.47 -37.16
N LEU A 1031 14.25 -4.91 -37.22
CA LEU A 1031 15.23 -4.57 -36.20
C LEU A 1031 15.70 -3.12 -36.30
N PHE A 1032 15.51 -2.46 -37.44
CA PHE A 1032 15.91 -1.08 -37.60
C PHE A 1032 14.81 -0.10 -37.20
N THR A 1033 13.62 -0.59 -36.92
CA THR A 1033 12.50 0.21 -36.43
C THR A 1033 12.20 -0.17 -34.98
N PRO A 1034 11.62 0.75 -34.21
CA PRO A 1034 11.10 0.37 -32.90
C PRO A 1034 9.91 -0.57 -33.02
N HIS A 1035 9.63 -1.29 -31.95
CA HIS A 1035 8.52 -2.22 -31.90
C HIS A 1035 7.48 -1.70 -30.92
N GLN A 1036 6.24 -1.57 -31.41
CA GLN A 1036 5.12 -1.13 -30.58
C GLN A 1036 3.89 -1.89 -31.01
N CYS A 1037 3.27 -2.59 -30.06
CA CYS A 1037 2.10 -3.39 -30.35
C CYS A 1037 0.89 -2.47 -30.58
N PRO A 1038 -0.12 -2.93 -31.36
CA PRO A 1038 -1.26 -2.06 -31.69
C PRO A 1038 -2.09 -1.61 -30.51
N GLU A 1039 -2.03 -0.30 -30.23
CA GLU A 1039 -2.76 0.29 -29.12
C GLU A 1039 -4.26 0.30 -29.41
N PRO A 1040 -5.09 0.42 -28.37
CA PRO A 1040 -6.53 0.62 -28.62
C PRO A 1040 -6.84 2.02 -29.15
N LYS A 1041 -7.19 2.10 -30.42
CA LYS A 1041 -7.58 3.36 -31.04
C LYS A 1041 -9.03 3.25 -31.50
N GLN A 1042 -9.93 3.95 -30.83
CA GLN A 1042 -11.36 3.82 -31.10
C GLN A 1042 -11.78 4.77 -32.22
N ARG A 1043 -12.55 4.25 -33.16
CA ARG A 1043 -13.22 5.07 -34.18
C ARG A 1043 -14.72 4.86 -34.21
N ARG A 1044 -15.20 3.68 -33.82
CA ARG A 1044 -16.62 3.40 -33.76
C ARG A 1044 -17.29 3.88 -32.49
N GLN A 1045 -16.58 4.61 -31.64
CA GLN A 1045 -17.16 5.12 -30.40
C GLN A 1045 -17.68 6.53 -30.61
N ALA A 1046 -18.81 6.83 -29.97
CA ALA A 1046 -19.29 8.20 -29.93
C ALA A 1046 -18.35 9.04 -29.06
N PRO A 1047 -18.08 10.29 -29.44
CA PRO A 1047 -17.09 11.08 -28.71
C PRO A 1047 -17.59 11.52 -27.34
N ILE A 1048 -16.64 12.00 -26.53
CA ILE A 1048 -16.91 12.38 -25.15
C ILE A 1048 -17.77 13.64 -25.11
N ASN A 1049 -17.64 14.51 -26.10
CA ASN A 1049 -18.45 15.70 -26.21
C ASN A 1049 -19.90 15.32 -26.50
N PHE A 1050 -20.83 16.19 -26.11
CA PHE A 1050 -22.24 15.90 -26.35
C PHE A 1050 -22.76 16.53 -27.64
N THR A 1051 -22.29 17.73 -27.98
CA THR A 1051 -22.72 18.33 -29.24
C THR A 1051 -22.18 17.58 -30.45
N SER A 1052 -21.01 16.94 -30.30
CA SER A 1052 -20.53 16.06 -31.35
C SER A 1052 -21.26 14.73 -31.34
N ARG A 1053 -21.95 14.39 -30.24
CA ARG A 1053 -22.91 13.30 -30.31
C ARG A 1053 -24.21 13.75 -30.94
N LEU A 1054 -24.41 15.05 -31.10
CA LEU A 1054 -25.66 15.56 -31.68
C LEU A 1054 -25.56 15.69 -33.20
N ASN A 1055 -24.38 16.05 -33.70
CA ASN A 1055 -24.20 16.07 -35.14
C ASN A 1055 -24.16 14.66 -35.70
N ARG A 1056 -23.61 13.73 -34.95
CA ARG A 1056 -23.41 12.38 -35.47
C ARG A 1056 -24.71 11.60 -35.52
N ARG A 1057 -25.58 11.76 -34.52
CA ARG A 1057 -26.86 11.05 -34.47
C ARG A 1057 -27.81 11.48 -35.57
N ALA A 1058 -27.59 12.63 -36.21
CA ALA A 1058 -28.41 13.03 -37.34
C ALA A 1058 -28.21 12.15 -38.56
N SER A 1059 -26.99 11.63 -38.76
CA SER A 1059 -26.68 10.83 -39.93
C SER A 1059 -26.38 9.38 -39.58
N PHE A 1060 -26.64 8.98 -38.35
CA PHE A 1060 -26.36 7.65 -37.84
C PHE A 1060 -27.58 7.21 -37.02
N PRO A 1061 -27.63 5.93 -36.57
CA PRO A 1061 -28.75 5.54 -35.69
C PRO A 1061 -28.69 6.15 -34.30
N LYS A 1062 -29.59 5.66 -33.44
CA LYS A 1062 -30.21 6.32 -32.29
C LYS A 1062 -29.36 7.29 -31.47
N TYR A 1063 -28.21 6.83 -30.99
CA TYR A 1063 -27.46 7.58 -29.99
C TYR A 1063 -26.28 8.34 -30.57
N GLY A 1064 -25.66 7.83 -31.63
CA GLY A 1064 -24.41 8.35 -32.11
C GLY A 1064 -23.48 7.21 -32.47
N GLY A 1065 -23.93 6.00 -32.19
CA GLY A 1065 -23.18 4.82 -32.58
C GLY A 1065 -23.01 3.90 -31.40
N VAL A 1066 -21.85 3.23 -31.37
CA VAL A 1066 -21.47 2.42 -30.24
C VAL A 1066 -20.98 3.35 -29.13
N ASP A 1067 -21.39 3.06 -27.89
CA ASP A 1067 -21.08 3.84 -26.68
C ASP A 1067 -21.59 5.28 -26.81
N GLY A 1068 -22.89 5.40 -26.97
CA GLY A 1068 -23.54 6.69 -26.93
C GLY A 1068 -24.66 6.72 -25.90
N GLY A 1069 -25.00 5.55 -25.37
CA GLY A 1069 -26.09 5.46 -24.42
C GLY A 1069 -25.75 5.98 -23.04
N CYS A 1070 -24.67 5.50 -22.44
CA CYS A 1070 -24.32 5.93 -21.10
C CYS A 1070 -23.83 7.37 -21.10
N PHE A 1071 -23.29 7.84 -22.22
CA PHE A 1071 -22.78 9.21 -22.31
C PHE A 1071 -23.89 10.25 -22.24
N ASP A 1072 -25.13 9.86 -22.49
CA ASP A 1072 -26.25 10.71 -22.08
C ASP A 1072 -26.41 10.72 -20.58
N ARG A 1073 -26.39 9.54 -19.95
CA ARG A 1073 -26.66 9.40 -18.53
C ARG A 1073 -25.53 9.89 -17.65
N HIS A 1074 -24.33 10.11 -18.21
CA HIS A 1074 -23.27 10.74 -17.43
C HIS A 1074 -23.36 12.26 -17.51
N LEU A 1075 -24.41 12.79 -18.12
CA LEU A 1075 -24.65 14.22 -18.13
C LEU A 1075 -25.96 14.59 -17.45
N ILE A 1076 -26.83 13.62 -17.19
CA ILE A 1076 -28.23 13.89 -16.91
C ILE A 1076 -28.69 13.31 -15.57
N PHE A 1077 -27.87 12.50 -14.91
CA PHE A 1077 -28.11 12.09 -13.54
C PHE A 1077 -27.04 12.60 -12.59
N SER A 1078 -26.26 13.58 -13.00
CA SER A 1078 -25.17 14.11 -12.19
C SER A 1078 -25.49 15.48 -11.61
N ARG A 1079 -26.74 15.90 -11.64
CA ARG A 1079 -27.11 17.21 -11.14
C ARG A 1079 -28.52 17.12 -10.56
N PHE A 1080 -28.78 17.92 -9.53
CA PHE A 1080 -30.09 17.94 -8.89
C PHE A 1080 -30.37 19.36 -8.39
N ARG A 1081 -31.64 19.60 -8.10
CA ARG A 1081 -32.09 20.90 -7.62
C ARG A 1081 -33.28 20.66 -6.70
N PRO A 1082 -33.38 21.38 -5.59
CA PRO A 1082 -34.55 21.23 -4.72
C PRO A 1082 -35.80 21.83 -5.35
N ILE A 1083 -36.92 21.13 -5.22
CA ILE A 1083 -38.19 21.63 -5.74
C ILE A 1083 -38.96 22.35 -4.65
N SER A 1084 -39.32 21.64 -3.58
CA SER A 1084 -40.18 22.20 -2.55
C SER A 1084 -39.93 21.44 -1.26
N VAL A 1085 -40.28 22.09 -0.14
CA VAL A 1085 -40.08 21.56 1.20
C VAL A 1085 -41.45 21.28 1.80
N PHE A 1086 -41.61 20.10 2.39
CA PHE A 1086 -42.88 19.67 2.98
C PHE A 1086 -42.69 19.46 4.47
N ARG A 1087 -43.41 20.24 5.28
CA ARG A 1087 -43.33 20.13 6.73
C ARG A 1087 -44.47 19.26 7.27
N GLU A 1088 -44.57 19.23 8.61
CA GLU A 1088 -45.64 18.57 9.35
C GLU A 1088 -46.07 19.55 10.45
N ALA A 1089 -46.48 20.75 10.04
CA ALA A 1089 -46.85 21.81 10.97
C ALA A 1089 -48.18 21.52 11.67
N ASN A 1090 -48.19 20.49 12.52
CA ASN A 1090 -49.31 20.13 13.37
C ASN A 1090 -48.93 20.23 14.84
N GLU A 1091 -47.72 19.77 15.18
CA GLU A 1091 -47.13 19.92 16.50
C GLU A 1091 -45.94 20.87 16.38
N ASP A 1092 -45.89 21.60 15.26
CA ASP A 1092 -44.83 22.50 14.82
C ASP A 1092 -43.48 21.81 14.66
N GLU A 1093 -43.45 20.50 14.48
CA GLU A 1093 -42.24 19.76 14.22
C GLU A 1093 -42.59 18.56 13.34
N SER A 1094 -41.65 18.15 12.48
CA SER A 1094 -41.95 17.10 11.53
C SER A 1094 -41.40 15.76 12.00
N GLY A 1095 -42.25 14.74 11.92
CA GLY A 1095 -41.94 13.44 12.46
C GLY A 1095 -42.16 12.28 11.51
N PHE A 1096 -41.81 12.45 10.24
CA PHE A 1096 -42.04 11.39 9.27
C PHE A 1096 -40.93 10.33 9.31
N THR A 1097 -41.28 9.12 8.89
CA THR A 1097 -40.31 8.04 8.73
C THR A 1097 -40.18 7.57 7.29
N CYS A 1098 -41.27 7.15 6.65
CA CYS A 1098 -41.20 6.50 5.35
C CYS A 1098 -42.00 7.29 4.32
N CYS A 1099 -41.60 7.15 3.04
CA CYS A 1099 -42.21 7.86 1.94
C CYS A 1099 -42.24 7.00 0.68
N ALA A 1100 -43.19 7.33 -0.20
CA ALA A 1100 -43.29 6.74 -1.52
C ALA A 1100 -44.16 7.64 -2.38
N PHE A 1101 -44.43 7.19 -3.59
CA PHE A 1101 -45.36 7.87 -4.49
C PHE A 1101 -46.56 6.96 -4.79
N SER A 1102 -47.64 7.59 -5.23
CA SER A 1102 -48.85 6.87 -5.58
C SER A 1102 -48.68 6.14 -6.92
N ALA A 1103 -49.71 5.38 -7.30
CA ALA A 1103 -49.67 4.64 -8.56
C ALA A 1103 -49.78 5.53 -9.78
N ARG A 1104 -50.21 6.79 -9.62
CA ARG A 1104 -50.23 7.76 -10.70
C ARG A 1104 -49.46 9.02 -10.36
N GLU A 1105 -48.64 8.97 -9.32
CA GLU A 1105 -47.61 9.96 -8.97
C GLU A 1105 -48.17 11.34 -8.63
N ARG A 1106 -49.45 11.44 -8.32
CA ARG A 1106 -50.02 12.76 -8.04
C ARG A 1106 -49.87 13.11 -6.56
N PHE A 1107 -49.86 12.11 -5.70
CA PHE A 1107 -49.74 12.32 -4.26
C PHE A 1107 -48.62 11.44 -3.69
N LEU A 1108 -47.90 12.00 -2.72
CA LEU A 1108 -46.80 11.29 -2.08
C LEU A 1108 -47.22 10.91 -0.67
N MET A 1109 -47.08 9.62 -0.35
CA MET A 1109 -47.66 9.04 0.86
C MET A 1109 -46.61 8.97 1.96
N LEU A 1110 -46.56 9.99 2.80
CA LEU A 1110 -45.62 10.03 3.92
C LEU A 1110 -46.09 9.11 5.04
N GLY A 1111 -45.23 8.94 6.04
CA GLY A 1111 -45.61 8.18 7.23
C GLY A 1111 -44.95 8.68 8.51
N THR A 1112 -45.76 9.06 9.50
CA THR A 1112 -45.25 9.76 10.66
C THR A 1112 -44.67 8.79 11.69
N CYS A 1113 -44.33 9.35 12.86
CA CYS A 1113 -43.96 8.51 14.00
C CYS A 1113 -45.16 8.14 14.83
N THR A 1114 -46.27 8.87 14.67
CA THR A 1114 -47.48 8.60 15.45
C THR A 1114 -48.18 7.32 15.00
N GLY A 1115 -48.20 7.05 13.70
CA GLY A 1115 -48.88 5.89 13.17
C GLY A 1115 -49.87 6.18 12.06
N GLN A 1116 -49.81 7.36 11.43
CA GLN A 1116 -50.75 7.75 10.40
C GLN A 1116 -50.02 8.19 9.15
N LEU A 1117 -50.53 7.78 7.99
CA LEU A 1117 -50.00 8.22 6.72
C LEU A 1117 -50.79 9.45 6.26
N LYS A 1118 -50.07 10.43 5.73
CA LYS A 1118 -50.68 11.72 5.40
C LYS A 1118 -50.44 12.04 3.93
N LEU A 1119 -51.51 12.24 3.18
CA LEU A 1119 -51.41 12.55 1.77
C LEU A 1119 -51.08 14.02 1.56
N TYR A 1120 -50.37 14.30 0.47
CA TYR A 1120 -50.00 15.66 0.12
C TYR A 1120 -50.00 15.78 -1.40
N ASN A 1121 -50.47 16.91 -1.90
CA ASN A 1121 -50.42 17.13 -3.34
C ASN A 1121 -49.01 17.51 -3.76
N VAL A 1122 -48.55 16.95 -4.88
CA VAL A 1122 -47.22 17.25 -5.37
C VAL A 1122 -47.19 18.63 -6.02
N PHE A 1123 -48.35 19.18 -6.36
CA PHE A 1123 -48.44 20.48 -7.01
C PHE A 1123 -48.83 21.58 -6.04
N SER A 1124 -49.72 21.28 -5.09
CA SER A 1124 -50.28 22.33 -4.24
C SER A 1124 -49.39 22.63 -3.04
N GLY A 1125 -49.17 21.64 -2.17
CA GLY A 1125 -48.54 21.89 -0.89
C GLY A 1125 -49.58 22.01 0.22
N GLN A 1126 -50.49 21.05 0.27
CA GLN A 1126 -51.61 21.05 1.19
C GLN A 1126 -52.03 19.62 1.49
N GLU A 1127 -52.29 19.33 2.76
CA GLU A 1127 -52.74 18.00 3.17
C GLU A 1127 -54.09 17.67 2.57
N GLU A 1128 -54.25 16.46 2.05
CA GLU A 1128 -55.53 15.99 1.54
C GLU A 1128 -56.33 15.24 2.60
N ALA A 1129 -55.82 14.10 3.07
CA ALA A 1129 -56.56 13.27 4.03
C ALA A 1129 -55.59 12.33 4.72
N SER A 1130 -55.47 12.45 6.04
CA SER A 1130 -54.70 11.49 6.80
C SER A 1130 -55.50 10.21 7.02
N TYR A 1131 -54.84 9.19 7.56
CA TYR A 1131 -55.43 7.87 7.74
C TYR A 1131 -54.81 7.21 8.95
N ASN A 1132 -55.62 6.88 9.96
CA ASN A 1132 -55.14 6.17 11.14
C ASN A 1132 -54.91 4.71 10.78
N CYS A 1133 -53.66 4.39 10.47
CA CYS A 1133 -53.34 3.07 9.94
C CYS A 1133 -52.76 2.14 10.99
N HIS A 1134 -51.65 2.54 11.61
CA HIS A 1134 -50.95 1.70 12.57
C HIS A 1134 -50.78 2.44 13.89
N ASN A 1135 -50.16 1.77 14.86
CA ASN A 1135 -49.99 2.35 16.18
C ASN A 1135 -48.55 2.76 16.44
N SER A 1136 -47.60 1.94 16.00
CA SER A 1136 -46.20 2.16 16.39
C SER A 1136 -45.51 3.21 15.52
N ALA A 1137 -45.32 2.89 14.24
CA ALA A 1137 -44.64 3.74 13.26
C ALA A 1137 -44.88 3.15 11.87
N ILE A 1138 -44.17 3.66 10.88
CA ILE A 1138 -44.26 3.17 9.50
C ILE A 1138 -42.84 2.93 9.01
N THR A 1139 -42.54 1.70 8.59
CA THR A 1139 -41.23 1.39 8.04
C THR A 1139 -41.27 1.28 6.52
N HIS A 1140 -42.17 0.45 6.01
CA HIS A 1140 -42.27 0.14 4.59
C HIS A 1140 -43.63 0.58 4.07
N LEU A 1141 -43.66 1.08 2.84
CA LEU A 1141 -44.86 1.68 2.29
C LEU A 1141 -44.78 1.63 0.77
N GLU A 1142 -45.49 0.69 0.14
CA GLU A 1142 -45.53 0.73 -1.32
C GLU A 1142 -46.92 0.43 -1.84
N PRO A 1143 -47.33 1.10 -2.92
CA PRO A 1143 -48.53 0.68 -3.63
C PRO A 1143 -48.21 -0.36 -4.69
N SER A 1144 -49.21 -0.72 -5.50
CA SER A 1144 -48.98 -1.54 -6.69
C SER A 1144 -49.02 -0.65 -7.92
N ARG A 1145 -48.97 -1.30 -9.09
CA ARG A 1145 -48.98 -0.53 -10.33
C ARG A 1145 -50.39 -0.29 -10.85
N ASP A 1146 -51.31 -1.23 -10.63
CA ASP A 1146 -52.67 -1.09 -11.12
C ASP A 1146 -53.52 -0.11 -10.30
N GLY A 1147 -53.03 0.36 -9.17
CA GLY A 1147 -53.75 1.34 -8.38
C GLY A 1147 -54.84 0.79 -7.51
N SER A 1148 -54.66 -0.43 -6.97
CA SER A 1148 -55.72 -1.08 -6.22
C SER A 1148 -55.40 -1.30 -4.76
N LEU A 1149 -54.15 -1.59 -4.41
CA LEU A 1149 -53.79 -2.04 -3.07
C LEU A 1149 -52.90 -1.02 -2.40
N LEU A 1150 -52.46 -1.36 -1.18
CA LEU A 1150 -51.47 -0.59 -0.44
C LEU A 1150 -50.93 -1.45 0.70
N LEU A 1151 -49.62 -1.53 0.82
CA LEU A 1151 -48.96 -2.25 1.90
C LEU A 1151 -48.28 -1.25 2.83
N THR A 1152 -48.69 -1.24 4.10
CA THR A 1152 -48.11 -0.38 5.12
C THR A 1152 -47.71 -1.22 6.32
N SER A 1153 -46.45 -1.11 6.72
CA SER A 1153 -45.88 -1.94 7.77
C SER A 1153 -45.61 -1.10 9.01
N ALA A 1154 -45.81 -1.71 10.17
CA ALA A 1154 -45.60 -1.06 11.45
C ALA A 1154 -44.35 -1.62 12.12
N THR A 1155 -43.90 -0.92 13.16
CA THR A 1155 -42.70 -1.34 13.88
C THR A 1155 -42.99 -2.53 14.79
N TRP A 1156 -43.87 -2.34 15.78
CA TRP A 1156 -44.20 -3.42 16.70
C TRP A 1156 -45.69 -3.66 16.87
N SER A 1157 -46.55 -2.95 16.14
CA SER A 1157 -48.00 -3.08 16.31
C SER A 1157 -48.47 -4.48 15.94
N GLN A 1158 -49.51 -4.94 16.65
CA GLN A 1158 -49.83 -6.36 16.80
C GLN A 1158 -50.26 -7.01 15.48
N PRO A 1159 -51.00 -6.30 14.58
CA PRO A 1159 -50.87 -6.65 13.17
C PRO A 1159 -49.75 -5.85 12.54
N LEU A 1160 -48.80 -6.51 11.87
CA LEU A 1160 -47.63 -5.80 11.39
C LEU A 1160 -47.86 -5.11 10.05
N SER A 1161 -48.51 -5.77 9.09
CA SER A 1161 -48.77 -5.12 7.81
C SER A 1161 -50.26 -4.91 7.66
N ALA A 1162 -50.63 -4.03 6.74
CA ALA A 1162 -52.02 -3.66 6.53
C ALA A 1162 -52.29 -3.58 5.04
N LEU A 1163 -52.82 -4.65 4.46
CA LEU A 1163 -53.21 -4.67 3.06
C LEU A 1163 -54.46 -3.82 2.91
N TRP A 1164 -54.29 -2.54 2.58
CA TRP A 1164 -55.41 -1.62 2.52
C TRP A 1164 -56.19 -1.76 1.22
N GLY A 1165 -57.10 -0.82 1.00
CA GLY A 1165 -57.74 -0.65 -0.28
C GLY A 1165 -57.76 0.82 -0.64
N MET A 1166 -57.41 1.14 -1.88
CA MET A 1166 -57.35 2.54 -2.32
C MET A 1166 -58.29 2.80 -3.49
N LYS A 1167 -59.12 1.81 -3.86
CA LYS A 1167 -60.09 1.99 -4.92
C LYS A 1167 -61.14 3.03 -4.52
N SER A 1168 -62.00 2.68 -3.55
CA SER A 1168 -62.89 3.65 -2.94
C SER A 1168 -63.10 3.46 -1.45
N VAL A 1169 -62.77 2.30 -0.87
CA VAL A 1169 -63.14 1.96 0.50
C VAL A 1169 -61.86 1.64 1.28
N PHE A 1170 -61.66 2.33 2.39
CA PHE A 1170 -60.44 2.23 3.17
C PHE A 1170 -60.61 1.18 4.25
N ASP A 1171 -60.05 0.00 4.02
CA ASP A 1171 -60.13 -1.10 4.98
C ASP A 1171 -58.96 -2.05 4.73
N MET A 1172 -58.45 -2.62 5.82
CA MET A 1172 -57.51 -3.72 5.73
C MET A 1172 -58.23 -4.92 5.15
N LYS A 1173 -57.96 -5.23 3.88
CA LYS A 1173 -58.59 -6.37 3.23
C LYS A 1173 -58.14 -7.70 3.84
N HIS A 1174 -56.85 -7.94 3.93
CA HIS A 1174 -56.30 -9.03 4.72
C HIS A 1174 -55.39 -8.43 5.78
N SER A 1175 -54.88 -9.26 6.66
CA SER A 1175 -54.10 -8.79 7.81
C SER A 1175 -52.97 -9.77 8.11
N PHE A 1176 -51.76 -9.25 8.30
CA PHE A 1176 -50.63 -10.05 8.74
C PHE A 1176 -50.12 -9.53 10.07
N THR A 1177 -49.87 -10.46 10.99
CA THR A 1177 -49.38 -10.16 12.32
C THR A 1177 -47.95 -10.61 12.54
N GLU A 1178 -47.43 -11.45 11.65
CA GLU A 1178 -46.18 -12.17 11.86
C GLU A 1178 -44.96 -11.45 11.28
N ASP A 1179 -45.03 -11.00 10.03
CA ASP A 1179 -43.85 -10.65 9.27
C ASP A 1179 -43.51 -9.16 9.36
N HIS A 1180 -42.22 -8.87 9.56
CA HIS A 1180 -41.71 -7.52 9.68
C HIS A 1180 -41.80 -6.71 8.39
N TYR A 1181 -41.63 -7.35 7.24
CA TYR A 1181 -41.40 -6.63 5.99
C TYR A 1181 -41.99 -7.44 4.86
N VAL A 1182 -42.81 -6.79 4.02
CA VAL A 1182 -43.42 -7.44 2.89
C VAL A 1182 -43.08 -6.66 1.63
N GLU A 1183 -43.51 -7.19 0.48
CA GLU A 1183 -43.25 -6.59 -0.81
C GLU A 1183 -44.28 -7.15 -1.79
N PHE A 1184 -44.56 -6.41 -2.85
CA PHE A 1184 -45.32 -6.97 -3.96
C PHE A 1184 -44.42 -7.83 -4.84
N SER A 1185 -45.03 -8.53 -5.78
CA SER A 1185 -44.29 -9.24 -6.82
C SER A 1185 -44.27 -8.41 -8.08
N LYS A 1186 -43.26 -8.64 -8.93
CA LYS A 1186 -42.98 -7.68 -10.01
C LYS A 1186 -43.86 -7.92 -11.24
N HIS A 1187 -43.73 -9.09 -11.87
CA HIS A 1187 -44.41 -9.33 -13.14
C HIS A 1187 -45.90 -9.56 -12.95
N SER A 1188 -46.26 -10.63 -12.24
CA SER A 1188 -47.64 -10.89 -11.85
C SER A 1188 -47.80 -10.44 -10.41
N GLN A 1189 -48.67 -9.45 -10.19
CA GLN A 1189 -48.85 -8.89 -8.86
C GLN A 1189 -49.86 -9.64 -8.01
N ASP A 1190 -50.07 -10.93 -8.25
CA ASP A 1190 -50.93 -11.74 -7.41
C ASP A 1190 -50.24 -12.25 -6.16
N ARG A 1191 -48.95 -11.93 -5.96
CA ARG A 1191 -48.17 -12.45 -4.86
C ARG A 1191 -47.67 -11.31 -3.98
N VAL A 1192 -47.88 -11.42 -2.68
CA VAL A 1192 -47.21 -10.59 -1.68
C VAL A 1192 -46.47 -11.53 -0.74
N ILE A 1193 -45.15 -11.40 -0.69
CA ILE A 1193 -44.30 -12.29 0.09
C ILE A 1193 -44.00 -11.60 1.41
N GLY A 1194 -43.83 -12.40 2.46
CA GLY A 1194 -43.64 -11.86 3.79
C GLY A 1194 -42.54 -12.59 4.53
N THR A 1195 -41.83 -11.83 5.36
CA THR A 1195 -40.68 -12.37 6.08
C THR A 1195 -40.52 -11.66 7.42
N LYS A 1196 -40.62 -12.45 8.50
CA LYS A 1196 -40.10 -12.08 9.81
C LYS A 1196 -38.77 -12.82 10.00
N GLY A 1197 -37.81 -12.13 10.59
CA GLY A 1197 -36.53 -12.74 10.92
C GLY A 1197 -35.75 -13.24 9.72
N ASP A 1198 -35.78 -14.56 9.53
CA ASP A 1198 -35.10 -15.23 8.44
C ASP A 1198 -36.00 -16.18 7.66
N ILE A 1199 -37.30 -16.22 7.95
CA ILE A 1199 -38.21 -17.19 7.34
C ILE A 1199 -39.12 -16.44 6.36
N ALA A 1200 -39.17 -16.93 5.12
CA ALA A 1200 -39.94 -16.30 4.05
C ALA A 1200 -41.24 -17.07 3.81
N HIS A 1201 -42.34 -16.32 3.71
CA HIS A 1201 -43.66 -16.88 3.46
C HIS A 1201 -44.25 -16.26 2.20
N ILE A 1202 -44.60 -17.10 1.23
CA ILE A 1202 -45.30 -16.64 0.03
C ILE A 1202 -46.79 -16.64 0.34
N TYR A 1203 -47.45 -15.49 0.15
CA TYR A 1203 -48.88 -15.39 0.35
C TYR A 1203 -49.59 -15.05 -0.95
N ASP A 1204 -50.91 -15.06 -0.88
CA ASP A 1204 -51.79 -14.61 -1.95
C ASP A 1204 -52.55 -13.37 -1.49
N ILE A 1205 -53.19 -12.69 -2.42
CA ILE A 1205 -53.97 -11.50 -2.11
C ILE A 1205 -55.45 -11.87 -2.20
N GLN A 1206 -55.74 -12.91 -2.98
CA GLN A 1206 -57.11 -13.38 -3.09
C GLN A 1206 -57.57 -14.09 -1.82
N THR A 1207 -56.72 -14.97 -1.27
CA THR A 1207 -57.10 -15.80 -0.14
C THR A 1207 -56.36 -15.47 1.15
N GLY A 1208 -55.10 -15.05 1.07
CA GLY A 1208 -54.35 -14.71 2.27
C GLY A 1208 -53.72 -15.89 2.99
N ASN A 1209 -53.48 -16.99 2.30
CA ASN A 1209 -52.91 -18.18 2.92
C ASN A 1209 -51.42 -18.27 2.64
N LYS A 1210 -50.72 -19.04 3.47
CA LYS A 1210 -49.33 -19.38 3.21
C LYS A 1210 -49.26 -20.31 2.00
N LEU A 1211 -48.89 -19.76 0.84
CA LEU A 1211 -48.82 -20.57 -0.37
C LEU A 1211 -47.64 -21.52 -0.33
N LEU A 1212 -46.42 -20.98 -0.30
CA LEU A 1212 -45.22 -21.78 -0.06
C LEU A 1212 -44.38 -21.08 0.99
N THR A 1213 -44.34 -21.65 2.19
CA THR A 1213 -43.33 -21.28 3.18
C THR A 1213 -42.05 -22.04 2.89
N LEU A 1214 -40.99 -21.30 2.61
CA LEU A 1214 -39.67 -21.89 2.39
C LEU A 1214 -38.70 -21.33 3.42
N PHE A 1215 -38.01 -22.24 4.10
CA PHE A 1215 -36.91 -21.93 5.00
C PHE A 1215 -36.13 -23.21 5.24
N ASN A 1216 -34.81 -23.12 5.15
CA ASN A 1216 -33.93 -24.26 5.41
C ASN A 1216 -32.89 -23.83 6.42
N PRO A 1217 -32.90 -24.37 7.65
CA PRO A 1217 -31.85 -24.04 8.63
C PRO A 1217 -30.49 -24.59 8.24
N ASP A 1218 -30.45 -25.62 7.39
CA ASP A 1218 -29.20 -26.20 6.89
C ASP A 1218 -28.45 -25.24 5.99
N LEU A 1219 -29.12 -24.26 5.38
CA LEU A 1219 -28.48 -23.41 4.40
C LEU A 1219 -28.78 -21.93 4.64
N ALA A 1220 -28.89 -21.49 5.88
CA ALA A 1220 -29.28 -20.11 6.17
C ALA A 1220 -28.06 -19.28 6.53
N ASN A 1221 -27.88 -18.17 5.80
CA ASN A 1221 -26.83 -17.21 6.12
C ASN A 1221 -27.10 -16.44 7.41
N ASN A 1222 -28.39 -16.27 7.75
CA ASN A 1222 -28.83 -15.73 9.05
C ASN A 1222 -28.32 -14.31 9.29
N TYR A 1223 -28.79 -13.39 8.45
CA TYR A 1223 -28.34 -12.02 8.50
C TYR A 1223 -29.01 -11.24 9.63
N LYS A 1224 -28.82 -9.93 9.59
CA LYS A 1224 -29.53 -9.03 10.49
C LYS A 1224 -30.80 -8.48 9.84
N ARG A 1225 -30.69 -8.01 8.59
CA ARG A 1225 -31.80 -7.44 7.83
C ARG A 1225 -32.05 -8.36 6.64
N ASN A 1226 -33.08 -9.19 6.73
CA ASN A 1226 -33.50 -9.97 5.56
C ASN A 1226 -34.71 -9.28 4.93
N CYS A 1227 -34.74 -9.26 3.60
CA CYS A 1227 -35.85 -8.72 2.83
C CYS A 1227 -36.07 -9.64 1.65
N ALA A 1228 -37.16 -10.39 1.67
CA ALA A 1228 -37.45 -11.34 0.60
C ALA A 1228 -37.94 -10.59 -0.63
N THR A 1229 -37.29 -10.84 -1.76
CA THR A 1229 -37.58 -10.15 -3.00
C THR A 1229 -37.64 -11.15 -4.16
N PHE A 1230 -38.45 -10.80 -5.15
CA PHE A 1230 -38.60 -11.57 -6.37
C PHE A 1230 -37.76 -10.96 -7.48
N ASN A 1231 -37.25 -11.83 -8.35
CA ASN A 1231 -36.76 -11.38 -9.63
C ASN A 1231 -37.91 -10.83 -10.47
N PRO A 1232 -37.64 -9.90 -11.40
CA PRO A 1232 -38.72 -9.34 -12.22
C PRO A 1232 -39.38 -10.35 -13.17
N THR A 1233 -38.86 -11.56 -13.33
CA THR A 1233 -39.60 -12.62 -14.00
C THR A 1233 -40.47 -13.43 -13.05
N ASP A 1234 -40.39 -13.13 -11.74
CA ASP A 1234 -41.16 -13.80 -10.68
C ASP A 1234 -40.95 -15.31 -10.66
N ASP A 1235 -39.69 -15.73 -10.58
CA ASP A 1235 -39.35 -17.14 -10.43
C ASP A 1235 -38.35 -17.41 -9.32
N LEU A 1236 -37.64 -16.41 -8.82
CA LEU A 1236 -36.61 -16.60 -7.82
C LEU A 1236 -36.88 -15.73 -6.61
N VAL A 1237 -36.53 -16.24 -5.44
CA VAL A 1237 -36.70 -15.55 -4.16
C VAL A 1237 -35.34 -15.44 -3.51
N LEU A 1238 -35.01 -14.28 -2.96
CA LEU A 1238 -33.83 -14.12 -2.09
C LEU A 1238 -34.25 -14.13 -0.63
N ASN A 1239 -34.29 -15.34 -0.06
CA ASN A 1239 -34.39 -15.53 1.37
C ASN A 1239 -32.98 -15.79 1.89
N ASP A 1240 -32.47 -14.84 2.69
CA ASP A 1240 -31.15 -14.91 3.34
C ASP A 1240 -30.00 -15.03 2.33
N GLY A 1241 -30.12 -14.38 1.17
CA GLY A 1241 -29.07 -14.46 0.19
C GLY A 1241 -28.95 -15.81 -0.48
N VAL A 1242 -30.05 -16.54 -0.60
CA VAL A 1242 -30.10 -17.84 -1.24
C VAL A 1242 -31.08 -17.73 -2.40
N LEU A 1243 -30.78 -18.36 -3.53
CA LEU A 1243 -31.78 -18.48 -4.58
C LEU A 1243 -32.79 -19.56 -4.24
N TRP A 1244 -34.01 -19.37 -4.73
CA TRP A 1244 -35.10 -20.27 -4.36
C TRP A 1244 -35.97 -20.58 -5.56
N ASP A 1245 -36.10 -21.87 -5.88
CA ASP A 1245 -36.96 -22.35 -6.94
C ASP A 1245 -38.41 -22.34 -6.44
N VAL A 1246 -39.27 -21.60 -7.12
CA VAL A 1246 -40.67 -21.50 -6.72
C VAL A 1246 -41.46 -22.62 -7.39
N ARG A 1247 -40.80 -23.39 -8.26
CA ARG A 1247 -41.51 -24.43 -9.00
C ARG A 1247 -41.57 -25.74 -8.24
N SER A 1248 -40.42 -26.26 -7.77
CA SER A 1248 -40.43 -27.56 -7.10
C SER A 1248 -40.03 -27.47 -5.63
N ALA A 1249 -40.02 -26.25 -5.07
CA ALA A 1249 -39.88 -25.97 -3.63
C ALA A 1249 -38.57 -26.51 -3.06
N GLN A 1250 -37.47 -26.16 -3.72
CA GLN A 1250 -36.14 -26.56 -3.28
C GLN A 1250 -35.22 -25.35 -3.30
N ALA A 1251 -34.17 -25.43 -2.48
CA ALA A 1251 -33.12 -24.41 -2.50
C ALA A 1251 -32.25 -24.58 -3.74
N ILE A 1252 -31.54 -23.52 -4.08
CA ILE A 1252 -30.68 -23.54 -5.26
C ILE A 1252 -29.22 -23.38 -4.87
N HIS A 1253 -28.87 -22.22 -4.31
CA HIS A 1253 -27.47 -21.94 -4.03
C HIS A 1253 -27.36 -20.83 -2.99
N LYS A 1254 -26.42 -20.97 -2.07
CA LYS A 1254 -26.20 -19.99 -1.02
C LYS A 1254 -25.02 -19.09 -1.37
N PHE A 1255 -25.08 -17.84 -0.97
CA PHE A 1255 -23.94 -16.95 -1.14
C PHE A 1255 -23.26 -16.69 0.20
N ASP A 1256 -22.02 -16.24 0.11
CA ASP A 1256 -21.17 -16.07 1.27
C ASP A 1256 -21.49 -14.74 1.95
N LYS A 1257 -21.22 -14.67 3.24
CA LYS A 1257 -21.63 -13.53 4.06
C LYS A 1257 -20.43 -12.64 4.33
N PHE A 1258 -20.64 -11.33 4.24
CA PHE A 1258 -19.51 -10.41 4.28
C PHE A 1258 -19.67 -9.20 5.20
N ASN A 1259 -20.88 -8.70 5.46
CA ASN A 1259 -21.02 -7.51 6.28
C ASN A 1259 -22.16 -7.58 7.29
N MET A 1260 -22.70 -8.78 7.56
CA MET A 1260 -23.59 -9.10 8.67
C MET A 1260 -24.98 -8.48 8.61
N ASN A 1261 -25.24 -7.61 7.62
CA ASN A 1261 -26.48 -6.83 7.65
C ASN A 1261 -27.45 -7.17 6.54
N ILE A 1262 -27.06 -7.03 5.28
CA ILE A 1262 -27.99 -6.93 4.17
C ILE A 1262 -28.04 -8.28 3.45
N SER A 1263 -29.25 -8.76 3.18
CA SER A 1263 -29.45 -10.11 2.68
C SER A 1263 -29.25 -10.23 1.19
N GLY A 1264 -29.71 -9.27 0.40
CA GLY A 1264 -29.50 -9.29 -1.04
C GLY A 1264 -30.75 -8.88 -1.80
N VAL A 1265 -30.49 -8.15 -2.88
CA VAL A 1265 -31.55 -7.61 -3.74
C VAL A 1265 -31.31 -8.15 -5.15
N PHE A 1266 -32.33 -8.08 -5.99
CA PHE A 1266 -32.17 -8.35 -7.41
C PHE A 1266 -31.84 -7.07 -8.15
N HIS A 1267 -31.26 -7.23 -9.32
CA HIS A 1267 -31.06 -6.14 -10.25
C HIS A 1267 -32.05 -6.27 -11.40
N PRO A 1268 -32.62 -5.16 -11.88
CA PRO A 1268 -33.76 -5.25 -12.83
C PRO A 1268 -33.42 -5.76 -14.22
N ASN A 1269 -32.20 -6.22 -14.50
CA ASN A 1269 -31.95 -6.89 -15.75
C ASN A 1269 -32.19 -8.39 -15.68
N GLY A 1270 -32.40 -8.93 -14.48
CA GLY A 1270 -32.63 -10.35 -14.33
C GLY A 1270 -31.41 -11.20 -14.63
N LEU A 1271 -30.22 -10.68 -14.36
CA LEU A 1271 -28.97 -11.41 -14.59
C LEU A 1271 -28.11 -11.56 -13.36
N GLU A 1272 -28.38 -10.81 -12.29
CA GLU A 1272 -27.46 -10.65 -11.18
C GLU A 1272 -28.17 -10.91 -9.87
N VAL A 1273 -27.37 -10.98 -8.81
CA VAL A 1273 -27.81 -10.86 -7.43
C VAL A 1273 -26.87 -9.90 -6.73
N ILE A 1274 -27.39 -8.81 -6.19
CA ILE A 1274 -26.56 -7.82 -5.53
C ILE A 1274 -26.64 -8.08 -4.04
N ILE A 1275 -25.74 -8.92 -3.55
CA ILE A 1275 -25.32 -8.89 -2.16
C ILE A 1275 -24.52 -7.61 -1.95
N ASN A 1276 -24.45 -7.14 -0.69
CA ASN A 1276 -24.10 -5.78 -0.25
C ASN A 1276 -23.04 -5.06 -1.10
N THR A 1277 -21.95 -5.77 -1.42
CA THR A 1277 -21.02 -5.26 -2.41
C THR A 1277 -20.47 -6.34 -3.33
N GLU A 1278 -21.12 -7.50 -3.41
CA GLU A 1278 -20.67 -8.60 -4.25
C GLU A 1278 -21.70 -8.85 -5.34
N ILE A 1279 -21.24 -8.85 -6.59
CA ILE A 1279 -22.11 -8.80 -7.76
C ILE A 1279 -22.02 -10.14 -8.48
N TRP A 1280 -23.05 -10.96 -8.34
CA TRP A 1280 -22.99 -12.38 -8.65
C TRP A 1280 -23.61 -12.68 -10.01
N ASP A 1281 -23.74 -13.98 -10.29
CA ASP A 1281 -24.32 -14.52 -11.52
C ASP A 1281 -25.64 -15.19 -11.18
N LEU A 1282 -26.36 -15.66 -12.20
CA LEU A 1282 -27.57 -16.45 -11.97
C LEU A 1282 -27.50 -17.86 -12.52
N ARG A 1283 -26.54 -18.19 -13.37
CA ARG A 1283 -26.44 -19.55 -13.89
C ARG A 1283 -25.15 -20.27 -13.56
N THR A 1284 -24.07 -19.55 -13.21
CA THR A 1284 -22.83 -20.18 -12.80
C THR A 1284 -22.34 -19.70 -11.45
N PHE A 1285 -22.94 -18.64 -10.91
CA PHE A 1285 -22.73 -18.15 -9.55
C PHE A 1285 -21.30 -17.70 -9.30
N HIS A 1286 -20.72 -17.00 -10.27
CA HIS A 1286 -19.39 -16.45 -10.15
C HIS A 1286 -19.49 -14.99 -9.74
N LEU A 1287 -18.34 -14.35 -9.53
CA LEU A 1287 -18.30 -12.95 -9.14
C LEU A 1287 -17.92 -12.11 -10.35
N LEU A 1288 -18.63 -11.00 -10.53
CA LEU A 1288 -18.29 -10.08 -11.62
C LEU A 1288 -17.39 -8.96 -11.12
N HIS A 1289 -17.70 -8.40 -9.95
CA HIS A 1289 -17.13 -7.12 -9.55
C HIS A 1289 -17.29 -7.00 -8.03
N THR A 1290 -16.66 -5.98 -7.46
CA THR A 1290 -16.80 -5.65 -6.04
C THR A 1290 -16.46 -4.19 -5.87
N VAL A 1291 -17.43 -3.38 -5.44
CA VAL A 1291 -17.26 -1.94 -5.37
C VAL A 1291 -17.07 -1.55 -3.90
N PRO A 1292 -16.06 -0.76 -3.57
CA PRO A 1292 -15.87 -0.34 -2.17
C PRO A 1292 -16.83 0.75 -1.72
N ALA A 1293 -17.57 1.38 -2.64
CA ALA A 1293 -18.54 2.39 -2.25
C ALA A 1293 -19.91 1.80 -1.97
N LEU A 1294 -20.09 0.49 -2.09
CA LEU A 1294 -21.32 -0.19 -1.71
C LEU A 1294 -21.29 -0.74 -0.29
N ASP A 1295 -20.54 -0.10 0.61
CA ASP A 1295 -20.45 -0.57 1.99
C ASP A 1295 -21.73 -0.20 2.73
N GLN A 1296 -22.65 -1.17 2.83
CA GLN A 1296 -23.85 -1.11 3.66
C GLN A 1296 -24.79 0.05 3.24
N CYS A 1297 -25.29 -0.04 2.03
CA CYS A 1297 -26.25 0.94 1.52
C CYS A 1297 -27.45 0.22 0.92
N ARG A 1298 -28.59 0.91 0.93
CA ARG A 1298 -29.79 0.39 0.28
C ARG A 1298 -29.94 1.02 -1.10
N VAL A 1299 -30.33 0.21 -2.09
CA VAL A 1299 -30.29 0.60 -3.49
C VAL A 1299 -31.68 1.03 -3.95
N VAL A 1300 -31.69 2.03 -4.84
CA VAL A 1300 -32.92 2.55 -5.43
C VAL A 1300 -32.69 2.69 -6.93
N PHE A 1301 -33.55 2.07 -7.73
CA PHE A 1301 -33.42 2.08 -9.18
C PHE A 1301 -34.39 3.05 -9.84
N ASN A 1302 -34.12 3.33 -11.10
CA ASN A 1302 -35.11 3.86 -12.02
C ASN A 1302 -36.11 2.75 -12.34
N HIS A 1303 -37.27 3.14 -12.91
CA HIS A 1303 -38.31 2.16 -13.22
C HIS A 1303 -37.88 1.23 -14.35
N THR A 1304 -37.16 1.76 -15.34
CA THR A 1304 -36.61 0.91 -16.38
C THR A 1304 -35.42 0.10 -15.87
N GLY A 1305 -34.77 0.56 -14.81
CA GLY A 1305 -33.60 -0.13 -14.29
C GLY A 1305 -32.31 0.28 -14.95
N THR A 1306 -32.12 1.59 -15.16
CA THR A 1306 -30.93 2.07 -15.87
C THR A 1306 -30.00 2.92 -15.03
N VAL A 1307 -30.44 3.42 -13.88
CA VAL A 1307 -29.56 4.07 -12.91
C VAL A 1307 -29.89 3.55 -11.52
N MET A 1308 -28.87 3.45 -10.68
CA MET A 1308 -29.00 2.97 -9.32
C MET A 1308 -28.72 4.10 -8.36
N TYR A 1309 -29.43 4.14 -7.24
CA TYR A 1309 -29.14 5.10 -6.18
C TYR A 1309 -28.59 4.41 -4.94
N GLY A 1310 -27.97 5.20 -4.07
CA GLY A 1310 -27.45 4.67 -2.83
C GLY A 1310 -27.60 5.61 -1.66
N ALA A 1311 -28.03 5.08 -0.51
CA ALA A 1311 -28.15 5.86 0.71
C ALA A 1311 -27.50 5.08 1.85
N MET A 1312 -26.69 5.77 2.65
CA MET A 1312 -25.94 5.10 3.71
C MET A 1312 -26.82 4.88 4.94
N LEU A 1313 -26.65 3.71 5.57
CA LEU A 1313 -27.38 3.36 6.79
C LEU A 1313 -26.41 3.12 7.95
N GLN A 1314 -25.46 4.03 8.14
CA GLN A 1314 -24.43 3.90 9.18
C GLN A 1314 -25.01 3.95 10.59
N SER A 1328 -24.73 7.08 15.47
CA SER A 1328 -24.32 6.74 14.12
C SER A 1328 -25.09 7.57 13.08
N PRO A 1329 -24.38 8.13 12.10
CA PRO A 1329 -25.02 8.97 11.09
C PRO A 1329 -25.88 8.15 10.12
N PHE A 1330 -26.67 8.86 9.32
CA PHE A 1330 -27.58 8.25 8.37
C PHE A 1330 -27.47 8.95 7.04
N GLY A 1331 -26.69 8.39 6.11
CA GLY A 1331 -26.70 8.90 4.75
C GLY A 1331 -26.09 10.27 4.57
N SER A 1332 -24.76 10.38 4.69
CA SER A 1332 -24.07 11.65 4.61
C SER A 1332 -24.20 12.35 3.25
N SER A 1333 -24.44 11.60 2.17
CA SER A 1333 -24.60 12.18 0.84
C SER A 1333 -25.29 11.17 -0.06
N PHE A 1334 -25.44 11.54 -1.34
CA PHE A 1334 -26.03 10.70 -2.36
C PHE A 1334 -25.00 9.79 -3.00
N ARG A 1335 -25.48 8.89 -3.85
CA ARG A 1335 -24.66 7.87 -4.46
C ARG A 1335 -25.42 7.41 -5.69
N THR A 1336 -24.92 7.71 -6.89
CA THR A 1336 -25.64 7.45 -8.12
C THR A 1336 -24.83 6.54 -9.02
N PHE A 1337 -25.35 5.33 -9.26
CA PHE A 1337 -24.62 4.32 -9.99
C PHE A 1337 -25.26 4.02 -11.34
N ASN A 1338 -24.46 3.43 -12.22
CA ASN A 1338 -24.89 2.96 -13.52
C ASN A 1338 -25.24 1.47 -13.43
N ALA A 1339 -26.30 1.09 -14.13
CA ALA A 1339 -26.86 -0.25 -13.99
C ALA A 1339 -26.30 -1.23 -15.00
N THR A 1340 -25.21 -0.88 -15.70
CA THR A 1340 -24.60 -1.74 -16.70
C THR A 1340 -23.21 -2.18 -16.31
N ASP A 1341 -22.33 -1.23 -16.01
CA ASP A 1341 -20.93 -1.51 -15.69
C ASP A 1341 -20.50 -0.93 -14.35
N TYR A 1342 -21.42 -0.31 -13.61
CA TYR A 1342 -21.24 0.14 -12.23
C TYR A 1342 -20.20 1.23 -12.08
N LYS A 1343 -19.89 1.93 -13.15
CA LYS A 1343 -19.08 3.12 -13.02
C LYS A 1343 -19.91 4.22 -12.38
N PRO A 1344 -19.45 4.79 -11.27
CA PRO A 1344 -20.30 5.73 -10.53
C PRO A 1344 -20.38 7.09 -11.21
N ILE A 1345 -21.58 7.69 -11.19
CA ILE A 1345 -21.81 8.94 -11.91
C ILE A 1345 -21.49 10.15 -11.04
N ALA A 1346 -22.20 10.33 -9.92
CA ALA A 1346 -22.00 11.52 -9.09
C ALA A 1346 -22.52 11.27 -7.69
N THR A 1347 -21.84 11.86 -6.71
CA THR A 1347 -22.25 11.85 -5.31
C THR A 1347 -22.43 13.31 -4.91
N ILE A 1348 -23.62 13.85 -5.15
CA ILE A 1348 -23.92 15.19 -4.67
C ILE A 1348 -24.24 15.10 -3.18
N ASP A 1349 -24.05 16.20 -2.46
CA ASP A 1349 -23.95 16.16 -1.01
C ASP A 1349 -25.11 16.92 -0.38
N VAL A 1350 -25.75 16.29 0.59
CA VAL A 1350 -26.72 16.93 1.46
C VAL A 1350 -26.05 17.09 2.82
N LYS A 1351 -26.09 18.29 3.39
CA LYS A 1351 -25.42 18.54 4.65
C LYS A 1351 -26.12 17.85 5.83
N ARG A 1352 -27.42 17.62 5.73
CA ARG A 1352 -28.15 16.94 6.79
C ARG A 1352 -28.04 15.43 6.59
N ASN A 1353 -28.83 14.67 7.33
CA ASN A 1353 -28.78 13.21 7.30
C ASN A 1353 -30.00 12.68 6.57
N ILE A 1354 -29.79 11.76 5.64
CA ILE A 1354 -30.85 11.25 4.79
C ILE A 1354 -31.45 10.01 5.44
N PHE A 1355 -32.78 9.91 5.45
CA PHE A 1355 -33.46 8.74 6.00
C PHE A 1355 -34.15 7.88 4.96
N ASP A 1356 -35.06 8.44 4.17
CA ASP A 1356 -35.75 7.65 3.17
C ASP A 1356 -35.57 8.34 1.82
N LEU A 1357 -35.67 7.55 0.75
CA LEU A 1357 -35.33 8.02 -0.58
C LEU A 1357 -36.15 7.24 -1.58
N CYS A 1358 -37.10 7.90 -2.24
CA CYS A 1358 -37.95 7.24 -3.21
C CYS A 1358 -38.13 8.14 -4.43
N THR A 1359 -38.24 7.51 -5.60
CA THR A 1359 -38.38 8.19 -6.87
C THR A 1359 -39.64 7.74 -7.58
N ASP A 1360 -39.83 8.27 -8.78
CA ASP A 1360 -41.08 8.05 -9.50
C ASP A 1360 -40.96 6.82 -10.40
N THR A 1361 -42.13 6.34 -10.84
CA THR A 1361 -42.17 5.43 -11.97
C THR A 1361 -41.89 6.17 -13.27
N LYS A 1362 -42.36 7.41 -13.38
CA LYS A 1362 -42.13 8.24 -14.56
C LYS A 1362 -41.01 9.25 -14.32
N ASP A 1363 -40.10 8.92 -13.39
CA ASP A 1363 -38.70 9.37 -13.36
C ASP A 1363 -38.53 10.88 -13.41
N CYS A 1364 -39.12 11.58 -12.43
CA CYS A 1364 -38.98 13.04 -12.37
C CYS A 1364 -38.72 13.60 -10.99
N TYR A 1365 -38.95 12.85 -9.91
CA TYR A 1365 -38.80 13.43 -8.58
C TYR A 1365 -38.05 12.48 -7.66
N LEU A 1366 -37.57 13.04 -6.55
CA LEU A 1366 -36.95 12.30 -5.46
C LEU A 1366 -37.65 12.67 -4.16
N ALA A 1367 -38.37 11.73 -3.58
CA ALA A 1367 -38.94 11.93 -2.25
C ALA A 1367 -37.82 11.74 -1.24
N VAL A 1368 -37.37 12.83 -0.63
CA VAL A 1368 -36.22 12.80 0.26
C VAL A 1368 -36.71 13.10 1.66
N ILE A 1369 -36.65 12.11 2.54
CA ILE A 1369 -36.90 12.32 3.97
C ILE A 1369 -35.55 12.55 4.63
N GLU A 1370 -35.23 13.80 4.92
CA GLU A 1370 -33.96 14.15 5.52
C GLU A 1370 -34.17 14.59 6.96
N ASN A 1371 -33.09 14.62 7.72
CA ASN A 1371 -33.12 14.87 9.15
C ASN A 1371 -32.60 16.28 9.44
N GLN A 1372 -33.51 17.19 9.76
CA GLN A 1372 -33.11 18.52 10.20
C GLN A 1372 -32.46 18.43 11.58
N GLY A 1373 -31.51 19.32 11.84
CA GLY A 1373 -30.82 19.29 13.12
C GLY A 1373 -29.75 18.20 13.16
N SER A 1374 -29.01 18.20 14.27
CA SER A 1374 -27.87 17.31 14.44
C SER A 1374 -28.34 15.96 14.97
N MET A 1375 -27.39 15.11 15.37
CA MET A 1375 -27.69 13.75 15.81
C MET A 1375 -28.31 13.77 17.19
N ASP A 1376 -29.64 13.87 17.25
CA ASP A 1376 -30.39 14.00 18.49
C ASP A 1376 -31.53 13.00 18.46
N ALA A 1377 -31.52 12.04 19.38
CA ALA A 1377 -32.64 11.12 19.54
C ALA A 1377 -33.85 11.79 20.18
N LEU A 1378 -33.64 12.86 20.94
CA LEU A 1378 -34.73 13.58 21.57
C LEU A 1378 -35.43 14.56 20.62
N ASN A 1379 -34.72 15.02 19.59
CA ASN A 1379 -35.30 15.92 18.60
C ASN A 1379 -34.93 15.43 17.21
N MET A 1380 -35.89 14.82 16.52
CA MET A 1380 -35.75 14.42 15.14
C MET A 1380 -36.76 15.19 14.31
N ASP A 1381 -36.27 16.14 13.52
CA ASP A 1381 -37.12 16.96 12.65
C ASP A 1381 -36.94 16.41 11.23
N THR A 1382 -37.96 15.73 10.74
CA THR A 1382 -37.89 15.02 9.46
C THR A 1382 -38.80 15.68 8.44
N VAL A 1383 -38.28 16.70 7.76
CA VAL A 1383 -38.99 17.36 6.69
C VAL A 1383 -38.93 16.48 5.44
N CYS A 1384 -39.75 16.81 4.46
CA CYS A 1384 -39.75 16.12 3.17
C CYS A 1384 -39.39 17.12 2.08
N ARG A 1385 -38.49 16.73 1.19
CA ARG A 1385 -37.94 17.63 0.18
C ARG A 1385 -37.92 16.91 -1.17
N LEU A 1386 -38.17 17.65 -2.24
CA LEU A 1386 -38.27 17.08 -3.58
C LEU A 1386 -37.10 17.54 -4.45
N TYR A 1387 -36.55 16.61 -5.23
CA TYR A 1387 -35.46 16.89 -6.14
C TYR A 1387 -35.86 16.63 -7.59
N GLU A 1388 -35.43 17.51 -8.48
CA GLU A 1388 -35.75 17.41 -9.90
C GLU A 1388 -34.63 16.69 -10.61
N VAL A 1389 -34.98 15.64 -11.36
CA VAL A 1389 -33.99 14.76 -11.98
C VAL A 1389 -33.32 15.49 -13.14
N GLY A 1390 -32.04 15.82 -12.97
CA GLY A 1390 -31.28 16.36 -14.08
C GLY A 1390 -31.43 17.83 -14.33
N ARG A 1391 -31.30 18.67 -13.31
CA ARG A 1391 -31.34 20.11 -13.48
C ARG A 1391 -30.35 20.74 -12.50
N GLN A 1392 -29.58 21.71 -12.98
CA GLN A 1392 -28.64 22.42 -12.11
C GLN A 1392 -29.38 23.26 -11.09
N ARG A 1393 -28.70 23.54 -9.99
CA ARG A 1393 -29.22 24.45 -8.98
C ARG A 1393 -29.18 25.89 -9.47
N MET B 1 -60.67 15.26 -30.01
CA MET B 1 -59.32 14.70 -30.02
C MET B 1 -58.67 14.88 -31.39
N SER B 2 -57.34 14.85 -31.42
CA SER B 2 -56.60 15.19 -32.62
C SER B 2 -56.49 13.97 -33.52
N TYR B 3 -57.00 14.09 -34.74
CA TYR B 3 -56.92 13.03 -35.73
C TYR B 3 -56.22 13.55 -36.97
N ASN B 4 -55.14 12.88 -37.36
CA ASN B 4 -54.30 13.35 -38.46
C ASN B 4 -54.00 12.21 -39.42
N TYR B 5 -53.32 12.58 -40.50
CA TYR B 5 -53.21 11.73 -41.68
C TYR B 5 -51.75 11.69 -42.13
N VAL B 6 -51.24 10.48 -42.36
CA VAL B 6 -49.82 10.25 -42.67
C VAL B 6 -49.72 9.31 -43.85
N VAL B 7 -49.01 9.74 -44.91
CA VAL B 7 -48.69 8.91 -46.06
C VAL B 7 -47.20 9.01 -46.37
N THR B 8 -46.81 8.32 -47.43
CA THR B 8 -45.43 8.27 -47.92
C THR B 8 -45.34 9.02 -49.24
N ALA B 9 -44.62 10.14 -49.24
CA ALA B 9 -44.39 10.86 -50.50
C ALA B 9 -43.23 10.24 -51.25
N GLN B 10 -42.07 10.14 -50.60
CA GLN B 10 -40.88 9.53 -51.18
C GLN B 10 -40.62 8.18 -50.51
N LYS B 11 -40.51 7.14 -51.33
CA LYS B 11 -40.15 5.83 -50.81
C LYS B 11 -38.69 5.84 -50.39
N PRO B 12 -38.31 5.04 -49.37
CA PRO B 12 -36.96 5.18 -48.78
C PRO B 12 -35.88 4.73 -49.75
N THR B 13 -34.72 5.41 -49.68
CA THR B 13 -33.68 5.27 -50.69
C THR B 13 -32.38 4.68 -50.21
N ALA B 14 -32.04 4.84 -48.92
CA ALA B 14 -30.75 4.34 -48.43
C ALA B 14 -30.83 2.86 -48.13
N VAL B 15 -29.76 2.14 -48.49
CA VAL B 15 -29.77 0.68 -48.51
C VAL B 15 -29.19 0.13 -47.20
N ASN B 16 -29.61 -1.09 -46.86
CA ASN B 16 -29.19 -1.77 -45.63
C ASN B 16 -29.14 -3.27 -45.91
N GLY B 17 -27.94 -3.80 -46.13
CA GLY B 17 -27.77 -5.21 -46.33
C GLY B 17 -28.02 -5.63 -47.76
N CYS B 18 -27.08 -6.36 -48.35
CA CYS B 18 -27.21 -6.78 -49.74
C CYS B 18 -26.78 -8.24 -49.85
N VAL B 19 -27.73 -9.11 -50.18
CA VAL B 19 -27.50 -10.54 -50.23
C VAL B 19 -27.74 -11.02 -51.65
N THR B 20 -26.75 -11.67 -52.24
CA THR B 20 -26.90 -12.30 -53.55
C THR B 20 -27.18 -13.78 -53.38
N GLY B 21 -27.52 -14.43 -54.49
CA GLY B 21 -27.85 -15.84 -54.45
C GLY B 21 -28.71 -16.26 -55.62
N HIS B 22 -29.66 -17.17 -55.36
CA HIS B 22 -30.48 -17.75 -56.41
C HIS B 22 -31.94 -17.79 -55.95
N PHE B 23 -32.43 -16.64 -55.49
CA PHE B 23 -33.76 -16.55 -54.89
C PHE B 23 -34.88 -16.72 -55.91
N THR B 24 -34.76 -16.07 -57.07
CA THR B 24 -35.81 -16.18 -58.07
C THR B 24 -35.73 -17.51 -58.82
N SER B 25 -34.62 -17.75 -59.52
CA SER B 25 -34.47 -18.96 -60.30
C SER B 25 -33.31 -19.80 -59.78
N ALA B 26 -33.20 -21.04 -60.27
CA ALA B 26 -32.17 -21.94 -59.76
C ALA B 26 -30.80 -21.61 -60.32
N GLU B 27 -30.72 -21.32 -61.62
CA GLU B 27 -29.42 -21.06 -62.24
C GLU B 27 -29.30 -19.61 -62.68
N ASP B 28 -29.83 -18.69 -61.88
CA ASP B 28 -29.82 -17.27 -62.21
C ASP B 28 -29.44 -16.51 -60.95
N LEU B 29 -28.28 -15.87 -60.98
CA LEU B 29 -27.84 -15.05 -59.86
C LEU B 29 -28.64 -13.76 -59.83
N ASN B 30 -28.89 -13.26 -58.62
CA ASN B 30 -29.71 -12.07 -58.47
C ASN B 30 -29.20 -11.22 -57.30
N LEU B 31 -29.81 -10.06 -57.12
CA LEU B 31 -29.48 -9.15 -56.04
C LEU B 31 -30.74 -8.83 -55.25
N LEU B 32 -30.62 -8.85 -53.93
CA LEU B 32 -31.75 -8.66 -53.02
C LEU B 32 -31.41 -7.53 -52.05
N ILE B 33 -31.68 -6.31 -52.45
CA ILE B 33 -31.39 -5.15 -51.60
C ILE B 33 -32.62 -4.82 -50.76
N ALA B 34 -32.43 -4.73 -49.45
CA ALA B 34 -33.40 -4.11 -48.56
C ALA B 34 -32.94 -2.69 -48.24
N LYS B 35 -33.89 -1.77 -48.10
CA LYS B 35 -33.54 -0.37 -47.85
C LYS B 35 -34.01 0.09 -46.47
N ASN B 36 -35.32 0.15 -46.22
CA ASN B 36 -35.80 0.42 -44.86
C ASN B 36 -36.77 -0.68 -44.44
N THR B 37 -37.85 -0.80 -45.20
CA THR B 37 -38.84 -1.85 -45.07
C THR B 37 -39.12 -2.55 -46.39
N ARG B 38 -38.66 -1.98 -47.50
CA ARG B 38 -38.83 -2.59 -48.80
C ARG B 38 -37.80 -3.69 -49.01
N LEU B 39 -38.16 -4.66 -49.83
CA LEU B 39 -37.28 -5.76 -50.20
C LEU B 39 -37.23 -5.80 -51.72
N GLU B 40 -36.20 -5.21 -52.30
CA GLU B 40 -36.13 -4.99 -53.73
C GLU B 40 -35.42 -6.16 -54.41
N ILE B 41 -36.19 -6.95 -55.14
CA ILE B 41 -35.70 -8.18 -55.77
C ILE B 41 -35.20 -7.78 -57.16
N TYR B 42 -33.90 -7.67 -57.32
CA TYR B 42 -33.33 -7.42 -58.63
C TYR B 42 -33.05 -8.76 -59.31
N VAL B 43 -32.51 -8.71 -60.54
CA VAL B 43 -31.91 -9.88 -61.17
C VAL B 43 -30.77 -9.36 -62.04
N VAL B 44 -29.76 -10.20 -62.24
CA VAL B 44 -28.52 -9.77 -62.86
C VAL B 44 -28.55 -10.17 -64.33
N THR B 45 -28.54 -9.18 -65.21
CA THR B 45 -28.33 -9.39 -66.64
C THR B 45 -26.86 -9.19 -66.96
N ALA B 46 -26.48 -9.55 -68.19
CA ALA B 46 -25.12 -9.24 -68.64
C ALA B 46 -24.94 -7.75 -68.89
N GLU B 47 -26.03 -7.02 -69.13
CA GLU B 47 -25.99 -5.58 -69.29
C GLU B 47 -26.04 -4.84 -67.96
N GLY B 48 -26.47 -5.51 -66.89
CA GLY B 48 -26.61 -4.86 -65.60
C GLY B 48 -27.64 -5.53 -64.72
N LEU B 49 -28.60 -4.75 -64.23
CA LEU B 49 -29.57 -5.20 -63.25
C LEU B 49 -30.99 -4.97 -63.75
N ARG B 50 -31.93 -5.72 -63.18
CA ARG B 50 -33.33 -5.64 -63.58
C ARG B 50 -34.25 -6.05 -62.44
N PRO B 51 -35.24 -5.24 -62.08
CA PRO B 51 -36.12 -5.60 -60.97
C PRO B 51 -37.15 -6.65 -61.36
N VAL B 52 -37.73 -7.29 -60.37
CA VAL B 52 -38.77 -8.29 -60.59
C VAL B 52 -40.04 -7.89 -59.85
N LYS B 53 -39.96 -7.80 -58.52
CA LYS B 53 -41.09 -7.36 -57.72
C LYS B 53 -40.55 -6.68 -56.47
N GLU B 54 -41.05 -5.49 -56.19
CA GLU B 54 -40.72 -4.77 -54.96
C GLU B 54 -41.78 -5.08 -53.91
N VAL B 55 -41.33 -5.52 -52.74
CA VAL B 55 -42.22 -5.93 -51.66
C VAL B 55 -41.83 -5.16 -50.40
N GLY B 56 -42.79 -4.49 -49.78
CA GLY B 56 -42.57 -3.85 -48.49
C GLY B 56 -43.11 -4.71 -47.37
N MET B 57 -42.61 -4.48 -46.17
CA MET B 57 -43.02 -5.22 -44.99
C MET B 57 -43.23 -4.29 -43.80
N TYR B 58 -43.85 -4.83 -42.76
CA TYR B 58 -44.18 -4.05 -41.56
C TYR B 58 -43.09 -4.30 -40.53
N GLY B 59 -41.95 -3.66 -40.73
CA GLY B 59 -40.83 -3.77 -39.83
C GLY B 59 -39.53 -3.43 -40.52
N LYS B 60 -38.61 -2.86 -39.75
CA LYS B 60 -37.30 -2.48 -40.28
C LYS B 60 -36.44 -3.72 -40.50
N ILE B 61 -36.05 -3.95 -41.75
CA ILE B 61 -35.16 -5.06 -42.07
C ILE B 61 -33.75 -4.66 -41.67
N ALA B 62 -33.15 -5.42 -40.75
CA ALA B 62 -31.78 -5.16 -40.33
C ALA B 62 -30.87 -6.35 -40.54
N VAL B 63 -31.41 -7.57 -40.52
CA VAL B 63 -30.62 -8.79 -40.67
C VAL B 63 -31.26 -9.64 -41.76
N MET B 64 -30.50 -9.99 -42.79
CA MET B 64 -30.99 -10.87 -43.83
C MET B 64 -29.83 -11.65 -44.43
N GLU B 65 -30.12 -12.90 -44.80
CA GLU B 65 -29.13 -13.81 -45.37
C GLU B 65 -29.85 -14.98 -46.02
N LEU B 66 -29.53 -15.23 -47.28
CA LEU B 66 -30.06 -16.40 -47.96
C LEU B 66 -29.35 -17.66 -47.47
N PHE B 67 -29.99 -18.81 -47.75
CA PHE B 67 -29.44 -20.12 -47.43
C PHE B 67 -30.22 -21.17 -48.20
N ARG B 68 -29.51 -22.17 -48.72
CA ARG B 68 -30.19 -23.31 -49.34
C ARG B 68 -30.11 -24.51 -48.40
N PRO B 69 -31.20 -24.86 -47.73
CA PRO B 69 -31.19 -26.08 -46.91
C PRO B 69 -31.20 -27.33 -47.76
N LYS B 70 -30.86 -28.46 -47.14
CA LYS B 70 -30.89 -29.74 -47.82
C LYS B 70 -32.34 -30.19 -47.97
N GLY B 71 -32.85 -30.15 -49.19
CA GLY B 71 -34.22 -30.52 -49.45
C GLY B 71 -34.93 -29.53 -50.36
N GLU B 72 -34.22 -28.46 -50.72
CA GLU B 72 -34.76 -27.42 -51.59
C GLU B 72 -33.78 -27.16 -52.71
N SER B 73 -34.27 -27.23 -53.95
CA SER B 73 -33.44 -26.88 -55.11
C SER B 73 -33.08 -25.41 -55.09
N LYS B 74 -34.08 -24.55 -54.85
CA LYS B 74 -33.82 -23.14 -54.59
C LYS B 74 -33.51 -22.94 -53.11
N ASP B 75 -33.54 -21.68 -52.68
CA ASP B 75 -33.12 -21.27 -51.36
C ASP B 75 -34.31 -20.70 -50.57
N LEU B 76 -34.00 -20.15 -49.40
CA LEU B 76 -34.96 -19.42 -48.58
C LEU B 76 -34.30 -18.13 -48.09
N LEU B 77 -35.13 -17.18 -47.69
CA LEU B 77 -34.66 -15.92 -47.14
C LEU B 77 -35.21 -15.73 -45.75
N PHE B 78 -34.35 -15.41 -44.80
CA PHE B 78 -34.72 -15.13 -43.42
C PHE B 78 -34.51 -13.66 -43.12
N ILE B 79 -35.54 -13.01 -42.58
CA ILE B 79 -35.51 -11.58 -42.28
C ILE B 79 -36.10 -11.36 -40.89
N LEU B 80 -35.36 -10.64 -40.05
CA LEU B 80 -35.81 -10.24 -38.73
C LEU B 80 -36.08 -8.75 -38.72
N THR B 81 -37.20 -8.36 -38.11
CA THR B 81 -37.58 -6.96 -38.00
C THR B 81 -36.73 -6.26 -36.93
N ALA B 82 -37.03 -4.97 -36.71
CA ALA B 82 -36.50 -4.30 -35.53
C ALA B 82 -37.41 -4.52 -34.33
N LYS B 83 -38.55 -5.18 -34.53
CA LYS B 83 -39.46 -5.52 -33.46
C LYS B 83 -39.49 -7.01 -33.17
N TYR B 84 -38.41 -7.71 -33.49
CA TYR B 84 -38.10 -9.06 -33.03
C TYR B 84 -39.04 -10.13 -33.59
N ASN B 85 -39.89 -9.79 -34.54
CA ASN B 85 -40.78 -10.76 -35.17
C ASN B 85 -40.07 -11.27 -36.42
N ALA B 86 -39.77 -12.56 -36.43
CA ALA B 86 -39.01 -13.17 -37.51
C ALA B 86 -39.94 -13.79 -38.54
N CYS B 87 -39.37 -14.13 -39.70
CA CYS B 87 -40.13 -14.71 -40.79
C CYS B 87 -39.19 -15.42 -41.75
N ILE B 88 -39.71 -16.46 -42.39
CA ILE B 88 -38.96 -17.22 -43.40
C ILE B 88 -39.70 -17.08 -44.72
N LEU B 89 -39.05 -16.52 -45.72
CA LEU B 89 -39.69 -16.12 -46.96
C LEU B 89 -39.42 -17.14 -48.05
N GLU B 90 -40.41 -17.31 -48.94
CA GLU B 90 -40.28 -18.23 -50.07
C GLU B 90 -40.94 -17.59 -51.28
N TYR B 91 -40.18 -17.50 -52.37
CA TYR B 91 -40.70 -16.93 -53.60
C TYR B 91 -41.54 -17.96 -54.36
N LYS B 92 -42.72 -17.54 -54.81
CA LYS B 92 -43.53 -18.37 -55.69
C LYS B 92 -43.94 -17.57 -56.91
N GLN B 93 -43.64 -18.11 -58.08
CA GLN B 93 -44.07 -17.51 -59.34
C GLN B 93 -44.89 -18.55 -60.12
N SER B 94 -45.99 -18.10 -60.70
CA SER B 94 -46.77 -18.94 -61.61
C SER B 94 -47.17 -18.06 -62.80
N GLY B 95 -46.29 -18.02 -63.81
CA GLY B 95 -46.52 -17.13 -64.93
C GLY B 95 -46.30 -15.69 -64.49
N GLU B 96 -47.30 -14.85 -64.74
CA GLU B 96 -47.23 -13.47 -64.29
C GLU B 96 -47.59 -13.31 -62.82
N SER B 97 -48.14 -14.35 -62.20
CA SER B 97 -48.45 -14.32 -60.77
C SER B 97 -47.15 -14.40 -60.00
N ILE B 98 -46.77 -13.29 -59.36
CA ILE B 98 -45.50 -13.14 -58.67
C ILE B 98 -45.79 -12.93 -57.20
N ASP B 99 -45.48 -13.93 -56.38
CA ASP B 99 -45.96 -13.98 -55.00
C ASP B 99 -44.80 -14.27 -54.05
N ILE B 100 -44.97 -13.83 -52.80
CA ILE B 100 -44.05 -14.08 -51.70
C ILE B 100 -44.77 -14.90 -50.64
N ILE B 101 -44.23 -16.06 -50.32
CA ILE B 101 -44.81 -16.95 -49.32
C ILE B 101 -43.95 -16.88 -48.06
N THR B 102 -44.57 -16.51 -46.94
CA THR B 102 -43.91 -16.66 -45.65
C THR B 102 -44.19 -18.05 -45.10
N ARG B 103 -43.15 -18.89 -45.04
CA ARG B 103 -43.32 -20.28 -44.65
C ARG B 103 -43.47 -20.45 -43.14
N ALA B 104 -42.67 -19.76 -42.34
CA ALA B 104 -42.76 -19.85 -40.89
C ALA B 104 -42.37 -18.51 -40.29
N HIS B 105 -42.90 -18.23 -39.11
CA HIS B 105 -42.69 -16.93 -38.47
C HIS B 105 -42.75 -17.12 -36.97
N GLY B 106 -42.89 -16.02 -36.23
CA GLY B 106 -43.04 -16.05 -34.80
C GLY B 106 -42.23 -14.98 -34.11
N ASN B 107 -42.88 -14.15 -33.30
CA ASN B 107 -42.17 -13.11 -32.56
C ASN B 107 -41.40 -13.75 -31.42
N VAL B 108 -40.09 -13.70 -31.50
CA VAL B 108 -39.21 -14.23 -30.45
C VAL B 108 -38.53 -13.03 -29.79
N GLN B 109 -38.80 -12.86 -28.50
CA GLN B 109 -38.29 -11.73 -27.72
C GLN B 109 -38.33 -12.12 -26.26
N ASP B 110 -37.85 -11.22 -25.39
CA ASP B 110 -37.88 -11.50 -23.97
C ASP B 110 -38.50 -10.32 -23.22
N ARG B 111 -38.96 -10.61 -22.00
CA ARG B 111 -39.58 -9.58 -21.17
C ARG B 111 -38.56 -8.58 -20.65
N ILE B 112 -37.34 -9.04 -20.37
CA ILE B 112 -36.39 -8.30 -19.55
C ILE B 112 -35.07 -8.18 -20.30
N GLY B 113 -34.28 -7.15 -19.95
CA GLY B 113 -32.90 -7.08 -20.37
C GLY B 113 -32.55 -5.90 -21.25
N ARG B 114 -31.27 -5.57 -21.29
CA ARG B 114 -30.79 -4.60 -22.28
C ARG B 114 -30.87 -5.24 -23.66
N PRO B 115 -31.29 -4.50 -24.68
CA PRO B 115 -31.29 -5.07 -26.04
C PRO B 115 -29.90 -5.41 -26.54
N SER B 116 -29.08 -4.39 -26.77
CA SER B 116 -27.77 -4.57 -27.37
C SER B 116 -27.03 -3.24 -27.30
N GLU B 117 -25.86 -3.23 -27.88
CA GLU B 117 -25.05 -2.04 -28.08
C GLU B 117 -24.67 -1.81 -29.54
N THR B 118 -24.31 -2.87 -30.26
CA THR B 118 -23.87 -2.77 -31.65
C THR B 118 -24.92 -3.23 -32.65
N GLY B 119 -26.20 -2.98 -32.37
CA GLY B 119 -27.24 -3.44 -33.25
C GLY B 119 -27.48 -4.94 -33.11
N ILE B 120 -28.10 -5.51 -34.12
CA ILE B 120 -28.47 -6.93 -34.12
C ILE B 120 -27.61 -7.63 -35.16
N ILE B 121 -27.08 -8.79 -34.79
CA ILE B 121 -26.13 -9.52 -35.63
C ILE B 121 -26.67 -10.93 -35.85
N GLY B 122 -26.72 -11.36 -37.11
CA GLY B 122 -27.24 -12.68 -37.46
C GLY B 122 -26.58 -13.34 -38.64
N ILE B 123 -26.10 -14.58 -38.46
CA ILE B 123 -25.33 -15.31 -39.46
C ILE B 123 -25.86 -16.74 -39.51
N ILE B 124 -25.93 -17.32 -40.71
CA ILE B 124 -26.46 -18.65 -40.93
C ILE B 124 -25.32 -19.67 -40.94
N ASP B 125 -25.55 -20.82 -40.31
CA ASP B 125 -24.66 -21.97 -40.40
C ASP B 125 -24.54 -22.44 -41.85
N PRO B 126 -23.32 -22.80 -42.30
CA PRO B 126 -23.16 -23.23 -43.70
C PRO B 126 -23.77 -24.59 -44.00
N GLU B 127 -23.94 -25.45 -43.01
CA GLU B 127 -24.61 -26.72 -43.22
C GLU B 127 -26.12 -26.61 -43.08
N CYS B 128 -26.64 -25.38 -42.90
CA CYS B 128 -28.06 -25.07 -42.70
C CYS B 128 -28.64 -25.87 -41.52
N ARG B 129 -27.92 -25.79 -40.40
CA ARG B 129 -28.33 -26.45 -39.17
C ARG B 129 -28.82 -25.50 -38.09
N MET B 130 -28.29 -24.29 -38.00
CA MET B 130 -28.81 -23.33 -37.05
C MET B 130 -28.77 -21.93 -37.64
N ILE B 131 -29.38 -20.99 -36.91
CA ILE B 131 -29.55 -19.61 -37.33
C ILE B 131 -29.14 -18.74 -36.14
N GLY B 132 -28.15 -17.89 -36.34
CA GLY B 132 -27.59 -17.10 -35.26
C GLY B 132 -28.34 -15.80 -35.04
N LEU B 133 -28.45 -15.42 -33.77
CA LEU B 133 -29.08 -14.17 -33.36
C LEU B 133 -28.50 -13.73 -32.03
N ARG B 134 -27.94 -12.52 -31.99
CA ARG B 134 -27.54 -11.86 -30.77
C ARG B 134 -28.65 -10.86 -30.43
N LEU B 135 -29.38 -11.11 -29.34
CA LEU B 135 -30.59 -10.32 -29.10
C LEU B 135 -30.65 -9.60 -27.76
N TYR B 136 -30.15 -10.16 -26.66
CA TYR B 136 -30.40 -9.53 -25.37
C TYR B 136 -29.18 -9.51 -24.45
N ASP B 137 -27.97 -9.52 -25.01
CA ASP B 137 -26.71 -9.22 -24.31
C ASP B 137 -26.47 -10.19 -23.14
N GLY B 138 -26.27 -11.45 -23.50
CA GLY B 138 -26.07 -12.48 -22.51
C GLY B 138 -26.77 -13.75 -22.92
N LEU B 139 -27.75 -13.60 -23.81
CA LEU B 139 -28.38 -14.74 -24.47
C LEU B 139 -27.86 -14.82 -25.90
N PHE B 140 -27.86 -16.03 -26.43
CA PHE B 140 -27.43 -16.30 -27.79
C PHE B 140 -28.54 -17.10 -28.43
N LYS B 141 -29.54 -16.41 -29.00
CA LYS B 141 -30.75 -17.09 -29.42
C LYS B 141 -30.52 -17.86 -30.71
N VAL B 142 -30.77 -19.17 -30.65
CA VAL B 142 -30.50 -20.09 -31.75
C VAL B 142 -31.84 -20.63 -32.23
N ILE B 143 -32.03 -20.65 -33.55
CA ILE B 143 -33.27 -21.10 -34.16
C ILE B 143 -33.02 -22.49 -34.74
N PRO B 144 -33.59 -23.54 -34.15
CA PRO B 144 -33.46 -24.87 -34.75
C PRO B 144 -34.30 -25.01 -36.01
N LEU B 145 -33.63 -25.04 -37.16
CA LEU B 145 -34.32 -25.05 -38.45
C LEU B 145 -34.82 -26.46 -38.75
N ASP B 146 -36.12 -26.58 -39.03
CA ASP B 146 -36.73 -27.83 -39.44
C ASP B 146 -38.03 -27.49 -40.17
N ARG B 147 -38.50 -28.44 -40.99
CA ARG B 147 -39.85 -28.39 -41.53
C ARG B 147 -40.91 -28.72 -40.48
N ASP B 148 -40.48 -29.24 -39.32
CA ASP B 148 -41.33 -29.29 -38.14
C ASP B 148 -41.78 -27.91 -37.69
N ASN B 149 -40.99 -26.87 -37.99
CA ASN B 149 -41.29 -25.50 -37.58
C ASN B 149 -42.23 -24.85 -38.58
N LYS B 150 -43.54 -24.98 -38.32
CA LYS B 150 -44.48 -24.10 -39.00
C LYS B 150 -44.49 -22.73 -38.33
N GLU B 151 -44.11 -22.69 -37.06
CA GLU B 151 -43.78 -21.47 -36.34
C GLU B 151 -42.40 -21.68 -35.72
N LEU B 152 -41.73 -20.57 -35.41
CA LEU B 152 -40.33 -20.65 -35.01
C LEU B 152 -40.21 -20.94 -33.52
N LYS B 153 -39.62 -22.08 -33.19
CA LYS B 153 -39.17 -22.34 -31.83
C LYS B 153 -37.89 -21.55 -31.56
N ALA B 154 -37.54 -21.44 -30.29
CA ALA B 154 -36.36 -20.66 -29.92
C ALA B 154 -35.64 -21.32 -28.76
N PHE B 155 -34.32 -21.26 -28.80
CA PHE B 155 -33.47 -21.61 -27.68
C PHE B 155 -32.82 -20.34 -27.14
N ASN B 156 -32.42 -20.39 -25.88
CA ASN B 156 -31.65 -19.30 -25.29
C ASN B 156 -30.54 -19.93 -24.45
N ILE B 157 -29.41 -20.19 -25.09
CA ILE B 157 -28.23 -20.68 -24.38
C ILE B 157 -27.44 -19.48 -23.90
N ARG B 158 -27.12 -19.46 -22.60
CA ARG B 158 -26.56 -18.27 -21.98
C ARG B 158 -25.12 -18.07 -22.42
N LEU B 159 -24.78 -16.82 -22.77
CA LEU B 159 -23.39 -16.45 -22.93
C LEU B 159 -22.85 -16.00 -21.58
N GLU B 160 -21.88 -16.74 -21.05
CA GLU B 160 -21.16 -16.30 -19.86
C GLU B 160 -20.25 -15.13 -20.16
N GLU B 161 -19.94 -14.89 -21.43
CA GLU B 161 -19.22 -13.71 -21.88
C GLU B 161 -20.22 -12.66 -22.31
N LEU B 162 -20.22 -11.51 -21.63
CA LEU B 162 -21.30 -10.55 -21.82
C LEU B 162 -21.10 -9.66 -23.04
N HIS B 163 -20.07 -8.82 -23.02
CA HIS B 163 -19.91 -7.76 -24.01
C HIS B 163 -19.19 -8.29 -25.25
N VAL B 164 -19.97 -8.76 -26.22
CA VAL B 164 -19.45 -9.37 -27.44
C VAL B 164 -19.40 -8.30 -28.53
N ILE B 165 -18.27 -8.22 -29.24
CA ILE B 165 -18.12 -7.24 -30.30
C ILE B 165 -18.55 -7.82 -31.64
N ASP B 166 -18.04 -9.00 -31.97
CA ASP B 166 -18.45 -9.66 -33.20
C ASP B 166 -18.65 -11.14 -32.92
N VAL B 167 -19.44 -11.77 -33.77
CA VAL B 167 -19.68 -13.20 -33.74
C VAL B 167 -19.81 -13.66 -35.20
N LYS B 168 -19.25 -14.82 -35.53
CA LYS B 168 -19.41 -15.42 -36.85
C LYS B 168 -19.58 -16.92 -36.72
N PHE B 169 -19.62 -17.58 -37.88
CA PHE B 169 -19.63 -19.03 -37.94
C PHE B 169 -18.48 -19.54 -38.79
N LEU B 170 -17.98 -20.71 -38.44
CA LEU B 170 -16.88 -21.31 -39.17
C LEU B 170 -17.40 -22.47 -40.03
N TYR B 171 -16.65 -22.79 -41.07
CA TYR B 171 -17.14 -23.67 -42.14
C TYR B 171 -16.99 -25.13 -41.75
N GLY B 172 -17.20 -26.01 -42.73
CA GLY B 172 -17.44 -27.43 -42.53
C GLY B 172 -16.38 -28.24 -41.80
N CYS B 173 -16.67 -28.55 -40.53
CA CYS B 173 -15.75 -29.29 -39.68
C CYS B 173 -16.50 -30.32 -38.82
N GLN B 174 -17.60 -30.86 -39.36
CA GLN B 174 -18.47 -31.92 -38.81
C GLN B 174 -19.32 -31.40 -37.64
N ALA B 175 -19.06 -30.17 -37.18
CA ALA B 175 -19.81 -29.62 -36.07
C ALA B 175 -20.07 -28.14 -36.31
N PRO B 176 -21.27 -27.66 -36.05
CA PRO B 176 -21.54 -26.21 -36.13
C PRO B 176 -20.86 -25.48 -34.99
N THR B 177 -19.96 -24.56 -35.34
CA THR B 177 -19.11 -23.92 -34.36
C THR B 177 -19.09 -22.42 -34.57
N ILE B 178 -18.67 -21.71 -33.52
CA ILE B 178 -18.88 -20.28 -33.37
C ILE B 178 -17.51 -19.63 -33.21
N CYS B 179 -17.43 -18.34 -33.53
CA CYS B 179 -16.30 -17.49 -33.21
C CYS B 179 -16.81 -16.23 -32.51
N PHE B 180 -16.01 -15.68 -31.61
CA PHE B 180 -16.33 -14.43 -30.93
C PHE B 180 -15.27 -13.39 -31.23
N VAL B 181 -15.55 -12.17 -30.78
CA VAL B 181 -14.51 -11.23 -30.35
C VAL B 181 -15.03 -10.67 -29.03
N TYR B 182 -14.53 -11.20 -27.92
CA TYR B 182 -15.07 -10.87 -26.61
C TYR B 182 -14.13 -9.93 -25.85
N GLN B 183 -14.71 -8.91 -25.22
CA GLN B 183 -13.97 -7.98 -24.38
C GLN B 183 -13.97 -8.52 -22.95
N ASP B 184 -12.83 -9.13 -22.56
CA ASP B 184 -12.59 -9.49 -21.17
C ASP B 184 -12.46 -8.25 -20.29
N PRO B 185 -12.56 -8.41 -18.96
CA PRO B 185 -12.12 -7.32 -18.08
C PRO B 185 -10.63 -7.05 -18.19
N GLN B 186 -9.82 -8.08 -18.37
CA GLN B 186 -8.36 -7.97 -18.41
C GLN B 186 -7.89 -8.51 -19.75
N GLY B 187 -7.82 -7.64 -20.75
CA GLY B 187 -7.50 -8.04 -22.11
C GLY B 187 -8.74 -8.25 -22.95
N ARG B 188 -8.54 -8.93 -24.07
CA ARG B 188 -9.63 -9.33 -24.95
C ARG B 188 -9.12 -10.47 -25.82
N HIS B 189 -10.02 -11.36 -26.21
CA HIS B 189 -9.57 -12.58 -26.86
C HIS B 189 -10.54 -12.94 -27.98
N VAL B 190 -10.36 -14.13 -28.52
CA VAL B 190 -11.23 -14.72 -29.53
C VAL B 190 -11.48 -16.15 -29.07
N LYS B 191 -12.67 -16.42 -28.55
CA LYS B 191 -13.00 -17.75 -28.08
C LYS B 191 -13.84 -18.43 -29.14
N THR B 192 -13.84 -19.76 -29.11
CA THR B 192 -14.74 -20.56 -29.92
C THR B 192 -15.60 -21.42 -29.00
N TYR B 193 -16.58 -22.08 -29.60
CA TYR B 193 -17.46 -22.98 -28.87
C TYR B 193 -18.02 -24.02 -29.83
N GLU B 194 -19.01 -24.75 -29.35
CA GLU B 194 -19.65 -25.83 -30.10
C GLU B 194 -20.99 -26.08 -29.42
N VAL B 195 -22.08 -26.03 -30.19
CA VAL B 195 -23.42 -26.10 -29.62
C VAL B 195 -24.04 -27.45 -29.97
N SER B 196 -24.49 -28.16 -28.93
CA SER B 196 -25.32 -29.35 -29.09
C SER B 196 -26.77 -28.90 -28.98
N LEU B 197 -27.45 -28.85 -30.14
CA LEU B 197 -28.87 -28.48 -30.16
C LEU B 197 -29.73 -29.54 -29.48
N ARG B 198 -29.31 -30.80 -29.54
CA ARG B 198 -30.00 -31.86 -28.79
C ARG B 198 -29.78 -31.76 -27.29
N GLU B 199 -28.82 -30.96 -26.84
CA GLU B 199 -28.54 -30.81 -25.41
C GLU B 199 -28.56 -29.37 -24.92
N LYS B 200 -28.73 -28.39 -25.82
CA LYS B 200 -28.86 -26.96 -25.50
C LYS B 200 -27.65 -26.42 -24.74
N GLU B 201 -26.47 -26.94 -25.00
CA GLU B 201 -25.33 -26.69 -24.13
C GLU B 201 -24.07 -26.46 -24.95
N PHE B 202 -23.26 -25.50 -24.51
CA PHE B 202 -21.95 -25.26 -25.10
C PHE B 202 -21.02 -26.44 -24.84
N ASN B 203 -20.32 -26.88 -25.88
CA ASN B 203 -19.36 -27.96 -25.74
C ASN B 203 -17.98 -27.33 -25.56
N LYS B 204 -16.95 -28.17 -25.48
CA LYS B 204 -15.57 -27.70 -25.32
C LYS B 204 -15.03 -27.22 -26.65
N GLY B 205 -14.56 -25.98 -26.69
CA GLY B 205 -14.19 -25.34 -27.93
C GLY B 205 -12.88 -25.85 -28.51
N PRO B 206 -12.77 -25.83 -29.84
CA PRO B 206 -11.53 -26.27 -30.48
C PRO B 206 -10.40 -25.26 -30.45
N TRP B 207 -10.69 -23.97 -30.32
CA TRP B 207 -9.67 -22.94 -30.28
C TRP B 207 -9.75 -22.21 -28.95
N LYS B 208 -8.62 -21.68 -28.51
CA LYS B 208 -8.59 -20.86 -27.29
C LYS B 208 -8.24 -19.42 -27.60
N GLN B 209 -7.06 -19.17 -28.17
CA GLN B 209 -6.63 -17.89 -28.74
C GLN B 209 -6.75 -16.74 -27.73
N GLU B 210 -5.98 -16.89 -26.66
CA GLU B 210 -6.23 -16.21 -25.40
C GLU B 210 -6.00 -14.71 -25.44
N ASN B 211 -5.28 -14.20 -26.43
CA ASN B 211 -5.10 -12.75 -26.53
C ASN B 211 -4.92 -12.42 -28.01
N VAL B 212 -5.57 -11.35 -28.44
CA VAL B 212 -5.52 -10.88 -29.82
C VAL B 212 -5.27 -9.38 -29.83
N GLU B 213 -5.36 -8.79 -31.02
CA GLU B 213 -5.17 -7.36 -31.21
C GLU B 213 -6.22 -6.58 -30.44
N ALA B 214 -5.84 -5.38 -29.99
CA ALA B 214 -6.67 -4.61 -29.07
C ALA B 214 -7.91 -4.01 -29.70
N GLU B 215 -8.03 -4.01 -31.03
CA GLU B 215 -9.13 -3.37 -31.73
C GLU B 215 -9.69 -4.29 -32.80
N ALA B 216 -9.96 -5.53 -32.44
CA ALA B 216 -10.49 -6.48 -33.40
C ALA B 216 -11.95 -6.19 -33.69
N SER B 217 -12.25 -5.76 -34.91
CA SER B 217 -13.61 -5.37 -35.28
C SER B 217 -14.40 -6.46 -35.97
N MET B 218 -13.83 -7.16 -36.96
CA MET B 218 -14.63 -8.14 -37.69
C MET B 218 -13.87 -9.45 -37.82
N VAL B 219 -14.62 -10.49 -38.17
CA VAL B 219 -14.10 -11.84 -38.35
C VAL B 219 -14.52 -12.30 -39.74
N ILE B 220 -13.54 -12.69 -40.55
CA ILE B 220 -13.80 -13.15 -41.91
C ILE B 220 -13.43 -14.63 -41.96
N ALA B 221 -14.43 -15.49 -41.98
CA ALA B 221 -14.20 -16.93 -42.01
C ALA B 221 -13.92 -17.40 -43.43
N VAL B 222 -12.87 -18.18 -43.60
CA VAL B 222 -12.46 -18.67 -44.91
C VAL B 222 -12.98 -20.10 -45.08
N PRO B 223 -13.28 -20.55 -46.31
CA PRO B 223 -14.07 -21.78 -46.45
C PRO B 223 -13.30 -23.08 -46.33
N GLU B 224 -14.01 -24.16 -46.62
CA GLU B 224 -13.68 -25.57 -46.46
C GLU B 224 -12.32 -26.09 -46.97
N PRO B 225 -11.68 -25.55 -48.05
CA PRO B 225 -10.33 -26.05 -48.38
C PRO B 225 -9.27 -25.77 -47.33
N PHE B 226 -9.26 -24.56 -46.75
CA PHE B 226 -8.18 -24.14 -45.86
C PHE B 226 -8.73 -23.39 -44.65
N GLY B 227 -9.82 -23.93 -44.09
CA GLY B 227 -10.64 -23.30 -43.06
C GLY B 227 -9.96 -22.69 -41.84
N GLY B 228 -10.47 -21.56 -41.40
CA GLY B 228 -9.88 -20.78 -40.31
C GLY B 228 -10.74 -19.56 -40.04
N ALA B 229 -10.09 -18.51 -39.53
CA ALA B 229 -10.79 -17.28 -39.22
C ALA B 229 -9.82 -16.11 -39.21
N ILE B 230 -9.95 -15.24 -40.20
CA ILE B 230 -9.16 -14.02 -40.28
C ILE B 230 -9.73 -13.06 -39.23
N ILE B 231 -8.86 -12.37 -38.52
CA ILE B 231 -9.28 -11.38 -37.55
C ILE B 231 -8.75 -10.04 -38.03
N ILE B 232 -9.61 -9.26 -38.67
CA ILE B 232 -9.25 -7.89 -39.02
C ILE B 232 -9.25 -7.06 -37.75
N GLY B 233 -8.32 -6.13 -37.65
CA GLY B 233 -8.37 -5.17 -36.57
C GLY B 233 -8.43 -3.77 -37.12
N GLN B 234 -8.15 -2.78 -36.27
CA GLN B 234 -7.98 -1.42 -36.74
C GLN B 234 -6.67 -1.27 -37.51
N GLU B 235 -5.60 -1.89 -37.01
CA GLU B 235 -4.25 -1.66 -37.51
C GLU B 235 -3.63 -2.85 -38.21
N SER B 236 -4.03 -4.08 -37.89
CA SER B 236 -3.36 -5.22 -38.49
C SER B 236 -4.34 -6.36 -38.73
N ILE B 237 -3.85 -7.36 -39.46
CA ILE B 237 -4.64 -8.49 -39.93
C ILE B 237 -3.89 -9.76 -39.54
N THR B 238 -4.61 -10.73 -39.01
CA THR B 238 -4.01 -12.01 -38.66
C THR B 238 -4.60 -13.12 -39.51
N TYR B 239 -4.20 -14.35 -39.19
CA TYR B 239 -4.90 -15.55 -39.62
C TYR B 239 -4.73 -16.58 -38.52
N HIS B 240 -5.73 -17.43 -38.34
CA HIS B 240 -5.72 -18.43 -37.29
C HIS B 240 -6.37 -19.69 -37.81
N ASN B 241 -5.76 -20.84 -37.52
CA ASN B 241 -6.39 -22.13 -37.84
C ASN B 241 -6.15 -23.14 -36.72
N GLY B 242 -6.00 -22.65 -35.50
CA GLY B 242 -5.82 -23.53 -34.35
C GLY B 242 -4.41 -23.97 -34.04
N ASP B 243 -3.63 -24.27 -35.08
CA ASP B 243 -2.26 -24.71 -34.91
C ASP B 243 -1.27 -23.67 -35.43
N LYS B 244 -1.42 -23.23 -36.67
CA LYS B 244 -0.53 -22.23 -37.22
C LYS B 244 -1.16 -20.84 -37.08
N TYR B 245 -0.42 -19.84 -37.56
CA TYR B 245 -0.85 -18.46 -37.53
C TYR B 245 -0.01 -17.71 -38.55
N LEU B 246 -0.61 -16.70 -39.18
CA LEU B 246 0.11 -15.75 -39.99
C LEU B 246 -0.36 -14.35 -39.61
N ALA B 247 0.52 -13.38 -39.76
CA ALA B 247 0.18 -12.02 -39.37
C ALA B 247 0.93 -11.06 -40.27
N ILE B 248 0.26 -9.97 -40.65
CA ILE B 248 0.89 -8.90 -41.40
C ILE B 248 0.57 -7.60 -40.71
N ALA B 249 1.13 -6.51 -41.25
CA ALA B 249 0.79 -5.15 -40.85
C ALA B 249 1.09 -4.24 -42.03
N PRO B 250 0.22 -4.24 -43.05
CA PRO B 250 0.56 -3.51 -44.27
C PRO B 250 0.40 -2.01 -44.09
N PRO B 251 1.29 -1.21 -44.69
CA PRO B 251 1.19 0.24 -44.54
C PRO B 251 0.07 0.89 -45.34
N ILE B 252 -0.71 0.10 -46.10
CA ILE B 252 -1.90 0.64 -46.75
C ILE B 252 -2.98 0.99 -45.74
N ILE B 253 -3.28 0.05 -44.85
CA ILE B 253 -4.41 0.21 -43.92
C ILE B 253 -3.85 0.91 -42.69
N LYS B 254 -3.76 2.24 -42.77
CA LYS B 254 -3.20 3.02 -41.67
C LYS B 254 -4.02 4.27 -41.36
N GLN B 255 -4.93 4.65 -42.25
CA GLN B 255 -5.70 5.86 -42.06
C GLN B 255 -7.21 5.65 -42.18
N SER B 256 -7.69 4.42 -42.04
CA SER B 256 -9.12 4.14 -42.17
C SER B 256 -9.45 2.82 -41.48
N THR B 257 -10.73 2.63 -41.19
CA THR B 257 -11.21 1.47 -40.46
C THR B 257 -11.98 0.54 -41.39
N ILE B 258 -11.65 -0.75 -41.34
CA ILE B 258 -12.29 -1.73 -42.21
C ILE B 258 -13.73 -1.97 -41.77
N VAL B 259 -14.68 -1.89 -42.70
CA VAL B 259 -16.09 -1.92 -42.37
C VAL B 259 -16.86 -3.03 -43.09
N CYS B 260 -16.35 -3.60 -44.17
CA CYS B 260 -17.16 -4.51 -44.98
C CYS B 260 -16.28 -5.49 -45.75
N HIS B 261 -16.89 -6.62 -46.11
CA HIS B 261 -16.16 -7.74 -46.70
C HIS B 261 -17.12 -8.59 -47.51
N ASN B 262 -16.56 -9.46 -48.34
CA ASN B 262 -17.33 -10.47 -49.07
C ASN B 262 -16.42 -11.57 -49.60
N ARG B 263 -16.99 -12.75 -49.72
CA ARG B 263 -16.31 -13.92 -50.28
C ARG B 263 -16.43 -13.88 -51.79
N VAL B 264 -15.36 -13.46 -52.46
CA VAL B 264 -15.42 -13.25 -53.91
C VAL B 264 -15.38 -14.59 -54.63
N ASP B 265 -14.34 -15.32 -54.47
CA ASP B 265 -14.25 -16.60 -55.14
C ASP B 265 -14.91 -17.67 -54.29
N PRO B 266 -15.53 -18.69 -54.91
CA PRO B 266 -16.24 -19.72 -54.12
C PRO B 266 -15.32 -20.60 -53.29
N ASN B 267 -14.03 -20.69 -53.61
CA ASN B 267 -13.07 -21.32 -52.73
C ASN B 267 -12.39 -20.31 -51.80
N GLY B 268 -12.90 -19.08 -51.76
CA GLY B 268 -12.40 -18.08 -50.84
C GLY B 268 -11.01 -17.58 -51.14
N SER B 269 -10.63 -17.49 -52.42
CA SER B 269 -9.27 -17.13 -52.75
C SER B 269 -9.02 -15.64 -52.61
N ARG B 270 -10.06 -14.81 -52.81
CA ARG B 270 -9.91 -13.37 -52.78
C ARG B 270 -10.99 -12.76 -51.89
N TYR B 271 -10.68 -11.61 -51.31
CA TYR B 271 -11.63 -10.90 -50.45
C TYR B 271 -11.50 -9.42 -50.71
N LEU B 272 -12.62 -8.72 -50.80
CA LEU B 272 -12.65 -7.27 -50.97
C LEU B 272 -12.93 -6.58 -49.65
N LEU B 273 -12.36 -5.40 -49.48
CA LEU B 273 -12.50 -4.65 -48.23
C LEU B 273 -12.77 -3.20 -48.56
N GLY B 274 -13.64 -2.56 -47.77
CA GLY B 274 -13.90 -1.15 -47.86
C GLY B 274 -13.31 -0.41 -46.68
N ASP B 275 -13.83 0.79 -46.44
CA ASP B 275 -13.42 1.58 -45.27
C ASP B 275 -14.51 2.58 -44.90
N MET B 276 -14.15 3.47 -43.98
CA MET B 276 -14.98 4.58 -43.57
C MET B 276 -14.79 5.82 -44.45
N GLU B 277 -13.92 5.74 -45.45
CA GLU B 277 -13.60 6.92 -46.25
C GLU B 277 -13.70 6.70 -47.76
N GLY B 278 -14.13 5.53 -48.21
CA GLY B 278 -14.45 5.36 -49.61
C GLY B 278 -13.54 4.44 -50.39
N ARG B 279 -12.44 4.02 -49.79
CA ARG B 279 -11.47 3.19 -50.48
C ARG B 279 -11.99 1.78 -50.68
N LEU B 280 -11.40 1.07 -51.63
CA LEU B 280 -11.61 -0.36 -51.79
C LEU B 280 -10.27 -1.07 -51.90
N PHE B 281 -10.13 -2.15 -51.14
CA PHE B 281 -8.90 -2.93 -51.10
C PHE B 281 -9.22 -4.32 -51.63
N MET B 282 -8.19 -5.16 -51.75
CA MET B 282 -8.41 -6.55 -52.13
C MET B 282 -7.48 -7.41 -51.28
N LEU B 283 -8.02 -8.47 -50.70
CA LEU B 283 -7.19 -9.42 -49.97
C LEU B 283 -6.88 -10.58 -50.90
N LEU B 284 -5.59 -10.77 -51.20
CA LEU B 284 -5.18 -11.90 -52.02
C LEU B 284 -4.54 -12.96 -51.14
N LEU B 285 -5.05 -14.19 -51.27
CA LEU B 285 -4.55 -15.32 -50.50
C LEU B 285 -3.67 -16.19 -51.38
N GLU B 286 -2.44 -16.43 -50.93
CA GLU B 286 -1.50 -17.29 -51.63
C GLU B 286 -1.79 -18.73 -51.24
N LYS B 287 -2.54 -19.44 -52.08
CA LYS B 287 -2.89 -20.83 -51.80
C LYS B 287 -1.67 -21.72 -51.99
N GLU B 288 -1.32 -22.46 -50.94
CA GLU B 288 -0.12 -23.28 -50.92
C GLU B 288 -0.51 -24.76 -50.80
N GLU B 289 -0.13 -25.55 -51.79
CA GLU B 289 -0.29 -27.00 -51.74
C GLU B 289 1.00 -27.60 -51.16
N GLN B 290 0.95 -27.88 -49.85
CA GLN B 290 2.10 -28.51 -49.20
C GLN B 290 2.26 -29.97 -49.62
N MET B 291 1.16 -30.73 -49.58
CA MET B 291 1.19 -32.13 -49.97
C MET B 291 0.23 -32.39 -51.12
N ASP B 292 0.01 -33.67 -51.43
CA ASP B 292 -0.91 -34.05 -52.50
C ASP B 292 -2.36 -33.80 -52.13
N GLY B 293 -2.67 -33.60 -50.85
CA GLY B 293 -4.01 -33.29 -50.43
C GLY B 293 -4.09 -32.20 -49.39
N THR B 294 -2.95 -31.62 -49.03
CA THR B 294 -2.90 -30.62 -47.97
C THR B 294 -2.99 -29.22 -48.56
N VAL B 295 -3.91 -28.42 -48.04
CA VAL B 295 -4.13 -27.04 -48.47
C VAL B 295 -3.81 -26.13 -47.30
N THR B 296 -2.94 -25.15 -47.53
CA THR B 296 -2.53 -24.23 -46.47
C THR B 296 -2.25 -22.84 -47.03
N LEU B 297 -1.99 -21.91 -46.12
CA LEU B 297 -1.77 -20.51 -46.45
C LEU B 297 -0.28 -20.17 -46.44
N LYS B 298 0.10 -19.27 -47.35
CA LYS B 298 1.49 -18.82 -47.47
C LYS B 298 1.67 -17.33 -47.29
N ASP B 299 0.81 -16.51 -47.85
CA ASP B 299 1.05 -15.07 -47.86
C ASP B 299 -0.28 -14.33 -47.87
N LEU B 300 -0.23 -13.08 -47.40
CA LEU B 300 -1.38 -12.19 -47.31
C LEU B 300 -1.03 -10.94 -48.10
N ARG B 301 -1.81 -10.64 -49.14
CA ARG B 301 -1.57 -9.47 -49.95
C ARG B 301 -2.76 -8.51 -49.85
N VAL B 302 -2.45 -7.23 -49.67
CA VAL B 302 -3.45 -6.16 -49.64
C VAL B 302 -3.13 -5.18 -50.75
N GLU B 303 -3.99 -5.13 -51.77
CA GLU B 303 -3.77 -4.31 -52.95
C GLU B 303 -4.77 -3.16 -52.97
N LEU B 304 -4.25 -1.94 -53.12
CA LEU B 304 -5.10 -0.76 -53.26
C LEU B 304 -5.81 -0.77 -54.61
N LEU B 305 -7.15 -0.66 -54.58
CA LEU B 305 -7.94 -0.78 -55.79
C LEU B 305 -8.62 0.50 -56.24
N GLY B 306 -8.64 1.56 -55.44
CA GLY B 306 -9.20 2.82 -55.86
C GLY B 306 -10.33 3.27 -54.96
N GLU B 307 -10.97 4.35 -55.38
CA GLU B 307 -11.91 5.09 -54.54
C GLU B 307 -13.33 4.98 -55.09
N THR B 308 -14.28 4.63 -54.21
CA THR B 308 -15.71 4.62 -54.48
C THR B 308 -16.44 5.33 -53.35
N SER B 309 -17.76 5.15 -53.30
CA SER B 309 -18.55 5.71 -52.20
C SER B 309 -18.34 4.89 -50.92
N ILE B 310 -18.93 5.38 -49.83
CA ILE B 310 -18.77 4.74 -48.53
C ILE B 310 -19.59 3.46 -48.51
N ALA B 311 -18.92 2.31 -48.46
CA ALA B 311 -19.59 1.04 -48.65
C ALA B 311 -20.17 0.52 -47.34
N GLU B 312 -21.39 0.01 -47.42
CA GLU B 312 -21.98 -0.83 -46.38
C GLU B 312 -22.55 -2.12 -46.92
N CYS B 313 -22.87 -2.17 -48.22
CA CYS B 313 -22.98 -3.43 -48.93
C CYS B 313 -21.69 -3.68 -49.70
N LEU B 314 -21.42 -4.95 -49.95
CA LEU B 314 -20.27 -5.33 -50.77
C LEU B 314 -20.58 -6.68 -51.38
N THR B 315 -20.96 -6.69 -52.67
CA THR B 315 -21.34 -7.91 -53.37
C THR B 315 -20.64 -7.96 -54.72
N TYR B 316 -19.70 -8.88 -54.86
CA TYR B 316 -19.20 -9.24 -56.17
C TYR B 316 -20.29 -10.00 -56.90
N LEU B 317 -20.62 -9.58 -58.11
CA LEU B 317 -21.68 -10.26 -58.86
C LEU B 317 -21.08 -11.31 -59.80
N ASP B 318 -20.38 -10.86 -60.84
CA ASP B 318 -19.81 -11.70 -61.88
C ASP B 318 -19.00 -10.82 -62.81
N ASN B 319 -17.97 -11.39 -63.45
CA ASN B 319 -17.25 -10.78 -64.58
C ASN B 319 -16.59 -9.46 -64.19
N GLY B 320 -16.12 -9.37 -62.95
CA GLY B 320 -15.47 -8.15 -62.48
C GLY B 320 -16.42 -7.05 -62.07
N VAL B 321 -17.68 -7.36 -61.82
CA VAL B 321 -18.69 -6.35 -61.49
C VAL B 321 -19.08 -6.49 -60.03
N VAL B 322 -18.91 -5.42 -59.27
CA VAL B 322 -19.25 -5.35 -57.85
C VAL B 322 -20.26 -4.23 -57.69
N PHE B 323 -21.24 -4.42 -56.81
CA PHE B 323 -22.08 -3.31 -56.40
C PHE B 323 -21.59 -2.74 -55.08
N VAL B 324 -21.59 -1.41 -54.98
CA VAL B 324 -21.26 -0.70 -53.76
C VAL B 324 -22.55 -0.11 -53.21
N GLY B 325 -22.91 -0.50 -51.99
CA GLY B 325 -24.13 -0.05 -51.35
C GLY B 325 -23.83 0.90 -50.20
N SER B 326 -24.47 2.07 -50.24
CA SER B 326 -24.22 3.14 -49.29
C SER B 326 -25.50 3.51 -48.57
N ARG B 327 -25.40 3.68 -47.25
CA ARG B 327 -26.39 4.47 -46.54
C ARG B 327 -26.16 5.94 -46.78
N LEU B 328 -24.91 6.35 -46.81
CA LEU B 328 -24.53 7.75 -46.70
C LEU B 328 -24.50 8.47 -48.04
N GLY B 329 -24.79 7.78 -49.15
CA GLY B 329 -24.96 8.47 -50.40
C GLY B 329 -24.45 7.75 -51.62
N ASP B 330 -25.29 7.69 -52.66
CA ASP B 330 -24.95 7.24 -54.02
C ASP B 330 -24.44 5.79 -54.03
N SER B 331 -25.35 4.89 -53.69
CA SER B 331 -25.09 3.46 -53.88
C SER B 331 -24.95 3.15 -55.35
N GLN B 332 -23.74 2.77 -55.78
CA GLN B 332 -23.45 2.68 -57.20
C GLN B 332 -22.86 1.34 -57.55
N LEU B 333 -22.90 1.03 -58.85
CA LEU B 333 -22.42 -0.22 -59.41
C LEU B 333 -21.11 0.01 -60.13
N VAL B 334 -20.09 -0.81 -59.86
CA VAL B 334 -18.78 -0.61 -60.43
C VAL B 334 -18.28 -1.88 -61.11
N LYS B 335 -17.22 -1.73 -61.89
CA LYS B 335 -16.62 -2.80 -62.65
C LYS B 335 -15.12 -2.81 -62.41
N LEU B 336 -14.56 -4.00 -62.16
CA LEU B 336 -13.14 -4.17 -61.93
C LEU B 336 -12.41 -4.42 -63.25
N ASN B 337 -11.18 -3.94 -63.34
CA ASN B 337 -10.34 -4.15 -64.51
C ASN B 337 -9.35 -5.28 -64.24
N VAL B 338 -8.45 -5.50 -65.18
CA VAL B 338 -7.29 -6.37 -64.99
C VAL B 338 -6.00 -5.57 -64.99
N ASP B 339 -5.82 -4.69 -65.97
CA ASP B 339 -4.75 -3.70 -65.95
C ASP B 339 -5.22 -2.45 -65.20
N SER B 340 -4.32 -1.48 -65.04
CA SER B 340 -4.61 -0.31 -64.24
C SER B 340 -4.70 0.94 -65.11
N ASN B 341 -5.22 1.99 -64.51
CA ASN B 341 -5.30 3.31 -65.11
C ASN B 341 -4.20 4.20 -64.52
N GLU B 342 -4.33 5.51 -64.77
CA GLU B 342 -3.35 6.48 -64.31
C GLU B 342 -3.27 6.62 -62.79
N GLN B 343 -4.25 6.10 -62.05
CA GLN B 343 -4.23 6.16 -60.60
C GLN B 343 -4.29 4.78 -59.95
N GLY B 344 -4.04 3.71 -60.71
CA GLY B 344 -4.08 2.37 -60.19
C GLY B 344 -5.46 1.78 -60.01
N SER B 345 -6.51 2.55 -60.29
CA SER B 345 -7.86 2.07 -60.10
C SER B 345 -8.25 1.04 -61.14
N TYR B 346 -8.63 -0.14 -60.67
CA TYR B 346 -9.32 -1.10 -61.52
C TYR B 346 -10.79 -0.77 -61.67
N VAL B 347 -11.28 0.20 -60.91
CA VAL B 347 -12.71 0.44 -60.71
C VAL B 347 -13.26 1.25 -61.89
N VAL B 348 -14.14 0.63 -62.67
CA VAL B 348 -14.83 1.31 -63.75
C VAL B 348 -16.19 1.76 -63.25
N ALA B 349 -16.48 3.06 -63.35
CA ALA B 349 -17.78 3.57 -62.97
C ALA B 349 -18.84 3.14 -63.98
N MET B 350 -20.02 2.80 -63.48
CA MET B 350 -21.15 2.46 -64.32
C MET B 350 -22.33 3.33 -63.92
N GLU B 351 -23.54 2.96 -64.35
CA GLU B 351 -24.74 3.69 -63.95
C GLU B 351 -24.95 3.60 -62.44
N THR B 352 -25.55 4.62 -61.87
CA THR B 352 -25.67 4.76 -60.44
C THR B 352 -27.13 4.55 -60.00
N PHE B 353 -27.39 4.78 -58.72
CA PHE B 353 -28.72 4.71 -58.16
C PHE B 353 -28.90 5.92 -57.26
N THR B 354 -30.10 6.50 -57.26
CA THR B 354 -30.30 7.74 -56.54
C THR B 354 -30.66 7.46 -55.09
N ASN B 355 -29.90 8.05 -54.18
CA ASN B 355 -30.14 7.96 -52.74
C ASN B 355 -30.22 9.36 -52.17
N LEU B 356 -31.19 9.58 -51.30
CA LEU B 356 -31.16 10.75 -50.42
C LEU B 356 -30.36 10.48 -49.15
N GLY B 357 -30.61 9.36 -48.49
CA GLY B 357 -29.91 9.02 -47.28
C GLY B 357 -30.28 9.93 -46.13
N PRO B 358 -29.28 10.42 -45.41
CA PRO B 358 -29.56 11.25 -44.24
C PRO B 358 -29.96 12.68 -44.55
N ILE B 359 -31.24 12.99 -44.38
CA ILE B 359 -31.69 14.38 -44.51
C ILE B 359 -31.44 15.09 -43.20
N VAL B 360 -30.82 16.27 -43.27
CA VAL B 360 -30.50 17.02 -42.06
C VAL B 360 -31.22 18.35 -41.97
N ASP B 361 -31.70 18.92 -43.08
CA ASP B 361 -32.64 20.04 -43.04
C ASP B 361 -33.36 20.10 -44.38
N MET B 362 -34.53 20.75 -44.39
CA MET B 362 -35.31 20.95 -45.60
C MET B 362 -35.84 22.37 -45.64
N CYS B 363 -36.28 22.78 -46.82
CA CYS B 363 -37.15 23.95 -46.97
C CYS B 363 -37.94 23.79 -48.25
N VAL B 364 -39.26 23.85 -48.14
CA VAL B 364 -40.13 23.81 -49.31
C VAL B 364 -40.24 25.22 -49.86
N VAL B 365 -39.67 25.45 -51.03
CA VAL B 365 -39.66 26.79 -51.62
C VAL B 365 -39.89 26.66 -53.12
N ASP B 366 -40.66 27.61 -53.67
CA ASP B 366 -40.93 27.68 -55.10
C ASP B 366 -39.98 28.70 -55.70
N LEU B 367 -39.53 28.43 -56.93
CA LEU B 367 -38.61 29.32 -57.63
C LEU B 367 -39.19 29.90 -58.90
N GLU B 368 -40.37 29.44 -59.34
CA GLU B 368 -41.00 29.94 -60.54
C GLU B 368 -42.38 30.53 -60.27
N ARG B 369 -42.73 30.72 -58.98
CA ARG B 369 -43.97 31.36 -58.52
C ARG B 369 -45.21 30.65 -59.03
N GLN B 370 -45.17 29.32 -59.10
CA GLN B 370 -46.32 28.53 -59.46
C GLN B 370 -47.08 28.13 -58.20
N GLY B 371 -48.09 27.28 -58.36
CA GLY B 371 -48.70 26.64 -57.22
C GLY B 371 -47.92 25.46 -56.70
N GLN B 372 -46.98 24.96 -57.49
CA GLN B 372 -46.13 23.84 -57.13
C GLN B 372 -44.84 24.34 -56.51
N GLY B 373 -44.58 23.95 -55.27
CA GLY B 373 -43.35 24.30 -54.60
C GLY B 373 -42.30 23.21 -54.75
N GLN B 374 -41.06 23.64 -54.97
CA GLN B 374 -39.94 22.73 -55.10
C GLN B 374 -39.43 22.40 -53.71
N LEU B 375 -38.53 21.42 -53.64
CA LEU B 375 -38.04 20.89 -52.37
C LEU B 375 -36.53 20.73 -52.43
N VAL B 376 -35.85 21.35 -51.48
CA VAL B 376 -34.39 21.31 -51.41
C VAL B 376 -34.01 20.67 -50.08
N THR B 377 -33.55 19.43 -50.14
CA THR B 377 -33.15 18.68 -48.95
C THR B 377 -31.63 18.52 -48.95
N CYS B 378 -31.02 18.82 -47.81
CA CYS B 378 -29.59 18.55 -47.65
C CYS B 378 -29.37 17.05 -47.50
N SER B 379 -28.53 16.46 -48.33
CA SER B 379 -28.34 15.02 -48.31
C SER B 379 -26.87 14.65 -48.36
N GLY B 380 -26.57 13.45 -47.86
CA GLY B 380 -25.23 12.92 -47.95
C GLY B 380 -24.43 13.01 -46.66
N ALA B 381 -23.13 12.82 -46.82
CA ALA B 381 -22.20 12.69 -45.71
C ALA B 381 -20.83 13.22 -46.16
N PHE B 382 -19.78 12.73 -45.49
CA PHE B 382 -18.41 13.26 -45.51
C PHE B 382 -17.85 13.61 -46.89
N LYS B 383 -18.11 12.77 -47.90
CA LYS B 383 -17.80 13.15 -49.27
C LYS B 383 -18.95 12.89 -50.22
N GLU B 384 -20.07 12.38 -49.74
CA GLU B 384 -21.27 12.22 -50.55
C GLU B 384 -22.20 13.40 -50.43
N GLY B 385 -21.69 14.55 -49.99
CA GLY B 385 -22.55 15.67 -49.65
C GLY B 385 -23.08 16.36 -50.88
N SER B 386 -24.41 16.51 -50.93
CA SER B 386 -25.08 16.98 -52.13
C SER B 386 -26.49 17.43 -51.78
N LEU B 387 -26.85 18.62 -52.22
CA LEU B 387 -28.26 18.99 -52.23
C LEU B 387 -28.96 18.18 -53.30
N ARG B 388 -30.22 17.85 -53.05
CA ARG B 388 -31.02 17.16 -54.05
C ARG B 388 -32.37 17.86 -54.16
N ILE B 389 -32.81 18.07 -55.40
CA ILE B 389 -34.00 18.85 -55.69
C ILE B 389 -35.10 17.89 -56.09
N ILE B 390 -36.19 17.88 -55.34
CA ILE B 390 -37.28 16.94 -55.54
C ILE B 390 -38.51 17.72 -55.97
N ARG B 391 -39.07 17.38 -57.13
CA ARG B 391 -40.18 18.10 -57.72
C ARG B 391 -41.20 17.11 -58.27
N ASN B 392 -42.47 17.45 -58.13
CA ASN B 392 -43.52 16.71 -58.83
C ASN B 392 -43.47 16.98 -60.32
N GLY B 393 -44.10 16.08 -61.07
CA GLY B 393 -44.27 16.31 -62.49
C GLY B 393 -43.02 16.05 -63.31
N ILE B 394 -43.04 16.59 -64.52
CA ILE B 394 -41.97 16.42 -65.49
C ILE B 394 -41.41 17.80 -65.82
N GLY B 395 -40.08 17.94 -65.77
CA GLY B 395 -39.42 19.20 -65.98
C GLY B 395 -39.23 19.61 -67.42
N ILE B 396 -40.29 20.09 -68.07
CA ILE B 396 -40.15 20.67 -69.40
C ILE B 396 -39.58 22.08 -69.20
N HIS B 397 -38.25 22.18 -69.25
CA HIS B 397 -37.55 23.44 -69.09
C HIS B 397 -36.62 23.78 -70.23
N GLU B 398 -36.19 22.79 -71.01
CA GLU B 398 -35.36 23.02 -72.19
C GLU B 398 -36.30 23.24 -73.37
N HIS B 399 -36.88 24.44 -73.41
CA HIS B 399 -37.92 24.76 -74.38
C HIS B 399 -37.59 26.08 -75.07
N ALA B 400 -37.86 26.13 -76.37
CA ALA B 400 -37.74 27.36 -77.14
C ALA B 400 -39.05 28.15 -77.08
N SER B 401 -38.96 29.46 -77.28
CA SER B 401 -40.10 30.34 -77.20
C SER B 401 -40.46 30.85 -78.60
N ILE B 402 -41.61 30.41 -79.11
CA ILE B 402 -42.14 30.84 -80.40
C ILE B 402 -43.58 31.24 -80.19
N ASP B 403 -43.94 32.45 -80.66
CA ASP B 403 -45.25 33.02 -80.35
C ASP B 403 -46.26 32.58 -81.40
N LEU B 404 -46.93 31.46 -81.13
CA LEU B 404 -48.04 30.97 -81.94
C LEU B 404 -49.12 30.38 -81.03
N PRO B 405 -50.03 31.21 -80.52
CA PRO B 405 -51.10 30.69 -79.66
C PRO B 405 -52.35 30.26 -80.42
N GLY B 406 -52.89 29.11 -80.02
CA GLY B 406 -54.12 28.63 -80.61
C GLY B 406 -54.01 28.11 -82.02
N ILE B 407 -52.80 27.87 -82.50
CA ILE B 407 -52.56 27.39 -83.86
C ILE B 407 -52.96 25.92 -83.94
N LYS B 408 -53.49 25.51 -85.10
CA LYS B 408 -54.12 24.20 -85.23
C LYS B 408 -53.13 23.07 -85.51
N GLY B 409 -52.15 23.29 -86.39
CA GLY B 409 -51.26 22.19 -86.74
C GLY B 409 -49.98 22.56 -87.44
N LEU B 410 -48.88 21.93 -87.02
CA LEU B 410 -47.57 22.12 -87.65
C LEU B 410 -47.10 20.77 -88.17
N TRP B 411 -46.84 20.69 -89.47
CA TRP B 411 -46.52 19.42 -90.10
C TRP B 411 -45.28 19.54 -90.97
N PRO B 412 -44.39 18.54 -90.93
CA PRO B 412 -43.09 18.68 -91.58
C PRO B 412 -43.16 18.61 -93.10
N LEU B 413 -42.11 19.16 -93.72
CA LEU B 413 -41.86 19.07 -95.15
C LEU B 413 -40.36 18.98 -95.34
N ARG B 414 -39.88 17.86 -95.86
CA ARG B 414 -38.46 17.59 -95.92
C ARG B 414 -37.97 17.55 -97.35
N SER B 415 -36.64 17.57 -97.50
CA SER B 415 -35.98 17.39 -98.78
C SER B 415 -34.84 16.38 -98.74
N ASP B 416 -34.29 16.09 -97.58
CA ASP B 416 -33.24 15.07 -97.46
C ASP B 416 -33.91 13.69 -97.35
N PRO B 417 -33.66 12.78 -98.30
CA PRO B 417 -34.37 11.49 -98.25
C PRO B 417 -33.91 10.57 -97.14
N ASN B 418 -32.65 10.67 -96.72
CA ASN B 418 -32.07 9.70 -95.81
C ASN B 418 -31.86 10.26 -94.41
N ARG B 419 -32.07 11.56 -94.21
CA ARG B 419 -32.02 12.16 -92.88
C ARG B 419 -33.18 13.12 -92.69
N GLU B 420 -33.25 13.70 -91.50
CA GLU B 420 -34.24 14.73 -91.17
C GLU B 420 -33.74 16.13 -91.49
N THR B 421 -32.64 16.25 -92.25
CA THR B 421 -32.00 17.53 -92.48
C THR B 421 -32.84 18.40 -93.41
N ASP B 422 -32.88 19.71 -93.09
CA ASP B 422 -33.61 20.75 -93.83
C ASP B 422 -35.11 20.46 -93.89
N ASP B 423 -35.72 20.47 -92.71
CA ASP B 423 -37.14 20.20 -92.55
C ASP B 423 -37.87 21.54 -92.42
N THR B 424 -38.65 21.89 -93.44
CA THR B 424 -39.56 23.01 -93.34
C THR B 424 -40.92 22.53 -92.85
N LEU B 425 -41.75 23.46 -92.40
CA LEU B 425 -42.98 23.10 -91.70
C LEU B 425 -44.20 23.60 -92.48
N VAL B 426 -45.38 23.33 -91.91
CA VAL B 426 -46.65 23.79 -92.46
C VAL B 426 -47.37 24.57 -91.38
N LEU B 427 -47.60 25.86 -91.62
CA LEU B 427 -48.45 26.66 -90.74
C LEU B 427 -49.89 26.55 -91.24
N SER B 428 -50.77 26.05 -90.38
CA SER B 428 -52.16 25.76 -90.75
C SER B 428 -53.10 26.48 -89.79
N PHE B 429 -53.60 27.63 -90.21
CA PHE B 429 -54.72 28.28 -89.55
C PHE B 429 -56.02 27.68 -90.10
N VAL B 430 -57.15 28.28 -89.77
CA VAL B 430 -58.43 27.90 -90.38
C VAL B 430 -58.80 29.01 -91.35
N GLY B 431 -58.45 28.82 -92.62
CA GLY B 431 -58.64 29.82 -93.64
C GLY B 431 -57.37 30.50 -94.09
N GLN B 432 -56.33 30.48 -93.26
CA GLN B 432 -55.03 31.03 -93.61
C GLN B 432 -53.99 29.92 -93.56
N THR B 433 -52.88 30.14 -94.26
CA THR B 433 -51.82 29.14 -94.33
C THR B 433 -50.49 29.83 -94.66
N ARG B 434 -49.41 29.32 -94.06
CA ARG B 434 -48.05 29.76 -94.32
C ARG B 434 -47.13 28.54 -94.26
N VAL B 435 -45.84 28.76 -94.55
CA VAL B 435 -44.83 27.71 -94.49
C VAL B 435 -43.72 28.17 -93.55
N LEU B 436 -43.38 27.34 -92.57
CA LEU B 436 -42.48 27.72 -91.50
C LEU B 436 -41.15 26.97 -91.63
N MET B 437 -40.07 27.64 -91.20
CA MET B 437 -38.76 27.03 -91.05
C MET B 437 -38.36 27.02 -89.58
N LEU B 438 -37.21 26.41 -89.29
CA LEU B 438 -36.70 26.30 -87.93
C LEU B 438 -35.18 26.46 -87.94
N ASN B 439 -34.70 27.55 -87.36
CA ASN B 439 -33.27 27.71 -87.07
C ASN B 439 -32.98 27.34 -85.61
N GLY B 440 -33.27 26.09 -85.27
CA GLY B 440 -33.14 25.67 -83.90
C GLY B 440 -34.27 26.21 -83.04
N GLU B 441 -33.96 27.21 -82.22
CA GLU B 441 -34.94 27.81 -81.34
C GLU B 441 -35.81 28.87 -82.02
N GLU B 442 -35.44 29.33 -83.20
CA GLU B 442 -36.18 30.39 -83.89
C GLU B 442 -36.74 29.89 -85.21
N VAL B 443 -37.66 30.68 -85.76
CA VAL B 443 -38.47 30.28 -86.91
C VAL B 443 -38.25 31.25 -88.06
N GLU B 444 -38.59 30.78 -89.27
CA GLU B 444 -38.60 31.60 -90.47
C GLU B 444 -39.81 31.23 -91.31
N GLU B 445 -40.49 32.24 -91.85
CA GLU B 445 -41.69 32.04 -92.64
C GLU B 445 -41.37 32.24 -94.12
N THR B 446 -41.91 31.35 -94.95
CA THR B 446 -41.62 31.34 -96.38
C THR B 446 -42.78 30.70 -97.14
N GLU B 447 -42.55 30.38 -98.40
CA GLU B 447 -43.49 29.64 -99.24
C GLU B 447 -42.70 28.65 -100.10
N LEU B 448 -42.89 27.36 -99.88
CA LEU B 448 -42.03 26.36 -100.50
C LEU B 448 -42.73 25.52 -101.56
N MET B 449 -43.82 24.84 -101.22
CA MET B 449 -44.36 23.80 -102.10
C MET B 449 -45.13 24.38 -103.28
N GLY B 450 -46.22 25.10 -103.01
CA GLY B 450 -47.09 25.59 -104.03
C GLY B 450 -48.45 24.91 -104.07
N PHE B 451 -48.62 23.82 -103.32
CA PHE B 451 -49.93 23.18 -103.22
C PHE B 451 -50.76 23.83 -102.12
N VAL B 452 -50.17 23.96 -100.93
CA VAL B 452 -50.91 24.37 -99.73
C VAL B 452 -50.52 25.80 -99.35
N ASP B 453 -50.05 26.57 -100.34
CA ASP B 453 -49.82 27.99 -100.14
C ASP B 453 -51.06 28.84 -100.36
N ASP B 454 -52.23 28.22 -100.45
CA ASP B 454 -53.50 28.91 -100.64
C ASP B 454 -54.57 28.55 -99.61
N GLN B 455 -54.61 27.29 -99.17
CA GLN B 455 -55.67 26.80 -98.31
C GLN B 455 -55.06 25.99 -97.16
N GLN B 456 -55.90 25.70 -96.17
CA GLN B 456 -55.46 25.10 -94.92
C GLN B 456 -55.09 23.63 -95.09
N THR B 457 -54.35 23.12 -94.11
CA THR B 457 -54.08 21.70 -93.97
C THR B 457 -54.58 21.23 -92.61
N PHE B 458 -54.72 19.91 -92.47
CA PHE B 458 -55.03 19.32 -91.18
C PHE B 458 -53.97 18.32 -90.74
N PHE B 459 -53.58 17.39 -91.60
CA PHE B 459 -52.68 16.30 -91.24
C PHE B 459 -51.75 16.03 -92.40
N CYS B 460 -50.44 16.21 -92.19
CA CYS B 460 -49.44 15.94 -93.23
C CYS B 460 -48.25 15.23 -92.57
N GLY B 461 -48.31 13.90 -92.54
CA GLY B 461 -47.32 13.10 -91.85
C GLY B 461 -46.04 12.89 -92.63
N ASN B 462 -45.44 11.71 -92.44
CA ASN B 462 -44.17 11.35 -93.08
C ASN B 462 -44.29 9.91 -93.59
N VAL B 463 -44.39 9.76 -94.91
CA VAL B 463 -44.47 8.42 -95.50
C VAL B 463 -43.08 7.80 -95.52
N ALA B 464 -42.99 6.54 -95.10
CA ALA B 464 -41.72 5.80 -95.10
C ALA B 464 -41.24 5.44 -96.50
N HIS B 465 -42.05 5.64 -97.53
CA HIS B 465 -41.63 5.53 -98.92
C HIS B 465 -41.07 6.85 -99.46
N GLN B 466 -40.60 7.73 -98.56
CA GLN B 466 -40.04 9.06 -98.87
C GLN B 466 -41.06 9.94 -99.60
N GLN B 467 -42.32 9.81 -99.18
CA GLN B 467 -43.42 10.59 -99.75
C GLN B 467 -44.04 11.41 -98.63
N LEU B 468 -45.15 12.07 -98.93
CA LEU B 468 -45.89 12.84 -97.96
C LEU B 468 -47.33 12.95 -98.43
N ILE B 469 -48.23 13.18 -97.50
CA ILE B 469 -49.66 13.26 -97.79
C ILE B 469 -50.10 14.71 -97.55
N GLN B 470 -50.58 15.35 -98.61
CA GLN B 470 -51.11 16.71 -98.55
C GLN B 470 -52.61 16.70 -98.74
N ILE B 471 -53.32 17.39 -97.86
CA ILE B 471 -54.77 17.48 -97.88
C ILE B 471 -55.11 18.96 -97.87
N THR B 472 -55.75 19.44 -98.94
CA THR B 472 -55.96 20.87 -99.13
C THR B 472 -57.42 21.28 -99.00
N SER B 473 -58.30 20.78 -99.86
CA SER B 473 -59.73 21.07 -99.73
C SER B 473 -60.57 19.80 -99.62
N ALA B 474 -60.48 18.91 -100.60
CA ALA B 474 -61.33 17.73 -100.65
C ALA B 474 -60.61 16.50 -101.17
N SER B 475 -59.31 16.58 -101.45
CA SER B 475 -58.62 15.52 -102.15
C SER B 475 -57.27 15.27 -101.49
N VAL B 476 -56.79 14.03 -101.62
CA VAL B 476 -55.51 13.63 -101.07
C VAL B 476 -54.53 13.40 -102.21
N ARG B 477 -53.25 13.52 -101.90
CA ARG B 477 -52.23 13.45 -102.93
C ARG B 477 -50.91 12.99 -102.32
N LEU B 478 -50.06 12.42 -103.17
CA LEU B 478 -48.71 12.03 -102.76
C LEU B 478 -47.72 13.11 -103.18
N VAL B 479 -46.55 13.10 -102.54
CA VAL B 479 -45.56 14.16 -102.67
C VAL B 479 -44.22 13.55 -103.05
N SER B 480 -43.63 14.07 -104.12
CA SER B 480 -42.30 13.68 -104.59
C SER B 480 -41.25 14.51 -103.84
N GLN B 481 -40.02 14.54 -104.34
CA GLN B 481 -38.96 15.32 -103.71
C GLN B 481 -39.20 16.81 -103.99
N GLU B 482 -40.10 17.40 -103.18
CA GLU B 482 -40.60 18.77 -103.25
C GLU B 482 -41.10 19.18 -104.63
N PRO B 483 -42.26 18.67 -105.10
CA PRO B 483 -42.72 19.04 -106.44
C PRO B 483 -43.57 20.31 -106.44
N LYS B 484 -44.00 20.72 -107.64
CA LYS B 484 -45.01 21.76 -107.79
C LYS B 484 -46.23 21.28 -108.57
N ALA B 485 -46.16 20.12 -109.21
CA ALA B 485 -47.28 19.49 -109.87
C ALA B 485 -47.65 18.22 -109.12
N LEU B 486 -48.91 17.83 -109.25
CA LEU B 486 -49.45 16.73 -108.44
C LEU B 486 -48.89 15.38 -108.89
N VAL B 487 -48.54 14.56 -107.91
CA VAL B 487 -48.11 13.20 -108.21
C VAL B 487 -49.30 12.32 -108.53
N SER B 488 -50.19 12.14 -107.55
CA SER B 488 -51.46 11.46 -107.79
C SER B 488 -52.50 12.07 -106.85
N GLU B 489 -53.21 13.09 -107.33
CA GLU B 489 -54.26 13.73 -106.54
C GLU B 489 -55.56 12.96 -106.76
N TRP B 490 -55.87 12.05 -105.83
CA TRP B 490 -57.13 11.32 -105.89
C TRP B 490 -58.24 12.24 -105.39
N LYS B 491 -59.16 12.59 -106.30
CA LYS B 491 -60.29 13.43 -105.95
C LYS B 491 -61.31 12.63 -105.14
N GLU B 492 -62.22 13.35 -104.50
CA GLU B 492 -63.33 12.70 -103.80
C GLU B 492 -64.58 12.76 -104.66
N PRO B 493 -65.33 11.67 -104.81
CA PRO B 493 -66.57 11.73 -105.59
C PRO B 493 -67.77 12.23 -104.78
N GLN B 494 -67.60 13.29 -104.00
CA GLN B 494 -68.70 13.94 -103.29
C GLN B 494 -68.68 15.47 -103.41
N ALA B 495 -67.52 16.08 -103.69
CA ALA B 495 -67.34 17.53 -103.86
C ALA B 495 -67.79 18.31 -102.62
N LYS B 496 -67.36 17.85 -101.45
CA LYS B 496 -67.70 18.47 -100.18
C LYS B 496 -66.44 18.81 -99.42
N ASN B 497 -66.58 19.68 -98.43
CA ASN B 497 -65.49 19.98 -97.52
C ASN B 497 -65.23 18.79 -96.61
N ILE B 498 -63.95 18.49 -96.38
CA ILE B 498 -63.59 17.38 -95.51
C ILE B 498 -63.87 17.78 -94.07
N SER B 499 -64.67 16.96 -93.37
CA SER B 499 -64.96 17.23 -91.96
C SER B 499 -63.73 16.98 -91.10
N VAL B 500 -63.26 15.73 -91.04
CA VAL B 500 -62.04 15.37 -90.33
C VAL B 500 -61.24 14.42 -91.21
N ALA B 501 -60.05 14.83 -91.61
CA ALA B 501 -59.10 13.98 -92.31
C ALA B 501 -58.09 13.43 -91.32
N SER B 502 -57.22 12.54 -91.82
CA SER B 502 -56.10 11.98 -91.07
C SER B 502 -55.16 11.32 -92.07
N CYS B 503 -53.94 11.05 -91.62
CA CYS B 503 -52.93 10.45 -92.48
C CYS B 503 -52.03 9.55 -91.66
N ASN B 504 -51.17 8.81 -92.36
CA ASN B 504 -50.24 7.89 -91.72
C ASN B 504 -49.01 7.80 -92.64
N SER B 505 -48.20 6.77 -92.45
CA SER B 505 -47.03 6.52 -93.29
C SER B 505 -47.26 5.45 -94.36
N SER B 506 -48.43 4.79 -94.34
CA SER B 506 -48.70 3.77 -95.35
C SER B 506 -50.15 3.80 -95.83
N GLN B 507 -50.95 4.77 -95.40
CA GLN B 507 -52.38 4.76 -95.65
C GLN B 507 -52.95 6.15 -95.39
N VAL B 508 -54.08 6.44 -96.02
CA VAL B 508 -54.81 7.69 -95.84
C VAL B 508 -56.21 7.37 -95.35
N VAL B 509 -56.62 7.99 -94.24
CA VAL B 509 -57.94 7.80 -93.67
C VAL B 509 -58.61 9.16 -93.59
N VAL B 510 -59.60 9.40 -94.45
CA VAL B 510 -60.29 10.68 -94.54
C VAL B 510 -61.78 10.44 -94.34
N ALA B 511 -62.38 11.19 -93.41
CA ALA B 511 -63.81 11.11 -93.14
C ALA B 511 -64.47 12.42 -93.53
N VAL B 512 -65.47 12.36 -94.41
CA VAL B 512 -66.19 13.53 -94.88
C VAL B 512 -67.65 13.32 -94.50
N GLY B 513 -68.11 14.02 -93.46
CA GLY B 513 -69.44 13.79 -92.95
C GLY B 513 -69.52 12.44 -92.25
N ARG B 514 -70.19 11.48 -92.90
CA ARG B 514 -70.20 10.11 -92.41
C ARG B 514 -69.43 9.15 -93.31
N ALA B 515 -69.08 9.55 -94.53
CA ALA B 515 -68.37 8.66 -95.43
C ALA B 515 -66.90 8.55 -95.01
N LEU B 516 -66.45 7.32 -94.78
CA LEU B 516 -65.10 7.05 -94.29
C LEU B 516 -64.32 6.34 -95.38
N TYR B 517 -63.27 6.98 -95.88
CA TYR B 517 -62.52 6.52 -97.04
C TYR B 517 -61.21 5.86 -96.61
N TYR B 518 -60.54 5.26 -97.59
CA TYR B 518 -59.26 4.59 -97.39
C TYR B 518 -58.46 4.61 -98.67
N LEU B 519 -57.16 4.88 -98.56
CA LEU B 519 -56.26 4.90 -99.70
C LEU B 519 -55.09 3.97 -99.41
N GLN B 520 -54.68 3.21 -100.42
CA GLN B 520 -53.52 2.34 -100.31
C GLN B 520 -52.35 3.03 -100.99
N ILE B 521 -51.30 3.34 -100.22
CA ILE B 521 -50.14 4.04 -100.76
C ILE B 521 -49.25 3.03 -101.45
N HIS B 522 -49.34 2.98 -102.76
CA HIS B 522 -48.40 2.36 -103.68
C HIS B 522 -47.24 3.34 -103.92
N PRO B 523 -46.16 2.94 -104.63
CA PRO B 523 -45.22 3.96 -105.09
C PRO B 523 -45.84 4.87 -106.14
N GLN B 524 -46.14 6.10 -105.72
CA GLN B 524 -46.73 7.16 -106.55
C GLN B 524 -48.08 6.75 -107.14
N GLU B 525 -48.93 6.15 -106.32
CA GLU B 525 -50.28 5.76 -106.74
C GLU B 525 -51.17 5.63 -105.51
N LEU B 526 -52.36 6.22 -105.58
CA LEU B 526 -53.37 6.14 -104.53
C LEU B 526 -54.54 5.30 -105.06
N ARG B 527 -54.76 4.16 -104.42
CA ARG B 527 -55.77 3.21 -104.87
C ARG B 527 -56.82 2.98 -103.79
N GLN B 528 -58.09 2.94 -104.19
CA GLN B 528 -59.19 2.73 -103.26
C GLN B 528 -59.43 1.23 -103.07
N ILE B 529 -59.58 0.81 -101.81
CA ILE B 529 -59.80 -0.60 -101.50
C ILE B 529 -61.08 -0.79 -100.69
N SER B 530 -61.17 -0.13 -99.54
CA SER B 530 -62.25 -0.34 -98.59
C SER B 530 -63.06 0.95 -98.41
N HIS B 531 -64.26 0.79 -97.86
CA HIS B 531 -65.18 1.89 -97.63
C HIS B 531 -66.22 1.45 -96.62
N THR B 532 -66.50 2.33 -95.66
CA THR B 532 -67.57 2.11 -94.69
C THR B 532 -68.20 3.45 -94.35
N GLU B 533 -69.38 3.39 -93.73
CA GLU B 533 -70.16 4.58 -93.43
C GLU B 533 -70.58 4.58 -91.97
N MET B 534 -70.67 5.77 -91.40
CA MET B 534 -71.03 5.96 -90.00
C MET B 534 -72.48 6.39 -89.87
N GLU B 535 -73.07 6.09 -88.71
CA GLU B 535 -74.46 6.44 -88.46
C GLU B 535 -74.64 7.92 -88.14
N HIS B 536 -73.60 8.58 -87.65
CA HIS B 536 -73.61 10.02 -87.41
C HIS B 536 -72.39 10.65 -88.07
N GLU B 537 -72.27 11.97 -87.93
CA GLU B 537 -71.15 12.67 -88.52
C GLU B 537 -69.90 12.51 -87.65
N VAL B 538 -68.74 12.54 -88.29
CA VAL B 538 -67.48 12.22 -87.63
C VAL B 538 -66.98 13.42 -86.84
N ALA B 539 -66.76 13.23 -85.55
CA ALA B 539 -66.25 14.30 -84.70
C ALA B 539 -64.74 14.47 -84.84
N CYS B 540 -64.00 13.36 -84.86
CA CYS B 540 -62.56 13.39 -84.99
C CYS B 540 -62.07 12.05 -85.51
N LEU B 541 -60.78 12.01 -85.84
CA LEU B 541 -60.09 10.77 -86.24
C LEU B 541 -58.72 10.73 -85.60
N ASP B 542 -58.25 9.52 -85.31
CA ASP B 542 -56.95 9.31 -84.69
C ASP B 542 -56.26 8.14 -85.37
N ILE B 543 -54.97 8.29 -85.65
CA ILE B 543 -54.13 7.24 -86.19
C ILE B 543 -52.83 7.19 -85.40
N THR B 544 -52.53 6.02 -84.83
CA THR B 544 -51.32 5.81 -84.06
C THR B 544 -50.41 4.80 -84.76
N PRO B 545 -49.09 5.00 -84.69
CA PRO B 545 -48.16 4.02 -85.30
C PRO B 545 -48.02 2.75 -84.48
N LEU B 546 -48.91 1.78 -84.71
CA LEU B 546 -48.94 0.58 -83.87
C LEU B 546 -47.77 -0.35 -84.18
N GLY B 547 -47.70 -0.88 -85.40
CA GLY B 547 -46.83 -2.01 -85.66
C GLY B 547 -46.01 -1.87 -86.92
N ASP B 548 -44.91 -2.65 -86.94
CA ASP B 548 -43.99 -2.91 -88.05
C ASP B 548 -43.15 -1.71 -88.46
N SER B 549 -43.26 -0.56 -87.76
CA SER B 549 -42.69 0.73 -88.17
C SER B 549 -43.08 1.11 -89.59
N ASN B 550 -44.32 0.76 -89.98
CA ASN B 550 -44.81 0.90 -91.33
C ASN B 550 -46.01 1.83 -91.43
N GLY B 551 -46.92 1.80 -90.47
CA GLY B 551 -48.17 2.52 -90.57
C GLY B 551 -49.39 1.66 -90.75
N LEU B 552 -49.26 0.33 -90.59
CA LEU B 552 -50.40 -0.56 -90.66
C LEU B 552 -50.99 -0.75 -89.26
N SER B 553 -52.28 -0.45 -89.12
CA SER B 553 -52.95 -0.50 -87.82
C SER B 553 -54.17 -1.42 -87.93
N PRO B 554 -54.19 -2.54 -87.21
CA PRO B 554 -55.35 -3.45 -87.28
C PRO B 554 -56.62 -2.88 -86.65
N LEU B 555 -56.54 -1.80 -85.89
CA LEU B 555 -57.68 -1.22 -85.20
C LEU B 555 -58.00 0.15 -85.79
N CYS B 556 -59.17 0.67 -85.43
CA CYS B 556 -59.59 1.99 -85.85
C CYS B 556 -60.18 2.74 -84.66
N ALA B 557 -60.36 4.05 -84.84
CA ALA B 557 -60.97 4.91 -83.83
C ALA B 557 -62.11 5.69 -84.48
N ILE B 558 -63.27 5.69 -83.84
CA ILE B 558 -64.48 6.31 -84.37
C ILE B 558 -65.04 7.25 -83.31
N GLY B 559 -65.27 8.50 -83.68
CA GLY B 559 -65.96 9.44 -82.83
C GLY B 559 -67.10 10.10 -83.58
N LEU B 560 -68.15 10.44 -82.85
CA LEU B 560 -69.35 11.01 -83.44
C LEU B 560 -69.74 12.31 -82.73
N TRP B 561 -70.44 13.17 -83.47
CA TRP B 561 -70.92 14.43 -82.90
C TRP B 561 -72.13 14.18 -82.01
N THR B 562 -72.08 14.74 -80.80
CA THR B 562 -73.11 14.63 -79.75
C THR B 562 -73.46 13.18 -79.43
N ASP B 563 -72.48 12.29 -79.54
CA ASP B 563 -72.72 10.86 -79.34
C ASP B 563 -71.38 10.20 -79.07
N ILE B 564 -71.22 9.64 -77.86
CA ILE B 564 -70.00 8.93 -77.52
C ILE B 564 -69.96 7.61 -78.27
N SER B 565 -68.95 7.45 -79.13
CA SER B 565 -68.84 6.28 -79.99
C SER B 565 -67.58 5.51 -79.60
N ALA B 566 -67.75 4.24 -79.26
CA ALA B 566 -66.65 3.31 -79.06
C ALA B 566 -66.53 2.31 -80.20
N ARG B 567 -66.93 2.72 -81.41
CA ARG B 567 -66.93 1.85 -82.58
C ARG B 567 -65.49 1.59 -83.03
N ILE B 568 -65.18 0.31 -83.25
CA ILE B 568 -63.83 -0.14 -83.52
C ILE B 568 -63.85 -0.97 -84.79
N LEU B 569 -63.04 -0.57 -85.78
CA LEU B 569 -63.03 -1.20 -87.09
C LEU B 569 -61.65 -1.77 -87.40
N LYS B 570 -61.62 -2.73 -88.32
CA LYS B 570 -60.36 -3.29 -88.83
C LYS B 570 -59.95 -2.42 -90.03
N LEU B 571 -59.34 -1.27 -89.69
CA LEU B 571 -59.05 -0.10 -90.53
C LEU B 571 -58.52 -0.36 -91.94
N PRO B 572 -57.67 -1.40 -92.23
CA PRO B 572 -57.39 -1.70 -93.64
C PRO B 572 -58.59 -2.21 -94.41
N SER B 573 -59.50 -2.92 -93.74
CA SER B 573 -60.68 -3.48 -94.38
C SER B 573 -61.98 -2.91 -93.84
N PHE B 574 -61.94 -2.28 -92.65
CA PHE B 574 -63.10 -1.74 -91.93
C PHE B 574 -64.15 -2.83 -91.66
N GLU B 575 -63.70 -3.85 -90.95
CA GLU B 575 -64.56 -4.92 -90.47
C GLU B 575 -65.01 -4.60 -89.05
N LEU B 576 -66.29 -4.84 -88.75
CA LEU B 576 -66.83 -4.53 -87.45
C LEU B 576 -66.29 -5.50 -86.40
N LEU B 577 -65.58 -4.98 -85.41
CA LEU B 577 -64.98 -5.78 -84.35
C LEU B 577 -65.64 -5.57 -82.99
N HIS B 578 -65.88 -4.32 -82.61
CA HIS B 578 -66.56 -4.02 -81.36
C HIS B 578 -67.49 -2.83 -81.58
N LYS B 579 -68.73 -2.98 -81.13
CA LYS B 579 -69.74 -1.94 -81.27
C LYS B 579 -70.33 -1.67 -79.89
N GLU B 580 -70.06 -0.47 -79.35
CA GLU B 580 -70.62 -0.03 -78.09
C GLU B 580 -70.95 1.45 -78.19
N MET B 581 -72.21 1.80 -77.94
CA MET B 581 -72.67 3.17 -78.01
C MET B 581 -73.08 3.60 -76.61
N LEU B 582 -72.25 4.45 -75.98
CA LEU B 582 -72.55 4.93 -74.64
C LEU B 582 -73.69 5.94 -74.67
N GLY B 583 -73.57 6.97 -75.50
CA GLY B 583 -74.59 7.98 -75.62
C GLY B 583 -74.33 9.19 -74.75
N GLY B 584 -74.77 10.36 -75.18
CA GLY B 584 -74.55 11.57 -74.41
C GLY B 584 -74.03 12.74 -75.21
N GLU B 585 -74.10 13.94 -74.61
CA GLU B 585 -73.74 15.18 -75.29
C GLU B 585 -72.25 15.44 -75.32
N ILE B 586 -71.46 14.70 -74.54
CA ILE B 586 -70.03 14.95 -74.45
C ILE B 586 -69.33 14.41 -75.70
N ILE B 587 -68.64 15.29 -76.42
CA ILE B 587 -67.96 14.91 -77.66
C ILE B 587 -66.54 14.43 -77.35
N PRO B 588 -66.17 13.22 -77.77
CA PRO B 588 -64.80 12.75 -77.53
C PRO B 588 -63.84 13.02 -78.67
N ARG B 589 -62.60 13.42 -78.34
CA ARG B 589 -61.48 13.27 -79.27
C ARG B 589 -61.06 11.81 -79.19
N SER B 590 -61.38 11.05 -80.24
CA SER B 590 -61.89 9.68 -80.15
C SER B 590 -61.16 8.70 -79.24
N ILE B 591 -59.95 8.26 -79.62
CA ILE B 591 -59.26 7.15 -78.96
C ILE B 591 -57.76 7.33 -79.19
N LEU B 592 -56.96 7.26 -78.11
CA LEU B 592 -55.52 7.12 -78.23
C LEU B 592 -55.14 5.66 -78.02
N MET B 593 -54.46 5.08 -79.00
CA MET B 593 -54.05 3.67 -78.97
C MET B 593 -52.55 3.60 -78.71
N THR B 594 -52.16 3.15 -77.51
CA THR B 594 -50.76 2.88 -77.21
C THR B 594 -50.68 1.74 -76.22
N THR B 595 -49.84 0.74 -76.51
CA THR B 595 -49.58 -0.34 -75.58
C THR B 595 -48.52 0.09 -74.57
N PHE B 596 -48.87 0.03 -73.29
CA PHE B 596 -47.98 0.48 -72.22
C PHE B 596 -47.16 -0.68 -71.65
N GLU B 597 -46.47 -1.38 -72.54
CA GLU B 597 -45.52 -2.49 -72.32
C GLU B 597 -46.17 -3.76 -71.77
N SER B 598 -47.46 -3.75 -71.44
CA SER B 598 -48.13 -4.94 -70.93
C SER B 598 -49.46 -5.25 -71.62
N SER B 599 -50.23 -4.25 -72.04
CA SER B 599 -51.55 -4.48 -72.60
C SER B 599 -51.93 -3.30 -73.48
N HIS B 600 -52.66 -3.58 -74.55
CA HIS B 600 -53.22 -2.52 -75.36
C HIS B 600 -54.42 -1.90 -74.64
N TYR B 601 -54.42 -0.59 -74.51
CA TYR B 601 -55.53 0.13 -73.93
C TYR B 601 -56.15 1.04 -74.99
N LEU B 602 -57.34 1.55 -74.69
CA LEU B 602 -57.93 2.63 -75.46
C LEU B 602 -58.05 3.84 -74.54
N LEU B 603 -57.68 5.01 -75.04
CA LEU B 603 -57.59 6.22 -74.22
C LEU B 603 -58.47 7.27 -74.88
N CYS B 604 -59.66 7.48 -74.35
CA CYS B 604 -60.64 8.38 -74.95
C CYS B 604 -60.53 9.76 -74.34
N ALA B 605 -60.33 10.77 -75.19
CA ALA B 605 -60.21 12.16 -74.76
C ALA B 605 -61.58 12.83 -74.86
N LEU B 606 -62.33 12.79 -73.77
CA LEU B 606 -63.69 13.28 -73.78
C LEU B 606 -63.71 14.80 -73.70
N GLY B 607 -64.88 15.37 -74.01
CA GLY B 607 -65.09 16.78 -73.85
C GLY B 607 -65.30 17.18 -72.41
N ASP B 608 -65.06 18.48 -72.14
CA ASP B 608 -65.27 19.12 -70.84
C ASP B 608 -64.46 18.47 -69.73
N GLY B 609 -63.26 17.99 -70.07
CA GLY B 609 -62.33 17.45 -69.09
C GLY B 609 -62.77 16.15 -68.46
N ALA B 610 -62.96 15.11 -69.27
CA ALA B 610 -63.31 13.79 -68.77
C ALA B 610 -62.41 12.75 -69.41
N LEU B 611 -62.23 11.63 -68.70
CA LEU B 611 -61.31 10.59 -69.14
C LEU B 611 -61.89 9.24 -68.79
N PHE B 612 -61.77 8.29 -69.72
CA PHE B 612 -62.19 6.90 -69.52
C PHE B 612 -60.99 5.98 -69.61
N TYR B 613 -60.99 4.95 -68.76
CA TYR B 613 -60.01 3.86 -68.87
C TYR B 613 -60.67 2.72 -69.65
N PHE B 614 -60.21 2.49 -70.88
CA PHE B 614 -60.69 1.37 -71.69
C PHE B 614 -59.52 0.44 -71.95
N GLY B 615 -59.79 -0.87 -71.92
CA GLY B 615 -58.79 -1.86 -72.24
C GLY B 615 -59.24 -2.82 -73.33
N LEU B 616 -58.52 -2.85 -74.44
CA LEU B 616 -58.92 -3.62 -75.62
C LEU B 616 -57.85 -4.60 -76.03
N ASN B 617 -58.24 -5.85 -76.25
CA ASN B 617 -57.39 -6.80 -76.94
C ASN B 617 -57.49 -6.55 -78.45
N ILE B 618 -56.33 -6.57 -79.13
CA ILE B 618 -56.28 -6.15 -80.53
C ILE B 618 -56.79 -7.22 -81.50
N GLU B 619 -57.28 -8.35 -81.01
CA GLU B 619 -57.76 -9.42 -81.87
C GLU B 619 -59.14 -9.94 -81.55
N THR B 620 -59.73 -9.57 -80.41
CA THR B 620 -61.04 -10.08 -80.01
C THR B 620 -62.14 -9.03 -80.03
N GLY B 621 -61.96 -7.93 -79.30
CA GLY B 621 -62.96 -6.89 -79.25
C GLY B 621 -63.79 -6.90 -77.98
N LEU B 622 -63.15 -7.13 -76.83
CA LEU B 622 -63.82 -7.16 -75.54
C LEU B 622 -63.22 -6.11 -74.63
N LEU B 623 -64.07 -5.22 -74.11
CA LEU B 623 -63.63 -4.10 -73.29
C LEU B 623 -63.90 -4.36 -71.81
N SER B 624 -63.13 -3.68 -70.97
CA SER B 624 -63.25 -3.74 -69.52
C SER B 624 -64.11 -2.57 -69.03
N ASP B 625 -64.12 -2.38 -67.70
CA ASP B 625 -64.91 -1.31 -67.10
C ASP B 625 -64.26 0.05 -67.35
N ARG B 626 -65.10 1.08 -67.40
CA ARG B 626 -64.64 2.46 -67.56
C ARG B 626 -64.31 3.05 -66.20
N LYS B 627 -63.64 4.21 -66.23
CA LYS B 627 -63.15 4.84 -65.01
C LYS B 627 -63.05 6.34 -65.22
N LYS B 628 -63.92 7.09 -64.55
CA LYS B 628 -64.00 8.53 -64.69
C LYS B 628 -62.85 9.20 -63.94
N VAL B 629 -61.97 9.86 -64.70
CA VAL B 629 -60.86 10.63 -64.14
C VAL B 629 -61.00 12.07 -64.62
N THR B 630 -60.97 13.01 -63.68
CA THR B 630 -61.21 14.41 -64.01
C THR B 630 -59.92 15.12 -64.38
N LEU B 631 -59.94 15.89 -65.46
CA LEU B 631 -58.79 16.67 -65.91
C LEU B 631 -59.06 18.16 -65.96
N GLY B 632 -60.29 18.57 -66.29
CA GLY B 632 -60.61 19.98 -66.33
C GLY B 632 -62.02 20.31 -66.80
N THR B 633 -62.17 21.45 -67.49
CA THR B 633 -63.47 21.93 -67.93
C THR B 633 -63.56 22.06 -69.45
N GLN B 634 -62.48 21.85 -70.18
CA GLN B 634 -62.43 21.96 -71.62
C GLN B 634 -62.20 20.58 -72.23
N PRO B 635 -62.53 20.39 -73.53
CA PRO B 635 -62.24 19.10 -74.17
C PRO B 635 -60.75 18.79 -74.23
N THR B 636 -60.42 17.52 -74.07
CA THR B 636 -59.06 17.05 -73.88
C THR B 636 -58.53 16.41 -75.16
N VAL B 637 -57.22 16.19 -75.19
CA VAL B 637 -56.51 15.59 -76.32
C VAL B 637 -55.51 14.58 -75.76
N LEU B 638 -55.51 13.37 -76.32
CA LEU B 638 -54.59 12.32 -75.90
C LEU B 638 -53.72 11.92 -77.08
N ARG B 639 -52.40 12.06 -76.94
CA ARG B 639 -51.47 11.82 -78.02
C ARG B 639 -50.31 10.94 -77.55
N THR B 640 -49.66 10.30 -78.52
CA THR B 640 -48.45 9.55 -78.30
C THR B 640 -47.42 9.96 -79.34
N PHE B 641 -46.15 9.78 -79.01
CA PHE B 641 -45.05 10.36 -79.80
C PHE B 641 -43.75 9.64 -79.45
N ARG B 642 -42.64 10.21 -79.92
CA ARG B 642 -41.30 9.76 -79.58
C ARG B 642 -40.52 10.96 -79.05
N SER B 643 -40.24 10.96 -77.75
CA SER B 643 -39.42 12.01 -77.15
C SER B 643 -37.98 11.85 -77.59
N LEU B 644 -37.39 10.71 -77.24
CA LEU B 644 -36.18 10.17 -77.86
C LEU B 644 -36.33 8.70 -78.19
N SER B 645 -36.98 7.95 -77.30
CA SER B 645 -37.28 6.54 -77.51
C SER B 645 -38.46 6.19 -76.61
N THR B 646 -38.73 4.90 -76.47
CA THR B 646 -39.63 4.27 -75.51
C THR B 646 -41.10 4.68 -75.64
N THR B 647 -41.47 5.41 -76.70
CA THR B 647 -42.85 5.74 -77.09
C THR B 647 -43.58 6.48 -75.96
N ASN B 648 -43.15 7.71 -75.74
CA ASN B 648 -43.69 8.53 -74.66
C ASN B 648 -45.12 8.98 -74.98
N VAL B 649 -45.97 8.95 -73.95
CA VAL B 649 -47.40 9.20 -74.09
C VAL B 649 -47.76 10.40 -73.22
N PHE B 650 -48.49 11.35 -73.80
CA PHE B 650 -48.83 12.60 -73.11
C PHE B 650 -50.34 12.85 -73.17
N ALA B 651 -50.85 13.52 -72.15
CA ALA B 651 -52.25 13.94 -72.07
C ALA B 651 -52.30 15.46 -72.24
N CYS B 652 -52.72 15.92 -73.42
CA CYS B 652 -52.92 17.34 -73.66
C CYS B 652 -54.28 17.72 -73.11
N SER B 653 -54.31 18.20 -71.87
CA SER B 653 -55.56 18.50 -71.20
C SER B 653 -55.39 19.72 -70.32
N ASP B 654 -56.45 20.05 -69.58
CA ASP B 654 -56.37 21.15 -68.62
C ASP B 654 -55.47 20.79 -67.44
N ARG B 655 -55.34 19.51 -67.11
CA ARG B 655 -54.35 19.01 -66.16
C ARG B 655 -53.39 18.15 -66.98
N PRO B 656 -52.31 18.73 -67.51
CA PRO B 656 -51.43 17.99 -68.42
C PRO B 656 -50.62 16.93 -67.68
N THR B 657 -50.83 15.67 -68.04
CA THR B 657 -50.22 14.54 -67.36
C THR B 657 -49.47 13.66 -68.36
N VAL B 658 -48.46 12.95 -67.86
CA VAL B 658 -47.73 11.95 -68.62
C VAL B 658 -48.34 10.60 -68.28
N ILE B 659 -48.86 9.92 -69.30
CA ILE B 659 -49.65 8.71 -69.08
C ILE B 659 -48.77 7.47 -68.97
N TYR B 660 -47.54 7.52 -69.50
CA TYR B 660 -46.81 6.31 -69.90
C TYR B 660 -46.42 5.45 -68.71
N SER B 661 -45.71 5.99 -67.74
CA SER B 661 -45.19 5.17 -66.66
C SER B 661 -44.97 5.99 -65.40
N SER B 662 -45.03 5.32 -64.25
CA SER B 662 -44.67 5.88 -62.95
C SER B 662 -44.24 4.70 -62.06
N ASN B 663 -42.92 4.50 -61.97
CA ASN B 663 -42.32 3.29 -61.40
C ASN B 663 -42.89 2.03 -62.06
N HIS B 664 -42.99 2.09 -63.39
CA HIS B 664 -43.57 1.04 -64.24
C HIS B 664 -45.00 0.70 -63.83
N LYS B 665 -45.84 1.72 -63.77
CA LYS B 665 -47.20 1.59 -63.27
C LYS B 665 -48.03 2.75 -63.80
N LEU B 666 -49.31 2.49 -64.06
CA LEU B 666 -50.22 3.50 -64.64
C LEU B 666 -50.70 4.43 -63.53
N VAL B 667 -49.85 5.39 -63.19
CA VAL B 667 -50.21 6.54 -62.35
C VAL B 667 -49.74 7.78 -63.08
N PHE B 668 -50.60 8.79 -63.16
CA PHE B 668 -50.27 9.98 -63.94
C PHE B 668 -49.21 10.83 -63.25
N SER B 669 -48.34 11.43 -64.06
CA SER B 669 -47.34 12.38 -63.59
C SER B 669 -47.47 13.64 -64.42
N ASN B 670 -47.47 14.78 -63.75
CA ASN B 670 -47.76 16.07 -64.39
C ASN B 670 -46.56 16.55 -65.21
N VAL B 671 -46.65 17.78 -65.70
CA VAL B 671 -45.52 18.50 -66.28
C VAL B 671 -45.49 19.89 -65.68
N ASN B 672 -44.44 20.64 -65.99
CA ASN B 672 -44.31 22.01 -65.52
C ASN B 672 -44.85 23.02 -66.52
N LEU B 673 -46.09 22.81 -66.98
CA LEU B 673 -46.77 23.73 -67.88
C LEU B 673 -48.23 23.84 -67.46
N LYS B 674 -48.81 25.02 -67.65
CA LYS B 674 -50.14 25.31 -67.11
C LYS B 674 -51.24 24.59 -67.88
N GLU B 675 -51.30 24.77 -69.19
CA GLU B 675 -52.38 24.21 -69.99
C GLU B 675 -51.88 23.88 -71.38
N VAL B 676 -52.16 22.67 -71.84
CA VAL B 676 -51.63 22.14 -73.10
C VAL B 676 -52.79 21.67 -73.96
N ASN B 677 -52.87 22.19 -75.19
CA ASN B 677 -53.92 21.82 -76.14
C ASN B 677 -53.43 20.81 -77.18
N TYR B 678 -52.38 21.14 -77.92
CA TYR B 678 -51.86 20.31 -79.00
C TYR B 678 -50.38 20.04 -78.76
N MET B 679 -49.82 19.14 -79.57
CA MET B 679 -48.38 18.94 -79.65
C MET B 679 -47.96 18.79 -81.10
N CYS B 680 -46.68 19.07 -81.35
CA CYS B 680 -46.16 19.07 -82.71
C CYS B 680 -44.75 18.50 -82.77
N PRO B 681 -44.55 17.36 -83.44
CA PRO B 681 -43.19 16.82 -83.61
C PRO B 681 -42.36 17.55 -84.65
N LEU B 682 -41.69 18.64 -84.25
CA LEU B 682 -40.91 19.45 -85.16
C LEU B 682 -39.51 18.86 -85.33
N ASN B 683 -38.60 19.64 -85.94
CA ASN B 683 -37.20 19.26 -86.16
C ASN B 683 -36.33 20.46 -85.83
N SER B 684 -35.88 20.56 -84.58
CA SER B 684 -35.05 21.68 -84.16
C SER B 684 -33.57 21.33 -84.30
N ASP B 685 -32.75 22.36 -84.56
CA ASP B 685 -31.32 22.18 -84.70
C ASP B 685 -30.59 22.13 -83.35
N GLY B 686 -31.19 22.66 -82.30
CA GLY B 686 -30.56 22.65 -80.99
C GLY B 686 -31.30 21.80 -79.98
N TYR B 687 -32.31 21.07 -80.45
CA TYR B 687 -33.14 20.22 -79.60
C TYR B 687 -33.34 18.87 -80.29
N PRO B 688 -32.67 17.82 -79.82
CA PRO B 688 -32.76 16.53 -80.52
C PRO B 688 -34.08 15.82 -80.27
N ASP B 689 -34.81 15.56 -81.37
CA ASP B 689 -36.08 14.85 -81.41
C ASP B 689 -37.16 15.48 -80.53
N SER B 690 -37.06 16.78 -80.28
CA SER B 690 -37.99 17.43 -79.38
C SER B 690 -39.32 17.71 -80.07
N LEU B 691 -40.30 18.12 -79.28
CA LEU B 691 -41.64 18.40 -79.79
C LEU B 691 -42.08 19.78 -79.31
N ALA B 692 -42.84 20.45 -80.16
CA ALA B 692 -43.43 21.74 -79.82
C ALA B 692 -44.87 21.55 -79.37
N LEU B 693 -45.35 22.50 -78.56
CA LEU B 693 -46.65 22.38 -77.92
C LEU B 693 -47.51 23.58 -78.28
N ALA B 694 -48.40 23.39 -79.24
CA ALA B 694 -49.39 24.41 -79.57
C ALA B 694 -50.47 24.45 -78.50
N ASN B 695 -50.65 25.62 -77.91
CA ASN B 695 -51.42 25.76 -76.67
C ASN B 695 -52.30 26.99 -76.82
N ASN B 696 -52.85 27.47 -75.69
CA ASN B 696 -53.40 28.81 -75.60
C ASN B 696 -52.34 29.85 -75.29
N SER B 697 -51.07 29.53 -75.50
CA SER B 697 -49.92 30.40 -75.28
C SER B 697 -48.85 29.99 -76.29
N THR B 698 -47.60 30.36 -76.01
CA THR B 698 -46.49 30.20 -76.95
C THR B 698 -46.18 28.73 -77.22
N LEU B 699 -45.25 28.53 -78.17
CA LEU B 699 -44.94 27.23 -78.74
C LEU B 699 -43.59 26.78 -78.18
N THR B 700 -43.57 25.65 -77.48
CA THR B 700 -42.42 25.23 -76.68
C THR B 700 -41.80 23.96 -77.26
N ILE B 701 -40.73 24.13 -78.04
CA ILE B 701 -39.99 22.99 -78.58
C ILE B 701 -39.16 22.41 -77.44
N GLY B 702 -39.64 21.32 -76.84
CA GLY B 702 -38.95 20.71 -75.72
C GLY B 702 -39.05 19.20 -75.76
N THR B 703 -38.12 18.56 -75.06
CA THR B 703 -38.07 17.11 -74.92
C THR B 703 -38.35 16.72 -73.47
N ILE B 704 -38.57 15.43 -73.28
CA ILE B 704 -38.97 14.88 -71.98
C ILE B 704 -37.94 13.86 -71.54
N ASP B 705 -37.46 14.00 -70.31
CA ASP B 705 -36.46 13.14 -69.69
C ASP B 705 -37.03 11.83 -69.18
N GLU B 706 -36.26 11.15 -68.32
CA GLU B 706 -36.76 10.02 -67.55
C GLU B 706 -38.02 10.39 -66.78
N ILE B 707 -39.10 9.65 -67.02
CA ILE B 707 -40.39 9.99 -66.43
C ILE B 707 -40.55 9.30 -65.08
N GLN B 708 -40.81 10.09 -64.04
CA GLN B 708 -41.18 9.56 -62.73
C GLN B 708 -41.98 10.61 -61.99
N LYS B 709 -42.45 10.25 -60.80
CA LYS B 709 -43.19 11.19 -59.97
C LYS B 709 -42.30 12.31 -59.45
N LEU B 710 -41.14 11.95 -58.91
CA LEU B 710 -40.25 12.91 -58.27
C LEU B 710 -38.90 12.91 -58.97
N HIS B 711 -38.71 13.89 -59.86
CA HIS B 711 -37.42 14.05 -60.52
C HIS B 711 -36.41 14.63 -59.55
N ILE B 712 -35.22 14.02 -59.51
CA ILE B 712 -34.21 14.30 -58.50
C ILE B 712 -32.95 14.80 -59.19
N ARG B 713 -32.56 16.04 -58.89
CA ARG B 713 -31.38 16.65 -59.47
C ARG B 713 -30.33 16.85 -58.39
N THR B 714 -29.13 16.33 -58.64
CA THR B 714 -28.06 16.29 -57.65
C THR B 714 -27.09 17.43 -57.88
N VAL B 715 -26.82 18.21 -56.84
CA VAL B 715 -25.80 19.25 -56.87
C VAL B 715 -24.70 18.84 -55.91
N PRO B 716 -23.69 18.09 -56.35
CA PRO B 716 -22.70 17.56 -55.41
C PRO B 716 -21.71 18.61 -54.93
N LEU B 717 -21.31 18.48 -53.67
CA LEU B 717 -20.33 19.37 -53.05
C LEU B 717 -19.20 18.64 -52.33
N TYR B 718 -19.35 17.33 -52.10
CA TYR B 718 -18.31 16.44 -51.56
C TYR B 718 -17.91 16.80 -50.13
N GLU B 719 -18.85 17.30 -49.33
CA GLU B 719 -18.66 17.48 -47.90
C GLU B 719 -20.02 17.53 -47.23
N SER B 720 -20.05 17.23 -45.93
CA SER B 720 -21.29 17.01 -45.19
C SER B 720 -22.13 18.27 -45.07
N PRO B 721 -23.37 18.28 -45.56
CA PRO B 721 -24.22 19.47 -45.37
C PRO B 721 -24.85 19.45 -44.00
N ARG B 722 -25.20 20.65 -43.51
CA ARG B 722 -25.80 20.72 -42.18
C ARG B 722 -27.21 21.29 -42.21
N LYS B 723 -27.40 22.46 -42.81
CA LYS B 723 -28.72 23.09 -42.85
C LYS B 723 -28.96 23.76 -44.20
N ILE B 724 -30.17 24.29 -44.34
CA ILE B 724 -30.59 25.02 -45.53
C ILE B 724 -31.57 26.11 -45.12
N CYS B 725 -31.39 27.30 -45.70
CA CYS B 725 -32.30 28.43 -45.50
C CYS B 725 -32.77 28.92 -46.86
N TYR B 726 -33.43 30.08 -46.90
CA TYR B 726 -33.82 30.64 -48.18
C TYR B 726 -33.84 32.16 -48.12
N GLN B 727 -33.37 32.79 -49.19
CA GLN B 727 -33.47 34.22 -49.38
C GLN B 727 -34.48 34.52 -50.48
N GLU B 728 -35.45 35.38 -50.20
CA GLU B 728 -36.31 35.91 -51.24
C GLU B 728 -35.67 37.09 -51.96
N VAL B 729 -35.16 38.06 -51.20
CA VAL B 729 -34.60 39.28 -51.79
C VAL B 729 -33.31 38.97 -52.51
N SER B 730 -32.35 38.40 -51.81
CA SER B 730 -31.22 37.77 -52.48
C SER B 730 -31.69 36.51 -53.18
N GLN B 731 -31.06 36.17 -54.30
CA GLN B 731 -31.37 34.95 -55.00
C GLN B 731 -30.26 33.93 -54.71
N CYS B 732 -30.32 33.33 -53.52
CA CYS B 732 -29.25 32.44 -53.09
C CYS B 732 -29.74 31.55 -51.96
N PHE B 733 -29.12 30.38 -51.83
CA PHE B 733 -29.31 29.49 -50.70
C PHE B 733 -28.23 29.70 -49.66
N GLY B 734 -28.26 28.86 -48.63
CA GLY B 734 -27.19 28.78 -47.66
C GLY B 734 -27.09 27.37 -47.12
N VAL B 735 -25.92 26.75 -47.24
CA VAL B 735 -25.72 25.38 -46.75
C VAL B 735 -24.50 25.36 -45.84
N LEU B 736 -24.73 25.04 -44.57
CA LEU B 736 -23.63 24.87 -43.64
C LEU B 736 -22.95 23.53 -43.91
N SER B 737 -21.62 23.51 -43.77
CA SER B 737 -20.82 22.44 -44.33
C SER B 737 -20.03 21.75 -43.23
N SER B 738 -19.37 20.66 -43.60
CA SER B 738 -18.47 19.95 -42.69
C SER B 738 -17.44 19.18 -43.50
N ARG B 739 -16.17 19.51 -43.29
CA ARG B 739 -15.06 18.91 -44.02
C ARG B 739 -14.12 18.23 -43.04
N ILE B 740 -13.59 17.07 -43.43
CA ILE B 740 -12.59 16.37 -42.64
C ILE B 740 -11.21 16.88 -43.02
N GLU B 741 -10.43 17.32 -42.03
CA GLU B 741 -9.05 17.72 -42.23
C GLU B 741 -8.18 17.15 -41.13
N VAL B 742 -6.90 17.00 -41.45
CA VAL B 742 -5.92 16.55 -40.48
C VAL B 742 -4.95 17.71 -40.23
N GLN B 743 -4.32 17.70 -39.05
CA GLN B 743 -3.41 18.76 -38.66
C GLN B 743 -2.02 18.45 -39.17
N ASP B 744 -1.45 19.40 -39.91
CA ASP B 744 -0.07 19.32 -40.33
C ASP B 744 0.85 19.69 -39.16
N THR B 745 2.08 19.17 -39.19
CA THR B 745 3.06 19.50 -38.17
C THR B 745 3.61 20.91 -38.38
N SER B 746 4.01 21.23 -39.61
CA SER B 746 4.52 22.55 -39.90
C SER B 746 3.38 23.55 -40.10
N GLY B 747 2.51 23.30 -41.08
CA GLY B 747 1.38 24.15 -41.34
C GLY B 747 0.28 23.99 -40.32
N GLY B 748 -0.77 24.79 -40.49
CA GLY B 748 -1.91 24.72 -39.58
C GLY B 748 -2.73 23.46 -39.76
N THR B 749 -3.43 23.35 -40.89
CA THR B 749 -4.21 22.17 -41.24
C THR B 749 -4.00 21.87 -42.72
N THR B 750 -4.50 20.72 -43.15
CA THR B 750 -4.48 20.35 -44.55
C THR B 750 -5.67 19.45 -44.87
N ALA B 751 -6.17 19.58 -46.10
CA ALA B 751 -7.38 18.89 -46.53
C ALA B 751 -7.05 17.45 -46.97
N LEU B 752 -8.04 16.79 -47.57
CA LEU B 752 -7.86 15.43 -48.04
C LEU B 752 -8.26 15.22 -49.50
N ARG B 753 -9.25 15.95 -50.01
CA ARG B 753 -9.65 15.82 -51.40
C ARG B 753 -10.31 17.13 -51.83
N PRO B 754 -10.22 17.49 -53.12
CA PRO B 754 -10.76 18.81 -53.56
C PRO B 754 -12.28 18.86 -53.69
N SER B 755 -12.94 19.16 -52.58
CA SER B 755 -14.37 19.39 -52.59
C SER B 755 -14.68 20.80 -53.12
N ALA B 756 -15.96 21.18 -53.05
CA ALA B 756 -16.38 22.48 -53.55
C ALA B 756 -16.28 23.58 -52.50
N SER B 757 -15.65 23.30 -51.36
CA SER B 757 -15.45 24.31 -50.32
C SER B 757 -14.28 25.23 -50.67
N THR B 758 -13.12 24.64 -50.96
CA THR B 758 -11.97 25.43 -51.38
C THR B 758 -12.17 25.98 -52.79
N GLN B 759 -12.99 25.32 -53.60
CA GLN B 759 -13.25 25.75 -54.97
C GLN B 759 -14.45 26.68 -54.98
N ALA B 760 -14.26 27.85 -54.37
CA ALA B 760 -15.32 28.84 -54.26
C ALA B 760 -14.95 30.10 -55.03
N LEU B 761 -15.93 30.97 -55.27
CA LEU B 761 -15.66 32.20 -56.00
C LEU B 761 -15.06 33.29 -55.13
N SER B 762 -15.20 33.19 -53.81
CA SER B 762 -14.67 34.18 -52.90
C SER B 762 -14.53 33.54 -51.52
N SER B 763 -13.43 33.85 -50.85
CA SER B 763 -13.10 33.24 -49.57
C SER B 763 -12.82 34.32 -48.54
N SER B 764 -13.07 33.98 -47.28
CA SER B 764 -12.79 34.86 -46.15
C SER B 764 -12.67 33.99 -44.91
N VAL B 765 -12.23 34.62 -43.82
CA VAL B 765 -12.09 33.94 -42.53
C VAL B 765 -12.59 34.90 -41.46
N SER B 766 -12.99 34.35 -40.32
CA SER B 766 -13.50 35.16 -39.22
C SER B 766 -12.38 35.98 -38.60
N SER B 767 -12.74 37.14 -38.06
CA SER B 767 -11.78 38.01 -37.39
C SER B 767 -12.21 38.21 -35.93
N SER B 768 -11.44 39.03 -35.20
CA SER B 768 -11.69 39.35 -33.79
C SER B 768 -11.73 38.09 -32.92
N LYS B 769 -10.55 37.47 -32.81
CA LYS B 769 -10.41 36.19 -32.12
C LYS B 769 -10.64 36.40 -30.62
N LEU B 770 -11.89 36.22 -30.20
CA LEU B 770 -12.36 36.63 -28.88
C LEU B 770 -12.42 35.49 -27.89
N PHE B 771 -11.91 34.31 -28.25
CA PHE B 771 -11.66 33.23 -27.32
C PHE B 771 -10.18 33.13 -26.99
N SER B 772 -9.48 34.25 -27.17
CA SER B 772 -8.03 34.31 -26.97
C SER B 772 -7.62 34.30 -25.50
N SER B 773 -8.49 34.76 -24.60
CA SER B 773 -8.16 34.78 -23.18
C SER B 773 -8.21 33.40 -22.55
N SER B 774 -8.91 32.45 -23.16
CA SER B 774 -8.96 31.09 -22.64
C SER B 774 -7.82 30.27 -23.24
N THR B 775 -7.00 29.68 -22.36
CA THR B 775 -5.83 28.92 -22.76
C THR B 775 -6.13 27.45 -23.06
N ALA B 776 -7.41 27.11 -23.26
CA ALA B 776 -7.89 25.79 -23.63
C ALA B 776 -7.32 25.17 -24.91
N PRO B 777 -7.02 25.93 -26.03
CA PRO B 777 -6.43 25.23 -27.19
C PRO B 777 -5.00 24.75 -26.98
N HIS B 778 -4.86 23.61 -26.32
CA HIS B 778 -3.56 23.00 -26.17
C HIS B 778 -3.21 22.14 -27.40
N GLU B 779 -1.97 21.68 -27.44
CA GLU B 779 -1.43 21.05 -28.63
C GLU B 779 -1.88 19.60 -28.75
N THR B 780 -2.13 19.18 -29.99
CA THR B 780 -2.34 17.77 -30.32
C THR B 780 -1.14 17.21 -31.06
N SER B 781 -1.01 15.89 -31.04
CA SER B 781 0.19 15.26 -31.58
C SER B 781 0.10 15.09 -33.09
N PHE B 782 -0.83 14.29 -33.57
CA PHE B 782 -0.95 13.96 -34.99
C PHE B 782 -2.16 14.65 -35.61
N GLY B 783 -2.35 14.38 -36.89
CA GLY B 783 -3.53 14.83 -37.60
C GLY B 783 -4.67 13.85 -37.45
N GLU B 784 -5.36 13.89 -36.30
CA GLU B 784 -6.39 12.91 -36.00
C GLU B 784 -7.80 13.44 -36.28
N GLU B 785 -8.00 13.85 -37.54
CA GLU B 785 -9.30 14.11 -38.18
C GLU B 785 -10.15 15.12 -37.42
N VAL B 786 -9.64 16.36 -37.38
CA VAL B 786 -10.48 17.46 -36.91
C VAL B 786 -11.49 17.83 -38.00
N GLU B 787 -12.52 18.56 -37.60
CA GLU B 787 -13.57 18.98 -38.52
C GLU B 787 -13.51 20.49 -38.70
N VAL B 788 -13.72 20.94 -39.93
CA VAL B 788 -13.71 22.36 -40.29
C VAL B 788 -15.02 22.67 -40.98
N HIS B 789 -15.73 23.68 -40.50
CA HIS B 789 -17.00 24.09 -41.09
C HIS B 789 -16.84 25.46 -41.75
N ASN B 790 -17.72 25.71 -42.72
CA ASN B 790 -17.85 27.04 -43.31
C ASN B 790 -19.25 27.19 -43.90
N LEU B 791 -19.57 28.42 -44.27
CA LEU B 791 -20.87 28.80 -44.80
C LEU B 791 -20.79 28.80 -46.33
N LEU B 792 -21.66 28.03 -46.97
CA LEU B 792 -21.70 27.96 -48.42
C LEU B 792 -22.96 28.63 -48.95
N ILE B 793 -22.79 29.74 -49.66
CA ILE B 793 -23.89 30.44 -50.31
C ILE B 793 -23.94 29.93 -51.74
N ILE B 794 -24.98 29.17 -52.08
CA ILE B 794 -25.10 28.53 -53.38
C ILE B 794 -26.00 29.39 -54.26
N ASP B 795 -25.58 29.55 -55.53
CA ASP B 795 -26.30 30.35 -56.51
C ASP B 795 -27.69 29.78 -56.77
N GLN B 796 -28.58 30.66 -57.23
CA GLN B 796 -30.00 30.32 -57.41
C GLN B 796 -30.21 29.33 -58.54
N HIS B 797 -29.63 29.61 -59.72
CA HIS B 797 -29.92 28.82 -60.91
C HIS B 797 -28.70 28.08 -61.45
N THR B 798 -27.53 28.72 -61.48
CA THR B 798 -26.32 28.02 -61.90
C THR B 798 -25.83 27.04 -60.85
N PHE B 799 -26.23 27.23 -59.59
CA PHE B 799 -25.81 26.44 -58.43
C PHE B 799 -24.30 26.40 -58.28
N GLU B 800 -23.66 27.54 -58.49
CA GLU B 800 -22.23 27.66 -58.28
C GLU B 800 -21.98 28.18 -56.87
N VAL B 801 -20.91 27.67 -56.25
CA VAL B 801 -20.56 28.08 -54.89
C VAL B 801 -20.06 29.51 -54.94
N LEU B 802 -20.83 30.43 -54.35
CA LEU B 802 -20.54 31.85 -54.52
C LEU B 802 -19.54 32.36 -53.49
N HIS B 803 -19.64 31.90 -52.25
CA HIS B 803 -18.76 32.39 -51.20
C HIS B 803 -18.55 31.30 -50.16
N ALA B 804 -17.37 31.30 -49.56
CA ALA B 804 -17.05 30.42 -48.45
C ALA B 804 -16.40 31.22 -47.34
N HIS B 805 -16.87 31.00 -46.12
CA HIS B 805 -16.40 31.76 -44.95
C HIS B 805 -15.96 30.76 -43.90
N GLN B 806 -14.67 30.43 -43.90
CA GLN B 806 -14.14 29.45 -42.97
C GLN B 806 -14.12 29.99 -41.55
N PHE B 807 -14.66 29.21 -40.62
CA PHE B 807 -14.81 29.65 -39.25
C PHE B 807 -13.48 29.51 -38.49
N LEU B 808 -13.52 29.72 -37.18
CA LEU B 808 -12.36 29.52 -36.35
C LEU B 808 -12.13 28.03 -36.12
N GLN B 809 -11.01 27.72 -35.47
CA GLN B 809 -10.62 26.33 -35.26
C GLN B 809 -11.55 25.65 -34.26
N ASN B 810 -12.10 24.51 -34.68
CA ASN B 810 -13.05 23.70 -33.89
C ASN B 810 -14.27 24.49 -33.46
N GLU B 811 -14.78 25.32 -34.36
CA GLU B 811 -16.03 26.04 -34.13
C GLU B 811 -17.08 25.44 -35.07
N TYR B 812 -18.04 24.74 -34.49
CA TYR B 812 -19.09 24.14 -35.30
C TYR B 812 -20.07 25.20 -35.81
N ALA B 813 -20.91 24.76 -36.76
CA ALA B 813 -22.07 25.52 -37.18
C ALA B 813 -23.30 24.67 -36.91
N LEU B 814 -24.08 25.08 -35.91
CA LEU B 814 -25.16 24.25 -35.39
C LEU B 814 -26.55 24.77 -35.70
N SER B 815 -26.70 26.07 -35.98
CA SER B 815 -28.02 26.65 -36.12
C SER B 815 -27.97 27.73 -37.19
N LEU B 816 -28.98 27.75 -38.05
CA LEU B 816 -29.05 28.71 -39.14
C LEU B 816 -30.49 28.98 -39.52
N VAL B 817 -30.86 30.26 -39.54
CA VAL B 817 -32.08 30.73 -40.18
C VAL B 817 -31.75 31.97 -40.98
N SER B 818 -32.76 32.53 -41.60
CA SER B 818 -32.62 33.73 -42.43
C SER B 818 -33.94 34.50 -42.36
N CYS B 819 -33.90 35.69 -41.77
CA CYS B 819 -35.11 36.45 -41.50
C CYS B 819 -34.74 37.92 -41.34
N LYS B 820 -35.69 38.69 -40.81
CA LYS B 820 -35.53 40.11 -40.57
C LYS B 820 -35.86 40.42 -39.11
N LEU B 821 -35.05 41.28 -38.49
CA LEU B 821 -35.17 41.57 -37.07
C LEU B 821 -35.35 43.07 -36.87
N GLY B 822 -36.43 43.45 -36.20
CA GLY B 822 -36.65 44.83 -35.87
C GLY B 822 -37.14 45.65 -37.05
N LYS B 823 -36.88 46.95 -36.97
CA LYS B 823 -37.26 47.88 -38.03
C LYS B 823 -36.14 48.11 -39.03
N ASP B 824 -35.18 47.21 -39.10
CA ASP B 824 -34.14 47.27 -40.12
C ASP B 824 -34.61 46.46 -41.33
N PRO B 825 -34.77 47.08 -42.51
CA PRO B 825 -35.30 46.34 -43.66
C PRO B 825 -34.32 45.37 -44.32
N ASN B 826 -33.12 45.17 -43.78
CA ASN B 826 -32.21 44.18 -44.32
C ASN B 826 -32.64 42.77 -43.93
N THR B 827 -32.36 41.82 -44.81
CA THR B 827 -32.66 40.42 -44.58
C THR B 827 -31.35 39.68 -44.34
N TYR B 828 -31.22 39.07 -43.17
CA TYR B 828 -29.94 38.60 -42.66
C TYR B 828 -29.79 37.08 -42.80
N PHE B 829 -28.55 36.64 -42.65
CA PHE B 829 -28.21 35.27 -42.26
C PHE B 829 -27.78 35.28 -40.81
N ILE B 830 -28.35 34.39 -40.00
CA ILE B 830 -28.02 34.33 -38.58
C ILE B 830 -27.51 32.92 -38.27
N VAL B 831 -26.27 32.85 -37.78
CA VAL B 831 -25.63 31.58 -37.43
C VAL B 831 -25.24 31.64 -35.96
N GLY B 832 -25.76 30.70 -35.17
CA GLY B 832 -25.35 30.56 -33.79
C GLY B 832 -24.43 29.37 -33.62
N THR B 833 -23.21 29.61 -33.17
CA THR B 833 -22.17 28.60 -33.14
C THR B 833 -21.84 28.18 -31.73
N ALA B 834 -21.01 27.14 -31.63
CA ALA B 834 -20.51 26.65 -30.36
C ALA B 834 -19.05 26.24 -30.54
N MET B 835 -18.29 26.33 -29.45
CA MET B 835 -16.88 25.96 -29.42
C MET B 835 -16.77 24.59 -28.80
N VAL B 836 -16.12 23.66 -29.50
CA VAL B 836 -16.09 22.26 -29.12
C VAL B 836 -14.67 21.78 -28.91
N TYR B 837 -14.53 20.78 -28.04
CA TYR B 837 -13.31 20.03 -27.80
C TYR B 837 -13.75 18.62 -27.47
N PRO B 838 -13.05 17.60 -27.95
CA PRO B 838 -13.22 16.26 -27.39
C PRO B 838 -12.45 16.18 -26.06
N GLU B 839 -12.68 15.07 -25.34
CA GLU B 839 -12.28 14.90 -23.93
C GLU B 839 -12.77 16.08 -23.09
N GLU B 840 -14.07 16.35 -23.18
CA GLU B 840 -14.68 17.52 -22.60
C GLU B 840 -16.16 17.21 -22.40
N ALA B 841 -16.78 17.88 -21.42
CA ALA B 841 -18.20 17.77 -21.19
C ALA B 841 -18.97 18.66 -22.16
N GLU B 842 -20.23 18.92 -21.85
CA GLU B 842 -21.02 19.91 -22.60
C GLU B 842 -20.32 21.27 -22.56
N PRO B 843 -20.27 21.98 -23.69
CA PRO B 843 -19.44 23.19 -23.76
C PRO B 843 -20.08 24.39 -23.09
N LYS B 844 -19.23 25.27 -22.57
CA LYS B 844 -19.65 26.58 -22.10
C LYS B 844 -18.74 27.61 -22.74
N GLN B 845 -18.97 27.88 -24.01
CA GLN B 845 -18.36 28.94 -24.84
C GLN B 845 -19.33 29.21 -25.99
N GLY B 846 -18.87 29.92 -27.00
CA GLY B 846 -19.63 30.10 -28.22
C GLY B 846 -20.01 31.54 -28.45
N ARG B 847 -20.53 31.77 -29.66
CA ARG B 847 -20.98 33.10 -30.05
C ARG B 847 -22.11 32.95 -31.06
N ILE B 848 -22.74 34.08 -31.38
CA ILE B 848 -23.84 34.15 -32.34
C ILE B 848 -23.53 35.26 -33.32
N VAL B 849 -23.44 34.90 -34.60
CA VAL B 849 -22.97 35.80 -35.65
C VAL B 849 -24.11 36.02 -36.63
N VAL B 850 -24.29 37.27 -37.07
CA VAL B 850 -25.32 37.64 -38.02
C VAL B 850 -24.66 38.17 -39.28
N PHE B 851 -25.02 37.61 -40.43
CA PHE B 851 -24.42 37.94 -41.71
C PHE B 851 -25.39 38.69 -42.61
N GLN B 852 -24.84 39.33 -43.64
CA GLN B 852 -25.62 39.90 -44.74
C GLN B 852 -24.86 39.68 -46.03
N TYR B 853 -25.52 39.97 -47.15
CA TYR B 853 -25.05 39.64 -48.49
C TYR B 853 -25.02 40.90 -49.35
N SER B 854 -24.36 41.94 -48.84
CA SER B 854 -24.33 43.25 -49.48
C SER B 854 -23.56 43.19 -50.79
N ASP B 855 -24.30 43.29 -51.91
CA ASP B 855 -23.77 43.30 -53.28
C ASP B 855 -22.97 42.04 -53.59
N GLY B 856 -23.48 40.90 -53.14
CA GLY B 856 -22.79 39.65 -53.36
C GLY B 856 -21.59 39.43 -52.47
N LYS B 857 -21.42 40.24 -51.43
CA LYS B 857 -20.27 40.14 -50.53
C LYS B 857 -20.78 39.85 -49.13
N LEU B 858 -20.23 38.82 -48.51
CA LEU B 858 -20.64 38.46 -47.16
C LEU B 858 -20.00 39.41 -46.15
N GLN B 859 -20.79 39.87 -45.19
CA GLN B 859 -20.33 40.83 -44.20
C GLN B 859 -20.67 40.34 -42.81
N THR B 860 -19.69 40.37 -41.91
CA THR B 860 -19.91 40.09 -40.50
C THR B 860 -20.21 41.42 -39.82
N VAL B 861 -21.49 41.64 -39.50
CA VAL B 861 -21.90 42.92 -38.93
C VAL B 861 -21.63 42.94 -37.43
N ALA B 862 -22.27 42.04 -36.68
CA ALA B 862 -22.15 42.02 -35.23
C ALA B 862 -22.10 40.59 -34.74
N GLU B 863 -21.48 40.41 -33.58
CA GLU B 863 -21.41 39.11 -32.92
C GLU B 863 -21.78 39.31 -31.46
N LYS B 864 -22.21 38.23 -30.83
CA LYS B 864 -22.58 38.26 -29.41
C LYS B 864 -22.00 37.00 -28.78
N GLU B 865 -20.97 37.17 -27.95
CA GLU B 865 -20.34 36.04 -27.27
C GLU B 865 -21.29 35.52 -26.19
N VAL B 866 -21.66 34.25 -26.31
CA VAL B 866 -22.69 33.66 -25.46
C VAL B 866 -22.07 32.52 -24.67
N LYS B 867 -22.30 32.51 -23.35
CA LYS B 867 -21.85 31.41 -22.49
C LYS B 867 -22.75 30.19 -22.67
N GLY B 868 -22.57 29.46 -23.77
CA GLY B 868 -23.31 28.23 -23.99
C GLY B 868 -23.46 27.85 -25.45
N ALA B 869 -23.71 26.56 -25.68
CA ALA B 869 -23.91 26.05 -27.04
C ALA B 869 -25.29 26.46 -27.55
N VAL B 870 -25.36 26.85 -28.81
CA VAL B 870 -26.61 27.28 -29.45
C VAL B 870 -27.12 26.10 -30.26
N TYR B 871 -28.37 25.70 -30.02
CA TYR B 871 -28.88 24.53 -30.72
C TYR B 871 -29.90 24.88 -31.80
N SER B 872 -30.96 25.59 -31.44
CA SER B 872 -32.05 25.86 -32.37
C SER B 872 -32.36 27.35 -32.38
N MET B 873 -32.77 27.85 -33.54
CA MET B 873 -33.23 29.23 -33.68
C MET B 873 -34.44 29.25 -34.59
N VAL B 874 -35.45 30.04 -34.21
CA VAL B 874 -36.58 30.36 -35.07
C VAL B 874 -36.90 31.84 -34.92
N GLU B 875 -37.39 32.44 -36.00
CA GLU B 875 -37.84 33.82 -35.98
C GLU B 875 -39.15 33.91 -35.21
N PHE B 876 -39.29 34.98 -34.43
CA PHE B 876 -40.49 35.18 -33.60
C PHE B 876 -40.90 36.65 -33.72
N ASN B 877 -41.72 36.95 -34.72
CA ASN B 877 -42.43 38.23 -34.87
C ASN B 877 -41.47 39.42 -34.92
N GLY B 878 -40.35 39.22 -35.61
CA GLY B 878 -39.30 40.21 -35.64
C GLY B 878 -38.27 40.09 -34.54
N LYS B 879 -38.47 39.17 -33.59
CA LYS B 879 -37.53 38.95 -32.50
C LYS B 879 -36.88 37.58 -32.66
N LEU B 880 -35.61 37.51 -32.27
CA LEU B 880 -34.80 36.31 -32.44
C LEU B 880 -34.96 35.39 -31.23
N LEU B 881 -35.42 34.17 -31.48
CA LEU B 881 -35.52 33.16 -30.42
C LEU B 881 -34.38 32.17 -30.56
N ALA B 882 -33.74 31.83 -29.44
CA ALA B 882 -32.64 30.87 -29.43
C ALA B 882 -32.81 29.90 -28.27
N SER B 883 -31.97 28.86 -28.25
CA SER B 883 -32.01 27.85 -27.20
C SER B 883 -30.57 27.55 -26.80
N ILE B 884 -30.16 28.04 -25.63
CA ILE B 884 -28.76 28.06 -25.23
C ILE B 884 -28.68 27.31 -23.90
N ASN B 885 -28.45 25.99 -23.96
CA ASN B 885 -28.21 25.11 -22.82
C ASN B 885 -29.31 25.19 -21.76
N SER B 886 -30.48 24.70 -22.16
CA SER B 886 -31.69 24.61 -21.33
C SER B 886 -32.17 25.98 -20.85
N THR B 887 -31.90 27.01 -21.64
CA THR B 887 -32.27 28.38 -21.29
C THR B 887 -32.81 29.06 -22.54
N VAL B 888 -34.13 29.13 -22.65
CA VAL B 888 -34.81 29.74 -23.79
C VAL B 888 -34.56 31.23 -23.73
N ARG B 889 -33.77 31.75 -24.66
CA ARG B 889 -33.26 33.12 -24.57
C ARG B 889 -33.69 33.90 -25.79
N LEU B 890 -34.82 34.59 -25.68
CA LEU B 890 -35.37 35.44 -26.73
C LEU B 890 -34.58 36.73 -26.84
N TYR B 891 -34.41 37.23 -28.06
CA TYR B 891 -33.62 38.42 -28.31
C TYR B 891 -34.47 39.53 -28.92
N GLU B 892 -33.78 40.59 -29.32
CA GLU B 892 -34.41 41.84 -29.76
C GLU B 892 -33.38 42.62 -30.56
N TRP B 893 -33.79 43.22 -31.66
CA TRP B 893 -32.87 43.98 -32.51
C TRP B 893 -32.92 45.46 -32.14
N THR B 894 -31.76 46.07 -32.03
CA THR B 894 -31.70 47.50 -31.80
C THR B 894 -31.15 48.22 -33.04
N THR B 895 -31.25 49.55 -33.02
CA THR B 895 -30.74 50.36 -34.12
C THR B 895 -29.23 50.50 -34.02
N GLU B 896 -28.65 50.20 -32.84
CA GLU B 896 -27.22 50.25 -32.62
C GLU B 896 -26.50 48.99 -33.10
N LYS B 897 -27.16 48.17 -33.93
CA LYS B 897 -26.61 46.95 -34.53
C LYS B 897 -26.11 45.96 -33.49
N GLU B 898 -26.93 45.75 -32.45
CA GLU B 898 -26.57 44.88 -31.34
C GLU B 898 -27.76 43.99 -31.04
N LEU B 899 -27.69 43.28 -29.91
CA LEU B 899 -28.81 42.50 -29.41
C LEU B 899 -28.97 42.77 -27.92
N ARG B 900 -30.21 42.64 -27.45
CA ARG B 900 -30.52 42.75 -26.03
C ARG B 900 -31.40 41.58 -25.64
N THR B 901 -30.97 40.84 -24.62
CA THR B 901 -31.77 39.73 -24.11
C THR B 901 -33.05 40.27 -23.48
N GLU B 902 -34.20 39.97 -24.08
CA GLU B 902 -35.43 40.55 -23.59
C GLU B 902 -35.99 39.73 -22.42
N CYS B 903 -35.91 38.40 -22.50
CA CYS B 903 -36.32 37.58 -21.38
C CYS B 903 -35.53 36.28 -21.40
N ASN B 904 -35.82 35.41 -20.43
CA ASN B 904 -35.14 34.13 -20.28
C ASN B 904 -36.15 33.10 -19.77
N HIS B 905 -35.65 31.89 -19.55
CA HIS B 905 -36.42 30.80 -18.97
C HIS B 905 -35.44 29.75 -18.47
N TYR B 906 -35.81 29.04 -17.40
CA TYR B 906 -34.85 28.18 -16.74
C TYR B 906 -35.35 26.80 -16.35
N ASN B 907 -36.61 26.46 -16.59
CA ASN B 907 -37.12 25.16 -16.16
C ASN B 907 -37.06 24.20 -17.36
N ASN B 908 -35.84 23.70 -17.61
CA ASN B 908 -35.61 22.79 -18.73
C ASN B 908 -34.54 21.79 -18.34
N ILE B 909 -34.61 20.60 -18.94
CA ILE B 909 -33.47 19.68 -18.87
C ILE B 909 -32.38 20.12 -19.84
N MET B 910 -32.70 20.08 -21.14
CA MET B 910 -31.81 20.59 -22.18
C MET B 910 -32.68 20.87 -23.42
N ALA B 911 -32.89 22.14 -23.72
CA ALA B 911 -33.84 22.53 -24.77
C ALA B 911 -33.15 22.54 -26.12
N LEU B 912 -33.62 21.71 -27.04
CA LEU B 912 -32.98 21.53 -28.34
C LEU B 912 -33.85 21.95 -29.51
N TYR B 913 -35.16 22.15 -29.30
CA TYR B 913 -36.08 22.34 -30.41
C TYR B 913 -37.00 23.50 -30.10
N LEU B 914 -37.22 24.34 -31.11
CA LEU B 914 -38.03 25.54 -30.96
C LEU B 914 -38.88 25.73 -32.20
N LYS B 915 -40.19 25.81 -32.02
CA LYS B 915 -41.11 26.09 -33.12
C LYS B 915 -42.13 27.11 -32.65
N THR B 916 -42.42 28.10 -33.49
CA THR B 916 -43.33 29.18 -33.15
C THR B 916 -44.46 29.25 -34.16
N LYS B 917 -45.63 29.67 -33.68
CA LYS B 917 -46.75 30.00 -34.56
C LYS B 917 -47.55 31.11 -33.88
N GLY B 918 -47.29 32.36 -34.26
CA GLY B 918 -47.94 33.49 -33.63
C GLY B 918 -47.22 33.93 -32.37
N ASP B 919 -47.80 33.62 -31.21
CA ASP B 919 -47.20 33.94 -29.92
C ASP B 919 -47.16 32.77 -28.96
N PHE B 920 -47.36 31.55 -29.42
CA PHE B 920 -47.03 30.37 -28.63
C PHE B 920 -45.62 29.92 -29.01
N ILE B 921 -44.95 29.26 -28.08
CA ILE B 921 -43.63 28.70 -28.32
C ILE B 921 -43.60 27.27 -27.79
N LEU B 922 -43.33 26.33 -28.69
CA LEU B 922 -43.25 24.92 -28.37
C LEU B 922 -41.78 24.54 -28.22
N VAL B 923 -41.42 24.03 -27.04
CA VAL B 923 -40.03 23.69 -26.74
C VAL B 923 -39.93 22.17 -26.60
N GLY B 924 -39.07 21.57 -27.42
CA GLY B 924 -38.77 20.16 -27.30
C GLY B 924 -37.59 19.91 -26.39
N ASP B 925 -37.82 19.19 -25.31
CA ASP B 925 -36.81 18.96 -24.30
C ASP B 925 -35.84 17.87 -24.77
N LEU B 926 -34.77 17.66 -24.00
CA LEU B 926 -33.87 16.56 -24.32
C LEU B 926 -34.50 15.22 -23.98
N MET B 927 -34.90 15.05 -22.72
CA MET B 927 -35.35 13.75 -22.25
C MET B 927 -36.82 13.72 -21.86
N ARG B 928 -37.41 14.86 -21.49
CA ARG B 928 -38.73 14.75 -20.90
C ARG B 928 -39.80 14.68 -21.97
N SER B 929 -40.16 15.82 -22.57
CA SER B 929 -41.31 15.83 -23.47
C SER B 929 -41.52 17.16 -24.16
N VAL B 930 -42.66 17.23 -24.85
CA VAL B 930 -43.33 18.45 -25.27
C VAL B 930 -43.40 19.45 -24.12
N LEU B 931 -42.94 20.67 -24.35
CA LEU B 931 -43.12 21.77 -23.40
C LEU B 931 -43.69 22.96 -24.14
N LEU B 932 -44.92 23.34 -23.78
CA LEU B 932 -45.55 24.54 -24.33
C LEU B 932 -45.31 25.70 -23.40
N LEU B 933 -44.83 26.81 -23.96
CA LEU B 933 -44.49 28.00 -23.20
C LEU B 933 -45.17 29.20 -23.83
N ALA B 934 -45.80 30.02 -23.00
CA ALA B 934 -46.49 31.20 -23.50
C ALA B 934 -45.56 32.41 -23.49
N TYR B 935 -45.92 33.41 -24.27
CA TYR B 935 -45.22 34.69 -24.25
C TYR B 935 -46.28 35.79 -24.15
N LYS B 936 -46.32 36.45 -23.00
CA LYS B 936 -47.26 37.55 -22.79
C LYS B 936 -46.58 38.85 -23.21
N PRO B 937 -47.05 39.53 -24.25
CA PRO B 937 -46.37 40.77 -24.68
C PRO B 937 -46.58 41.90 -23.70
N MET B 938 -47.67 41.89 -22.94
CA MET B 938 -47.91 42.92 -21.93
C MET B 938 -46.91 42.84 -20.79
N GLU B 939 -46.70 41.65 -20.23
CA GLU B 939 -45.71 41.46 -19.19
C GLU B 939 -44.29 41.57 -19.71
N GLY B 940 -44.04 41.15 -20.95
CA GLY B 940 -42.71 41.11 -21.52
C GLY B 940 -41.94 39.84 -21.23
N ASN B 941 -42.49 38.94 -20.42
CA ASN B 941 -41.74 37.76 -20.01
C ASN B 941 -42.52 36.49 -20.34
N PHE B 942 -41.83 35.35 -20.35
CA PHE B 942 -42.44 34.06 -20.66
C PHE B 942 -43.36 33.63 -19.52
N GLU B 943 -44.20 32.64 -19.80
CA GLU B 943 -45.10 32.11 -18.79
C GLU B 943 -45.40 30.65 -19.09
N GLU B 944 -45.20 29.80 -18.09
CA GLU B 944 -45.46 28.38 -18.22
C GLU B 944 -46.96 28.14 -18.16
N ILE B 945 -47.58 27.88 -19.32
CA ILE B 945 -48.96 27.39 -19.29
C ILE B 945 -49.00 25.97 -18.77
N ALA B 946 -48.27 25.08 -19.43
CA ALA B 946 -48.39 23.66 -19.13
C ALA B 946 -47.07 22.98 -19.47
N ARG B 947 -47.03 21.67 -19.22
CA ARG B 947 -45.83 20.85 -19.35
C ARG B 947 -46.24 19.40 -19.32
N ASP B 948 -45.73 18.61 -20.26
CA ASP B 948 -45.90 17.18 -20.17
C ASP B 948 -44.78 16.60 -19.31
N PHE B 949 -45.05 15.46 -18.68
CA PHE B 949 -44.17 14.89 -17.69
C PHE B 949 -43.58 13.54 -18.08
N ASN B 950 -44.17 12.85 -19.06
CA ASN B 950 -43.73 11.51 -19.43
C ASN B 950 -42.40 11.59 -20.17
N PRO B 951 -41.32 10.97 -19.66
CA PRO B 951 -39.97 11.19 -20.21
C PRO B 951 -39.67 10.52 -21.53
N ASN B 952 -39.97 11.16 -22.66
CA ASN B 952 -39.58 10.66 -23.97
C ASN B 952 -38.47 11.52 -24.56
N TRP B 953 -37.46 10.88 -25.13
CA TRP B 953 -36.34 11.58 -25.73
C TRP B 953 -36.78 12.17 -27.07
N MET B 954 -36.79 13.50 -27.18
CA MET B 954 -37.32 14.14 -28.37
C MET B 954 -36.39 13.99 -29.56
N SER B 955 -36.96 14.07 -30.75
CA SER B 955 -36.21 14.00 -31.99
C SER B 955 -36.48 15.18 -32.91
N ALA B 956 -37.72 15.66 -32.99
CA ALA B 956 -38.16 16.87 -33.69
C ALA B 956 -39.63 17.13 -33.33
N VAL B 957 -39.99 18.42 -33.26
CA VAL B 957 -41.35 18.82 -32.92
C VAL B 957 -41.84 19.89 -33.90
N GLU B 958 -43.17 20.06 -33.95
CA GLU B 958 -43.78 21.03 -34.85
C GLU B 958 -45.19 21.36 -34.40
N ILE B 959 -45.53 22.66 -34.41
CA ILE B 959 -46.88 23.13 -34.12
C ILE B 959 -47.79 22.83 -35.30
N LEU B 960 -48.97 22.28 -35.03
CA LEU B 960 -49.98 22.10 -36.09
C LEU B 960 -50.90 23.32 -36.21
N ASP B 961 -51.67 23.60 -35.16
CA ASP B 961 -52.73 24.59 -35.27
C ASP B 961 -52.91 25.41 -33.99
N ASP B 962 -51.83 25.55 -33.20
CA ASP B 962 -51.79 26.20 -31.89
C ASP B 962 -52.72 25.56 -30.85
N ASP B 963 -53.21 24.35 -31.10
CA ASP B 963 -53.93 23.58 -30.09
C ASP B 963 -53.36 22.18 -30.02
N ASN B 964 -52.97 21.63 -31.17
CA ASN B 964 -52.39 20.31 -31.27
C ASN B 964 -50.92 20.44 -31.63
N PHE B 965 -50.06 19.69 -30.93
CA PHE B 965 -48.62 19.86 -31.03
C PHE B 965 -47.98 18.51 -31.31
N LEU B 966 -47.32 18.40 -32.46
CA LEU B 966 -46.74 17.16 -32.93
C LEU B 966 -45.35 16.96 -32.38
N GLY B 967 -45.07 15.76 -31.87
CA GLY B 967 -43.76 15.44 -31.35
C GLY B 967 -43.29 14.08 -31.83
N ALA B 968 -41.99 14.01 -32.11
CA ALA B 968 -41.31 12.77 -32.47
C ALA B 968 -40.54 12.22 -31.29
N GLU B 969 -39.72 11.20 -31.56
CA GLU B 969 -39.03 10.49 -30.49
C GLU B 969 -37.82 9.76 -31.07
N ASN B 970 -36.82 9.49 -30.22
CA ASN B 970 -35.74 8.58 -30.61
C ASN B 970 -36.22 7.16 -30.83
N ALA B 971 -37.33 6.75 -30.22
CA ALA B 971 -37.85 5.40 -30.35
C ALA B 971 -38.68 5.21 -31.62
N PHE B 972 -38.53 6.10 -32.60
CA PHE B 972 -39.11 6.00 -33.95
C PHE B 972 -40.64 5.99 -33.89
N ASN B 973 -41.19 7.07 -33.33
CA ASN B 973 -42.60 7.10 -32.98
C ASN B 973 -43.15 8.52 -33.15
N LEU B 974 -44.49 8.62 -33.19
CA LEU B 974 -45.19 9.89 -33.26
C LEU B 974 -46.31 9.95 -32.23
N PHE B 975 -46.55 11.16 -31.72
CA PHE B 975 -47.62 11.44 -30.77
C PHE B 975 -47.92 12.93 -30.83
N VAL B 976 -49.14 13.29 -30.43
CA VAL B 976 -49.55 14.69 -30.34
C VAL B 976 -50.09 14.96 -28.94
N CYS B 977 -49.51 15.95 -28.27
CA CYS B 977 -50.08 16.46 -27.04
C CYS B 977 -51.06 17.58 -27.35
N GLN B 978 -52.28 17.44 -26.84
CA GLN B 978 -53.31 18.45 -27.01
C GLN B 978 -53.39 19.27 -25.73
N LYS B 979 -53.47 20.59 -25.89
CA LYS B 979 -53.61 21.49 -24.75
C LYS B 979 -54.95 21.25 -24.07
N ASP B 980 -54.92 21.22 -22.74
CA ASP B 980 -56.08 20.76 -22.00
C ASP B 980 -57.15 21.85 -21.94
N SER B 981 -58.40 21.42 -22.13
CA SER B 981 -59.54 22.32 -22.27
C SER B 981 -60.24 22.62 -20.95
N ALA B 982 -60.50 21.57 -20.15
CA ALA B 982 -61.25 21.72 -18.91
C ALA B 982 -60.37 22.40 -17.85
N ALA B 983 -60.40 23.74 -17.88
CA ALA B 983 -59.64 24.56 -16.93
C ALA B 983 -60.44 24.77 -15.64
N THR B 984 -60.76 23.64 -14.99
CA THR B 984 -61.56 23.68 -13.78
C THR B 984 -60.76 24.19 -12.58
N THR B 985 -59.46 23.87 -12.52
CA THR B 985 -58.59 24.30 -11.44
C THR B 985 -57.26 24.72 -12.04
N ASP B 986 -56.27 24.92 -11.18
CA ASP B 986 -54.95 25.32 -11.67
C ASP B 986 -54.00 24.14 -11.82
N GLU B 987 -54.24 23.04 -11.10
CA GLU B 987 -53.43 21.84 -11.29
C GLU B 987 -53.75 21.14 -12.59
N GLU B 988 -55.03 21.05 -12.95
CA GLU B 988 -55.43 20.35 -14.17
C GLU B 988 -55.26 21.19 -15.43
N ARG B 989 -54.87 22.46 -15.32
CA ARG B 989 -54.63 23.27 -16.49
C ARG B 989 -53.16 23.48 -16.79
N GLN B 990 -52.27 22.99 -15.93
CA GLN B 990 -50.85 22.99 -16.22
C GLN B 990 -50.35 21.63 -16.69
N HIS B 991 -51.26 20.71 -17.00
CA HIS B 991 -50.89 19.36 -17.40
C HIS B 991 -51.40 19.13 -18.82
N LEU B 992 -50.46 18.93 -19.75
CA LEU B 992 -50.84 18.52 -21.10
C LEU B 992 -51.29 17.08 -21.11
N GLN B 993 -51.94 16.67 -22.19
CA GLN B 993 -52.45 15.32 -22.32
C GLN B 993 -52.01 14.74 -23.66
N GLU B 994 -51.38 13.57 -23.61
CA GLU B 994 -50.93 12.89 -24.82
C GLU B 994 -52.14 12.31 -25.54
N VAL B 995 -52.46 12.87 -26.71
CA VAL B 995 -53.65 12.49 -27.46
C VAL B 995 -53.22 11.88 -28.78
N GLY B 996 -53.21 10.55 -28.86
CA GLY B 996 -52.84 9.90 -30.10
C GLY B 996 -51.41 9.42 -30.14
N LEU B 997 -51.20 8.20 -30.60
CA LEU B 997 -49.88 7.58 -30.65
C LEU B 997 -49.70 6.91 -32.00
N PHE B 998 -48.45 6.85 -32.47
CA PHE B 998 -48.19 6.28 -33.78
C PHE B 998 -46.73 5.85 -33.86
N HIS B 999 -46.49 4.72 -34.51
CA HIS B 999 -45.12 4.24 -34.74
C HIS B 999 -44.75 4.48 -36.21
N LEU B 1000 -44.26 5.68 -36.47
CA LEU B 1000 -43.62 5.97 -37.75
C LEU B 1000 -42.27 5.26 -37.76
N GLY B 1001 -42.18 4.13 -38.46
CA GLY B 1001 -40.99 3.30 -38.37
C GLY B 1001 -39.78 3.86 -39.09
N GLU B 1002 -39.29 5.01 -38.64
CA GLU B 1002 -38.26 5.80 -39.31
C GLU B 1002 -37.87 6.96 -38.39
N PHE B 1003 -36.58 7.28 -38.35
CA PHE B 1003 -36.09 8.40 -37.55
C PHE B 1003 -36.56 9.70 -38.20
N VAL B 1004 -36.79 10.72 -37.40
CA VAL B 1004 -37.29 12.00 -37.89
C VAL B 1004 -36.25 13.07 -37.58
N ASN B 1005 -35.88 13.86 -38.60
CA ASN B 1005 -34.95 14.96 -38.39
C ASN B 1005 -35.63 16.32 -38.47
N VAL B 1006 -36.42 16.54 -39.52
CA VAL B 1006 -36.87 17.88 -39.89
C VAL B 1006 -38.39 17.89 -39.83
N PHE B 1007 -38.97 19.08 -39.68
CA PHE B 1007 -40.35 19.34 -40.02
C PHE B 1007 -40.43 20.69 -40.73
N CYS B 1008 -41.38 20.82 -41.64
CA CYS B 1008 -41.60 22.08 -42.36
C CYS B 1008 -43.02 22.13 -42.88
N HIS B 1009 -43.44 23.34 -43.23
CA HIS B 1009 -44.77 23.57 -43.80
C HIS B 1009 -44.73 23.37 -45.31
N GLY B 1010 -45.79 23.78 -46.00
CA GLY B 1010 -45.80 23.76 -47.45
C GLY B 1010 -46.16 22.43 -48.06
N SER B 1011 -46.90 22.45 -49.17
CA SER B 1011 -47.29 21.24 -49.85
C SER B 1011 -46.48 21.04 -51.12
N LEU B 1012 -46.76 19.93 -51.80
CA LEU B 1012 -46.09 19.58 -53.05
C LEU B 1012 -46.99 19.68 -54.26
N VAL B 1013 -48.29 19.89 -54.07
CA VAL B 1013 -49.24 19.96 -55.17
C VAL B 1013 -49.51 21.42 -55.51
N MET B 1014 -50.10 21.64 -56.68
CA MET B 1014 -50.40 22.99 -57.14
C MET B 1014 -51.63 23.55 -56.44
N GLN B 1015 -51.67 24.87 -56.31
CA GLN B 1015 -52.77 25.56 -55.63
C GLN B 1015 -53.90 25.77 -56.63
N ASN B 1016 -54.99 25.04 -56.45
CA ASN B 1016 -56.12 25.12 -57.37
C ASN B 1016 -57.01 26.33 -57.14
N LEU B 1017 -56.77 27.11 -56.10
CA LEU B 1017 -57.59 28.29 -55.82
C LEU B 1017 -57.08 29.50 -56.60
N PRO B 1023 -62.10 18.64 -48.14
CA PRO B 1023 -60.73 18.09 -48.20
C PRO B 1023 -60.05 18.11 -46.83
N THR B 1024 -58.72 18.19 -46.84
CA THR B 1024 -57.93 18.22 -45.62
C THR B 1024 -57.45 19.64 -45.35
N GLN B 1025 -56.82 19.83 -44.20
CA GLN B 1025 -56.40 21.15 -43.75
C GLN B 1025 -54.96 21.10 -43.31
N GLY B 1026 -54.13 21.99 -43.87
CA GLY B 1026 -52.73 22.05 -43.52
C GLY B 1026 -51.91 20.92 -44.11
N SER B 1027 -50.58 21.03 -43.99
CA SER B 1027 -49.67 20.00 -44.49
C SER B 1027 -48.33 20.19 -43.83
N VAL B 1028 -47.78 19.13 -43.26
CA VAL B 1028 -46.45 19.16 -42.66
C VAL B 1028 -45.63 18.03 -43.26
N LEU B 1029 -44.48 18.40 -43.84
CA LEU B 1029 -43.54 17.42 -44.38
C LEU B 1029 -42.39 17.22 -43.38
N PHE B 1030 -41.81 16.03 -43.40
CA PHE B 1030 -40.79 15.73 -42.41
C PHE B 1030 -39.56 15.09 -43.06
N GLY B 1031 -38.41 15.41 -42.50
CA GLY B 1031 -37.13 14.92 -42.98
C GLY B 1031 -36.63 13.78 -42.12
N THR B 1032 -35.98 12.80 -42.75
CA THR B 1032 -35.65 11.52 -42.14
C THR B 1032 -34.17 11.17 -42.28
N VAL B 1033 -33.81 9.90 -42.04
CA VAL B 1033 -32.43 9.45 -42.25
C VAL B 1033 -32.31 8.43 -43.36
N ASN B 1034 -33.41 7.86 -43.84
CA ASN B 1034 -33.36 6.88 -44.91
C ASN B 1034 -33.81 7.45 -46.24
N GLY B 1035 -34.01 8.76 -46.32
CA GLY B 1035 -34.58 9.36 -47.51
C GLY B 1035 -36.00 8.93 -47.78
N MET B 1036 -36.89 9.07 -46.80
CA MET B 1036 -38.28 8.65 -46.93
C MET B 1036 -39.14 9.83 -46.46
N ILE B 1037 -39.45 10.73 -47.39
CA ILE B 1037 -40.23 11.92 -47.08
C ILE B 1037 -41.71 11.54 -47.09
N GLY B 1038 -42.43 11.95 -46.04
CA GLY B 1038 -43.86 11.77 -45.99
C GLY B 1038 -44.55 13.08 -45.64
N LEU B 1039 -45.86 13.00 -45.49
CA LEU B 1039 -46.69 14.17 -45.27
C LEU B 1039 -47.58 13.94 -44.05
N VAL B 1040 -47.80 15.00 -43.27
CA VAL B 1040 -48.70 15.00 -42.13
C VAL B 1040 -49.71 16.11 -42.33
N THR B 1041 -51.00 15.77 -42.27
CA THR B 1041 -52.07 16.73 -42.45
C THR B 1041 -53.24 16.39 -41.54
N SER B 1042 -54.19 17.33 -41.46
CA SER B 1042 -55.30 17.25 -40.52
C SER B 1042 -56.59 16.84 -41.24
N LEU B 1043 -57.41 16.05 -40.58
CA LEU B 1043 -58.64 15.54 -41.14
C LEU B 1043 -59.86 16.24 -40.55
N SER B 1044 -61.03 15.79 -40.96
CA SER B 1044 -62.30 16.13 -40.30
C SER B 1044 -62.77 14.92 -39.52
N GLU B 1045 -63.42 15.19 -38.37
CA GLU B 1045 -63.75 14.15 -37.42
C GLU B 1045 -64.82 13.20 -37.94
N SER B 1046 -65.69 13.67 -38.82
CA SER B 1046 -66.63 12.76 -39.48
C SER B 1046 -65.88 11.82 -40.43
N TRP B 1047 -64.89 12.33 -41.14
CA TRP B 1047 -64.08 11.48 -41.99
C TRP B 1047 -63.15 10.57 -41.21
N TYR B 1048 -62.81 10.92 -39.97
CA TYR B 1048 -61.99 10.03 -39.17
C TYR B 1048 -62.73 8.73 -38.86
N ASN B 1049 -64.01 8.86 -38.53
CA ASN B 1049 -64.84 7.67 -38.36
C ASN B 1049 -65.09 6.97 -39.68
N LEU B 1050 -65.00 7.70 -40.79
CA LEU B 1050 -65.10 7.08 -42.11
C LEU B 1050 -63.83 6.32 -42.45
N LEU B 1051 -62.66 6.89 -42.15
CA LEU B 1051 -61.40 6.28 -42.57
C LEU B 1051 -60.97 5.15 -41.66
N LEU B 1052 -61.11 5.31 -40.35
CA LEU B 1052 -60.58 4.34 -39.38
C LEU B 1052 -61.29 3.01 -39.48
N ASP B 1053 -62.60 3.02 -39.77
CA ASP B 1053 -63.33 1.77 -39.96
C ASP B 1053 -62.88 1.07 -41.24
N MET B 1054 -62.41 1.82 -42.23
CA MET B 1054 -61.88 1.20 -43.44
C MET B 1054 -60.51 0.59 -43.20
N GLN B 1055 -59.78 1.08 -42.19
CA GLN B 1055 -58.53 0.42 -41.80
C GLN B 1055 -58.80 -0.96 -41.21
N ASN B 1056 -59.85 -1.07 -40.40
CA ASN B 1056 -60.17 -2.36 -39.78
C ASN B 1056 -60.76 -3.35 -40.78
N ARG B 1057 -61.42 -2.86 -41.83
CA ARG B 1057 -61.85 -3.76 -42.90
C ARG B 1057 -60.66 -4.29 -43.69
N LEU B 1058 -59.69 -3.43 -44.00
CA LEU B 1058 -58.52 -3.85 -44.76
C LEU B 1058 -57.57 -4.72 -43.95
N ASN B 1059 -57.66 -4.67 -42.61
CA ASN B 1059 -56.80 -5.49 -41.78
C ASN B 1059 -57.37 -6.89 -41.55
N LYS B 1060 -58.29 -7.34 -42.39
CA LYS B 1060 -58.71 -8.73 -42.43
C LYS B 1060 -58.55 -9.33 -43.83
N VAL B 1061 -58.26 -8.51 -44.84
CA VAL B 1061 -58.20 -8.95 -46.22
C VAL B 1061 -56.76 -8.95 -46.71
N ILE B 1062 -56.06 -7.85 -46.44
CA ILE B 1062 -54.66 -7.70 -46.88
C ILE B 1062 -53.79 -8.62 -46.03
N LYS B 1063 -53.15 -9.59 -46.68
CA LYS B 1063 -52.14 -10.42 -46.02
C LYS B 1063 -50.78 -9.79 -46.26
N SER B 1064 -50.32 -8.98 -45.32
CA SER B 1064 -49.00 -8.38 -45.42
C SER B 1064 -47.93 -9.43 -45.18
N VAL B 1065 -46.76 -9.19 -45.78
CA VAL B 1065 -45.67 -10.17 -45.72
C VAL B 1065 -45.08 -10.18 -44.32
N GLY B 1066 -45.06 -11.36 -43.71
CA GLY B 1066 -44.69 -11.52 -42.31
C GLY B 1066 -45.85 -11.92 -41.43
N LYS B 1067 -47.09 -11.84 -41.94
CA LYS B 1067 -48.34 -12.00 -41.19
C LYS B 1067 -48.37 -11.09 -39.98
N ILE B 1068 -47.92 -9.86 -40.20
CA ILE B 1068 -47.71 -8.87 -39.16
C ILE B 1068 -48.99 -8.06 -39.02
N GLU B 1069 -49.50 -7.96 -37.79
CA GLU B 1069 -50.67 -7.14 -37.56
C GLU B 1069 -50.29 -5.67 -37.63
N HIS B 1070 -51.02 -4.92 -38.46
CA HIS B 1070 -50.76 -3.50 -38.61
C HIS B 1070 -51.09 -2.72 -37.35
N SER B 1071 -52.11 -3.17 -36.61
CA SER B 1071 -52.37 -2.62 -35.28
C SER B 1071 -51.21 -2.91 -34.33
N PHE B 1072 -50.55 -4.04 -34.50
CA PHE B 1072 -49.36 -4.34 -33.72
C PHE B 1072 -48.13 -3.61 -34.24
N TRP B 1073 -48.00 -3.43 -35.55
CA TRP B 1073 -46.79 -2.83 -36.06
C TRP B 1073 -46.76 -1.32 -35.84
N ARG B 1074 -47.89 -0.65 -35.98
CA ARG B 1074 -47.92 0.78 -35.72
C ARG B 1074 -48.08 1.11 -34.24
N SER B 1075 -48.06 0.11 -33.37
CA SER B 1075 -48.25 0.35 -31.94
C SER B 1075 -47.05 1.07 -31.34
N PHE B 1076 -47.34 2.02 -30.46
CA PHE B 1076 -46.31 2.82 -29.80
C PHE B 1076 -45.50 1.93 -28.87
N HIS B 1077 -44.28 1.57 -29.29
CA HIS B 1077 -43.45 0.63 -28.55
C HIS B 1077 -42.11 1.25 -28.19
N THR B 1078 -42.01 1.74 -26.97
CA THR B 1078 -40.73 2.09 -26.38
C THR B 1078 -40.22 0.89 -25.60
N GLU B 1079 -39.19 1.10 -24.77
CA GLU B 1079 -38.70 0.05 -23.89
C GLU B 1079 -39.62 -0.22 -22.71
N ARG B 1080 -40.59 0.67 -22.45
CA ARG B 1080 -41.45 0.54 -21.27
C ARG B 1080 -42.92 0.75 -21.58
N LYS B 1081 -43.29 1.29 -22.73
CA LYS B 1081 -44.68 1.47 -23.11
C LYS B 1081 -44.98 0.62 -24.33
N THR B 1082 -45.93 -0.31 -24.19
CA THR B 1082 -46.43 -1.11 -25.29
C THR B 1082 -47.88 -0.73 -25.57
N GLU B 1083 -48.17 0.56 -25.41
CA GLU B 1083 -49.53 1.05 -25.58
C GLU B 1083 -49.92 1.04 -27.05
N PRO B 1084 -51.11 0.56 -27.38
CA PRO B 1084 -51.53 0.54 -28.79
C PRO B 1084 -51.80 1.93 -29.33
N ALA B 1085 -51.69 2.04 -30.65
CA ALA B 1085 -51.75 3.32 -31.34
C ALA B 1085 -53.19 3.80 -31.46
N THR B 1086 -53.36 5.12 -31.45
CA THR B 1086 -54.65 5.74 -31.68
C THR B 1086 -54.41 7.13 -32.27
N GLY B 1087 -55.50 7.76 -32.70
CA GLY B 1087 -55.40 9.13 -33.17
C GLY B 1087 -55.10 9.30 -34.64
N PHE B 1088 -53.92 8.89 -35.08
CA PHE B 1088 -53.47 9.14 -36.45
C PHE B 1088 -54.11 8.15 -37.42
N ILE B 1089 -53.91 8.44 -38.70
CA ILE B 1089 -54.37 7.59 -39.80
C ILE B 1089 -53.17 7.22 -40.66
N ASP B 1090 -52.93 5.92 -40.80
CA ASP B 1090 -51.89 5.40 -41.67
C ASP B 1090 -52.47 5.30 -43.07
N GLY B 1091 -52.37 6.39 -43.83
CA GLY B 1091 -52.93 6.41 -45.17
C GLY B 1091 -52.18 5.57 -46.18
N ASP B 1092 -50.96 5.14 -45.84
CA ASP B 1092 -50.23 4.20 -46.68
C ASP B 1092 -50.87 2.82 -46.69
N LEU B 1093 -51.66 2.49 -45.67
CA LEU B 1093 -52.50 1.30 -45.74
C LEU B 1093 -53.73 1.56 -46.60
N ILE B 1094 -54.21 2.81 -46.60
CA ILE B 1094 -55.41 3.14 -47.36
C ILE B 1094 -55.17 3.08 -48.85
N GLU B 1095 -54.10 3.72 -49.32
CA GLU B 1095 -53.92 3.94 -50.75
C GLU B 1095 -53.54 2.68 -51.51
N SER B 1096 -53.34 1.56 -50.83
CA SER B 1096 -53.21 0.26 -51.49
C SER B 1096 -54.56 -0.34 -51.87
N PHE B 1097 -55.67 0.33 -51.55
CA PHE B 1097 -56.99 -0.14 -51.96
C PHE B 1097 -57.17 -0.07 -53.46
N LEU B 1098 -56.45 0.84 -54.12
CA LEU B 1098 -56.47 0.93 -55.58
C LEU B 1098 -55.88 -0.33 -56.22
N ASP B 1099 -54.90 -0.95 -55.56
CA ASP B 1099 -54.29 -2.17 -56.04
C ASP B 1099 -55.15 -3.40 -55.82
N ILE B 1100 -56.16 -3.32 -54.96
CA ILE B 1100 -57.00 -4.46 -54.66
C ILE B 1100 -57.98 -4.68 -55.80
N SER B 1101 -58.14 -5.94 -56.21
CA SER B 1101 -59.10 -6.28 -57.24
C SER B 1101 -60.52 -6.20 -56.70
N ARG B 1102 -61.47 -5.98 -57.62
CA ARG B 1102 -62.86 -5.82 -57.24
C ARG B 1102 -63.54 -7.05 -56.62
N PRO B 1103 -63.23 -8.31 -57.01
CA PRO B 1103 -63.71 -9.43 -56.17
C PRO B 1103 -63.13 -9.47 -54.76
N LYS B 1104 -62.05 -8.74 -54.49
CA LYS B 1104 -61.64 -8.52 -53.10
C LYS B 1104 -61.94 -7.12 -52.62
N MET B 1105 -62.27 -6.18 -53.50
CA MET B 1105 -62.80 -4.90 -53.04
C MET B 1105 -64.25 -5.04 -52.60
N GLN B 1106 -64.97 -6.03 -53.14
CA GLN B 1106 -66.38 -6.20 -52.79
C GLN B 1106 -66.55 -6.73 -51.37
N GLU B 1107 -65.53 -7.41 -50.83
CA GLU B 1107 -65.61 -7.92 -49.46
C GLU B 1107 -65.15 -6.89 -48.45
N VAL B 1108 -64.38 -5.89 -48.88
CA VAL B 1108 -64.10 -4.74 -48.03
C VAL B 1108 -65.37 -3.95 -47.77
N VAL B 1109 -66.23 -3.85 -48.78
CA VAL B 1109 -67.46 -3.09 -48.68
C VAL B 1109 -68.52 -3.97 -48.00
N ALA B 1110 -68.57 -3.90 -46.68
CA ALA B 1110 -69.65 -4.49 -45.90
C ALA B 1110 -70.69 -3.40 -45.64
N ASN B 1111 -71.59 -3.65 -44.69
CA ASN B 1111 -72.58 -2.64 -44.31
C ASN B 1111 -71.88 -1.55 -43.52
N LEU B 1112 -71.39 -0.55 -44.25
CA LEU B 1112 -70.64 0.56 -43.69
C LEU B 1112 -71.43 1.85 -43.90
N GLN B 1113 -70.82 2.98 -43.55
CA GLN B 1113 -71.50 4.26 -43.51
C GLN B 1113 -70.95 5.20 -44.56
N TYR B 1114 -71.68 6.30 -44.78
CA TYR B 1114 -71.28 7.34 -45.71
C TYR B 1114 -72.03 8.61 -45.34
N ASP B 1115 -71.35 9.76 -45.41
CA ASP B 1115 -71.86 11.02 -44.90
C ASP B 1115 -72.74 11.78 -45.91
N ASP B 1116 -72.91 11.23 -47.11
CA ASP B 1116 -73.61 11.96 -48.16
C ASP B 1116 -74.43 10.98 -49.00
N GLY B 1119 -74.23 14.78 -42.32
CA GLY B 1119 -75.61 14.85 -41.91
C GLY B 1119 -76.47 13.73 -42.46
N MET B 1120 -76.08 13.22 -43.63
CA MET B 1120 -76.83 12.16 -44.29
C MET B 1120 -76.33 10.80 -43.79
N LYS B 1121 -76.87 9.73 -44.37
CA LYS B 1121 -76.53 8.37 -43.98
C LYS B 1121 -76.81 7.44 -45.17
N ARG B 1122 -75.75 6.83 -45.68
CA ARG B 1122 -75.88 5.92 -46.82
C ARG B 1122 -74.95 4.73 -46.58
N GLU B 1123 -75.39 3.56 -47.04
CA GLU B 1123 -74.52 2.41 -47.08
C GLU B 1123 -73.40 2.64 -48.08
N ALA B 1124 -72.20 2.16 -47.74
CA ALA B 1124 -71.04 2.38 -48.58
C ALA B 1124 -71.13 1.53 -49.85
N THR B 1125 -70.53 2.05 -50.93
CA THR B 1125 -70.44 1.34 -52.18
C THR B 1125 -69.01 1.40 -52.69
N ALA B 1126 -68.70 0.51 -53.63
CA ALA B 1126 -67.32 0.36 -54.10
C ALA B 1126 -66.89 1.56 -54.93
N ASP B 1127 -67.81 2.13 -55.70
CA ASP B 1127 -67.46 3.23 -56.58
C ASP B 1127 -67.37 4.58 -55.87
N ASP B 1128 -67.76 4.65 -54.61
CA ASP B 1128 -67.55 5.87 -53.82
C ASP B 1128 -66.39 5.76 -52.84
N LEU B 1129 -66.15 4.57 -52.30
CA LEU B 1129 -64.98 4.39 -51.43
C LEU B 1129 -63.69 4.46 -52.22
N ILE B 1130 -63.73 4.14 -53.51
CA ILE B 1130 -62.57 4.31 -54.36
C ILE B 1130 -62.36 5.78 -54.71
N LYS B 1131 -63.41 6.61 -54.54
CA LYS B 1131 -63.26 8.03 -54.80
C LYS B 1131 -62.58 8.74 -53.64
N VAL B 1132 -62.86 8.32 -52.40
CA VAL B 1132 -62.32 8.98 -51.21
C VAL B 1132 -60.81 8.76 -51.14
N VAL B 1133 -60.34 7.57 -51.55
CA VAL B 1133 -58.91 7.33 -51.68
C VAL B 1133 -58.29 8.23 -52.72
N GLU B 1134 -59.00 8.44 -53.83
CA GLU B 1134 -58.52 9.37 -54.85
C GLU B 1134 -58.63 10.81 -54.40
N GLU B 1135 -59.51 11.10 -53.43
CA GLU B 1135 -59.50 12.44 -52.84
C GLU B 1135 -58.29 12.63 -51.95
N LEU B 1136 -57.68 11.53 -51.49
CA LEU B 1136 -56.45 11.61 -50.73
C LEU B 1136 -55.22 11.42 -51.60
N THR B 1137 -55.38 10.71 -52.73
CA THR B 1137 -54.24 10.43 -53.60
C THR B 1137 -53.82 11.67 -54.38
N ARG B 1138 -54.75 12.62 -54.57
CA ARG B 1138 -54.40 13.86 -55.25
C ARG B 1138 -53.50 14.77 -54.42
N ILE B 1139 -53.43 14.57 -53.10
CA ILE B 1139 -52.35 15.16 -52.33
C ILE B 1139 -51.07 14.36 -52.55
N HIS B 1140 -51.09 13.09 -52.15
CA HIS B 1140 -50.16 12.07 -52.65
C HIS B 1140 -50.77 10.70 -52.43
N MET C 1 -34.55 -22.16 57.99
CA MET C 1 -35.34 -21.63 59.10
C MET C 1 -35.86 -22.75 59.98
N THR C 2 -36.37 -22.35 61.16
CA THR C 2 -36.86 -23.19 62.28
C THR C 2 -36.03 -24.47 62.47
N THR C 3 -34.71 -24.29 62.49
CA THR C 3 -33.78 -25.40 62.56
C THR C 3 -33.58 -25.88 63.98
N VAL C 4 -34.45 -26.77 64.45
CA VAL C 4 -34.32 -27.37 65.76
C VAL C 4 -33.88 -28.82 65.60
N VAL C 5 -33.35 -29.40 66.68
CA VAL C 5 -32.78 -30.75 66.65
C VAL C 5 -33.79 -31.74 67.20
N VAL C 6 -33.54 -33.02 66.93
CA VAL C 6 -34.37 -34.08 67.52
C VAL C 6 -33.83 -34.55 68.86
N HIS C 7 -32.58 -34.22 69.19
CA HIS C 7 -31.98 -34.54 70.48
C HIS C 7 -32.19 -33.37 71.43
N VAL C 8 -31.47 -33.37 72.56
CA VAL C 8 -31.43 -32.21 73.44
C VAL C 8 -30.67 -31.09 72.76
N ASP C 9 -31.22 -29.87 72.83
CA ASP C 9 -30.72 -28.72 72.08
C ASP C 9 -29.33 -28.33 72.56
N SER C 10 -28.48 -27.95 71.62
CA SER C 10 -27.11 -27.57 71.95
C SER C 10 -26.97 -26.07 72.15
N LYS C 11 -27.77 -25.27 71.45
CA LYS C 11 -27.67 -23.82 71.58
C LYS C 11 -28.23 -23.32 72.91
N ALA C 12 -29.27 -24.00 73.42
CA ALA C 12 -29.79 -23.68 74.75
C ALA C 12 -28.79 -24.03 75.84
N GLU C 13 -27.98 -25.07 75.62
CA GLU C 13 -26.85 -25.33 76.50
C GLU C 13 -25.77 -24.28 76.33
N LEU C 14 -25.54 -23.82 75.10
CA LEU C 14 -24.60 -22.75 74.81
C LEU C 14 -25.02 -21.43 75.44
N THR C 15 -26.30 -21.08 75.30
CA THR C 15 -26.81 -19.83 75.86
C THR C 15 -26.82 -19.88 77.40
N THR C 16 -27.00 -21.07 77.97
CA THR C 16 -26.87 -21.25 79.42
C THR C 16 -25.43 -21.02 79.85
N LEU C 17 -24.46 -21.32 78.99
CA LEU C 17 -23.09 -20.89 79.26
C LEU C 17 -22.90 -19.42 78.94
N LEU C 18 -23.68 -18.89 77.99
CA LEU C 18 -23.57 -17.48 77.63
C LEU C 18 -24.24 -16.56 78.65
N GLU C 19 -24.94 -17.09 79.64
CA GLU C 19 -25.46 -16.27 80.73
C GLU C 19 -24.61 -16.37 81.99
N GLN C 20 -23.58 -17.23 82.00
CA GLN C 20 -22.69 -17.36 83.15
C GLN C 20 -21.35 -16.69 82.92
N TRP C 21 -20.70 -16.96 81.79
CA TRP C 21 -19.41 -16.34 81.52
C TRP C 21 -19.54 -14.87 81.12
N GLU C 22 -20.61 -14.50 80.40
CA GLU C 22 -20.75 -13.11 79.95
C GLU C 22 -21.08 -12.15 81.08
N LYS C 23 -21.59 -12.66 82.21
CA LYS C 23 -21.82 -11.83 83.38
C LYS C 23 -20.69 -11.94 84.41
N GLU C 24 -19.54 -12.48 84.02
CA GLU C 24 -18.41 -12.67 84.92
C GLU C 24 -17.48 -11.47 84.79
N HIS C 25 -17.80 -10.41 85.55
CA HIS C 25 -16.98 -9.20 85.58
C HIS C 25 -16.34 -9.00 86.95
N GLY C 26 -15.17 -9.62 87.13
CA GLY C 26 -14.42 -9.50 88.36
C GLY C 26 -15.09 -10.10 89.57
N SER C 27 -15.82 -11.20 89.39
CA SER C 27 -16.64 -11.75 90.48
C SER C 27 -15.87 -12.72 91.35
N GLY C 28 -14.67 -13.13 90.96
CA GLY C 28 -13.88 -14.01 91.78
C GLY C 28 -14.29 -15.46 91.71
N GLN C 29 -14.55 -15.95 90.50
CA GLN C 29 -14.92 -17.34 90.26
C GLN C 29 -13.92 -17.97 89.31
N ASP C 30 -13.87 -19.30 89.33
CA ASP C 30 -13.00 -20.07 88.45
C ASP C 30 -13.87 -21.08 87.71
N MET C 31 -14.02 -20.88 86.41
CA MET C 31 -14.94 -21.65 85.58
C MET C 31 -14.33 -22.91 84.99
N VAL C 32 -13.21 -23.39 85.53
CA VAL C 32 -12.44 -24.49 84.93
C VAL C 32 -13.11 -25.87 84.89
N PRO C 33 -14.11 -26.24 85.70
CA PRO C 33 -14.94 -27.39 85.31
C PRO C 33 -16.24 -27.03 84.60
N ILE C 34 -16.48 -25.75 84.33
CA ILE C 34 -17.71 -25.31 83.69
C ILE C 34 -17.38 -24.98 82.24
N LEU C 35 -16.23 -24.37 82.01
CA LEU C 35 -15.72 -24.14 80.66
C LEU C 35 -15.14 -25.40 80.03
N THR C 36 -15.13 -26.53 80.75
CA THR C 36 -14.95 -27.83 80.11
C THR C 36 -16.02 -28.09 79.08
N ARG C 37 -17.22 -27.54 79.27
CA ARG C 37 -18.27 -27.62 78.25
C ARG C 37 -17.83 -27.01 76.94
N MET C 38 -17.17 -25.85 76.96
CA MET C 38 -16.73 -25.19 75.73
C MET C 38 -15.70 -26.00 74.94
N SER C 39 -15.00 -26.93 75.60
CA SER C 39 -14.20 -27.90 74.90
C SER C 39 -14.92 -29.24 74.70
N GLN C 40 -16.10 -29.42 75.30
CA GLN C 40 -16.85 -30.67 75.15
C GLN C 40 -18.09 -30.48 74.30
N LEU C 41 -18.62 -29.25 74.25
CA LEU C 41 -19.80 -28.98 73.43
C LEU C 41 -19.45 -29.08 71.95
N ILE C 42 -18.19 -28.86 71.59
CA ILE C 42 -17.80 -28.96 70.20
C ILE C 42 -17.28 -30.35 69.82
N GLU C 43 -16.91 -31.16 70.81
CA GLU C 43 -16.37 -32.48 70.49
C GLU C 43 -17.47 -33.50 70.18
N LYS C 44 -18.58 -33.44 70.92
CA LYS C 44 -19.78 -34.17 70.53
C LYS C 44 -20.31 -33.64 69.20
N GLU C 45 -20.20 -32.32 69.02
CA GLU C 45 -20.50 -31.67 67.74
C GLU C 45 -19.53 -32.10 66.64
N THR C 46 -18.30 -32.49 67.00
CA THR C 46 -17.40 -33.11 66.05
C THR C 46 -17.71 -34.59 65.87
N GLU C 47 -18.23 -35.24 66.93
CA GLU C 47 -18.53 -36.68 66.87
C GLU C 47 -19.68 -36.98 65.92
N GLU C 48 -20.63 -36.06 65.78
CA GLU C 48 -21.70 -36.21 64.80
C GLU C 48 -21.30 -35.68 63.43
N TYR C 49 -20.18 -34.98 63.32
CA TYR C 49 -19.77 -34.38 62.06
C TYR C 49 -19.16 -35.39 61.10
N ARG C 50 -18.76 -36.57 61.58
CA ARG C 50 -18.16 -37.57 60.72
C ARG C 50 -19.18 -38.35 59.88
N LYS C 51 -20.48 -38.13 60.10
CA LYS C 51 -21.48 -38.89 59.35
C LYS C 51 -21.62 -38.38 57.92
N GLY C 52 -21.49 -37.08 57.73
CA GLY C 52 -21.66 -36.47 56.43
C GLY C 52 -20.53 -36.63 55.44
N ASP C 53 -19.49 -37.42 55.77
CA ASP C 53 -18.28 -37.69 55.00
C ASP C 53 -17.60 -36.40 54.58
N PRO C 54 -16.95 -35.69 55.50
CA PRO C 54 -16.50 -34.32 55.20
C PRO C 54 -15.30 -34.29 54.27
N ASP C 55 -15.20 -33.19 53.53
CA ASP C 55 -14.01 -32.89 52.75
C ASP C 55 -12.98 -32.24 53.67
N PRO C 56 -11.79 -32.83 53.85
CA PRO C 56 -10.81 -32.27 54.80
C PRO C 56 -10.19 -30.96 54.37
N PHE C 57 -10.34 -30.53 53.12
CA PHE C 57 -9.87 -29.22 52.68
C PHE C 57 -10.89 -28.13 53.00
N ASP C 58 -11.11 -27.94 54.30
CA ASP C 58 -12.11 -26.98 54.79
C ASP C 58 -11.35 -25.97 55.65
N ASP C 59 -10.77 -24.98 54.98
CA ASP C 59 -10.08 -23.90 55.68
C ASP C 59 -11.05 -22.84 56.17
N ARG C 60 -12.29 -22.85 55.68
CA ARG C 60 -13.30 -21.90 56.08
C ARG C 60 -14.12 -22.47 57.23
N HIS C 61 -15.24 -21.85 57.53
CA HIS C 61 -16.15 -22.33 58.54
C HIS C 61 -17.40 -22.93 57.89
N PRO C 62 -18.02 -23.93 58.53
CA PRO C 62 -19.29 -24.46 58.01
C PRO C 62 -20.47 -23.50 58.13
N GLY C 63 -20.34 -22.43 58.92
CA GLY C 63 -21.37 -21.41 58.91
C GLY C 63 -21.46 -20.68 57.59
N ARG C 64 -20.33 -20.55 56.89
CA ARG C 64 -20.30 -20.12 55.50
C ARG C 64 -20.58 -21.27 54.54
N ALA C 65 -20.29 -22.51 54.94
CA ALA C 65 -20.29 -23.65 54.03
C ALA C 65 -21.48 -24.59 54.22
N ASP C 66 -21.67 -25.13 55.43
CA ASP C 66 -22.60 -26.24 55.66
C ASP C 66 -23.62 -25.86 56.72
N PRO C 67 -24.77 -25.27 56.35
CA PRO C 67 -25.83 -25.00 57.33
C PRO C 67 -26.74 -26.20 57.58
N GLU C 68 -26.36 -27.39 57.10
CA GLU C 68 -27.20 -28.57 57.27
C GLU C 68 -27.03 -29.23 58.63
N CYS C 69 -25.86 -29.12 59.24
CA CYS C 69 -25.59 -29.72 60.54
C CYS C 69 -25.29 -28.64 61.57
N MET C 70 -25.21 -29.05 62.83
CA MET C 70 -25.08 -28.11 63.94
C MET C 70 -23.68 -27.54 64.10
N LEU C 71 -22.72 -27.92 63.25
CA LEU C 71 -21.38 -27.36 63.38
C LEU C 71 -21.36 -25.91 62.88
N GLY C 72 -21.97 -25.66 61.73
CA GLY C 72 -22.04 -24.31 61.21
C GLY C 72 -22.94 -23.37 61.99
N HIS C 73 -23.91 -23.92 62.72
CA HIS C 73 -24.80 -23.07 63.51
C HIS C 73 -24.09 -22.46 64.71
N LEU C 74 -23.21 -23.22 65.36
CA LEU C 74 -22.68 -22.84 66.65
C LEU C 74 -21.33 -22.14 66.58
N LEU C 75 -20.56 -22.35 65.53
CA LEU C 75 -19.27 -21.67 65.42
C LEU C 75 -19.44 -20.19 65.08
N ARG C 76 -20.55 -19.84 64.41
CA ARG C 76 -20.80 -18.44 64.10
C ARG C 76 -21.17 -17.63 65.34
N ILE C 77 -21.73 -18.27 66.36
CA ILE C 77 -22.22 -17.56 67.54
C ILE C 77 -21.03 -17.07 68.37
N LEU C 78 -20.04 -17.93 68.55
CA LEU C 78 -18.86 -17.61 69.34
C LEU C 78 -17.80 -16.86 68.55
N PHE C 79 -18.04 -16.58 67.27
CA PHE C 79 -17.09 -15.82 66.46
C PHE C 79 -17.47 -14.35 66.31
N LYS C 80 -18.77 -14.04 66.32
CA LYS C 80 -19.23 -12.66 66.37
C LYS C 80 -19.16 -12.19 67.82
N ASN C 81 -17.96 -11.74 68.19
CA ASN C 81 -17.65 -11.53 69.60
C ASN C 81 -17.79 -10.08 70.04
N ASP C 82 -17.60 -9.11 69.13
CA ASP C 82 -17.83 -7.68 69.36
C ASP C 82 -16.98 -7.12 70.51
N ASP C 83 -15.68 -7.48 70.52
CA ASP C 83 -14.69 -7.00 71.49
C ASP C 83 -15.06 -7.33 72.94
N PHE C 84 -15.71 -8.48 73.13
CA PHE C 84 -16.07 -8.98 74.44
C PHE C 84 -15.32 -10.26 74.78
N MET C 85 -15.42 -11.27 73.91
CA MET C 85 -14.56 -12.45 73.98
C MET C 85 -13.13 -12.13 73.56
N ASN C 86 -12.91 -11.03 72.83
CA ASN C 86 -11.60 -10.70 72.30
C ASN C 86 -10.66 -10.13 73.35
N ALA C 87 -11.16 -9.77 74.52
CA ALA C 87 -10.27 -9.33 75.60
C ALA C 87 -9.73 -10.51 76.38
N LEU C 88 -10.26 -11.72 76.15
CA LEU C 88 -9.77 -12.91 76.83
C LEU C 88 -8.37 -13.29 76.36
N VAL C 89 -8.02 -12.93 75.12
CA VAL C 89 -6.67 -13.18 74.61
C VAL C 89 -5.67 -12.27 75.32
N ASN C 90 -6.08 -11.03 75.61
CA ASN C 90 -5.24 -10.11 76.37
C ASN C 90 -5.19 -10.49 77.85
N ALA C 91 -6.16 -11.28 78.31
CA ALA C 91 -6.29 -11.55 79.74
C ALA C 91 -5.56 -12.84 80.14
N TYR C 92 -5.93 -13.97 79.55
CA TYR C 92 -5.46 -15.28 79.98
C TYR C 92 -4.14 -15.69 79.33
N VAL C 93 -3.41 -14.74 78.74
CA VAL C 93 -2.10 -14.99 78.16
C VAL C 93 -1.04 -14.05 78.73
N MET C 94 -1.32 -12.74 78.71
CA MET C 94 -0.34 -11.74 79.11
C MET C 94 -0.03 -11.78 80.61
N THR C 95 -1.04 -11.99 81.44
CA THR C 95 -0.84 -12.04 82.89
C THR C 95 -1.14 -13.44 83.40
N SER C 96 -0.67 -14.45 82.69
CA SER C 96 -0.99 -15.85 82.99
C SER C 96 0.28 -16.59 83.39
N ARG C 97 0.30 -17.13 84.60
CA ARG C 97 1.45 -17.89 85.08
C ARG C 97 1.02 -19.23 85.67
N GLU C 98 -0.17 -19.27 86.28
CA GLU C 98 -0.58 -20.44 87.05
C GLU C 98 -1.27 -21.46 86.17
N PRO C 99 -1.20 -22.75 86.52
CA PRO C 99 -1.76 -23.81 85.66
C PRO C 99 -3.29 -23.82 85.60
N PRO C 100 -4.04 -23.51 86.68
CA PRO C 100 -5.48 -23.24 86.43
C PRO C 100 -5.72 -21.94 85.71
N LEU C 101 -4.83 -20.97 85.85
CA LEU C 101 -4.90 -19.75 85.06
C LEU C 101 -4.50 -19.97 83.60
N ASN C 102 -3.59 -20.91 83.33
CA ASN C 102 -3.29 -21.34 81.97
C ASN C 102 -4.19 -22.46 81.50
N THR C 103 -5.07 -22.98 82.37
CA THR C 103 -6.11 -23.89 81.91
C THR C 103 -7.13 -23.15 81.05
N ALA C 104 -7.42 -21.91 81.40
CA ALA C 104 -8.47 -21.12 80.76
C ALA C 104 -8.05 -20.51 79.42
N ALA C 105 -6.86 -20.81 78.92
CA ALA C 105 -6.41 -20.34 77.61
C ALA C 105 -6.10 -21.50 76.67
N CYS C 106 -5.37 -22.50 77.13
CA CYS C 106 -4.95 -23.59 76.27
C CYS C 106 -6.05 -24.62 76.01
N ARG C 107 -7.04 -24.72 76.90
CA ARG C 107 -8.19 -25.57 76.62
C ARG C 107 -9.26 -24.83 75.82
N LEU C 108 -9.02 -23.56 75.50
CA LEU C 108 -10.02 -22.73 74.83
C LEU C 108 -9.54 -22.16 73.50
N LEU C 109 -8.24 -21.89 73.34
CA LEU C 109 -7.74 -21.48 72.03
C LEU C 109 -7.82 -22.64 71.04
N LEU C 110 -7.76 -23.88 71.53
CA LEU C 110 -8.04 -25.05 70.70
C LEU C 110 -9.51 -25.23 70.39
N ASP C 111 -10.40 -24.47 71.05
CA ASP C 111 -11.80 -24.50 70.68
C ASP C 111 -12.13 -23.55 69.53
N ILE C 112 -11.26 -22.58 69.28
CA ILE C 112 -11.42 -21.64 68.18
C ILE C 112 -10.30 -21.87 67.18
N MET C 113 -9.86 -23.13 67.09
CA MET C 113 -8.83 -23.52 66.13
C MET C 113 -9.19 -23.23 64.66
N PRO C 114 -10.42 -23.43 64.17
CA PRO C 114 -10.73 -22.84 62.86
C PRO C 114 -10.94 -21.34 62.93
N GLY C 115 -11.31 -20.79 64.08
CA GLY C 115 -11.58 -19.38 64.19
C GLY C 115 -10.34 -18.51 64.26
N LEU C 116 -9.22 -19.07 64.70
CA LEU C 116 -7.97 -18.33 64.82
C LEU C 116 -7.37 -18.11 63.44
N GLU C 117 -7.75 -17.03 62.75
CA GLU C 117 -7.46 -16.96 61.32
C GLU C 117 -6.04 -16.50 61.03
N THR C 118 -5.77 -15.20 61.21
CA THR C 118 -4.47 -14.66 60.81
C THR C 118 -3.73 -13.88 61.89
N ALA C 119 -4.42 -12.92 62.51
CA ALA C 119 -3.75 -11.76 63.08
C ALA C 119 -3.73 -11.74 64.61
N VAL C 120 -4.26 -12.76 65.28
CA VAL C 120 -4.16 -12.81 66.73
C VAL C 120 -2.73 -13.16 67.14
N VAL C 121 -2.15 -14.19 66.53
CA VAL C 121 -0.75 -14.53 66.77
C VAL C 121 0.18 -13.59 66.04
N PHE C 122 -0.31 -12.84 65.05
CA PHE C 122 0.47 -11.87 64.30
C PHE C 122 0.45 -10.49 64.94
N GLN C 123 -0.34 -10.30 65.99
CA GLN C 123 -0.47 -9.02 66.68
C GLN C 123 0.84 -8.69 67.40
N GLU C 124 1.06 -7.41 67.72
CA GLU C 124 2.27 -6.98 68.41
C GLU C 124 2.38 -7.58 69.81
N LYS C 125 1.26 -8.01 70.40
CA LYS C 125 1.29 -8.96 71.50
C LYS C 125 1.70 -10.31 70.92
N GLU C 126 3.00 -10.46 70.71
CA GLU C 126 3.58 -11.64 70.09
C GLU C 126 4.43 -12.44 71.07
N GLY C 127 4.45 -12.05 72.34
CA GLY C 127 5.12 -12.81 73.38
C GLY C 127 4.49 -14.17 73.63
N ILE C 128 3.23 -14.36 73.22
CA ILE C 128 2.57 -15.67 73.23
C ILE C 128 3.34 -16.71 72.41
N VAL C 129 4.05 -16.28 71.36
CA VAL C 129 4.97 -17.18 70.67
C VAL C 129 6.12 -17.57 71.59
N GLU C 130 6.79 -16.58 72.19
CA GLU C 130 7.85 -16.86 73.16
C GLU C 130 7.30 -17.46 74.44
N ASN C 131 6.02 -17.20 74.77
CA ASN C 131 5.39 -17.94 75.85
C ASN C 131 5.22 -19.40 75.49
N LEU C 132 4.91 -19.69 74.22
CA LEU C 132 4.80 -21.08 73.81
C LEU C 132 6.16 -21.73 73.62
N PHE C 133 7.24 -20.95 73.49
CA PHE C 133 8.56 -21.54 73.68
C PHE C 133 8.81 -21.82 75.16
N LYS C 134 8.19 -21.04 76.04
CA LYS C 134 8.24 -21.32 77.47
C LYS C 134 7.25 -22.40 77.86
N TRP C 135 6.08 -22.47 77.20
CA TRP C 135 5.04 -23.43 77.51
C TRP C 135 5.21 -24.74 76.74
N ALA C 136 6.40 -25.01 76.24
CA ALA C 136 6.75 -26.31 75.66
C ALA C 136 8.01 -26.88 76.26
N ARG C 137 8.95 -26.02 76.65
CA ARG C 137 10.16 -26.47 77.31
C ARG C 137 9.94 -26.74 78.80
N GLU C 138 8.99 -26.05 79.42
CA GLU C 138 8.84 -26.05 80.87
C GLU C 138 7.41 -26.28 81.34
N ALA C 139 6.52 -26.83 80.51
CA ALA C 139 5.11 -26.85 80.84
C ALA C 139 4.74 -28.10 81.62
N ASP C 140 3.44 -28.20 81.94
CA ASP C 140 2.88 -29.36 82.61
C ASP C 140 2.41 -30.36 81.56
N GLN C 141 2.26 -31.61 81.98
CA GLN C 141 1.84 -32.68 81.06
C GLN C 141 0.38 -32.56 80.64
N PRO C 142 -0.61 -32.21 81.49
CA PRO C 142 -1.90 -31.80 80.93
C PRO C 142 -1.84 -30.50 80.17
N LEU C 143 -0.85 -29.64 80.46
CA LEU C 143 -0.70 -28.42 79.70
C LEU C 143 -0.09 -28.70 78.32
N ARG C 144 1.00 -29.47 78.28
CA ARG C 144 1.63 -29.84 77.01
C ARG C 144 0.75 -30.79 76.19
N THR C 145 -0.21 -31.44 76.83
CA THR C 145 -1.28 -32.12 76.10
C THR C 145 -2.02 -31.15 75.19
N TYR C 146 -2.27 -29.93 75.67
CA TYR C 146 -2.95 -28.90 74.90
C TYR C 146 -2.09 -27.68 74.61
N SER C 147 -0.80 -27.85 74.28
CA SER C 147 0.04 -26.68 74.04
C SER C 147 0.86 -26.75 72.76
N THR C 148 0.98 -27.91 72.11
CA THR C 148 1.90 -28.01 70.99
C THR C 148 1.33 -27.37 69.74
N GLY C 149 0.09 -27.69 69.38
CA GLY C 149 -0.54 -27.15 68.18
C GLY C 149 -1.07 -25.74 68.31
N LEU C 150 -0.70 -24.99 69.35
CA LEU C 150 -1.22 -23.64 69.52
C LEU C 150 -0.56 -22.64 68.58
N LEU C 151 0.70 -22.86 68.19
CA LEU C 151 1.30 -22.11 67.10
C LEU C 151 1.07 -22.76 65.75
N GLY C 152 0.03 -23.59 65.61
CA GLY C 152 -0.31 -24.12 64.31
C GLY C 152 -0.76 -23.05 63.35
N GLY C 153 -1.42 -22.01 63.85
CA GLY C 153 -1.74 -20.85 63.05
C GLY C 153 -0.53 -19.99 62.71
N ALA C 154 0.54 -20.08 63.50
CA ALA C 154 1.74 -19.30 63.21
C ALA C 154 2.52 -19.89 62.05
N MET C 155 2.60 -21.23 61.97
CA MET C 155 3.32 -21.87 60.88
C MET C 155 2.55 -21.82 59.57
N GLU C 156 1.22 -21.64 59.64
CA GLU C 156 0.45 -21.36 58.44
C GLU C 156 0.82 -20.02 57.82
N ASN C 157 1.17 -19.04 58.65
CA ASN C 157 1.76 -17.81 58.16
C ASN C 157 3.17 -18.07 57.67
N GLN C 158 3.50 -17.53 56.50
CA GLN C 158 4.87 -17.60 56.01
C GLN C 158 5.72 -16.45 56.53
N ASP C 159 5.14 -15.53 57.32
CA ASP C 159 5.90 -14.41 57.84
C ASP C 159 6.46 -14.70 59.23
N ILE C 160 5.76 -15.53 60.00
CA ILE C 160 6.26 -15.89 61.33
C ILE C 160 7.38 -16.93 61.20
N ALA C 161 7.26 -17.87 60.26
CA ALA C 161 8.29 -18.89 60.07
C ALA C 161 9.54 -18.34 59.40
N ALA C 162 9.46 -17.17 58.77
CA ALA C 162 10.64 -16.53 58.21
C ALA C 162 11.32 -15.62 59.21
N ASN C 163 10.56 -15.03 60.14
CA ASN C 163 11.14 -14.30 61.26
C ASN C 163 11.73 -15.24 62.31
N TYR C 164 11.35 -16.51 62.30
CA TYR C 164 11.76 -17.48 63.31
C TYR C 164 12.20 -18.78 62.65
N ARG C 165 13.06 -18.68 61.64
CA ARG C 165 13.53 -19.86 60.94
C ARG C 165 14.71 -20.54 61.63
N ASP C 166 15.19 -19.98 62.75
CA ASP C 166 16.16 -20.65 63.60
C ASP C 166 15.73 -20.74 65.06
N GLU C 167 14.81 -19.88 65.49
CA GLU C 167 14.26 -19.99 66.83
C GLU C 167 13.34 -21.20 66.96
N ASN C 168 12.63 -21.55 65.89
CA ASN C 168 11.81 -22.76 65.89
C ASN C 168 12.67 -24.02 65.87
N SER C 169 13.82 -23.97 65.19
CA SER C 169 14.72 -25.11 65.08
C SER C 169 15.30 -25.54 66.42
N GLN C 170 15.40 -24.60 67.37
CA GLN C 170 15.68 -24.97 68.75
C GLN C 170 14.57 -25.86 69.31
N LEU C 171 13.31 -25.48 69.07
CA LEU C 171 12.18 -26.19 69.64
C LEU C 171 11.93 -27.53 68.96
N VAL C 172 12.35 -27.66 67.70
CA VAL C 172 12.20 -28.93 66.99
C VAL C 172 13.12 -30.00 67.59
N ALA C 173 14.26 -29.58 68.13
CA ALA C 173 15.15 -30.52 68.82
C ALA C 173 14.53 -31.06 70.10
N ILE C 174 13.62 -30.32 70.73
CA ILE C 174 12.92 -30.84 71.89
C ILE C 174 11.80 -31.80 71.46
N VAL C 175 10.96 -31.37 70.51
CA VAL C 175 9.72 -32.07 70.27
C VAL C 175 9.90 -33.39 69.54
N LEU C 176 11.04 -33.60 68.88
CA LEU C 176 11.27 -34.88 68.21
C LEU C 176 11.72 -35.95 69.19
N ARG C 177 12.42 -35.55 70.25
CA ARG C 177 12.80 -36.50 71.29
C ARG C 177 11.58 -37.00 72.04
N ARG C 178 10.64 -36.10 72.34
CA ARG C 178 9.35 -36.52 72.88
C ARG C 178 8.58 -37.35 71.86
N LEU C 179 8.72 -37.00 70.57
CA LEU C 179 8.04 -37.76 69.52
C LEU C 179 8.65 -39.15 69.36
N ARG C 180 9.93 -39.30 69.70
CA ARG C 180 10.52 -40.63 69.70
C ARG C 180 10.04 -41.45 70.89
N GLU C 181 9.72 -40.79 72.01
CA GLU C 181 9.34 -41.50 73.23
C GLU C 181 7.99 -42.19 73.11
N LEU C 182 7.07 -41.64 72.32
CA LEU C 182 5.70 -42.17 72.31
C LEU C 182 5.62 -43.51 71.57
N GLN C 183 6.47 -43.70 70.55
CA GLN C 183 6.62 -45.03 69.98
C GLN C 183 7.25 -46.01 70.96
N LEU C 184 8.09 -45.52 71.87
CA LEU C 184 8.63 -46.40 72.90
C LEU C 184 7.63 -46.61 74.03
N GLN C 185 6.70 -45.68 74.24
CA GLN C 185 5.70 -45.83 75.28
C GLN C 185 4.55 -46.72 74.83
N GLU C 186 3.86 -46.32 73.76
CA GLU C 186 2.55 -46.90 73.44
C GLU C 186 2.68 -48.29 72.84
N VAL C 187 3.75 -48.54 72.07
CA VAL C 187 3.94 -49.86 71.48
C VAL C 187 4.30 -50.87 72.55
N ALA C 188 5.16 -50.47 73.50
CA ALA C 188 5.50 -51.35 74.63
C ALA C 188 4.30 -51.59 75.54
N LEU C 189 3.37 -50.64 75.60
CA LEU C 189 2.11 -50.90 76.30
C LEU C 189 1.22 -51.84 75.49
N ARG C 190 1.38 -51.86 74.17
CA ARG C 190 0.64 -52.81 73.35
C ARG C 190 1.39 -54.12 73.18
N GLN C 191 2.71 -54.11 73.34
CA GLN C 191 3.50 -55.35 73.36
C GLN C 191 3.49 -55.95 74.78
N GLU C 192 2.29 -56.37 75.19
CA GLU C 192 2.10 -57.01 76.48
C GLU C 192 1.36 -58.34 76.40
N ASN C 193 0.45 -58.50 75.44
CA ASN C 193 -0.43 -59.66 75.35
C ASN C 193 -0.11 -60.46 74.10
N LYS C 194 1.17 -60.59 73.77
CA LYS C 194 1.59 -61.29 72.56
C LYS C 194 2.45 -62.50 72.89
N PRO C 323 -3.86 -41.13 75.11
CA PRO C 323 -2.41 -41.38 75.05
C PRO C 323 -1.80 -40.98 73.70
N ALA C 324 -2.46 -41.36 72.60
CA ALA C 324 -2.06 -40.91 71.28
C ALA C 324 -2.69 -39.59 70.90
N ILE C 325 -3.45 -38.95 71.79
CA ILE C 325 -4.05 -37.67 71.47
C ILE C 325 -3.02 -36.55 71.50
N GLU C 326 -1.92 -36.72 72.24
CA GLU C 326 -0.80 -35.81 72.06
C GLU C 326 -0.09 -36.10 70.76
N GLN C 327 0.02 -37.38 70.40
CA GLN C 327 0.63 -37.80 69.14
C GLN C 327 -0.15 -37.29 67.94
N ARG C 328 -1.46 -37.08 68.11
CA ARG C 328 -2.26 -36.44 67.07
C ARG C 328 -1.97 -34.96 66.98
N LEU C 329 -1.82 -34.28 68.13
CA LEU C 329 -1.77 -32.82 68.15
C LEU C 329 -0.37 -32.25 68.12
N ILE C 330 0.67 -33.08 68.20
CA ILE C 330 2.03 -32.57 67.97
C ILE C 330 2.32 -32.55 66.48
N LEU C 331 1.88 -33.58 65.76
CA LEU C 331 2.01 -33.62 64.29
C LEU C 331 1.16 -32.56 63.61
N GLN C 332 0.08 -32.11 64.26
CA GLN C 332 -0.66 -30.95 63.76
C GLN C 332 0.18 -29.69 63.82
N TYR C 333 0.99 -29.54 64.87
CA TYR C 333 1.93 -28.42 64.91
C TYR C 333 3.06 -28.61 63.92
N LEU C 334 3.60 -29.82 63.84
CA LEU C 334 4.82 -30.03 63.08
C LEU C 334 4.61 -30.15 61.58
N THR C 335 3.36 -30.24 61.13
CA THR C 335 3.06 -30.34 59.69
C THR C 335 3.42 -29.09 58.89
N PRO C 336 2.97 -27.85 59.22
CA PRO C 336 3.25 -26.75 58.27
C PRO C 336 4.69 -26.29 58.27
N LEU C 337 5.49 -26.65 59.29
CA LEU C 337 6.92 -26.39 59.18
C LEU C 337 7.70 -27.61 58.73
N GLY C 338 7.03 -28.69 58.32
CA GLY C 338 7.73 -29.78 57.65
C GLY C 338 8.19 -29.46 56.25
N GLU C 339 7.68 -28.38 55.66
CA GLU C 339 8.00 -28.04 54.28
C GLU C 339 9.19 -27.08 54.17
N TYR C 340 9.44 -26.27 55.20
CA TYR C 340 10.40 -25.18 55.09
C TYR C 340 11.84 -25.69 54.96
N GLN C 341 12.70 -24.78 54.53
CA GLN C 341 14.09 -25.08 54.26
C GLN C 341 14.90 -25.19 55.56
N GLU C 342 16.07 -25.81 55.45
CA GLU C 342 17.12 -25.87 56.47
C GLU C 342 16.68 -26.57 57.74
N LEU C 343 15.72 -27.48 57.62
CA LEU C 343 15.14 -28.14 58.78
C LEU C 343 15.19 -29.65 58.54
N LEU C 344 15.22 -30.02 57.27
CA LEU C 344 15.65 -31.35 56.84
C LEU C 344 16.97 -31.86 57.42
N PRO C 345 18.04 -31.04 57.67
CA PRO C 345 19.21 -31.60 58.37
C PRO C 345 18.92 -32.22 59.73
N ILE C 346 18.24 -31.51 60.63
CA ILE C 346 17.94 -32.13 61.92
C ILE C 346 16.78 -33.11 61.84
N PHE C 347 16.04 -33.11 60.73
CA PHE C 347 15.04 -34.16 60.51
C PHE C 347 15.69 -35.53 60.34
N MET C 348 16.53 -35.67 59.31
CA MET C 348 17.19 -36.93 59.04
C MET C 348 18.25 -37.28 60.07
N GLN C 349 18.76 -36.27 60.79
CA GLN C 349 19.68 -36.53 61.90
C GLN C 349 18.97 -37.25 63.04
N LEU C 350 17.74 -36.81 63.36
CA LEU C 350 16.93 -37.44 64.37
C LEU C 350 16.01 -38.52 63.79
N GLY C 351 16.26 -38.93 62.55
CA GLY C 351 15.57 -40.06 61.97
C GLY C 351 14.13 -39.81 61.58
N SER C 352 13.83 -38.63 61.03
CA SER C 352 12.47 -38.33 60.58
C SER C 352 12.05 -39.15 59.38
N ARG C 353 13.01 -39.72 58.64
CA ARG C 353 12.69 -40.80 57.71
C ARG C 353 12.10 -41.99 58.44
N GLU C 354 12.67 -42.34 59.58
CA GLU C 354 12.25 -43.55 60.28
C GLU C 354 11.15 -43.27 61.31
N LEU C 355 10.98 -42.00 61.70
CA LEU C 355 9.86 -41.64 62.56
C LEU C 355 8.53 -41.84 61.86
N MET C 356 8.42 -41.41 60.60
CA MET C 356 7.15 -41.32 59.93
C MET C 356 6.69 -42.66 59.35
N MET C 357 7.57 -43.64 59.26
CA MET C 357 7.15 -44.95 58.73
C MET C 357 6.38 -45.74 59.77
N PHE C 358 6.64 -45.48 61.06
CA PHE C 358 5.88 -46.13 62.11
C PHE C 358 4.46 -45.56 62.23
N TYR C 359 4.25 -44.34 61.75
CA TYR C 359 3.02 -43.60 62.02
C TYR C 359 1.90 -43.95 61.05
N ILE C 360 2.16 -44.85 60.12
CA ILE C 360 1.15 -45.29 59.17
C ILE C 360 0.84 -46.76 59.48
N ASP C 361 -0.40 -47.16 59.21
CA ASP C 361 -0.93 -48.46 59.64
C ASP C 361 -0.20 -49.63 59.00
N LEU C 362 0.22 -50.59 59.84
CA LEU C 362 0.84 -51.84 59.41
C LEU C 362 0.20 -52.95 60.25
N LYS C 363 -0.95 -53.46 59.77
CA LYS C 363 -1.70 -54.55 60.42
C LYS C 363 -1.96 -54.24 61.89
N GLN C 364 -2.54 -53.07 62.15
CA GLN C 364 -2.41 -52.42 63.44
C GLN C 364 -3.74 -51.80 63.84
N THR C 365 -3.93 -51.63 65.14
CA THR C 365 -5.14 -51.00 65.67
C THR C 365 -4.86 -49.50 65.75
N ASN C 366 -4.97 -48.84 64.60
CA ASN C 366 -4.84 -47.40 64.50
C ASN C 366 -6.21 -46.75 64.33
N ASP C 367 -6.28 -45.44 64.51
CA ASP C 367 -7.43 -44.68 64.11
C ASP C 367 -7.33 -44.29 62.64
N VAL C 368 -8.20 -43.36 62.23
CA VAL C 368 -8.06 -42.78 60.90
C VAL C 368 -7.41 -41.41 61.02
N LEU C 369 -7.69 -40.67 62.08
CA LEU C 369 -7.39 -39.24 62.11
C LEU C 369 -5.92 -38.97 62.38
N LEU C 370 -5.26 -39.80 63.18
CA LEU C 370 -3.82 -39.62 63.39
C LEU C 370 -3.04 -40.04 62.15
N THR C 371 -3.53 -41.04 61.42
CA THR C 371 -2.87 -41.48 60.21
C THR C 371 -2.97 -40.42 59.11
N PHE C 372 -4.16 -39.85 58.93
CA PHE C 372 -4.36 -38.81 57.92
C PHE C 372 -3.64 -37.52 58.27
N GLU C 373 -3.45 -37.24 59.55
CA GLU C 373 -2.67 -36.07 59.95
C GLU C 373 -1.19 -36.37 60.08
N ALA C 374 -0.77 -37.61 59.85
CA ALA C 374 0.64 -37.94 59.73
C ALA C 374 1.15 -37.79 58.30
N LEU C 375 0.35 -38.19 57.30
CA LEU C 375 0.74 -37.99 55.91
C LEU C 375 0.76 -36.51 55.54
N LYS C 376 -0.04 -35.69 56.24
CA LYS C 376 -0.05 -34.26 55.99
C LYS C 376 1.27 -33.62 56.37
N HIS C 377 1.89 -34.10 57.46
CA HIS C 377 3.30 -33.82 57.70
C HIS C 377 4.18 -34.40 56.60
N LEU C 378 3.92 -35.67 56.23
CA LEU C 378 4.82 -36.40 55.34
C LEU C 378 4.77 -35.83 53.92
N ALA C 379 3.64 -35.25 53.53
CA ALA C 379 3.56 -34.59 52.24
C ALA C 379 4.38 -33.30 52.22
N SER C 380 4.55 -32.65 53.38
CA SER C 380 5.50 -31.56 53.46
C SER C 380 6.93 -32.08 53.53
N LEU C 381 7.11 -33.36 53.89
CA LEU C 381 8.44 -33.95 53.96
C LEU C 381 8.92 -34.46 52.62
N LEU C 382 8.01 -34.96 51.78
CA LEU C 382 8.38 -35.55 50.49
C LEU C 382 8.78 -34.51 49.45
N LEU C 383 8.89 -33.24 49.80
CA LEU C 383 9.33 -32.23 48.84
C LEU C 383 10.82 -32.36 48.52
N HIS C 384 11.61 -32.84 49.48
CA HIS C 384 13.06 -32.90 49.29
C HIS C 384 13.46 -34.26 48.74
N ASN C 385 14.30 -34.24 47.70
CA ASN C 385 14.67 -35.46 46.98
C ASN C 385 15.53 -36.39 47.82
N LYS C 386 16.41 -35.84 48.65
CA LYS C 386 17.27 -36.65 49.51
C LYS C 386 16.43 -37.42 50.53
N PHE C 387 15.33 -36.82 50.97
CA PHE C 387 14.29 -37.58 51.66
C PHE C 387 13.57 -38.50 50.69
N ALA C 388 13.21 -38.01 49.51
CA ALA C 388 12.35 -38.74 48.60
C ALA C 388 13.04 -39.90 47.92
N THR C 389 14.37 -39.88 47.85
CA THR C 389 15.09 -41.01 47.29
C THR C 389 15.05 -42.19 48.25
N GLU C 390 15.19 -41.90 49.55
CA GLU C 390 15.28 -42.95 50.55
C GLU C 390 13.92 -43.51 50.92
N PHE C 391 12.85 -42.75 50.67
CA PHE C 391 11.51 -43.23 50.99
C PHE C 391 11.12 -44.44 50.15
N VAL C 392 11.36 -44.36 48.84
CA VAL C 392 11.01 -45.47 47.95
C VAL C 392 12.03 -46.60 48.10
N ALA C 393 13.31 -46.25 48.25
CA ALA C 393 14.37 -47.26 48.30
C ALA C 393 14.31 -48.09 49.58
N HIS C 394 13.72 -47.56 50.64
CA HIS C 394 13.42 -48.35 51.82
C HIS C 394 11.97 -48.84 51.85
N GLY C 395 11.28 -48.79 50.71
CA GLY C 395 9.97 -49.41 50.60
C GLY C 395 8.83 -48.66 51.25
N GLY C 396 8.84 -47.33 51.16
CA GLY C 396 7.76 -46.56 51.77
C GLY C 396 6.47 -46.54 50.97
N VAL C 397 6.56 -46.75 49.65
CA VAL C 397 5.38 -46.66 48.82
C VAL C 397 4.50 -47.89 48.99
N GLN C 398 5.12 -49.08 49.05
CA GLN C 398 4.38 -50.29 49.38
C GLN C 398 3.81 -50.23 50.79
N LYS C 399 4.53 -49.57 51.71
CA LYS C 399 3.98 -49.28 53.03
C LYS C 399 2.81 -48.31 52.93
N LEU C 400 2.93 -47.33 52.04
CA LEU C 400 1.86 -46.35 51.85
C LEU C 400 0.66 -46.98 51.14
N LEU C 401 0.88 -48.03 50.36
CA LEU C 401 -0.22 -48.76 49.71
C LEU C 401 -0.66 -49.95 50.56
N GLU C 402 -1.09 -49.62 51.78
CA GLU C 402 -1.62 -50.60 52.71
C GLU C 402 -3.00 -50.20 53.22
N ILE C 403 -3.62 -49.21 52.60
CA ILE C 403 -4.90 -48.69 53.07
C ILE C 403 -6.03 -49.50 52.43
N PRO C 404 -6.96 -50.05 53.21
CA PRO C 404 -8.20 -50.56 52.62
C PRO C 404 -9.00 -49.42 52.02
N ARG C 405 -9.67 -49.71 50.90
CA ARG C 405 -10.21 -48.69 49.99
C ARG C 405 -11.26 -47.77 50.60
N PRO C 406 -12.28 -48.24 51.40
CA PRO C 406 -13.12 -47.25 52.09
C PRO C 406 -12.36 -46.63 53.26
N SER C 407 -11.91 -45.40 53.08
CA SER C 407 -11.08 -44.75 54.08
C SER C 407 -11.17 -43.24 53.93
N MET C 408 -11.15 -42.53 55.07
CA MET C 408 -11.09 -41.08 55.06
C MET C 408 -9.69 -40.57 54.77
N ALA C 409 -8.67 -41.43 54.92
CA ALA C 409 -7.29 -41.02 54.70
C ALA C 409 -6.87 -41.09 53.23
N ALA C 410 -7.82 -41.23 52.31
CA ALA C 410 -7.48 -41.34 50.89
C ALA C 410 -6.97 -40.04 50.31
N THR C 411 -7.30 -38.89 50.92
CA THR C 411 -6.84 -37.62 50.41
C THR C 411 -5.36 -37.43 50.66
N GLY C 412 -4.87 -37.86 51.82
CA GLY C 412 -3.46 -37.71 52.13
C GLY C 412 -2.60 -38.66 51.32
N VAL C 413 -3.14 -39.81 50.95
CA VAL C 413 -2.44 -40.74 50.07
C VAL C 413 -2.22 -40.11 48.70
N SER C 414 -3.23 -39.42 48.18
CA SER C 414 -3.09 -38.76 46.90
C SER C 414 -2.17 -37.55 46.96
N MET C 415 -2.07 -36.89 48.12
CA MET C 415 -1.11 -35.79 48.23
C MET C 415 0.32 -36.32 48.30
N CYS C 416 0.52 -37.46 48.95
CA CYS C 416 1.86 -38.04 48.99
C CYS C 416 2.26 -38.62 47.64
N LEU C 417 1.28 -39.02 46.83
CA LEU C 417 1.59 -39.47 45.48
C LEU C 417 1.84 -38.29 44.54
N TYR C 418 1.15 -37.16 44.77
CA TYR C 418 1.31 -36.03 43.88
C TYR C 418 2.65 -35.33 44.07
N TYR C 419 3.05 -35.12 45.33
CA TYR C 419 4.35 -34.51 45.55
C TYR C 419 5.48 -35.53 45.43
N LEU C 420 5.15 -36.81 45.22
CA LEU C 420 6.17 -37.79 44.86
C LEU C 420 6.76 -37.51 43.49
N SER C 421 5.89 -37.20 42.52
CA SER C 421 6.32 -36.91 41.15
C SER C 421 6.23 -35.43 40.81
N TYR C 422 6.37 -34.54 41.79
CA TYR C 422 6.25 -33.11 41.53
C TYR C 422 7.46 -32.59 40.74
N ASN C 423 8.64 -32.68 41.32
CA ASN C 423 9.84 -32.15 40.68
C ASN C 423 10.93 -33.20 40.52
N GLN C 424 11.10 -34.08 41.51
CA GLN C 424 12.09 -35.13 41.41
C GLN C 424 11.62 -36.20 40.44
N ASP C 425 12.57 -36.91 39.85
CA ASP C 425 12.27 -37.94 38.87
C ASP C 425 12.18 -39.31 39.53
N ALA C 426 11.32 -39.41 40.54
CA ALA C 426 11.22 -40.65 41.32
C ALA C 426 10.47 -41.72 40.55
N MET C 427 9.60 -41.33 39.60
CA MET C 427 8.82 -42.32 38.85
C MET C 427 9.68 -43.10 37.87
N GLU C 428 10.90 -42.63 37.58
CA GLU C 428 11.88 -43.46 36.91
C GLU C 428 12.25 -44.66 37.76
N ARG C 429 12.32 -44.48 39.08
CA ARG C 429 12.75 -45.54 39.98
C ARG C 429 11.65 -46.56 40.28
N VAL C 430 10.37 -46.17 40.16
CA VAL C 430 9.25 -47.05 40.50
C VAL C 430 9.12 -48.22 39.52
N CYS C 431 9.74 -48.11 38.34
CA CYS C 431 9.64 -49.17 37.34
C CYS C 431 10.33 -50.45 37.78
N MET C 432 11.63 -50.37 38.07
CA MET C 432 12.45 -51.55 38.32
C MET C 432 12.22 -52.05 39.74
N HIS C 433 11.23 -52.93 39.90
CA HIS C 433 10.70 -53.46 41.16
C HIS C 433 9.97 -54.77 40.82
N PRO C 434 9.37 -55.50 41.81
CA PRO C 434 8.33 -56.48 41.45
C PRO C 434 7.22 -55.89 40.60
N HIS C 435 6.67 -56.71 39.70
CA HIS C 435 5.82 -56.30 38.59
C HIS C 435 4.56 -55.54 38.99
N ASN C 436 4.00 -55.87 40.16
CA ASN C 436 2.73 -55.29 40.57
C ASN C 436 2.88 -54.03 41.42
N VAL C 437 3.98 -53.27 41.27
CA VAL C 437 4.08 -52.00 41.99
C VAL C 437 3.21 -50.94 41.32
N LEU C 438 3.45 -50.68 40.03
CA LEU C 438 2.61 -49.74 39.30
C LEU C 438 1.22 -50.32 39.04
N SER C 439 1.09 -51.64 39.04
CA SER C 439 -0.23 -52.27 38.94
C SER C 439 -1.07 -52.02 40.19
N ASP C 440 -0.43 -51.77 41.33
CA ASP C 440 -1.15 -51.27 42.50
C ASP C 440 -1.38 -49.76 42.40
N VAL C 441 -0.54 -49.04 41.65
CA VAL C 441 -0.74 -47.62 41.46
C VAL C 441 -1.93 -47.36 40.53
N VAL C 442 -2.02 -48.13 39.45
CA VAL C 442 -3.11 -47.98 38.49
C VAL C 442 -4.42 -48.45 39.10
N ASN C 443 -4.38 -49.50 39.92
CA ASN C 443 -5.57 -50.00 40.60
C ASN C 443 -6.12 -49.00 41.59
N TYR C 444 -5.26 -48.29 42.32
CA TYR C 444 -5.75 -47.45 43.41
C TYR C 444 -6.08 -46.04 42.93
N THR C 445 -5.26 -45.47 42.04
CA THR C 445 -5.47 -44.08 41.62
C THR C 445 -6.69 -43.94 40.72
N LEU C 446 -6.86 -44.86 39.76
CA LEU C 446 -8.05 -44.86 38.92
C LEU C 446 -9.31 -45.16 39.71
N TRP C 447 -9.21 -45.92 40.80
CA TRP C 447 -10.35 -46.06 41.70
C TRP C 447 -10.65 -44.74 42.40
N LEU C 448 -9.60 -43.97 42.71
CA LEU C 448 -9.78 -42.72 43.42
C LEU C 448 -10.41 -41.64 42.54
N MET C 449 -10.12 -41.66 41.25
CA MET C 449 -10.87 -40.81 40.32
C MET C 449 -12.31 -41.33 40.17
N GLU C 450 -12.49 -42.65 40.30
CA GLU C 450 -13.81 -43.25 40.26
C GLU C 450 -14.52 -43.08 41.61
N CYS C 451 -13.76 -42.86 42.68
CA CYS C 451 -14.32 -42.66 44.01
C CYS C 451 -15.12 -41.37 44.10
N SER C 452 -14.81 -40.39 43.24
CA SER C 452 -15.54 -39.12 43.09
C SER C 452 -15.51 -38.31 44.39
N HIS C 453 -14.31 -38.20 44.95
CA HIS C 453 -14.13 -37.38 46.13
C HIS C 453 -14.16 -35.91 45.73
N ALA C 454 -14.47 -35.04 46.70
CA ALA C 454 -14.62 -33.61 46.43
C ALA C 454 -13.31 -32.95 46.00
N SER C 455 -12.17 -33.48 46.44
CA SER C 455 -10.88 -33.03 45.94
C SER C 455 -9.96 -34.20 45.60
N GLY C 456 -10.47 -35.43 45.65
CA GLY C 456 -9.69 -36.56 45.18
C GLY C 456 -9.54 -36.58 43.68
N CYS C 457 -10.50 -35.98 42.97
CA CYS C 457 -10.34 -35.79 41.53
C CYS C 457 -9.62 -34.48 41.22
N CYS C 458 -9.30 -33.68 42.24
CA CYS C 458 -8.52 -32.47 42.05
C CYS C 458 -7.02 -32.72 42.17
N HIS C 459 -6.62 -33.85 42.75
CA HIS C 459 -5.21 -34.23 42.84
C HIS C 459 -4.84 -35.45 42.02
N ALA C 460 -5.64 -36.52 42.07
CA ALA C 460 -5.30 -37.75 41.34
C ALA C 460 -5.43 -37.58 39.83
N THR C 461 -6.12 -36.55 39.37
CA THR C 461 -6.10 -36.21 37.94
C THR C 461 -4.81 -35.50 37.57
N MET C 462 -4.32 -34.61 38.45
CA MET C 462 -3.06 -33.92 38.26
C MET C 462 -1.86 -34.86 38.24
N PHE C 463 -1.98 -36.03 38.88
CA PHE C 463 -0.92 -37.03 38.86
C PHE C 463 -0.75 -37.61 37.46
N PHE C 464 -1.84 -37.68 36.69
CA PHE C 464 -1.72 -38.17 35.33
C PHE C 464 -1.33 -37.07 34.34
N SER C 465 -1.10 -35.85 34.81
CA SER C 465 -0.75 -34.78 33.88
C SER C 465 0.70 -34.84 33.44
N ILE C 466 1.59 -35.44 34.24
CA ILE C 466 3.00 -35.50 33.92
C ILE C 466 3.47 -36.93 33.70
N CYS C 467 2.94 -37.88 34.48
CA CYS C 467 3.41 -39.26 34.49
C CYS C 467 3.03 -40.06 33.25
N PHE C 468 2.28 -39.49 32.30
CA PHE C 468 2.04 -40.15 31.02
C PHE C 468 3.28 -40.22 30.12
N SER C 469 4.38 -39.54 30.48
CA SER C 469 5.59 -39.59 29.68
C SER C 469 6.22 -40.98 29.72
N PHE C 470 6.04 -41.69 30.83
CA PHE C 470 6.53 -43.06 30.93
C PHE C 470 5.55 -43.98 30.22
N ARG C 471 6.08 -44.82 29.32
CA ARG C 471 5.24 -45.59 28.41
C ARG C 471 4.50 -46.72 29.10
N ALA C 472 5.05 -47.27 30.18
CA ALA C 472 4.37 -48.34 30.89
C ALA C 472 3.17 -47.83 31.67
N VAL C 473 3.15 -46.54 31.98
CA VAL C 473 1.97 -45.92 32.58
C VAL C 473 0.80 -45.97 31.61
N LEU C 474 1.07 -45.65 30.35
CA LEU C 474 0.05 -45.75 29.32
C LEU C 474 -0.26 -47.19 28.96
N GLU C 475 0.70 -48.10 29.14
CA GLU C 475 0.48 -49.50 28.85
C GLU C 475 -0.51 -50.12 29.83
N LEU C 476 -0.35 -49.86 31.13
CA LEU C 476 -1.35 -50.28 32.09
C LEU C 476 -2.62 -49.44 32.00
N PHE C 477 -2.56 -48.29 31.36
CA PHE C 477 -3.77 -47.48 31.21
C PHE C 477 -4.73 -48.12 30.21
N ASP C 478 -4.20 -48.90 29.27
CA ASP C 478 -5.05 -49.43 28.22
C ASP C 478 -5.39 -50.90 28.41
N ARG C 479 -4.65 -51.62 29.25
CA ARG C 479 -5.05 -52.98 29.58
C ARG C 479 -6.26 -53.01 30.51
N TYR C 480 -6.48 -51.93 31.26
CA TYR C 480 -7.70 -51.68 31.99
C TYR C 480 -8.67 -50.92 31.08
N ASP C 481 -9.71 -50.33 31.68
CA ASP C 481 -10.77 -49.69 30.90
C ASP C 481 -10.28 -48.44 30.19
N GLY C 482 -9.42 -47.64 30.81
CA GLY C 482 -8.84 -46.48 30.17
C GLY C 482 -9.74 -45.26 30.12
N LEU C 483 -10.13 -44.85 28.92
CA LEU C 483 -10.93 -43.63 28.79
C LEU C 483 -12.38 -43.86 29.15
N ARG C 484 -12.83 -45.12 29.23
CA ARG C 484 -14.16 -45.41 29.74
C ARG C 484 -14.28 -45.01 31.21
N ARG C 485 -13.17 -45.07 31.96
CA ARG C 485 -13.15 -44.50 33.30
C ARG C 485 -12.76 -43.02 33.30
N LEU C 486 -12.44 -42.46 32.14
CA LEU C 486 -12.15 -41.03 32.04
C LEU C 486 -13.32 -40.23 31.49
N VAL C 487 -13.95 -40.71 30.40
CA VAL C 487 -15.08 -40.01 29.79
C VAL C 487 -16.27 -39.99 30.73
N ASN C 488 -16.40 -41.02 31.58
CA ASN C 488 -17.48 -41.10 32.57
C ASN C 488 -17.39 -39.98 33.61
N LEU C 489 -16.23 -39.34 33.75
CA LEU C 489 -16.17 -38.11 34.53
C LEU C 489 -16.88 -36.97 33.82
N ILE C 490 -16.59 -36.77 32.54
CA ILE C 490 -17.13 -35.61 31.83
C ILE C 490 -18.62 -35.79 31.56
N SER C 491 -19.03 -37.02 31.25
CA SER C 491 -20.44 -37.31 30.95
C SER C 491 -21.34 -37.24 32.18
N THR C 492 -20.77 -37.22 33.38
CA THR C 492 -21.57 -37.15 34.59
C THR C 492 -21.55 -35.73 35.16
N LEU C 493 -20.90 -34.80 34.46
CA LEU C 493 -20.86 -33.41 34.89
C LEU C 493 -22.23 -32.77 34.80
N GLU C 494 -22.73 -32.30 35.95
CA GLU C 494 -24.03 -31.67 36.03
C GLU C 494 -24.02 -30.23 35.55
N ILE C 495 -22.85 -29.67 35.26
CA ILE C 495 -22.79 -28.35 34.64
C ILE C 495 -22.97 -28.49 33.12
N LEU C 496 -22.86 -29.71 32.60
CA LEU C 496 -23.06 -29.94 31.17
C LEU C 496 -24.46 -30.43 30.85
N ASN C 497 -25.16 -30.98 31.83
CA ASN C 497 -26.49 -31.55 31.62
C ASN C 497 -27.49 -30.42 31.39
N LEU C 498 -27.82 -30.20 30.11
CA LEU C 498 -28.74 -29.13 29.73
C LEU C 498 -30.15 -29.40 30.24
N GLU C 499 -30.53 -30.67 30.33
CA GLU C 499 -31.83 -31.05 30.87
C GLU C 499 -31.94 -30.80 32.36
N ASP C 500 -30.81 -30.70 33.07
CA ASP C 500 -30.80 -30.47 34.52
C ASP C 500 -29.88 -29.32 34.92
N GLN C 501 -29.66 -28.35 34.04
CA GLN C 501 -28.76 -27.24 34.33
C GLN C 501 -29.36 -26.20 35.27
N GLY C 502 -30.68 -26.18 35.42
CA GLY C 502 -31.31 -25.22 36.30
C GLY C 502 -31.71 -25.85 37.62
N ALA C 503 -31.09 -26.98 37.94
CA ALA C 503 -31.38 -27.73 39.16
C ALA C 503 -30.54 -27.28 40.34
N LEU C 504 -29.22 -27.28 40.19
CA LEU C 504 -28.32 -26.93 41.27
C LEU C 504 -27.82 -25.50 41.09
N LEU C 505 -27.95 -24.69 42.13
CA LEU C 505 -27.53 -23.30 42.10
C LEU C 505 -26.56 -22.92 43.20
N SER C 506 -26.29 -23.82 44.15
CA SER C 506 -25.36 -23.53 45.22
C SER C 506 -23.92 -23.54 44.71
N ASP C 507 -23.13 -22.59 45.21
CA ASP C 507 -21.78 -22.36 44.70
C ASP C 507 -20.79 -23.42 45.14
N ASP C 508 -21.20 -24.40 45.96
CA ASP C 508 -20.31 -25.51 46.26
C ASP C 508 -20.18 -26.45 45.08
N GLU C 509 -21.28 -26.78 44.42
CA GLU C 509 -21.28 -27.68 43.28
C GLU C 509 -21.18 -26.96 41.94
N ILE C 510 -20.70 -25.71 41.93
CA ILE C 510 -20.47 -24.95 40.71
C ILE C 510 -19.00 -24.67 40.49
N PHE C 511 -18.34 -24.06 41.47
CA PHE C 511 -16.90 -23.79 41.37
C PHE C 511 -16.09 -25.08 41.39
N ALA C 512 -16.60 -26.11 42.04
CA ALA C 512 -15.94 -27.41 42.03
C ALA C 512 -16.29 -28.22 40.78
N SER C 513 -17.41 -27.88 40.12
CA SER C 513 -17.80 -28.62 38.93
C SER C 513 -17.41 -27.90 37.65
N ARG C 514 -16.91 -26.67 37.77
CA ARG C 514 -16.29 -25.99 36.63
C ARG C 514 -14.77 -25.98 36.73
N GLN C 515 -14.22 -26.59 37.78
CA GLN C 515 -12.80 -26.88 37.91
C GLN C 515 -12.48 -28.32 37.53
N THR C 516 -13.41 -29.24 37.78
CA THR C 516 -13.18 -30.68 37.57
C THR C 516 -12.95 -31.00 36.11
N GLY C 517 -13.69 -30.37 35.21
CA GLY C 517 -13.45 -30.55 33.79
C GLY C 517 -12.19 -29.86 33.28
N LYS C 518 -11.75 -28.80 33.98
CA LYS C 518 -10.56 -28.06 33.55
C LYS C 518 -9.31 -28.91 33.68
N HIS C 519 -9.15 -29.60 34.81
CA HIS C 519 -8.02 -30.51 34.97
C HIS C 519 -8.21 -31.77 34.13
N THR C 520 -9.45 -32.07 33.73
CA THR C 520 -9.70 -33.24 32.90
C THR C 520 -9.27 -33.02 31.46
N CYS C 521 -9.44 -31.80 30.94
CA CYS C 521 -8.95 -31.48 29.61
C CYS C 521 -7.43 -31.43 29.57
N MET C 522 -6.79 -30.99 30.67
CA MET C 522 -5.34 -31.05 30.74
C MET C 522 -4.85 -32.48 30.91
N ALA C 523 -5.64 -33.32 31.59
CA ALA C 523 -5.36 -34.75 31.58
C ALA C 523 -5.48 -35.32 30.18
N LEU C 524 -6.39 -34.79 29.37
CA LEU C 524 -6.46 -35.13 27.96
C LEU C 524 -5.33 -34.50 27.17
N ARG C 525 -4.87 -33.31 27.57
CA ARG C 525 -3.93 -32.53 26.76
C ARG C 525 -2.57 -33.23 26.67
N LYS C 526 -2.01 -33.62 27.81
CA LYS C 526 -0.78 -34.40 27.78
C LYS C 526 -1.02 -35.86 27.44
N TYR C 527 -2.27 -36.32 27.39
CA TYR C 527 -2.56 -37.67 26.93
C TYR C 527 -2.35 -37.77 25.42
N PHE C 528 -2.81 -36.77 24.68
CA PHE C 528 -2.71 -36.82 23.23
C PHE C 528 -1.37 -36.34 22.70
N GLU C 529 -0.69 -35.44 23.42
CA GLU C 529 0.69 -35.13 23.04
C GLU C 529 1.61 -36.34 23.20
N ALA C 530 1.34 -37.19 24.19
CA ALA C 530 2.07 -38.43 24.37
C ALA C 530 1.76 -39.43 23.25
N HIS C 531 0.47 -39.68 23.01
CA HIS C 531 0.08 -40.61 21.96
C HIS C 531 0.34 -40.07 20.56
N LEU C 532 0.65 -38.79 20.41
CA LEU C 532 1.12 -38.30 19.13
C LEU C 532 2.55 -38.78 18.84
N ALA C 533 3.42 -38.74 19.85
CA ALA C 533 4.78 -39.25 19.70
C ALA C 533 4.86 -40.77 19.76
N ILE C 534 3.87 -41.43 20.35
CA ILE C 534 3.82 -42.89 20.30
C ILE C 534 3.57 -43.37 18.88
N LYS C 535 2.51 -42.87 18.24
CA LYS C 535 2.22 -43.25 16.87
C LYS C 535 3.24 -42.70 15.89
N LEU C 536 3.92 -41.59 16.23
CA LEU C 536 5.03 -41.12 15.41
C LEU C 536 6.20 -42.11 15.46
N GLU C 537 6.38 -42.80 16.59
CA GLU C 537 7.33 -43.91 16.62
C GLU C 537 6.83 -45.09 15.81
N GLN C 538 5.52 -45.29 15.74
CA GLN C 538 4.94 -46.31 14.89
C GLN C 538 4.78 -45.83 13.45
N VAL C 539 5.13 -44.57 13.18
CA VAL C 539 5.29 -44.07 11.82
C VAL C 539 6.76 -44.05 11.40
N LYS C 540 7.64 -43.49 12.23
CA LYS C 540 9.04 -43.33 11.85
C LYS C 540 9.83 -44.64 11.89
N GLN C 541 9.24 -45.73 12.37
CA GLN C 541 9.91 -47.04 12.34
C GLN C 541 9.28 -48.02 11.36
N SER C 542 7.96 -47.98 11.19
CA SER C 542 7.31 -48.90 10.25
C SER C 542 7.32 -48.40 8.83
N LEU C 543 7.35 -47.08 8.61
CA LEU C 543 7.34 -46.51 7.27
C LEU C 543 8.73 -46.21 6.74
N GLN C 544 9.62 -45.65 7.58
CA GLN C 544 10.93 -45.21 7.11
C GLN C 544 11.81 -46.40 6.73
N ARG C 545 11.95 -47.36 7.65
CA ARG C 545 12.62 -48.66 7.44
C ARG C 545 14.06 -48.47 6.98
N THR C 546 14.84 -47.87 7.90
CA THR C 546 16.27 -47.55 7.90
C THR C 546 16.56 -46.35 6.97
N GLU C 547 15.57 -45.85 6.22
CA GLU C 547 15.76 -44.68 5.37
C GLU C 547 15.65 -43.45 6.27
N GLY C 548 16.77 -43.07 6.87
CA GLY C 548 16.78 -41.97 7.82
C GLY C 548 16.38 -42.36 9.21
N GLY C 549 16.47 -43.64 9.56
CA GLY C 549 16.07 -44.10 10.88
C GLY C 549 16.98 -45.21 11.36
N ILE C 550 17.07 -45.31 12.69
CA ILE C 550 17.94 -46.28 13.36
C ILE C 550 17.07 -47.17 14.23
N LEU C 551 17.09 -48.47 13.95
CA LEU C 551 16.25 -49.42 14.68
C LEU C 551 16.99 -49.88 15.94
N VAL C 552 16.95 -49.03 16.95
CA VAL C 552 17.39 -49.36 18.30
C VAL C 552 16.24 -48.97 19.22
N HIS C 553 15.70 -49.94 19.96
CA HIS C 553 14.48 -49.73 20.73
C HIS C 553 14.47 -50.67 21.92
N PRO C 554 14.87 -50.19 23.10
CA PRO C 554 14.91 -51.04 24.30
C PRO C 554 13.62 -51.04 25.13
N GLN C 555 12.61 -50.27 24.73
CA GLN C 555 11.44 -49.88 25.53
C GLN C 555 11.86 -49.37 26.91
N PRO C 556 12.48 -48.19 27.01
CA PRO C 556 13.02 -47.76 28.31
C PRO C 556 12.00 -46.93 29.06
N PRO C 557 12.21 -46.69 30.36
CA PRO C 557 11.54 -45.56 31.00
C PRO C 557 12.25 -44.27 30.62
N TYR C 558 11.67 -43.49 29.71
CA TYR C 558 12.34 -42.35 29.12
C TYR C 558 11.32 -41.33 28.62
N LYS C 559 11.60 -40.06 28.88
CA LYS C 559 10.66 -38.97 28.62
C LYS C 559 10.82 -38.50 27.18
N ALA C 560 9.86 -38.85 26.32
CA ALA C 560 9.95 -38.56 24.89
C ALA C 560 8.61 -38.02 24.37
N CYS C 561 8.04 -37.05 25.08
CA CYS C 561 6.79 -36.42 24.65
C CYS C 561 6.99 -35.06 23.99
N SER C 562 8.26 -34.64 23.84
CA SER C 562 8.75 -33.47 23.10
C SER C 562 8.48 -32.13 23.77
N TYR C 563 7.61 -32.12 24.78
CA TYR C 563 7.51 -31.14 25.87
C TYR C 563 7.37 -29.68 25.43
N THR C 564 6.96 -29.39 24.20
CA THR C 564 6.83 -28.00 23.75
C THR C 564 5.69 -27.90 22.74
N HIS C 565 4.55 -27.37 23.19
CA HIS C 565 3.44 -27.12 22.26
C HIS C 565 3.65 -25.84 21.48
N GLU C 566 4.66 -25.04 21.84
CA GLU C 566 4.96 -23.83 21.08
C GLU C 566 5.66 -24.17 19.78
N GLN C 567 6.55 -25.17 19.79
CA GLN C 567 7.40 -25.44 18.64
C GLN C 567 7.14 -26.81 18.02
N ILE C 568 7.25 -27.88 18.80
CA ILE C 568 7.48 -29.20 18.24
C ILE C 568 6.26 -30.12 18.32
N VAL C 569 5.37 -29.94 19.30
CA VAL C 569 4.07 -30.60 19.23
C VAL C 569 3.28 -30.06 18.06
N GLU C 570 3.41 -28.76 17.78
CA GLU C 570 2.94 -28.17 16.52
C GLU C 570 3.60 -28.84 15.32
N MET C 571 4.89 -29.15 15.42
CA MET C 571 5.61 -29.74 14.31
C MET C 571 5.27 -31.20 14.12
N MET C 572 5.02 -31.94 15.21
CA MET C 572 4.67 -33.35 15.07
C MET C 572 3.29 -33.53 14.47
N GLU C 573 2.41 -32.53 14.58
CA GLU C 573 1.11 -32.60 13.93
C GLU C 573 1.22 -32.50 12.41
N PHE C 574 2.36 -32.02 11.91
CA PHE C 574 2.52 -31.81 10.47
C PHE C 574 3.04 -33.05 9.76
N LEU C 575 3.96 -33.78 10.40
CA LEU C 575 4.57 -34.92 9.75
C LEU C 575 3.67 -36.15 9.74
N ILE C 576 2.50 -36.10 10.38
CA ILE C 576 1.55 -37.20 10.29
C ILE C 576 0.76 -37.15 8.98
N GLU C 577 0.87 -36.04 8.23
CA GLU C 577 0.24 -35.92 6.92
C GLU C 577 0.84 -36.86 5.90
N TYR C 578 2.07 -37.33 6.12
CA TYR C 578 2.75 -38.23 5.21
C TYR C 578 2.47 -39.69 5.50
N GLY C 579 1.42 -39.99 6.26
CA GLY C 579 1.13 -41.35 6.65
C GLY C 579 0.40 -42.13 5.59
N PRO C 580 -0.31 -43.19 5.99
CA PRO C 580 -1.01 -44.02 5.02
C PRO C 580 -2.33 -43.46 4.55
N ALA C 581 -2.83 -42.38 5.19
CA ALA C 581 -4.16 -41.80 5.06
C ALA C 581 -5.28 -42.81 5.39
N GLN C 582 -4.93 -43.84 6.15
CA GLN C 582 -5.83 -44.85 6.69
C GLN C 582 -5.56 -45.01 8.17
N LEU C 583 -5.54 -43.87 8.86
CA LEU C 583 -4.99 -43.77 10.21
C LEU C 583 -5.86 -44.51 11.22
N TYR C 584 -5.25 -45.45 11.93
CA TYR C 584 -5.95 -46.28 12.91
C TYR C 584 -5.29 -46.01 14.26
N TRP C 585 -6.06 -45.40 15.17
CA TRP C 585 -5.63 -45.26 16.55
C TRP C 585 -6.60 -45.98 17.49
N GLU C 586 -6.04 -46.80 18.38
CA GLU C 586 -6.75 -47.15 19.59
C GLU C 586 -7.07 -45.93 20.48
N PRO C 587 -6.29 -44.82 20.47
CA PRO C 587 -6.85 -43.54 20.94
C PRO C 587 -8.09 -43.06 20.19
N ALA C 588 -8.33 -43.46 18.94
CA ALA C 588 -9.48 -42.96 18.19
C ALA C 588 -10.66 -43.91 18.21
N GLU C 589 -10.41 -45.23 18.26
CA GLU C 589 -11.49 -46.21 18.18
C GLU C 589 -12.38 -46.17 19.41
N VAL C 590 -11.80 -46.04 20.60
CA VAL C 590 -12.60 -45.87 21.80
C VAL C 590 -13.23 -44.48 21.81
N PHE C 591 -12.59 -43.53 21.12
CA PHE C 591 -13.06 -42.14 21.14
C PHE C 591 -14.32 -41.96 20.31
N LEU C 592 -14.32 -42.47 19.08
CA LEU C 592 -15.46 -42.23 18.19
C LEU C 592 -16.50 -43.32 18.22
N LYS C 593 -16.22 -44.47 18.85
CA LYS C 593 -17.32 -45.38 19.15
C LYS C 593 -18.09 -44.91 20.37
N LEU C 594 -17.44 -44.11 21.24
CA LEU C 594 -18.18 -43.34 22.22
C LEU C 594 -18.66 -42.02 21.63
N SER C 595 -17.91 -41.48 20.66
CA SER C 595 -18.29 -40.31 19.86
C SER C 595 -18.53 -39.07 20.74
N CYS C 596 -17.52 -38.73 21.52
CA CYS C 596 -17.64 -37.62 22.46
C CYS C 596 -16.95 -36.37 21.94
N VAL C 597 -16.63 -36.33 20.65
CA VAL C 597 -16.20 -35.09 20.04
C VAL C 597 -17.36 -34.10 19.97
N GLN C 598 -18.58 -34.60 19.89
CA GLN C 598 -19.76 -33.74 20.01
C GLN C 598 -19.86 -33.14 21.41
N LEU C 599 -19.47 -33.92 22.43
CA LEU C 599 -19.44 -33.41 23.79
C LEU C 599 -18.35 -32.35 23.94
N LEU C 600 -17.22 -32.54 23.25
CA LEU C 600 -16.15 -31.54 23.21
C LEU C 600 -16.65 -30.21 22.66
N LEU C 601 -17.58 -30.26 21.71
CA LEU C 601 -18.20 -29.03 21.22
C LEU C 601 -19.07 -28.40 22.30
N GLN C 602 -19.69 -29.22 23.14
CA GLN C 602 -20.53 -28.68 24.22
C GLN C 602 -19.67 -28.08 25.33
N LEU C 603 -18.47 -28.62 25.55
CA LEU C 603 -17.54 -28.02 26.51
C LEU C 603 -17.11 -26.62 26.06
N ILE C 604 -16.89 -26.45 24.76
CA ILE C 604 -16.52 -25.14 24.24
C ILE C 604 -17.74 -24.22 24.24
N SER C 605 -18.93 -24.80 24.12
CA SER C 605 -20.15 -24.01 24.01
C SER C 605 -20.53 -23.36 25.33
N ILE C 606 -20.57 -24.14 26.41
CA ILE C 606 -21.03 -23.63 27.70
C ILE C 606 -19.99 -22.69 28.29
N ALA C 607 -18.71 -22.91 27.97
CA ALA C 607 -17.62 -22.07 28.45
C ALA C 607 -17.58 -20.69 27.83
N CYS C 608 -18.40 -20.44 26.80
CA CYS C 608 -18.45 -19.12 26.19
C CYS C 608 -19.00 -18.07 27.15
N ASN C 609 -20.02 -18.42 27.93
CA ASN C 609 -20.75 -17.45 28.73
C ASN C 609 -20.89 -17.95 30.17
N TRP C 610 -19.87 -17.70 30.97
CA TRP C 610 -19.93 -17.82 32.43
C TRP C 610 -19.67 -16.49 33.12
N LYS C 611 -18.63 -15.77 32.68
CA LYS C 611 -18.42 -14.34 32.93
C LYS C 611 -18.12 -14.01 34.39
N THR C 612 -17.86 -15.02 35.23
CA THR C 612 -17.49 -14.77 36.62
C THR C 612 -16.28 -15.59 37.06
N TYR C 613 -15.39 -15.96 36.13
CA TYR C 613 -14.02 -16.44 36.41
C TYR C 613 -14.00 -17.73 37.23
N TYR C 614 -14.52 -18.81 36.64
CA TYR C 614 -14.31 -20.15 37.20
C TYR C 614 -13.07 -20.81 36.59
N ALA C 615 -11.96 -20.04 36.60
CA ALA C 615 -10.74 -20.35 35.84
C ALA C 615 -11.05 -20.77 34.41
N ARG C 616 -11.90 -19.98 33.74
CA ARG C 616 -12.50 -20.44 32.50
C ARG C 616 -11.71 -20.03 31.26
N ASN C 617 -10.77 -19.08 31.38
CA ASN C 617 -9.96 -18.67 30.24
C ASN C 617 -9.09 -19.82 29.75
N ASP C 618 -8.49 -20.57 30.68
CA ASP C 618 -7.69 -21.70 30.28
C ASP C 618 -8.55 -22.90 29.94
N THR C 619 -9.79 -22.95 30.46
CA THR C 619 -10.64 -24.13 30.35
C THR C 619 -11.02 -24.44 28.91
N VAL C 620 -11.39 -23.42 28.14
CA VAL C 620 -11.62 -23.60 26.71
C VAL C 620 -10.30 -23.78 25.96
N ARG C 621 -9.20 -23.21 26.45
CA ARG C 621 -7.90 -23.38 25.80
C ARG C 621 -7.39 -24.80 25.97
N PHE C 622 -7.60 -25.41 27.15
CA PHE C 622 -7.34 -26.83 27.30
C PHE C 622 -8.31 -27.66 26.49
N ALA C 623 -9.52 -27.15 26.24
CA ALA C 623 -10.46 -27.88 25.40
C ALA C 623 -10.04 -27.86 23.94
N LEU C 624 -9.37 -26.79 23.49
CA LEU C 624 -8.95 -26.70 22.10
C LEU C 624 -7.78 -27.61 21.79
N ASP C 625 -6.90 -27.87 22.75
CA ASP C 625 -5.75 -28.70 22.44
C ASP C 625 -6.07 -30.19 22.57
N VAL C 626 -7.32 -30.53 22.89
CA VAL C 626 -7.80 -31.86 22.59
C VAL C 626 -7.95 -32.02 21.09
N LEU C 627 -8.36 -30.95 20.41
CA LEU C 627 -8.77 -31.04 19.01
C LEU C 627 -7.57 -31.18 18.08
N ALA C 628 -6.54 -30.35 18.28
CA ALA C 628 -5.51 -30.14 17.26
C ALA C 628 -4.65 -31.38 17.03
N ILE C 629 -4.69 -32.35 17.92
CA ILE C 629 -4.04 -33.62 17.66
C ILE C 629 -5.04 -34.61 17.08
N LEU C 630 -6.32 -34.46 17.42
CA LEU C 630 -7.35 -35.36 16.90
C LEU C 630 -7.73 -35.01 15.46
N THR C 631 -7.57 -33.75 15.04
CA THR C 631 -8.05 -33.30 13.73
C THR C 631 -7.31 -33.90 12.54
N VAL C 632 -6.25 -34.68 12.76
CA VAL C 632 -5.60 -35.32 11.63
C VAL C 632 -6.24 -36.66 11.31
N VAL C 633 -7.18 -37.12 12.13
CA VAL C 633 -7.96 -38.32 11.80
C VAL C 633 -8.93 -37.97 10.69
N PRO C 634 -9.02 -38.77 9.61
CA PRO C 634 -9.93 -38.41 8.51
C PRO C 634 -11.40 -38.54 8.86
N LYS C 635 -11.82 -39.62 9.52
CA LYS C 635 -13.24 -39.79 9.80
C LYS C 635 -13.74 -38.88 10.92
N ILE C 636 -12.85 -38.26 11.68
CA ILE C 636 -13.32 -37.25 12.62
C ILE C 636 -13.45 -35.91 11.93
N GLN C 637 -12.79 -35.72 10.78
CA GLN C 637 -13.09 -34.56 9.95
C GLN C 637 -14.39 -34.76 9.18
N LEU C 638 -14.84 -36.01 9.05
CA LEU C 638 -16.20 -36.25 8.59
C LEU C 638 -17.21 -35.80 9.63
N GLN C 639 -16.90 -35.99 10.92
CA GLN C 639 -17.82 -35.64 11.99
C GLN C 639 -17.60 -34.23 12.54
N LEU C 640 -17.11 -33.30 11.73
CA LEU C 640 -16.97 -31.91 12.15
C LEU C 640 -18.20 -31.07 11.84
N ALA C 641 -19.14 -31.56 11.05
CA ALA C 641 -20.33 -30.77 10.72
C ALA C 641 -21.61 -31.59 10.75
N GLU C 642 -21.50 -32.92 10.80
CA GLU C 642 -22.67 -33.78 10.64
C GLU C 642 -23.60 -33.70 11.85
N SER C 643 -23.12 -34.12 13.02
CA SER C 643 -23.93 -34.01 14.22
C SER C 643 -23.87 -32.58 14.73
N VAL C 644 -25.04 -32.01 15.02
CA VAL C 644 -25.15 -30.59 15.33
C VAL C 644 -25.84 -30.38 16.68
N ASP C 645 -25.69 -31.34 17.58
CA ASP C 645 -26.38 -31.29 18.87
C ASP C 645 -25.69 -30.33 19.83
N VAL C 646 -25.93 -29.03 19.67
CA VAL C 646 -25.27 -27.99 20.45
C VAL C 646 -26.31 -27.05 21.05
N LEU C 647 -25.85 -25.97 21.69
CA LEU C 647 -26.74 -24.98 22.29
C LEU C 647 -26.02 -23.65 22.34
N ASP C 648 -26.80 -22.56 22.37
CA ASP C 648 -26.27 -21.19 22.29
C ASP C 648 -26.71 -20.32 23.46
N GLU C 649 -26.46 -19.01 23.37
CA GLU C 649 -26.76 -18.10 24.47
C GLU C 649 -28.20 -17.60 24.47
N ALA C 650 -29.03 -18.05 23.54
CA ALA C 650 -30.42 -17.58 23.49
C ALA C 650 -31.34 -18.37 24.41
N GLY C 651 -30.83 -19.34 25.14
CA GLY C 651 -31.65 -20.12 26.05
C GLY C 651 -32.58 -21.09 25.37
N SER C 652 -32.10 -21.84 24.38
CA SER C 652 -32.90 -22.83 23.68
C SER C 652 -31.99 -23.85 23.02
N THR C 653 -32.51 -25.06 22.83
CA THR C 653 -31.80 -26.08 22.08
C THR C 653 -31.81 -25.73 20.60
N VAL C 654 -30.63 -25.48 20.05
CA VAL C 654 -30.46 -25.09 18.66
C VAL C 654 -29.58 -26.13 17.97
N SER C 655 -29.26 -25.88 16.71
CA SER C 655 -28.41 -26.80 15.96
C SER C 655 -27.53 -26.01 15.01
N THR C 656 -26.23 -25.98 15.29
CA THR C 656 -25.26 -25.47 14.32
C THR C 656 -24.09 -26.45 14.27
N VAL C 657 -23.31 -26.33 13.20
CA VAL C 657 -22.18 -27.23 13.02
C VAL C 657 -21.04 -26.84 13.97
N GLY C 658 -20.12 -27.78 14.15
CA GLY C 658 -19.00 -27.53 15.05
C GLY C 658 -17.97 -26.58 14.46
N ILE C 659 -17.95 -26.44 13.14
CA ILE C 659 -17.01 -25.54 12.50
C ILE C 659 -17.40 -24.09 12.76
N SER C 660 -18.71 -23.82 12.87
CA SER C 660 -19.18 -22.46 13.07
C SER C 660 -18.85 -21.95 14.47
N ILE C 661 -18.72 -22.85 15.44
CA ILE C 661 -18.34 -22.45 16.79
C ILE C 661 -16.87 -22.03 16.83
N ILE C 662 -16.00 -22.82 16.20
CA ILE C 662 -14.57 -22.51 16.14
C ILE C 662 -14.35 -21.22 15.34
N LEU C 663 -15.07 -21.08 14.22
CA LEU C 663 -15.07 -19.82 13.49
C LEU C 663 -15.69 -18.69 14.31
N GLY C 664 -16.70 -19.01 15.12
CA GLY C 664 -17.20 -18.03 16.08
C GLY C 664 -16.19 -17.70 17.14
N VAL C 665 -15.34 -18.66 17.50
CA VAL C 665 -14.22 -18.35 18.39
C VAL C 665 -13.13 -17.59 17.63
N ALA C 666 -12.83 -18.02 16.39
CA ALA C 666 -11.72 -17.43 15.65
C ALA C 666 -11.97 -16.00 15.23
N GLU C 667 -13.24 -15.58 15.17
CA GLU C 667 -13.53 -14.17 15.00
C GLU C 667 -13.12 -13.37 16.22
N GLY C 668 -13.58 -13.81 17.40
CA GLY C 668 -13.30 -13.11 18.64
C GLY C 668 -14.45 -12.33 19.21
N GLU C 669 -15.70 -12.67 18.83
CA GLU C 669 -16.86 -12.07 19.48
C GLU C 669 -16.94 -12.46 20.94
N PHE C 670 -16.61 -13.71 21.24
CA PHE C 670 -16.39 -14.18 22.60
C PHE C 670 -14.89 -14.21 22.85
N PHE C 671 -14.52 -14.30 24.13
CA PHE C 671 -13.15 -14.56 24.59
C PHE C 671 -12.19 -13.47 24.10
N ILE C 672 -12.42 -12.26 24.66
CA ILE C 672 -12.03 -11.02 23.99
C ILE C 672 -10.51 -10.89 23.87
N HIS C 673 -9.81 -10.86 24.99
CA HIS C 673 -8.38 -10.60 24.97
C HIS C 673 -7.52 -11.86 25.06
N ASP C 674 -7.99 -12.96 24.48
CA ASP C 674 -7.23 -14.21 24.50
C ASP C 674 -6.41 -14.36 23.23
N ALA C 675 -5.21 -14.91 23.38
CA ALA C 675 -4.25 -14.96 22.29
C ALA C 675 -3.85 -16.37 21.90
N GLU C 676 -3.60 -17.24 22.88
CA GLU C 676 -3.24 -18.62 22.58
C GLU C 676 -4.43 -19.42 22.05
N ILE C 677 -5.65 -18.94 22.30
CA ILE C 677 -6.85 -19.64 21.87
C ILE C 677 -7.02 -19.58 20.35
N GLN C 678 -6.83 -18.40 19.75
CA GLN C 678 -6.94 -18.25 18.30
C GLN C 678 -5.86 -19.01 17.58
N LYS C 679 -4.64 -19.05 18.15
CA LYS C 679 -3.57 -19.83 17.53
C LYS C 679 -3.75 -21.32 17.80
N SER C 680 -4.54 -21.68 18.81
CA SER C 680 -5.01 -23.06 18.91
C SER C 680 -6.23 -23.29 18.05
N ALA C 681 -6.89 -22.21 17.62
CA ALA C 681 -8.03 -22.36 16.73
C ALA C 681 -7.60 -22.53 15.28
N LEU C 682 -6.58 -21.80 14.86
CA LEU C 682 -6.16 -21.84 13.47
C LEU C 682 -5.52 -23.16 13.10
N GLN C 683 -4.96 -23.87 14.08
CA GLN C 683 -4.39 -25.18 13.79
C GLN C 683 -5.46 -26.22 13.54
N ILE C 684 -6.69 -25.97 13.99
CA ILE C 684 -7.81 -26.83 13.64
C ILE C 684 -8.14 -26.67 12.17
N ILE C 685 -8.10 -25.43 11.66
CA ILE C 685 -8.45 -25.15 10.28
C ILE C 685 -7.38 -25.69 9.33
N ILE C 686 -6.11 -25.47 9.67
CA ILE C 686 -5.00 -25.85 8.81
C ILE C 686 -4.90 -27.37 8.67
N ASN C 687 -5.35 -28.10 9.69
CA ASN C 687 -5.49 -29.55 9.56
C ASN C 687 -6.54 -29.94 8.51
N CYS C 688 -7.49 -29.06 8.21
CA CYS C 688 -8.61 -29.41 7.35
C CYS C 688 -8.54 -28.86 5.94
N VAL C 689 -7.65 -27.91 5.67
CA VAL C 689 -7.63 -27.27 4.35
C VAL C 689 -6.32 -27.43 3.60
N CYS C 690 -5.18 -27.63 4.28
CA CYS C 690 -3.89 -27.56 3.60
C CYS C 690 -3.21 -28.92 3.56
N GLY C 691 -3.98 -29.97 3.26
CA GLY C 691 -3.47 -31.32 3.26
C GLY C 691 -2.75 -31.68 1.97
N PRO C 692 -2.49 -32.98 1.78
CA PRO C 692 -1.86 -33.43 0.55
C PRO C 692 -2.87 -33.63 -0.56
N ASP C 693 -2.38 -34.15 -1.69
CA ASP C 693 -3.24 -34.39 -2.84
C ASP C 693 -4.05 -35.67 -2.69
N ASN C 694 -3.49 -36.69 -2.06
CA ASN C 694 -4.20 -37.95 -1.85
C ASN C 694 -4.52 -38.15 -0.38
N LYS C 716 -10.06 -42.26 -5.11
CA LYS C 716 -11.07 -41.30 -5.51
C LYS C 716 -12.07 -41.05 -4.39
N SER C 717 -11.77 -41.59 -3.21
CA SER C 717 -12.57 -41.35 -2.02
C SER C 717 -11.84 -40.50 -1.00
N SER C 718 -10.52 -40.69 -0.87
CA SER C 718 -9.74 -39.86 0.06
C SER C 718 -9.57 -38.44 -0.47
N GLU C 719 -9.57 -38.27 -1.79
CA GLU C 719 -9.60 -36.92 -2.36
C GLU C 719 -10.95 -36.24 -2.13
N HIS C 720 -12.02 -37.04 -2.08
CA HIS C 720 -13.37 -36.49 -2.00
C HIS C 720 -13.66 -35.94 -0.61
N THR C 721 -13.02 -36.50 0.43
CA THR C 721 -13.23 -36.03 1.79
C THR C 721 -12.64 -34.64 1.99
N LEU C 722 -11.42 -34.42 1.50
CA LEU C 722 -10.81 -33.09 1.55
C LEU C 722 -11.53 -32.12 0.64
N ALA C 723 -12.07 -32.60 -0.48
CA ALA C 723 -12.90 -31.76 -1.33
C ALA C 723 -14.20 -31.37 -0.63
N LYS C 724 -14.74 -32.28 0.19
CA LYS C 724 -15.94 -31.94 0.96
C LYS C 724 -15.61 -30.95 2.08
N MET C 725 -14.42 -31.05 2.66
CA MET C 725 -14.00 -30.10 3.71
C MET C 725 -13.80 -28.70 3.15
N TRP C 726 -13.39 -28.60 1.88
CA TRP C 726 -13.34 -27.31 1.23
C TRP C 726 -14.74 -26.73 1.07
N ASN C 727 -15.73 -27.60 0.85
CA ASN C 727 -17.08 -27.13 0.57
C ASN C 727 -17.78 -26.64 1.83
N VAL C 728 -17.45 -27.19 2.99
CA VAL C 728 -18.16 -26.83 4.21
C VAL C 728 -17.64 -25.51 4.77
N VAL C 729 -16.32 -25.29 4.70
CA VAL C 729 -15.74 -23.98 5.04
C VAL C 729 -16.25 -22.93 4.07
N GLN C 730 -16.38 -23.28 2.79
CA GLN C 730 -17.01 -22.38 1.84
C GLN C 730 -18.51 -22.26 2.11
N SER C 731 -19.12 -23.28 2.71
CA SER C 731 -20.54 -23.17 3.07
C SER C 731 -20.74 -22.25 4.26
N ASN C 732 -20.08 -22.53 5.38
CA ASN C 732 -20.35 -21.79 6.61
C ASN C 732 -19.44 -20.59 6.78
N ASN C 733 -19.32 -19.81 5.70
CA ASN C 733 -18.74 -18.47 5.66
C ASN C 733 -17.32 -18.43 6.22
N GLY C 734 -16.54 -19.47 5.94
CA GLY C 734 -15.17 -19.52 6.43
C GLY C 734 -14.26 -18.58 5.69
N ILE C 735 -14.68 -18.14 4.50
CA ILE C 735 -13.92 -17.16 3.75
C ILE C 735 -14.09 -15.76 4.36
N LYS C 736 -15.11 -15.58 5.20
CA LYS C 736 -15.30 -14.29 5.87
C LYS C 736 -14.24 -14.05 6.94
N VAL C 737 -13.95 -15.08 7.75
CA VAL C 737 -13.19 -14.89 8.97
C VAL C 737 -11.72 -14.61 8.66
N LEU C 738 -11.15 -15.41 7.75
CA LEU C 738 -9.71 -15.37 7.47
C LEU C 738 -9.28 -14.04 6.87
N LEU C 739 -10.18 -13.36 6.17
CA LEU C 739 -9.85 -12.05 5.60
C LEU C 739 -9.73 -10.99 6.70
N SER C 740 -10.30 -11.26 7.88
CA SER C 740 -10.15 -10.32 9.00
C SER C 740 -8.94 -10.68 9.85
N LEU C 741 -8.70 -11.96 10.09
CA LEU C 741 -7.52 -12.38 10.86
C LEU C 741 -6.22 -12.19 10.10
N LEU C 742 -6.28 -11.92 8.80
CA LEU C 742 -5.10 -11.58 8.01
C LEU C 742 -4.73 -10.11 8.15
N SER C 743 -5.40 -9.38 9.03
CA SER C 743 -5.05 -7.98 9.28
C SER C 743 -5.20 -7.63 10.77
N ILE C 744 -5.14 -8.62 11.65
CA ILE C 744 -5.35 -8.36 13.07
C ILE C 744 -4.12 -7.64 13.65
N LYS C 745 -4.36 -6.68 14.54
CA LYS C 745 -3.30 -5.82 15.04
C LYS C 745 -3.35 -5.51 16.54
N MET C 746 -4.36 -5.95 17.28
CA MET C 746 -4.46 -5.49 18.66
C MET C 746 -3.53 -6.24 19.63
N PRO C 747 -3.46 -7.60 19.65
CA PRO C 747 -2.43 -8.22 20.53
C PRO C 747 -1.04 -8.11 19.93
N ILE C 748 -0.37 -6.99 20.20
CA ILE C 748 0.84 -6.60 19.47
C ILE C 748 2.06 -7.47 19.72
N THR C 749 1.96 -8.48 20.57
CA THR C 749 3.05 -9.46 20.67
C THR C 749 2.98 -10.46 19.53
N ASP C 750 1.84 -11.14 19.39
CA ASP C 750 1.65 -12.17 18.39
C ASP C 750 0.84 -11.67 17.20
N ALA C 751 1.10 -10.43 16.79
CA ALA C 751 0.52 -9.91 15.55
C ALA C 751 1.00 -10.70 14.35
N ASP C 752 2.30 -11.01 14.29
CA ASP C 752 2.83 -11.72 13.14
C ASP C 752 2.62 -13.23 13.26
N GLN C 753 2.32 -13.71 14.47
CA GLN C 753 2.14 -15.15 14.63
C GLN C 753 0.77 -15.61 14.19
N ILE C 754 -0.20 -14.71 14.05
CA ILE C 754 -1.54 -15.11 13.66
C ILE C 754 -1.69 -15.11 12.15
N ARG C 755 -1.16 -14.08 11.49
CA ARG C 755 -1.34 -13.92 10.05
C ARG C 755 -0.64 -15.00 9.25
N ALA C 756 0.58 -15.37 9.66
CA ALA C 756 1.28 -16.45 9.01
C ALA C 756 0.61 -17.79 9.29
N LEU C 757 -0.05 -17.91 10.44
CA LEU C 757 -0.86 -19.09 10.70
C LEU C 757 -2.31 -18.90 10.23
N ALA C 758 -2.57 -17.85 9.46
CA ALA C 758 -3.87 -17.72 8.78
C ALA C 758 -3.70 -17.79 7.27
N CYS C 759 -2.62 -17.21 6.75
CA CYS C 759 -2.35 -17.25 5.32
C CYS C 759 -2.02 -18.66 4.85
N LYS C 760 -1.53 -19.51 5.77
CA LYS C 760 -1.33 -20.92 5.47
C LYS C 760 -2.62 -21.63 5.13
N ALA C 761 -3.75 -21.17 5.68
CA ALA C 761 -5.03 -21.78 5.36
C ALA C 761 -5.53 -21.38 3.98
N LEU C 762 -5.25 -20.12 3.56
CA LEU C 762 -5.74 -19.65 2.26
C LEU C 762 -5.05 -20.39 1.12
N VAL C 763 -3.76 -20.67 1.27
CA VAL C 763 -3.03 -21.48 0.31
C VAL C 763 -3.61 -22.89 0.26
N GLY C 764 -4.09 -23.38 1.40
CA GLY C 764 -4.73 -24.69 1.41
C GLY C 764 -6.09 -24.68 0.75
N LEU C 765 -6.89 -23.65 1.04
CA LEU C 765 -8.27 -23.63 0.60
C LEU C 765 -8.43 -23.21 -0.85
N SER C 766 -7.62 -22.26 -1.34
CA SER C 766 -7.78 -21.73 -2.69
C SER C 766 -7.30 -22.67 -3.79
N ARG C 767 -7.03 -23.93 -3.48
CA ARG C 767 -6.94 -24.97 -4.50
C ARG C 767 -8.31 -25.46 -4.92
N SER C 768 -9.37 -25.08 -4.21
CA SER C 768 -10.72 -25.44 -4.57
C SER C 768 -11.14 -24.68 -5.83
N SER C 769 -11.93 -25.36 -6.68
CA SER C 769 -12.20 -24.88 -8.03
C SER C 769 -13.04 -23.60 -8.04
N THR C 770 -14.14 -23.59 -7.30
CA THR C 770 -14.99 -22.40 -7.28
C THR C 770 -14.34 -21.27 -6.50
N VAL C 771 -13.57 -21.61 -5.47
CA VAL C 771 -13.07 -20.62 -4.52
C VAL C 771 -11.90 -19.82 -5.11
N ARG C 772 -11.25 -20.34 -6.17
CA ARG C 772 -10.20 -19.59 -6.86
C ARG C 772 -10.72 -18.26 -7.41
N GLN C 773 -11.85 -18.31 -8.10
CA GLN C 773 -12.40 -17.11 -8.74
C GLN C 773 -13.00 -16.17 -7.71
N ILE C 774 -13.44 -16.70 -6.57
CA ILE C 774 -14.15 -15.88 -5.59
C ILE C 774 -13.18 -14.99 -4.82
N ILE C 775 -12.03 -15.54 -4.42
CA ILE C 775 -11.05 -14.74 -3.70
C ILE C 775 -10.27 -13.81 -4.63
N SER C 776 -10.12 -14.18 -5.91
CA SER C 776 -9.23 -13.46 -6.80
C SER C 776 -9.78 -12.12 -7.25
N LYS C 777 -11.04 -11.84 -6.99
CA LYS C 777 -11.65 -10.57 -7.39
C LYS C 777 -11.81 -9.60 -6.24
N LEU C 778 -11.53 -10.05 -5.01
CA LEU C 778 -11.80 -9.28 -3.80
C LEU C 778 -10.86 -8.07 -3.68
N PRO C 779 -11.15 -7.13 -2.78
CA PRO C 779 -10.18 -6.06 -2.50
C PRO C 779 -8.92 -6.53 -1.80
N LEU C 780 -8.82 -7.81 -1.41
CA LEU C 780 -7.56 -8.38 -1.00
C LEU C 780 -6.55 -8.34 -2.15
N PHE C 781 -6.99 -8.72 -3.36
CA PHE C 781 -6.12 -8.72 -4.53
C PHE C 781 -6.26 -7.45 -5.37
N SER C 782 -7.08 -6.51 -4.94
CA SER C 782 -6.98 -5.17 -5.52
C SER C 782 -5.73 -4.47 -5.05
N SER C 783 -5.56 -4.36 -3.74
CA SER C 783 -4.34 -3.86 -3.13
C SER C 783 -4.27 -4.40 -1.70
N CYS C 784 -3.25 -3.97 -0.96
CA CYS C 784 -2.98 -4.20 0.47
C CYS C 784 -2.65 -5.66 0.81
N GLN C 785 -2.74 -6.60 -0.12
CA GLN C 785 -2.00 -7.85 0.05
C GLN C 785 -0.51 -7.58 0.00
N ILE C 786 -0.09 -6.69 -0.91
CA ILE C 786 1.30 -6.28 -1.00
C ILE C 786 1.69 -5.47 0.22
N GLN C 787 0.78 -4.64 0.75
CA GLN C 787 1.14 -3.76 1.85
C GLN C 787 0.99 -4.42 3.21
N GLN C 788 0.82 -5.74 3.25
CA GLN C 788 1.08 -6.51 4.46
C GLN C 788 2.41 -7.25 4.39
N LEU C 789 3.22 -6.97 3.37
CA LEU C 789 4.51 -7.59 3.18
C LEU C 789 5.66 -6.61 3.34
N MET C 790 5.39 -5.32 3.34
CA MET C 790 6.43 -4.31 3.36
C MET C 790 6.51 -3.52 4.66
N LYS C 791 5.49 -3.59 5.51
CA LYS C 791 5.45 -2.73 6.68
C LYS C 791 6.40 -3.21 7.77
N GLU C 792 6.45 -4.53 8.04
CA GLU C 792 7.08 -5.16 9.20
C GLU C 792 6.57 -4.49 10.47
N PRO C 793 5.31 -4.74 10.88
CA PRO C 793 4.73 -3.98 11.98
C PRO C 793 5.33 -4.29 13.34
N VAL C 794 5.75 -5.53 13.53
CA VAL C 794 6.46 -5.97 14.73
C VAL C 794 7.88 -6.34 14.29
N LEU C 795 8.83 -5.45 14.56
CA LEU C 795 10.20 -5.60 14.07
C LEU C 795 11.00 -6.66 14.82
N GLN C 796 10.43 -7.29 15.84
CA GLN C 796 11.17 -8.24 16.66
C GLN C 796 10.99 -9.68 16.20
N ASP C 797 9.83 -10.01 15.63
CA ASP C 797 9.64 -11.27 14.92
C ASP C 797 9.92 -11.13 13.44
N LYS C 798 10.78 -10.17 13.07
CA LYS C 798 11.09 -9.90 11.68
C LYS C 798 11.85 -11.06 11.04
N ARG C 799 13.00 -11.42 11.62
CA ARG C 799 13.78 -12.55 11.16
C ARG C 799 13.29 -13.86 11.76
N SER C 800 12.23 -13.83 12.55
CA SER C 800 11.73 -15.02 13.24
C SER C 800 10.47 -15.56 12.59
N ASP C 801 9.41 -14.76 12.49
CA ASP C 801 8.14 -15.22 11.95
C ASP C 801 7.56 -14.33 10.86
N HIS C 802 8.04 -13.09 10.69
CA HIS C 802 7.60 -12.27 9.57
C HIS C 802 8.11 -12.80 8.25
N VAL C 803 9.26 -13.47 8.26
CA VAL C 803 9.88 -13.89 7.02
C VAL C 803 9.36 -15.27 6.61
N LYS C 804 8.60 -15.93 7.49
CA LYS C 804 7.85 -17.10 7.04
C LYS C 804 6.42 -16.75 6.65
N PHE C 805 5.98 -15.53 6.94
CA PHE C 805 4.75 -15.02 6.34
C PHE C 805 4.94 -14.80 4.84
N CYS C 806 6.09 -14.24 4.45
CA CYS C 806 6.40 -14.05 3.03
C CYS C 806 6.66 -15.35 2.31
N LYS C 807 6.94 -16.44 3.03
CA LYS C 807 6.94 -17.75 2.40
C LYS C 807 5.52 -18.17 2.04
N TYR C 808 4.53 -17.76 2.83
CA TYR C 808 3.14 -18.08 2.49
C TYR C 808 2.52 -16.98 1.62
N ALA C 809 3.22 -15.86 1.42
CA ALA C 809 2.66 -14.78 0.63
C ALA C 809 2.87 -14.98 -0.86
N ALA C 810 4.11 -15.18 -1.30
CA ALA C 810 4.38 -15.45 -2.71
C ALA C 810 3.92 -16.85 -3.11
N GLU C 811 3.60 -17.70 -2.14
CA GLU C 811 2.95 -18.97 -2.42
C GLU C 811 1.48 -18.76 -2.75
N LEU C 812 0.89 -17.64 -2.31
CA LEU C 812 -0.53 -17.39 -2.55
C LEU C 812 -0.77 -16.75 -3.90
N ILE C 813 -0.04 -15.66 -4.21
CA ILE C 813 -0.22 -14.90 -5.44
C ILE C 813 0.04 -15.74 -6.67
N GLU C 814 0.97 -16.69 -6.58
CA GLU C 814 1.23 -17.65 -7.64
C GLU C 814 0.02 -18.54 -7.92
N ARG C 815 -0.77 -18.87 -6.89
CA ARG C 815 -1.80 -19.89 -7.07
C ARG C 815 -3.04 -19.34 -7.79
N VAL C 816 -3.38 -18.08 -7.57
CA VAL C 816 -4.59 -17.51 -8.16
C VAL C 816 -4.28 -16.89 -9.52
N SER C 817 -3.06 -17.06 -10.00
CA SER C 817 -2.64 -16.50 -11.28
C SER C 817 -1.95 -17.61 -12.06
N GLY C 818 -1.25 -17.24 -13.13
CA GLY C 818 -0.80 -18.20 -14.13
C GLY C 818 0.43 -19.03 -13.84
N LYS C 819 0.78 -19.19 -12.55
CA LYS C 819 1.83 -20.09 -12.04
C LYS C 819 3.22 -19.87 -12.63
N PRO C 820 3.93 -18.79 -12.28
CA PRO C 820 5.36 -18.75 -12.60
C PRO C 820 6.14 -19.67 -11.66
N LEU C 821 7.29 -20.15 -12.12
CA LEU C 821 8.04 -21.20 -11.41
C LEU C 821 8.95 -20.61 -10.33
N LEU C 822 8.32 -19.89 -9.40
CA LEU C 822 8.94 -19.33 -8.19
C LEU C 822 10.09 -18.37 -8.53
N ILE C 823 9.82 -17.48 -9.49
CA ILE C 823 10.73 -16.39 -9.83
C ILE C 823 10.17 -15.10 -9.25
N GLY C 824 10.94 -14.44 -8.39
CA GLY C 824 10.50 -13.23 -7.74
C GLY C 824 10.76 -11.97 -8.52
N THR C 825 9.74 -11.52 -9.25
CA THR C 825 9.78 -10.32 -10.07
C THR C 825 8.33 -9.83 -10.14
N ASP C 826 8.16 -8.51 -10.33
CA ASP C 826 6.92 -7.77 -10.70
C ASP C 826 5.65 -8.28 -9.99
N VAL C 827 5.68 -8.12 -8.66
CA VAL C 827 4.77 -8.82 -7.75
C VAL C 827 3.33 -8.32 -7.84
N SER C 828 3.06 -7.25 -8.58
CA SER C 828 1.68 -6.88 -8.85
C SER C 828 1.00 -7.91 -9.74
N LEU C 829 -0.32 -8.02 -9.62
CA LEU C 829 -1.01 -9.11 -10.30
C LEU C 829 -1.40 -8.73 -11.72
N ALA C 830 -1.70 -7.45 -11.98
CA ALA C 830 -1.89 -7.00 -13.35
C ALA C 830 -0.59 -7.08 -14.14
N ARG C 831 0.55 -6.88 -13.47
CA ARG C 831 1.85 -7.11 -14.08
C ARG C 831 2.29 -8.57 -14.01
N LEU C 832 1.39 -9.49 -13.68
CA LEU C 832 1.78 -10.89 -13.67
C LEU C 832 1.17 -11.64 -14.86
N GLN C 833 0.00 -11.20 -15.32
CA GLN C 833 -0.56 -11.78 -16.53
C GLN C 833 -0.14 -11.02 -17.78
N LYS C 834 0.52 -9.88 -17.63
CA LYS C 834 1.33 -9.36 -18.74
C LYS C 834 2.50 -10.28 -19.01
N ALA C 835 3.13 -10.79 -17.95
CA ALA C 835 4.25 -11.71 -18.09
C ALA C 835 3.82 -13.09 -18.54
N ASP C 836 2.52 -13.38 -18.55
CA ASP C 836 2.05 -14.64 -19.11
C ASP C 836 2.07 -14.58 -20.64
N VAL C 837 1.83 -13.40 -21.20
CA VAL C 837 1.70 -13.28 -22.65
C VAL C 837 3.04 -12.99 -23.31
N VAL C 838 3.82 -12.06 -22.73
CA VAL C 838 5.09 -11.64 -23.33
C VAL C 838 6.10 -12.79 -23.30
N ALA C 839 6.04 -13.64 -22.27
CA ALA C 839 6.94 -14.78 -22.21
C ALA C 839 6.54 -15.88 -23.19
N GLN C 840 5.29 -16.32 -23.17
CA GLN C 840 4.86 -17.46 -23.98
C GLN C 840 4.48 -17.10 -25.41
N SER C 841 4.83 -15.91 -25.88
CA SER C 841 4.57 -15.56 -27.27
C SER C 841 5.53 -16.32 -28.19
N ARG C 842 5.18 -16.40 -29.45
CA ARG C 842 5.96 -17.13 -30.45
C ARG C 842 6.63 -16.12 -31.37
N ILE C 843 7.81 -15.69 -30.97
CA ILE C 843 8.58 -14.71 -31.73
C ILE C 843 9.29 -15.41 -32.88
N SER C 844 9.11 -14.91 -34.10
CA SER C 844 9.85 -15.37 -35.26
C SER C 844 10.30 -14.16 -36.06
N PHE C 845 11.34 -14.35 -36.85
CA PHE C 845 12.01 -13.23 -37.50
C PHE C 845 12.60 -13.69 -38.82
N PRO C 846 12.69 -12.82 -39.82
CA PRO C 846 13.40 -13.17 -41.05
C PRO C 846 14.90 -13.13 -40.84
N GLU C 847 15.60 -14.02 -41.55
CA GLU C 847 17.04 -14.10 -41.42
C GLU C 847 17.75 -12.95 -42.13
N LYS C 848 17.07 -12.26 -43.05
CA LYS C 848 17.73 -11.28 -43.90
C LYS C 848 18.13 -10.03 -43.14
N GLU C 849 17.31 -9.64 -42.14
CA GLU C 849 17.62 -8.47 -41.33
C GLU C 849 18.87 -8.68 -40.48
N LEU C 850 19.17 -9.93 -40.13
CA LEU C 850 20.32 -10.26 -39.31
C LEU C 850 21.61 -10.37 -40.11
N LEU C 851 21.53 -10.80 -41.37
CA LEU C 851 22.74 -10.96 -42.17
C LEU C 851 23.33 -9.63 -42.58
N LEU C 852 22.51 -8.57 -42.65
CA LEU C 852 23.06 -7.23 -42.87
C LEU C 852 23.68 -6.68 -41.61
N LEU C 853 23.20 -7.11 -40.45
CA LEU C 853 23.82 -6.71 -39.18
C LEU C 853 25.20 -7.33 -39.00
N ILE C 854 25.40 -8.53 -39.57
CA ILE C 854 26.72 -9.16 -39.53
C ILE C 854 27.70 -8.36 -40.36
N ARG C 855 27.31 -7.98 -41.58
CA ARG C 855 28.22 -7.30 -42.48
C ARG C 855 28.50 -5.86 -42.04
N ASN C 856 27.51 -5.20 -41.42
CA ASN C 856 27.71 -3.86 -40.91
C ASN C 856 28.61 -3.85 -39.67
N HIS C 857 28.83 -5.00 -39.03
CA HIS C 857 29.73 -5.08 -37.89
C HIS C 857 31.16 -5.37 -38.33
N LEU C 858 31.34 -6.12 -39.41
CA LEU C 858 32.68 -6.50 -39.86
C LEU C 858 33.44 -5.33 -40.47
N ILE C 859 32.76 -4.48 -41.24
CA ILE C 859 33.41 -3.34 -41.87
C ILE C 859 33.84 -2.31 -40.82
N SER C 860 33.05 -2.15 -39.77
CA SER C 860 33.35 -1.15 -38.76
C SER C 860 34.52 -1.57 -37.87
N LYS C 861 34.62 -2.86 -37.56
CA LYS C 861 35.68 -3.36 -36.69
C LYS C 861 36.91 -3.82 -37.47
N GLY C 862 37.41 -2.98 -38.37
CA GLY C 862 38.72 -3.17 -38.97
C GLY C 862 38.90 -4.26 -40.00
N LEU C 863 38.09 -5.33 -39.95
CA LEU C 863 38.28 -6.48 -40.83
C LEU C 863 37.12 -6.54 -41.81
N GLY C 864 37.25 -5.79 -42.90
CA GLY C 864 36.19 -5.69 -43.88
C GLY C 864 36.51 -6.35 -45.21
N GLU C 865 37.44 -7.29 -45.20
CA GLU C 865 37.85 -7.96 -46.43
C GLU C 865 37.02 -9.21 -46.74
N THR C 866 35.92 -9.44 -46.02
CA THR C 866 34.95 -10.46 -46.38
C THR C 866 33.56 -9.89 -46.62
N ALA C 867 33.41 -8.57 -46.68
CA ALA C 867 32.14 -7.96 -47.07
C ALA C 867 31.85 -8.25 -48.55
N THR C 868 32.88 -8.21 -49.39
CA THR C 868 32.73 -8.61 -50.79
C THR C 868 32.56 -10.12 -50.95
N VAL C 869 33.10 -10.90 -50.00
CA VAL C 869 32.89 -12.35 -50.00
C VAL C 869 31.44 -12.71 -49.71
N LEU C 870 30.72 -11.86 -48.96
CA LEU C 870 29.34 -12.18 -48.60
C LEU C 870 28.36 -11.87 -49.74
N THR C 871 28.86 -11.46 -50.90
CA THR C 871 28.03 -11.35 -52.10
C THR C 871 27.55 -12.72 -52.57
N LYS C 872 28.33 -13.77 -52.30
CA LYS C 872 28.02 -15.09 -52.84
C LYS C 872 26.90 -15.79 -52.07
N GLU C 873 26.99 -15.82 -50.74
CA GLU C 873 26.01 -16.55 -49.92
C GLU C 873 24.62 -15.95 -49.99
N ALA C 874 24.50 -14.63 -49.99
CA ALA C 874 23.19 -13.99 -50.04
C ALA C 874 23.35 -12.64 -50.73
N ASP C 875 22.25 -11.90 -50.81
CA ASP C 875 22.25 -10.63 -51.52
C ASP C 875 23.07 -9.57 -50.78
N LEU C 876 23.51 -8.57 -51.52
CA LEU C 876 24.24 -7.45 -50.96
C LEU C 876 23.51 -6.18 -51.34
N PRO C 877 22.55 -5.71 -50.53
CA PRO C 877 21.81 -4.49 -50.90
C PRO C 877 22.62 -3.23 -50.76
N MET C 878 23.41 -3.09 -49.69
CA MET C 878 24.24 -1.92 -49.47
C MET C 878 25.70 -2.32 -49.62
N THR C 879 26.54 -1.37 -50.01
CA THR C 879 27.95 -1.66 -50.27
C THR C 879 28.75 -1.84 -48.97
N PRO C 1001 20.87 3.89 -37.18
CA PRO C 1001 20.52 2.47 -37.22
C PRO C 1001 21.30 1.65 -36.21
N PRO C 1002 20.69 0.58 -35.68
CA PRO C 1002 21.39 -0.27 -34.72
C PRO C 1002 22.29 -1.29 -35.40
N THR C 1003 23.30 -1.71 -34.65
CA THR C 1003 24.24 -2.75 -35.03
C THR C 1003 24.27 -3.83 -33.96
N LEU C 1004 25.27 -4.70 -34.07
CA LEU C 1004 25.57 -5.60 -32.96
C LEU C 1004 26.28 -4.88 -31.83
N ASP C 1005 26.81 -3.68 -32.07
CA ASP C 1005 27.44 -2.92 -31.00
C ASP C 1005 26.41 -2.13 -30.19
N SER C 1006 25.13 -2.28 -30.52
CA SER C 1006 24.08 -1.74 -29.67
C SER C 1006 23.20 -2.83 -29.08
N ILE C 1007 23.00 -3.93 -29.81
CA ILE C 1007 22.17 -5.01 -29.32
C ILE C 1007 22.89 -5.79 -28.23
N ILE C 1008 24.16 -6.15 -28.47
CA ILE C 1008 24.92 -6.87 -27.46
C ILE C 1008 25.30 -5.95 -26.31
N THR C 1009 25.34 -4.64 -26.56
CA THR C 1009 25.46 -3.66 -25.50
C THR C 1009 24.23 -3.71 -24.58
N GLU C 1010 23.04 -3.84 -25.17
CA GLU C 1010 21.83 -3.80 -24.35
C GLU C 1010 21.42 -5.19 -23.89
N TYR C 1011 21.98 -6.25 -24.50
CA TYR C 1011 21.63 -7.60 -24.07
C TYR C 1011 22.20 -7.91 -22.70
N LEU C 1012 23.37 -7.35 -22.38
CA LEU C 1012 23.98 -7.62 -21.09
C LEU C 1012 23.40 -6.73 -19.99
N ARG C 1013 22.91 -5.54 -20.37
CA ARG C 1013 22.50 -4.56 -19.38
C ARG C 1013 21.19 -4.96 -18.69
N GLU C 1014 20.22 -5.49 -19.43
CA GLU C 1014 19.04 -6.02 -18.77
C GLU C 1014 19.32 -7.36 -18.10
N GLN C 1015 20.37 -8.06 -18.51
CA GLN C 1015 20.88 -9.19 -17.76
C GLN C 1015 21.62 -8.74 -16.50
N HIS C 1016 22.16 -7.51 -16.53
CA HIS C 1016 22.85 -6.95 -15.38
C HIS C 1016 21.90 -6.50 -14.29
N ALA C 1017 20.63 -6.24 -14.61
CA ALA C 1017 19.67 -5.73 -13.63
C ALA C 1017 19.09 -6.80 -12.72
N ARG C 1018 19.50 -8.05 -12.89
CA ARG C 1018 19.17 -9.10 -11.93
C ARG C 1018 20.27 -9.32 -10.90
N CYS C 1019 21.30 -8.49 -10.92
CA CYS C 1019 22.34 -8.53 -9.90
C CYS C 1019 21.78 -7.97 -8.59
N LYS C 1020 21.69 -8.83 -7.58
CA LYS C 1020 21.51 -8.36 -6.22
C LYS C 1020 22.77 -7.60 -5.80
N ASN C 1021 22.61 -6.30 -5.51
CA ASN C 1021 23.69 -5.33 -5.33
C ASN C 1021 24.64 -5.34 -6.53
N PRO C 1022 24.25 -4.73 -7.65
CA PRO C 1022 25.14 -4.68 -8.82
C PRO C 1022 26.38 -3.81 -8.60
N VAL C 1023 27.20 -3.77 -9.64
CA VAL C 1023 28.47 -3.04 -9.58
C VAL C 1023 28.42 -1.86 -10.54
N ALA C 1024 29.48 -1.06 -10.56
CA ALA C 1024 29.60 0.06 -11.47
C ALA C 1024 30.71 -0.14 -12.49
N THR C 1025 31.94 -0.42 -12.04
CA THR C 1025 33.05 -0.70 -12.94
C THR C 1025 33.17 -2.22 -13.06
N CYS C 1026 32.37 -2.78 -13.96
CA CYS C 1026 32.19 -4.21 -14.07
C CYS C 1026 33.42 -4.88 -14.70
N PRO C 1027 33.63 -6.15 -14.39
CA PRO C 1027 34.66 -6.94 -15.10
C PRO C 1027 34.24 -7.23 -16.53
N PRO C 1028 35.17 -7.67 -17.39
CA PRO C 1028 34.77 -8.10 -18.73
C PRO C 1028 33.87 -9.33 -18.71
N PHE C 1029 32.99 -9.41 -19.70
CA PHE C 1029 31.88 -10.34 -19.69
C PHE C 1029 32.25 -11.65 -20.38
N SER C 1030 31.32 -12.59 -20.34
CA SER C 1030 31.46 -13.87 -21.02
C SER C 1030 30.08 -14.32 -21.44
N LEU C 1031 29.84 -14.34 -22.75
CA LEU C 1031 28.48 -14.52 -23.28
C LEU C 1031 27.99 -15.96 -23.14
N PHE C 1032 28.90 -16.92 -22.98
CA PHE C 1032 28.51 -18.31 -22.82
C PHE C 1032 28.23 -18.70 -21.37
N THR C 1033 28.53 -17.81 -20.43
CA THR C 1033 28.25 -18.00 -19.03
C THR C 1033 27.18 -17.02 -18.58
N PRO C 1034 26.41 -17.36 -17.54
CA PRO C 1034 25.53 -16.36 -16.94
C PRO C 1034 26.32 -15.25 -16.27
N HIS C 1035 25.65 -14.13 -16.07
CA HIS C 1035 26.26 -12.97 -15.42
C HIS C 1035 25.60 -12.74 -14.08
N GLN C 1036 26.41 -12.69 -13.02
CA GLN C 1036 25.94 -12.43 -11.67
C GLN C 1036 26.96 -11.57 -10.95
N CYS C 1037 26.53 -10.42 -10.47
CA CYS C 1037 27.42 -9.49 -9.80
C CYS C 1037 27.77 -10.03 -8.41
N PRO C 1038 28.95 -9.65 -7.85
CA PRO C 1038 29.39 -10.22 -6.56
C PRO C 1038 28.47 -9.91 -5.39
N GLU C 1039 27.83 -10.96 -4.88
CA GLU C 1039 26.92 -10.85 -3.75
C GLU C 1039 27.69 -10.54 -2.47
N PRO C 1040 27.02 -9.98 -1.45
CA PRO C 1040 27.65 -9.85 -0.13
C PRO C 1040 27.84 -11.19 0.56
N LYS C 1041 29.08 -11.66 0.65
CA LYS C 1041 29.40 -12.90 1.36
C LYS C 1041 30.35 -12.55 2.50
N GLN C 1042 29.85 -12.64 3.73
CA GLN C 1042 30.62 -12.23 4.89
C GLN C 1042 31.49 -13.37 5.40
N ARG C 1043 32.75 -13.07 5.69
CA ARG C 1043 33.65 -13.98 6.38
C ARG C 1043 34.25 -13.39 7.64
N ARG C 1044 34.40 -12.06 7.68
CA ARG C 1044 34.93 -11.38 8.86
C ARG C 1044 33.87 -11.11 9.92
N GLN C 1045 32.66 -11.64 9.76
CA GLN C 1045 31.61 -11.43 10.74
C GLN C 1045 31.57 -12.59 11.72
N ALA C 1046 31.29 -12.29 12.99
CA ALA C 1046 31.02 -13.32 13.95
C ALA C 1046 29.69 -13.99 13.62
N PRO C 1047 29.58 -15.31 13.80
CA PRO C 1047 28.36 -16.00 13.38
C PRO C 1047 27.19 -15.71 14.29
N ILE C 1048 25.99 -16.07 13.80
CA ILE C 1048 24.75 -15.80 14.50
C ILE C 1048 24.64 -16.63 15.77
N ASN C 1049 25.23 -17.83 15.77
CA ASN C 1049 25.27 -18.67 16.95
C ASN C 1049 26.14 -18.04 18.03
N PHE C 1050 25.86 -18.39 19.28
CA PHE C 1050 26.63 -17.82 20.38
C PHE C 1050 27.78 -18.72 20.81
N THR C 1051 27.59 -20.03 20.77
CA THR C 1051 28.68 -20.94 21.13
C THR C 1051 29.79 -20.90 20.09
N SER C 1052 29.44 -20.61 18.83
CA SER C 1052 30.47 -20.40 17.83
C SER C 1052 31.10 -19.02 17.96
N ARG C 1053 30.45 -18.11 18.68
CA ARG C 1053 31.15 -16.89 19.10
C ARG C 1053 32.03 -17.16 20.30
N LEU C 1054 31.87 -18.31 20.96
CA LEU C 1054 32.66 -18.62 22.15
C LEU C 1054 33.95 -19.35 21.78
N ASN C 1055 33.90 -20.20 20.76
CA ASN C 1055 35.12 -20.84 20.28
C ASN C 1055 36.01 -19.84 19.59
N ARG C 1056 35.42 -18.88 18.88
CA ARG C 1056 36.19 -17.96 18.07
C ARG C 1056 36.91 -16.92 18.92
N ARG C 1057 36.27 -16.43 19.97
CA ARG C 1057 36.86 -15.42 20.85
C ARG C 1057 38.06 -15.94 21.64
N ALA C 1058 38.21 -17.27 21.75
CA ALA C 1058 39.40 -17.83 22.40
C ALA C 1058 40.67 -17.60 21.60
N SER C 1059 40.58 -17.56 20.27
CA SER C 1059 41.76 -17.42 19.41
C SER C 1059 41.76 -16.09 18.66
N PHE C 1060 40.86 -15.19 19.01
CA PHE C 1060 40.68 -13.90 18.35
C PHE C 1060 40.50 -12.86 19.44
N PRO C 1061 40.49 -11.53 19.09
CA PRO C 1061 40.18 -10.54 20.12
C PRO C 1061 38.75 -10.54 20.62
N LYS C 1062 38.42 -9.52 21.41
CA LYS C 1062 37.42 -9.46 22.48
C LYS C 1062 36.12 -10.24 22.27
N TYR C 1063 35.42 -9.98 21.17
CA TYR C 1063 34.07 -10.47 21.00
C TYR C 1063 33.96 -11.69 20.11
N GLY C 1064 34.85 -11.83 19.14
CA GLY C 1064 34.69 -12.85 18.11
C GLY C 1064 35.02 -12.25 16.77
N GLY C 1065 35.28 -10.95 16.76
CA GLY C 1065 35.70 -10.29 15.54
C GLY C 1065 34.86 -9.07 15.28
N VAL C 1066 34.63 -8.82 13.99
CA VAL C 1066 33.71 -7.76 13.58
C VAL C 1066 32.29 -8.28 13.75
N ASP C 1067 31.40 -7.43 14.27
CA ASP C 1067 29.99 -7.74 14.57
C ASP C 1067 29.87 -8.89 15.55
N GLY C 1068 30.43 -8.68 16.73
CA GLY C 1068 30.24 -9.61 17.83
C GLY C 1068 29.69 -8.93 19.05
N GLY C 1069 29.67 -7.59 19.01
CA GLY C 1069 29.22 -6.82 20.17
C GLY C 1069 27.73 -6.84 20.37
N CYS C 1070 26.96 -6.50 19.34
CA CYS C 1070 25.50 -6.45 19.49
C CYS C 1070 24.92 -7.85 19.62
N PHE C 1071 25.60 -8.85 19.07
CA PHE C 1071 25.12 -10.23 19.13
C PHE C 1071 25.14 -10.80 20.53
N ASP C 1072 25.90 -10.19 21.45
CA ASP C 1072 25.68 -10.47 22.86
C ASP C 1072 24.39 -9.83 23.35
N ARG C 1073 24.15 -8.56 23.00
CA ARG C 1073 23.01 -7.81 23.50
C ARG C 1073 21.70 -8.22 22.86
N HIS C 1074 21.73 -8.97 21.76
CA HIS C 1074 20.48 -9.52 21.22
C HIS C 1074 20.14 -10.86 21.88
N LEU C 1075 20.90 -11.25 22.90
CA LEU C 1075 20.58 -12.44 23.67
C LEU C 1075 20.32 -12.13 25.14
N ILE C 1076 20.67 -10.93 25.58
CA ILE C 1076 20.80 -10.66 27.01
C ILE C 1076 19.94 -9.49 27.47
N PHE C 1077 19.30 -8.76 26.56
CA PHE C 1077 18.27 -7.80 26.93
C PHE C 1077 16.91 -8.17 26.37
N SER C 1078 16.72 -9.43 25.97
CA SER C 1078 15.47 -9.88 25.38
C SER C 1078 14.67 -10.76 26.31
N ARG C 1079 15.01 -10.78 27.60
CA ARG C 1079 14.31 -11.62 28.55
C ARG C 1079 14.31 -10.92 29.90
N PHE C 1080 13.24 -11.13 30.67
CA PHE C 1080 13.11 -10.54 31.99
C PHE C 1080 12.36 -11.49 32.90
N ARG C 1081 12.46 -11.23 34.21
CA ARG C 1081 11.82 -12.05 35.20
C ARG C 1081 11.46 -11.13 36.38
N PRO C 1082 10.29 -11.30 37.00
CA PRO C 1082 9.96 -10.49 38.17
C PRO C 1082 10.78 -10.91 39.38
N ILE C 1083 11.25 -9.93 40.15
CA ILE C 1083 12.01 -10.20 41.36
C ILE C 1083 11.09 -10.19 42.57
N SER C 1084 10.46 -9.05 42.85
CA SER C 1084 9.68 -8.88 44.05
C SER C 1084 8.65 -7.78 43.82
N VAL C 1085 7.58 -7.82 44.63
CA VAL C 1085 6.47 -6.89 44.52
C VAL C 1085 6.48 -6.01 45.77
N PHE C 1086 6.35 -4.71 45.58
CA PHE C 1086 6.38 -3.74 46.68
C PHE C 1086 5.03 -3.02 46.75
N ARG C 1087 4.34 -3.18 47.88
CA ARG C 1087 3.05 -2.54 48.09
C ARG C 1087 3.20 -1.24 48.87
N GLU C 1088 2.05 -0.67 49.24
CA GLU C 1088 1.94 0.51 50.11
C GLU C 1088 0.82 0.21 51.12
N ALA C 1089 0.98 -0.89 51.86
CA ALA C 1089 -0.03 -1.34 52.81
C ALA C 1089 -0.12 -0.43 54.03
N ASN C 1090 -0.57 0.80 53.82
CA ASN C 1090 -0.85 1.77 54.88
C ASN C 1090 -2.32 2.14 54.88
N GLU C 1091 -2.91 2.33 53.71
CA GLU C 1091 -4.33 2.55 53.52
C GLU C 1091 -4.91 1.33 52.80
N ASP C 1092 -4.14 0.25 52.80
CA ASP C 1092 -4.36 -1.03 52.11
C ASP C 1092 -4.48 -0.88 50.60
N GLU C 1093 -3.95 0.20 50.01
CA GLU C 1093 -3.92 0.40 48.58
C GLU C 1093 -2.67 1.20 48.24
N SER C 1094 -2.11 0.95 47.06
CA SER C 1094 -0.85 1.58 46.71
C SER C 1094 -1.07 2.78 45.79
N GLY C 1095 -0.42 3.89 46.13
CA GLY C 1095 -0.65 5.14 45.46
C GLY C 1095 0.62 5.85 45.01
N PHE C 1096 1.59 5.11 44.48
CA PHE C 1096 2.84 5.72 44.06
C PHE C 1096 2.73 6.35 42.67
N THR C 1097 3.57 7.34 42.41
CA THR C 1097 3.69 7.95 41.09
C THR C 1097 5.07 7.76 40.48
N CYS C 1098 6.14 8.19 41.15
CA CYS C 1098 7.46 8.23 40.56
C CYS C 1098 8.44 7.37 41.35
N CYS C 1099 9.47 6.88 40.66
CA CYS C 1099 10.47 6.00 41.25
C CYS C 1099 11.85 6.27 40.67
N ALA C 1100 12.87 5.91 41.45
CA ALA C 1100 14.26 5.95 41.03
C ALA C 1100 15.06 5.05 41.97
N PHE C 1101 16.37 5.06 41.78
CA PHE C 1101 17.30 4.39 42.67
C PHE C 1101 18.23 5.41 43.33
N SER C 1102 18.82 4.99 44.45
CA SER C 1102 19.76 5.84 45.17
C SER C 1102 21.10 5.90 44.45
N ALA C 1103 22.02 6.71 44.97
CA ALA C 1103 23.34 6.86 44.39
C ALA C 1103 24.21 5.62 44.57
N ARG C 1104 23.86 4.72 45.48
CA ARG C 1104 24.56 3.45 45.64
C ARG C 1104 23.62 2.27 45.52
N GLU C 1105 22.42 2.48 44.99
CA GLU C 1105 21.48 1.44 44.53
C GLU C 1105 20.96 0.54 45.64
N ARG C 1106 21.10 0.94 46.89
CA ARG C 1106 20.66 0.06 47.98
C ARG C 1106 19.19 0.29 48.30
N PHE C 1107 18.70 1.50 48.09
CA PHE C 1107 17.31 1.84 48.37
C PHE C 1107 16.67 2.51 47.16
N LEU C 1108 15.40 2.20 46.94
CA LEU C 1108 14.66 2.75 45.82
C LEU C 1108 13.64 3.75 46.35
N MET C 1109 13.67 4.96 45.80
CA MET C 1109 12.96 6.11 46.35
C MET C 1109 11.64 6.30 45.62
N LEU C 1110 10.57 5.72 46.16
CA LEU C 1110 9.24 5.85 45.58
C LEU C 1110 8.66 7.23 45.88
N GLY C 1111 7.53 7.53 45.25
CA GLY C 1111 6.81 8.76 45.56
C GLY C 1111 5.30 8.64 45.45
N THR C 1112 4.58 8.92 46.53
CA THR C 1112 3.16 8.61 46.61
C THR C 1112 2.32 9.70 45.93
N CYS C 1113 1.00 9.57 46.09
CA CYS C 1113 0.10 10.64 45.68
C CYS C 1113 -0.14 11.64 46.80
N THR C 1114 0.18 11.26 48.04
CA THR C 1114 -0.02 12.14 49.17
C THR C 1114 0.98 13.28 49.21
N GLY C 1115 2.23 13.03 48.85
CA GLY C 1115 3.27 14.02 48.89
C GLY C 1115 4.52 13.62 49.64
N GLN C 1116 4.73 12.33 49.91
CA GLN C 1116 5.86 11.86 50.69
C GLN C 1116 6.60 10.77 49.93
N LEU C 1117 7.93 10.82 49.97
CA LEU C 1117 8.76 9.78 49.39
C LEU C 1117 9.09 8.76 50.47
N LYS C 1118 9.02 7.49 50.11
CA LYS C 1118 9.17 6.41 51.09
C LYS C 1118 10.31 5.48 50.67
N LEU C 1119 11.28 5.32 51.56
CA LEU C 1119 12.43 4.47 51.27
C LEU C 1119 12.08 3.01 51.51
N TYR C 1120 12.73 2.13 50.74
CA TYR C 1120 12.52 0.69 50.87
C TYR C 1120 13.85 0.00 50.58
N ASN C 1121 14.13 -1.05 51.33
CA ASN C 1121 15.35 -1.82 51.07
C ASN C 1121 15.12 -2.71 49.86
N VAL C 1122 16.12 -2.79 48.99
CA VAL C 1122 16.03 -3.63 47.81
C VAL C 1122 16.20 -5.10 48.18
N PHE C 1123 16.75 -5.38 49.37
CA PHE C 1123 16.98 -6.75 49.81
C PHE C 1123 15.93 -7.22 50.80
N SER C 1124 15.48 -6.33 51.68
CA SER C 1124 14.60 -6.75 52.78
C SER C 1124 13.14 -6.80 52.36
N GLY C 1125 12.58 -5.66 51.96
CA GLY C 1125 11.14 -5.56 51.78
C GLY C 1125 10.47 -4.94 52.98
N GLN C 1126 11.01 -3.81 53.44
CA GLN C 1126 10.57 -3.13 54.65
C GLN C 1126 10.86 -1.64 54.52
N GLU C 1127 9.89 -0.82 54.93
CA GLU C 1127 10.06 0.63 54.89
C GLU C 1127 11.16 1.07 55.85
N GLU C 1128 12.02 1.98 55.39
CA GLU C 1128 13.05 2.55 56.25
C GLU C 1128 12.60 3.86 56.90
N ALA C 1129 12.33 4.90 56.11
CA ALA C 1129 11.96 6.20 56.65
C ALA C 1129 11.28 7.02 55.57
N SER C 1130 10.02 7.39 55.80
CA SER C 1130 9.36 8.31 54.88
C SER C 1130 9.80 9.74 55.16
N TYR C 1131 9.38 10.65 54.29
CA TYR C 1131 9.80 12.05 54.34
C TYR C 1131 8.69 12.93 53.79
N ASN C 1132 8.17 13.84 54.61
CA ASN C 1132 7.14 14.78 54.15
C ASN C 1132 7.81 15.85 53.30
N CYS C 1133 7.76 15.65 51.99
CA CYS C 1133 8.50 16.51 51.07
C CYS C 1133 7.62 17.57 50.42
N HIS C 1134 6.58 17.14 49.71
CA HIS C 1134 5.72 18.05 48.97
C HIS C 1134 4.27 17.87 49.40
N ASN C 1135 3.39 18.66 48.78
CA ASN C 1135 1.98 18.62 49.15
C ASN C 1135 1.13 17.95 48.08
N SER C 1136 1.43 18.21 46.80
CA SER C 1136 0.55 17.78 45.73
C SER C 1136 0.79 16.32 45.33
N ALA C 1137 1.96 16.04 44.76
CA ALA C 1137 2.36 14.72 44.26
C ALA C 1137 3.84 14.77 43.95
N ILE C 1138 4.35 13.72 43.30
CA ILE C 1138 5.75 13.64 42.89
C ILE C 1138 5.76 13.25 41.42
N THR C 1139 6.39 14.08 40.59
CA THR C 1139 6.53 13.76 39.17
C THR C 1139 7.94 13.27 38.83
N HIS C 1140 8.94 14.05 39.20
CA HIS C 1140 10.33 13.80 38.86
C HIS C 1140 11.14 13.61 40.14
N LEU C 1141 12.11 12.70 40.08
CA LEU C 1141 12.84 12.30 41.28
C LEU C 1141 14.18 11.73 40.85
N GLU C 1142 15.25 12.51 40.99
CA GLU C 1142 16.57 11.91 40.72
C GLU C 1142 17.60 12.37 41.73
N PRO C 1143 18.51 11.47 42.13
CA PRO C 1143 19.68 11.92 42.89
C PRO C 1143 20.82 12.31 41.96
N SER C 1144 21.98 12.61 42.53
CA SER C 1144 23.20 12.79 41.76
C SER C 1144 24.07 11.54 41.87
N ARG C 1145 25.28 11.63 41.33
CA ARG C 1145 26.17 10.49 41.36
C ARG C 1145 27.05 10.48 42.60
N ASP C 1146 27.43 11.66 43.11
CA ASP C 1146 28.30 11.73 44.28
C ASP C 1146 27.58 11.44 45.60
N GLY C 1147 26.26 11.32 45.59
CA GLY C 1147 25.52 10.98 46.78
C GLY C 1147 25.28 12.12 47.73
N SER C 1148 25.09 13.35 47.22
CA SER C 1148 24.96 14.51 48.07
C SER C 1148 23.60 15.19 48.01
N LEU C 1149 22.95 15.21 46.85
CA LEU C 1149 21.76 16.03 46.65
C LEU C 1149 20.56 15.14 46.40
N LEU C 1150 19.42 15.79 46.14
CA LEU C 1150 18.19 15.12 45.72
C LEU C 1150 17.24 16.16 45.14
N LEU C 1151 16.70 15.90 43.97
CA LEU C 1151 15.71 16.77 43.33
C LEU C 1151 14.36 16.06 43.31
N THR C 1152 13.37 16.66 43.96
CA THR C 1152 12.01 16.15 44.00
C THR C 1152 11.04 17.23 43.57
N SER C 1153 10.23 16.93 42.57
CA SER C 1153 9.32 17.91 41.97
C SER C 1153 7.88 17.58 42.33
N ALA C 1154 7.09 18.62 42.52
CA ALA C 1154 5.68 18.49 42.87
C ALA C 1154 4.82 18.87 41.67
N THR C 1155 3.53 18.54 41.76
CA THR C 1155 2.60 18.85 40.68
C THR C 1155 2.22 20.32 40.67
N TRP C 1156 1.58 20.80 41.75
CA TRP C 1156 1.18 22.20 41.83
C TRP C 1156 1.61 22.91 43.10
N SER C 1157 2.35 22.25 44.00
CA SER C 1157 2.74 22.84 45.27
C SER C 1157 3.63 24.06 45.07
N GLN C 1158 3.49 25.04 45.97
CA GLN C 1158 3.87 26.43 45.73
C GLN C 1158 5.38 26.60 45.59
N PRO C 1159 6.24 25.85 46.32
CA PRO C 1159 7.56 25.56 45.76
C PRO C 1159 7.50 24.29 44.93
N LEU C 1160 7.96 24.34 43.69
CA LEU C 1160 7.79 23.20 42.82
C LEU C 1160 8.87 22.13 43.00
N SER C 1161 10.14 22.51 43.11
CA SER C 1161 11.19 21.53 43.32
C SER C 1161 11.77 21.71 44.70
N ALA C 1162 12.47 20.69 45.19
CA ALA C 1162 13.03 20.68 46.52
C ALA C 1162 14.43 20.11 46.47
N LEU C 1163 15.43 20.98 46.40
CA LEU C 1163 16.84 20.55 46.43
C LEU C 1163 17.15 20.11 47.85
N TRP C 1164 17.02 18.81 48.12
CA TRP C 1164 17.19 18.31 49.48
C TRP C 1164 18.66 18.14 49.84
N GLY C 1165 18.90 17.50 50.96
CA GLY C 1165 20.22 17.04 51.34
C GLY C 1165 20.12 15.61 51.85
N MET C 1166 21.02 14.74 51.39
CA MET C 1166 20.99 13.34 51.79
C MET C 1166 22.29 12.92 52.47
N LYS C 1167 23.18 13.88 52.75
CA LYS C 1167 24.42 13.59 53.47
C LYS C 1167 24.12 13.13 54.89
N SER C 1168 23.65 14.07 55.72
CA SER C 1168 23.12 13.71 57.05
C SER C 1168 21.91 14.52 57.48
N VAL C 1169 21.62 15.67 56.86
CA VAL C 1169 20.62 16.61 57.34
C VAL C 1169 19.58 16.83 56.25
N PHE C 1170 18.32 16.60 56.58
CA PHE C 1170 17.22 16.63 55.62
C PHE C 1170 16.62 18.03 55.60
N ASP C 1171 16.97 18.81 54.58
CA ASP C 1171 16.47 20.16 54.43
C ASP C 1171 16.55 20.57 52.97
N MET C 1172 15.56 21.34 52.53
CA MET C 1172 15.64 22.00 51.24
C MET C 1172 16.75 23.04 51.28
N LYS C 1173 17.88 22.73 50.65
CA LYS C 1173 19.01 23.66 50.63
C LYS C 1173 18.69 24.92 49.84
N HIS C 1174 18.23 24.80 48.60
CA HIS C 1174 17.65 25.91 47.86
C HIS C 1174 16.22 25.53 47.51
N SER C 1175 15.50 26.46 46.92
CA SER C 1175 14.08 26.27 46.64
C SER C 1175 13.70 26.92 45.32
N PHE C 1176 12.95 26.19 44.50
CA PHE C 1176 12.41 26.74 43.26
C PHE C 1176 10.89 26.66 43.29
N THR C 1177 10.25 27.75 42.90
CA THR C 1177 8.81 27.88 42.88
C THR C 1177 8.25 27.94 41.47
N GLU C 1178 9.11 28.18 40.47
CA GLU C 1178 8.70 28.54 39.13
C GLU C 1178 8.60 27.33 38.20
N ASP C 1179 9.61 26.47 38.17
CA ASP C 1179 9.78 25.52 37.07
C ASP C 1179 9.16 24.16 37.37
N HIS C 1180 8.46 23.61 36.37
CA HIS C 1180 7.79 22.33 36.47
C HIS C 1180 8.74 21.15 36.59
N TYR C 1181 9.89 21.21 35.94
CA TYR C 1181 10.73 20.02 35.74
C TYR C 1181 12.18 20.45 35.72
N VAL C 1182 13.01 19.80 36.52
CA VAL C 1182 14.43 20.09 36.55
C VAL C 1182 15.22 18.82 36.28
N GLU C 1183 16.53 18.97 36.22
CA GLU C 1183 17.43 17.86 35.94
C GLU C 1183 18.81 18.27 36.43
N PHE C 1184 19.65 17.28 36.74
CA PHE C 1184 21.07 17.56 36.96
C PHE C 1184 21.79 17.71 35.62
N SER C 1185 23.04 18.12 35.68
CA SER C 1185 23.92 18.14 34.53
C SER C 1185 24.82 16.92 34.57
N LYS C 1186 25.29 16.48 33.39
CA LYS C 1186 25.88 15.15 33.27
C LYS C 1186 27.35 15.13 33.70
N HIS C 1187 28.21 15.87 32.99
CA HIS C 1187 29.66 15.78 33.22
C HIS C 1187 30.05 16.49 34.51
N SER C 1188 29.85 17.79 34.57
CA SER C 1188 30.05 18.58 35.79
C SER C 1188 28.68 18.79 36.42
N GLN C 1189 28.50 18.26 37.62
CA GLN C 1189 27.21 18.33 38.30
C GLN C 1189 27.01 19.62 39.10
N ASP C 1190 27.67 20.70 38.72
CA ASP C 1190 27.44 21.99 39.36
C ASP C 1190 26.24 22.73 38.81
N ARG C 1191 25.53 22.17 37.84
CA ARG C 1191 24.41 22.82 37.17
C ARG C 1191 23.14 22.01 37.36
N VAL C 1192 22.08 22.69 37.79
CA VAL C 1192 20.71 22.16 37.72
C VAL C 1192 19.89 23.13 36.91
N ILE C 1193 19.36 22.66 35.79
CA ILE C 1193 18.62 23.50 34.85
C ILE C 1193 17.14 23.33 35.13
N GLY C 1194 16.37 24.39 34.89
CA GLY C 1194 14.96 24.38 35.22
C GLY C 1194 14.14 24.99 34.11
N THR C 1195 12.93 24.45 33.95
CA THR C 1195 12.04 24.87 32.88
C THR C 1195 10.59 24.73 33.29
N LYS C 1196 9.88 25.86 33.32
CA LYS C 1196 8.43 25.91 33.28
C LYS C 1196 8.02 26.23 31.85
N GLY C 1197 6.95 25.60 31.38
CA GLY C 1197 6.41 25.90 30.06
C GLY C 1197 7.35 25.64 28.92
N ASP C 1198 7.91 26.73 28.39
CA ASP C 1198 8.85 26.68 27.27
C ASP C 1198 10.13 27.48 27.54
N ILE C 1199 10.33 28.00 28.74
CA ILE C 1199 11.46 28.86 29.06
C ILE C 1199 12.43 28.10 29.95
N ALA C 1200 13.70 28.06 29.54
CA ALA C 1200 14.73 27.31 30.24
C ALA C 1200 15.61 28.26 31.05
N HIS C 1201 15.87 27.87 32.30
CA HIS C 1201 16.70 28.65 33.21
C HIS C 1201 17.86 27.78 33.70
N ILE C 1202 19.08 28.24 33.49
CA ILE C 1202 20.27 27.57 34.03
C ILE C 1202 20.50 28.11 35.43
N TYR C 1203 20.57 27.22 36.42
CA TYR C 1203 20.85 27.63 37.79
C TYR C 1203 22.16 27.03 38.27
N ASP C 1204 22.56 27.45 39.47
CA ASP C 1204 23.68 26.88 40.19
C ASP C 1204 23.17 26.19 41.46
N ILE C 1205 24.03 25.42 42.09
CA ILE C 1205 23.67 24.73 43.33
C ILE C 1205 24.37 25.44 44.48
N GLN C 1206 25.47 26.13 44.17
CA GLN C 1206 26.17 26.89 45.19
C GLN C 1206 25.39 28.13 45.59
N THR C 1207 24.86 28.88 44.62
CA THR C 1207 24.22 30.15 44.87
C THR C 1207 22.72 30.16 44.62
N GLY C 1208 22.23 29.40 43.64
CA GLY C 1208 20.80 29.36 43.36
C GLY C 1208 20.29 30.48 42.50
N ASN C 1209 21.14 31.12 41.70
CA ASN C 1209 20.73 32.23 40.86
C ASN C 1209 20.50 31.77 39.43
N LYS C 1210 19.73 32.57 38.69
CA LYS C 1210 19.59 32.36 37.24
C LYS C 1210 20.91 32.68 36.57
N LEU C 1211 21.67 31.65 36.20
CA LEU C 1211 22.96 31.86 35.56
C LEU C 1211 22.79 32.37 34.14
N LEU C 1212 22.19 31.56 33.27
CA LEU C 1212 21.79 32.01 31.94
C LEU C 1212 20.36 31.57 31.68
N THR C 1213 19.44 32.52 31.67
CA THR C 1213 18.10 32.29 31.14
C THR C 1213 18.16 32.47 29.64
N LEU C 1214 17.83 31.41 28.90
CA LEU C 1214 17.73 31.47 27.46
C LEU C 1214 16.33 31.10 27.03
N PHE C 1215 15.74 31.96 26.20
CA PHE C 1215 14.47 31.73 25.53
C PHE C 1215 14.35 32.72 24.39
N ASN C 1216 13.95 32.23 23.22
CA ASN C 1216 13.74 33.07 22.05
C ASN C 1216 12.36 32.80 21.51
N PRO C 1217 11.42 33.75 21.57
CA PRO C 1217 10.10 33.54 20.97
C PRO C 1217 10.14 33.47 19.46
N ASP C 1218 11.17 34.04 18.83
CA ASP C 1218 11.36 33.99 17.39
C ASP C 1218 11.64 32.57 16.88
N LEU C 1219 12.13 31.68 17.74
CA LEU C 1219 12.54 30.37 17.28
C LEU C 1219 12.01 29.25 18.18
N ALA C 1220 10.80 29.39 18.73
CA ALA C 1220 10.29 28.41 19.66
C ALA C 1220 9.30 27.47 18.99
N ASN C 1221 9.58 26.16 19.09
CA ASN C 1221 8.65 25.15 18.61
C ASN C 1221 7.39 25.05 19.43
N ASN C 1222 7.46 25.40 20.73
CA ASN C 1222 6.30 25.57 21.60
C ASN C 1222 5.50 24.28 21.76
N TYR C 1223 6.14 23.27 22.35
CA TYR C 1223 5.55 21.96 22.50
C TYR C 1223 4.55 21.92 23.65
N LYS C 1224 4.14 20.70 23.98
CA LYS C 1224 3.33 20.47 25.17
C LYS C 1224 4.19 20.10 26.37
N ARG C 1225 5.12 19.17 26.19
CA ARG C 1225 6.02 18.69 27.23
C ARG C 1225 7.44 19.09 26.85
N ASN C 1226 7.96 20.16 27.45
CA ASN C 1226 9.36 20.50 27.29
C ASN C 1226 10.14 20.01 28.50
N CYS C 1227 11.34 19.48 28.24
CA CYS C 1227 12.25 19.02 29.28
C CYS C 1227 13.65 19.42 28.86
N ALA C 1228 14.21 20.41 29.55
CA ALA C 1228 15.54 20.89 29.20
C ALA C 1228 16.60 19.91 29.66
N THR C 1229 17.45 19.50 28.74
CA THR C 1229 18.48 18.49 29.00
C THR C 1229 19.81 18.93 28.41
N PHE C 1230 20.88 18.48 29.05
CA PHE C 1230 22.24 18.71 28.62
C PHE C 1230 22.78 17.51 27.87
N ASN C 1231 23.63 17.78 26.89
CA ASN C 1231 24.48 16.75 26.34
C ASN C 1231 25.46 16.27 27.41
N PRO C 1232 25.93 15.01 27.33
CA PRO C 1232 26.89 14.51 28.33
C PRO C 1232 28.24 15.20 28.33
N THR C 1233 28.57 16.05 27.36
CA THR C 1233 29.72 16.94 27.45
C THR C 1233 29.39 18.27 28.12
N ASP C 1234 28.12 18.50 28.45
CA ASP C 1234 27.61 19.71 29.11
C ASP C 1234 27.96 20.99 28.34
N ASP C 1235 27.57 21.02 27.06
CA ASP C 1235 27.74 22.21 26.23
C ASP C 1235 26.47 22.60 25.48
N LEU C 1236 25.50 21.71 25.34
CA LEU C 1236 24.31 21.98 24.56
C LEU C 1236 23.07 21.76 25.41
N VAL C 1237 22.04 22.57 25.15
CA VAL C 1237 20.76 22.51 25.84
C VAL C 1237 19.68 22.28 24.81
N LEU C 1238 18.74 21.37 25.10
CA LEU C 1238 17.52 21.25 24.29
C LEU C 1238 16.35 21.94 24.98
N ASN C 1239 16.21 23.23 24.68
CA ASN C 1239 15.01 23.99 24.99
C ASN C 1239 14.14 24.01 23.75
N ASP C 1240 12.97 23.35 23.83
CA ASP C 1240 11.96 23.28 22.76
C ASP C 1240 12.50 22.66 21.47
N GLY C 1241 13.40 21.68 21.58
CA GLY C 1241 13.95 21.06 20.39
C GLY C 1241 14.88 21.95 19.61
N VAL C 1242 15.58 22.86 20.29
CA VAL C 1242 16.55 23.76 19.68
C VAL C 1242 17.89 23.48 20.36
N LEU C 1243 18.97 23.50 19.59
CA LEU C 1243 20.29 23.48 20.21
C LEU C 1243 20.64 24.87 20.77
N TRP C 1244 21.45 24.87 21.83
CA TRP C 1244 21.74 26.10 22.54
C TRP C 1244 23.21 26.15 22.94
N ASP C 1245 23.91 27.19 22.46
CA ASP C 1245 25.28 27.44 22.83
C ASP C 1245 25.33 28.05 24.22
N VAL C 1246 26.02 27.38 25.15
CA VAL C 1246 26.12 27.85 26.51
C VAL C 1246 27.30 28.80 26.65
N ARG C 1247 28.08 28.93 25.57
CA ARG C 1247 29.28 29.77 25.63
C ARG C 1247 29.00 31.23 25.34
N SER C 1248 28.34 31.55 24.22
CA SER C 1248 28.11 32.94 23.86
C SER C 1248 26.63 33.32 23.86
N ALA C 1249 25.78 32.46 24.44
CA ALA C 1249 24.36 32.75 24.74
C ALA C 1249 23.55 33.07 23.48
N GLN C 1250 23.67 32.19 22.49
CA GLN C 1250 22.93 32.33 21.24
C GLN C 1250 22.29 30.99 20.88
N ALA C 1251 21.22 31.08 20.09
CA ALA C 1251 20.59 29.89 19.54
C ALA C 1251 21.45 29.30 18.44
N ILE C 1252 21.20 28.02 18.15
CA ILE C 1252 21.97 27.34 17.11
C ILE C 1252 21.09 26.94 15.95
N HIS C 1253 20.13 26.04 16.21
CA HIS C 1253 19.31 25.50 15.12
C HIS C 1253 18.03 24.91 15.70
N LYS C 1254 16.92 25.11 14.98
CA LYS C 1254 15.62 24.60 15.41
C LYS C 1254 15.28 23.34 14.61
N PHE C 1255 14.58 22.42 15.25
CA PHE C 1255 14.08 21.25 14.55
C PHE C 1255 12.58 21.35 14.32
N ASP C 1256 12.11 20.57 13.36
CA ASP C 1256 10.73 20.63 12.93
C ASP C 1256 9.85 19.82 13.88
N LYS C 1257 8.58 20.19 13.95
CA LYS C 1257 7.67 19.64 14.94
C LYS C 1257 6.75 18.62 14.28
N PHE C 1258 6.53 17.48 14.96
CA PHE C 1258 5.85 16.38 14.31
C PHE C 1258 4.73 15.73 15.12
N ASN C 1259 4.76 15.74 16.46
CA ASN C 1259 3.73 15.06 17.23
C ASN C 1259 3.25 15.83 18.45
N MET C 1260 3.54 17.14 18.51
CA MET C 1260 2.94 18.12 19.42
C MET C 1260 3.30 17.94 20.90
N ASN C 1261 4.02 16.88 21.27
CA ASN C 1261 4.19 16.55 22.68
C ASN C 1261 5.61 16.71 23.17
N ILE C 1262 6.57 15.98 22.60
CA ILE C 1262 7.85 15.73 23.23
C ILE C 1262 8.89 16.64 22.60
N SER C 1263 9.69 17.30 23.43
CA SER C 1263 10.59 18.34 22.97
C SER C 1263 11.90 17.80 22.42
N GLY C 1264 12.48 16.78 23.04
CA GLY C 1264 13.70 16.19 22.54
C GLY C 1264 14.69 15.88 23.65
N VAL C 1265 15.37 14.76 23.47
CA VAL C 1265 16.33 14.25 24.43
C VAL C 1265 17.67 14.10 23.71
N PHE C 1266 18.75 14.01 24.46
CA PHE C 1266 20.04 13.65 23.90
C PHE C 1266 20.24 12.15 23.95
N HIS C 1267 21.12 11.65 23.12
CA HIS C 1267 21.58 10.28 23.15
C HIS C 1267 22.98 10.24 23.75
N PRO C 1268 23.30 9.23 24.59
CA PRO C 1268 24.54 9.28 25.36
C PRO C 1268 25.83 9.08 24.56
N ASN C 1269 25.78 9.01 23.23
CA ASN C 1269 27.03 9.04 22.46
C ASN C 1269 27.46 10.46 22.11
N GLY C 1270 26.62 11.46 22.35
CA GLY C 1270 26.97 12.82 22.02
C GLY C 1270 27.06 13.10 20.54
N LEU C 1271 26.26 12.40 19.74
CA LEU C 1271 26.26 12.60 18.30
C LEU C 1271 24.90 12.97 17.73
N GLU C 1272 23.83 12.80 18.50
CA GLU C 1272 22.47 12.82 17.97
C GLU C 1272 21.61 13.77 18.78
N VAL C 1273 20.40 14.02 18.27
CA VAL C 1273 19.29 14.59 19.02
C VAL C 1273 18.07 13.73 18.70
N ILE C 1274 17.46 13.15 19.71
CA ILE C 1274 16.29 12.29 19.50
C ILE C 1274 15.06 13.14 19.80
N ILE C 1275 14.55 13.80 18.76
CA ILE C 1275 13.15 14.20 18.71
C ILE C 1275 12.33 12.92 18.54
N ASN C 1276 11.04 12.99 18.93
CA ASN C 1276 10.14 11.87 19.24
C ASN C 1276 10.33 10.61 18.39
N THR C 1277 10.45 10.78 17.08
CA THR C 1277 10.87 9.68 16.23
C THR C 1277 11.81 10.12 15.10
N GLU C 1278 12.44 11.29 15.21
CA GLU C 1278 13.35 11.79 14.20
C GLU C 1278 14.75 11.88 14.79
N ILE C 1279 15.71 11.27 14.11
CA ILE C 1279 17.05 11.02 14.65
C ILE C 1279 18.04 11.88 13.88
N TRP C 1280 18.50 12.94 14.52
CA TRP C 1280 19.16 14.05 13.85
C TRP C 1280 20.69 13.96 13.98
N ASP C 1281 21.35 15.02 13.54
CA ASP C 1281 22.80 15.18 13.58
C ASP C 1281 23.14 16.28 14.58
N LEU C 1282 24.44 16.50 14.81
CA LEU C 1282 24.87 17.62 15.64
C LEU C 1282 25.75 18.63 14.91
N ARG C 1283 26.28 18.31 13.73
CA ARG C 1283 27.10 19.26 13.01
C ARG C 1283 26.56 19.66 11.64
N THR C 1284 25.68 18.85 11.04
CA THR C 1284 25.08 19.21 9.76
C THR C 1284 23.55 19.17 9.79
N PHE C 1285 22.97 18.62 10.87
CA PHE C 1285 21.54 18.66 11.18
C PHE C 1285 20.70 17.95 10.11
N HIS C 1286 21.17 16.80 9.67
CA HIS C 1286 20.44 15.99 8.71
C HIS C 1286 19.69 14.89 9.46
N LEU C 1287 18.93 14.10 8.72
CA LEU C 1287 18.16 13.01 9.32
C LEU C 1287 18.87 11.69 9.06
N LEU C 1288 18.97 10.84 10.08
CA LEU C 1288 19.55 9.53 9.90
C LEU C 1288 18.47 8.48 9.64
N HIS C 1289 17.38 8.54 10.39
CA HIS C 1289 16.45 7.41 10.47
C HIS C 1289 15.12 7.95 10.98
N THR C 1290 14.10 7.09 10.95
CA THR C 1290 12.79 7.41 11.51
C THR C 1290 12.09 6.09 11.81
N VAL C 1291 11.81 5.83 13.08
CA VAL C 1291 11.27 4.55 13.52
C VAL C 1291 9.79 4.73 13.81
N PRO C 1292 8.92 3.87 13.29
CA PRO C 1292 7.48 4.00 13.59
C PRO C 1292 7.09 3.50 14.96
N ALA C 1293 7.98 2.81 15.67
CA ALA C 1293 7.68 2.35 17.02
C ALA C 1293 8.07 3.37 18.09
N LEU C 1294 8.61 4.52 17.70
CA LEU C 1294 8.89 5.62 18.62
C LEU C 1294 7.77 6.64 18.68
N ASP C 1295 6.53 6.22 18.47
CA ASP C 1295 5.39 7.14 18.50
C ASP C 1295 5.06 7.48 19.95
N GLN C 1296 5.57 8.62 20.42
CA GLN C 1296 5.22 9.25 21.70
C GLN C 1296 5.57 8.34 22.89
N CYS C 1297 6.86 8.08 23.04
CA CYS C 1297 7.37 7.30 24.17
C CYS C 1297 8.51 8.04 24.84
N ARG C 1298 8.71 7.76 26.13
CA ARG C 1298 9.85 8.31 26.85
C ARG C 1298 10.95 7.27 26.93
N VAL C 1299 12.20 7.71 26.75
CA VAL C 1299 13.33 6.81 26.56
C VAL C 1299 14.09 6.65 27.87
N VAL C 1300 14.61 5.44 28.09
CA VAL C 1300 15.40 5.10 29.26
C VAL C 1300 16.63 4.31 28.78
N PHE C 1301 17.82 4.79 29.15
CA PHE C 1301 19.06 4.19 28.71
C PHE C 1301 19.71 3.36 29.82
N ASN C 1302 20.67 2.54 29.40
CA ASN C 1302 21.68 2.00 30.30
C ASN C 1302 22.63 3.14 30.70
N HIS C 1303 23.41 2.91 31.76
CA HIS C 1303 24.32 3.94 32.24
C HIS C 1303 25.46 4.18 31.25
N THR C 1304 25.95 3.13 30.61
CA THR C 1304 26.93 3.32 29.55
C THR C 1304 26.31 3.88 28.28
N GLY C 1305 24.99 3.71 28.10
CA GLY C 1305 24.34 4.18 26.91
C GLY C 1305 24.36 3.18 25.77
N THR C 1306 24.11 1.90 26.05
CA THR C 1306 24.20 0.86 25.03
C THR C 1306 22.88 0.19 24.71
N VAL C 1307 21.86 0.33 25.55
CA VAL C 1307 20.51 -0.12 25.23
C VAL C 1307 19.52 0.98 25.63
N MET C 1308 18.46 1.10 24.85
CA MET C 1308 17.43 2.09 25.07
C MET C 1308 16.14 1.39 25.48
N TYR C 1309 15.37 2.00 26.37
CA TYR C 1309 14.06 1.49 26.71
C TYR C 1309 12.95 2.42 26.22
N GLY C 1310 11.73 1.89 26.17
CA GLY C 1310 10.60 2.69 25.76
C GLY C 1310 9.33 2.36 26.51
N ALA C 1311 8.60 3.40 26.94
CA ALA C 1311 7.33 3.24 27.63
C ALA C 1311 6.31 4.18 26.99
N MET C 1312 5.12 3.65 26.71
CA MET C 1312 4.10 4.43 26.00
C MET C 1312 3.37 5.35 26.96
N LEU C 1313 3.08 6.57 26.50
CA LEU C 1313 2.34 7.57 27.28
C LEU C 1313 1.05 7.95 26.56
N GLN C 1314 0.29 6.96 26.10
CA GLN C 1314 -0.97 7.18 25.37
C GLN C 1314 -2.04 7.85 26.22
N SER C 1328 -7.40 6.95 28.24
CA SER C 1328 -6.23 6.60 27.44
C SER C 1328 -5.27 5.69 28.23
N PRO C 1329 -4.81 4.61 27.61
CA PRO C 1329 -3.93 3.67 28.29
C PRO C 1329 -2.53 4.25 28.52
N PHE C 1330 -1.75 3.54 29.33
CA PHE C 1330 -0.41 3.97 29.71
C PHE C 1330 0.55 2.80 29.59
N GLY C 1331 1.27 2.71 28.47
CA GLY C 1331 2.35 1.74 28.40
C GLY C 1331 1.91 0.29 28.33
N SER C 1332 1.32 -0.14 27.21
CA SER C 1332 0.77 -1.48 27.08
C SER C 1332 1.83 -2.58 27.17
N SER C 1333 3.10 -2.28 26.87
CA SER C 1333 4.18 -3.27 26.94
C SER C 1333 5.52 -2.53 26.97
N PHE C 1334 6.60 -3.31 26.97
CA PHE C 1334 7.96 -2.81 26.96
C PHE C 1334 8.43 -2.56 25.53
N ARG C 1335 9.62 -1.96 25.43
CA ARG C 1335 10.18 -1.55 24.15
C ARG C 1335 11.68 -1.41 24.40
N THR C 1336 12.49 -2.28 23.79
CA THR C 1336 13.91 -2.33 24.09
C THR C 1336 14.70 -2.11 22.80
N PHE C 1337 15.45 -1.01 22.76
CA PHE C 1337 16.14 -0.61 21.54
C PHE C 1337 17.65 -0.70 21.71
N ASN C 1338 18.33 -0.75 20.57
CA ASN C 1338 19.78 -0.72 20.48
C ASN C 1338 20.24 0.71 20.24
N ALA C 1339 21.33 1.08 20.88
CA ALA C 1339 21.78 2.46 20.89
C ALA C 1339 22.79 2.77 19.78
N THR C 1340 22.93 1.88 18.80
CA THR C 1340 23.87 2.05 17.71
C THR C 1340 23.17 2.20 16.35
N ASP C 1341 22.33 1.23 16.00
CA ASP C 1341 21.65 1.20 14.72
C ASP C 1341 20.13 1.09 14.84
N TYR C 1342 19.60 1.09 16.07
CA TYR C 1342 18.18 1.20 16.40
C TYR C 1342 17.37 0.00 15.92
N LYS C 1343 18.03 -1.11 15.69
CA LYS C 1343 17.29 -2.34 15.45
C LYS C 1343 16.68 -2.81 16.76
N PRO C 1344 15.37 -3.01 16.83
CA PRO C 1344 14.72 -3.31 18.12
C PRO C 1344 14.97 -4.73 18.56
N ILE C 1345 15.20 -4.91 19.86
CA ILE C 1345 15.56 -6.20 20.41
C ILE C 1345 14.33 -7.02 20.78
N ALA C 1346 13.52 -6.54 21.73
CA ALA C 1346 12.37 -7.31 22.19
C ALA C 1346 11.36 -6.40 22.88
N THR C 1347 10.08 -6.73 22.70
CA THR C 1347 8.98 -6.06 23.38
C THR C 1347 8.26 -7.12 24.20
N ILE C 1348 8.72 -7.34 25.42
CA ILE C 1348 8.02 -8.25 26.31
C ILE C 1348 6.82 -7.50 26.88
N ASP C 1349 5.79 -8.23 27.31
CA ASP C 1349 4.47 -7.66 27.51
C ASP C 1349 4.09 -7.74 28.99
N VAL C 1350 3.62 -6.63 29.53
CA VAL C 1350 2.99 -6.57 30.83
C VAL C 1350 1.50 -6.37 30.58
N LYS C 1351 0.67 -7.18 31.22
CA LYS C 1351 -0.78 -7.10 30.99
C LYS C 1351 -1.39 -5.84 31.60
N ARG C 1352 -0.80 -5.31 32.66
CA ARG C 1352 -1.28 -4.08 33.27
C ARG C 1352 -0.71 -2.88 32.54
N ASN C 1353 -0.90 -1.70 33.11
CA ASN C 1353 -0.46 -0.45 32.49
C ASN C 1353 0.76 0.09 33.21
N ILE C 1354 1.78 0.47 32.45
CA ILE C 1354 3.05 0.89 33.02
C ILE C 1354 3.04 2.40 33.22
N PHE C 1355 3.51 2.86 34.38
CA PHE C 1355 3.59 4.29 34.64
C PHE C 1355 5.00 4.85 34.69
N ASP C 1356 5.85 4.31 35.57
CA ASP C 1356 7.23 4.80 35.65
C ASP C 1356 8.16 3.63 35.46
N LEU C 1357 9.38 3.93 35.02
CA LEU C 1357 10.31 2.90 34.61
C LEU C 1357 11.73 3.43 34.81
N CYS C 1358 12.44 2.87 35.79
CA CYS C 1358 13.80 3.30 36.07
C CYS C 1358 14.69 2.10 36.33
N THR C 1359 15.95 2.22 35.92
CA THR C 1359 16.94 1.16 36.03
C THR C 1359 18.13 1.65 36.83
N ASP C 1360 19.12 0.76 36.96
CA ASP C 1360 20.26 1.03 37.83
C ASP C 1360 21.37 1.72 37.05
N THR C 1361 22.31 2.30 37.81
CA THR C 1361 23.59 2.68 37.24
C THR C 1361 24.45 1.44 37.00
N LYS C 1362 24.36 0.45 37.88
CA LYS C 1362 25.08 -0.80 37.74
C LYS C 1362 24.20 -1.91 37.18
N ASP C 1363 23.15 -1.53 36.45
CA ASP C 1363 22.52 -2.30 35.37
C ASP C 1363 22.06 -3.70 35.80
N CYS C 1364 21.20 -3.75 36.81
CA CYS C 1364 20.68 -5.04 37.28
C CYS C 1364 19.19 -5.07 37.56
N TYR C 1365 18.51 -3.93 37.71
CA TYR C 1365 17.11 -3.96 38.09
C TYR C 1365 16.31 -2.99 37.24
N LEU C 1366 14.99 -3.18 37.28
CA LEU C 1366 14.01 -2.28 36.67
C LEU C 1366 12.99 -1.91 37.72
N ALA C 1367 12.99 -0.64 38.13
CA ALA C 1367 11.93 -0.15 39.01
C ALA C 1367 10.70 0.11 38.15
N VAL C 1368 9.69 -0.73 38.30
CA VAL C 1368 8.50 -0.70 37.45
C VAL C 1368 7.33 -0.28 38.32
N ILE C 1369 6.80 0.92 38.07
CA ILE C 1369 5.56 1.36 38.68
C ILE C 1369 4.43 1.03 37.70
N GLU C 1370 3.71 -0.03 37.98
CA GLU C 1370 2.63 -0.47 37.10
C GLU C 1370 1.30 -0.24 37.77
N ASN C 1371 0.23 -0.27 36.97
CA ASN C 1371 -1.11 0.07 37.42
C ASN C 1371 -1.95 -1.19 37.56
N GLN C 1372 -2.19 -1.61 38.80
CA GLN C 1372 -3.09 -2.72 39.06
C GLN C 1372 -4.53 -2.28 38.75
N GLY C 1373 -5.35 -3.23 38.31
CA GLY C 1373 -6.71 -2.90 37.94
C GLY C 1373 -6.81 -2.24 36.58
N SER C 1374 -8.05 -2.03 36.15
CA SER C 1374 -8.34 -1.51 34.83
C SER C 1374 -8.27 0.02 34.83
N MET C 1375 -8.70 0.65 33.74
CA MET C 1375 -8.60 2.09 33.57
C MET C 1375 -9.64 2.80 34.44
N ASP C 1376 -9.26 3.11 35.67
CA ASP C 1376 -10.15 3.70 36.66
C ASP C 1376 -9.44 4.89 37.29
N ALA C 1377 -10.00 6.08 37.10
CA ALA C 1377 -9.50 7.27 37.78
C ALA C 1377 -9.84 7.28 39.26
N LEU C 1378 -10.90 6.59 39.66
CA LEU C 1378 -11.30 6.52 41.06
C LEU C 1378 -10.49 5.49 41.85
N ASN C 1379 -9.94 4.48 41.17
CA ASN C 1379 -9.12 3.47 41.83
C ASN C 1379 -7.86 3.25 41.00
N MET C 1380 -6.75 3.79 41.47
CA MET C 1380 -5.43 3.56 40.89
C MET C 1380 -4.57 2.86 41.92
N ASP C 1381 -4.30 1.57 41.69
CA ASP C 1381 -3.47 0.76 42.57
C ASP C 1381 -2.11 0.64 41.90
N THR C 1382 -1.11 1.34 42.43
CA THR C 1382 0.20 1.43 41.81
C THR C 1382 1.24 0.71 42.66
N VAL C 1383 1.38 -0.58 42.45
CA VAL C 1383 2.39 -1.38 43.11
C VAL C 1383 3.73 -1.11 42.44
N CYS C 1384 4.81 -1.55 43.08
CA CYS C 1384 6.15 -1.46 42.54
C CYS C 1384 6.72 -2.86 42.37
N ARG C 1385 7.32 -3.13 41.22
CA ARG C 1385 7.78 -4.46 40.85
C ARG C 1385 9.18 -4.36 40.27
N LEU C 1386 10.02 -5.37 40.55
CA LEU C 1386 11.41 -5.35 40.13
C LEU C 1386 11.65 -6.44 39.08
N TYR C 1387 12.43 -6.09 38.05
CA TYR C 1387 12.79 -7.00 36.98
C TYR C 1387 14.30 -7.21 36.92
N GLU C 1388 14.70 -8.46 36.69
CA GLU C 1388 16.10 -8.83 36.63
C GLU C 1388 16.57 -8.80 35.18
N VAL C 1389 17.66 -8.08 34.93
CA VAL C 1389 18.13 -7.84 33.57
C VAL C 1389 18.73 -9.12 33.01
N GLY C 1390 18.05 -9.71 32.03
CA GLY C 1390 18.61 -10.83 31.31
C GLY C 1390 18.47 -12.17 31.96
N ARG C 1391 17.28 -12.54 32.40
CA ARG C 1391 17.03 -13.86 32.96
C ARG C 1391 15.64 -14.31 32.54
N GLN C 1392 15.51 -15.58 32.12
CA GLN C 1392 14.22 -16.11 31.75
C GLN C 1392 13.31 -16.25 32.96
N ARG C 1393 12.01 -16.26 32.69
CA ARG C 1393 11.02 -16.50 33.73
C ARG C 1393 11.03 -17.97 34.15
N MET D 1 43.39 -7.55 53.75
CA MET D 1 43.08 -7.45 52.32
C MET D 1 44.03 -8.34 51.51
N SER D 2 43.59 -8.70 50.30
CA SER D 2 44.32 -9.69 49.51
C SER D 2 45.44 -9.01 48.74
N TYR D 3 46.67 -9.45 48.97
CA TYR D 3 47.83 -8.94 48.27
C TYR D 3 48.54 -10.09 47.57
N ASN D 4 48.72 -9.97 46.26
CA ASN D 4 49.25 -11.04 45.45
C ASN D 4 50.34 -10.51 44.53
N TYR D 5 50.97 -11.46 43.82
CA TYR D 5 52.23 -11.21 43.13
C TYR D 5 52.14 -11.77 41.73
N VAL D 6 52.52 -10.96 40.73
CA VAL D 6 52.36 -11.29 39.31
C VAL D 6 53.66 -10.96 38.59
N VAL D 7 54.23 -11.95 37.90
CA VAL D 7 55.39 -11.78 37.03
C VAL D 7 55.12 -12.42 35.67
N THR D 8 56.14 -12.35 34.82
CA THR D 8 56.09 -12.89 33.46
C THR D 8 57.03 -14.10 33.39
N ALA D 9 56.46 -15.28 33.18
CA ALA D 9 57.29 -16.47 32.98
C ALA D 9 57.74 -16.56 31.53
N GLN D 10 56.80 -16.54 30.61
CA GLN D 10 57.07 -16.58 29.18
C GLN D 10 56.78 -15.22 28.57
N LYS D 11 57.76 -14.66 27.88
CA LYS D 11 57.57 -13.42 27.16
C LYS D 11 56.67 -13.67 25.94
N PRO D 12 55.87 -12.69 25.52
CA PRO D 12 54.84 -12.96 24.49
C PRO D 12 55.46 -13.27 23.14
N THR D 13 54.80 -14.16 22.38
CA THR D 13 55.39 -14.73 21.18
C THR D 13 54.66 -14.39 19.89
N ALA D 14 53.36 -14.12 19.93
CA ALA D 14 52.62 -13.87 18.70
C ALA D 14 52.81 -12.43 18.24
N VAL D 15 52.96 -12.25 16.92
CA VAL D 15 53.41 -10.98 16.37
C VAL D 15 52.21 -10.15 15.92
N ASN D 16 52.39 -8.83 15.88
CA ASN D 16 51.35 -7.88 15.51
C ASN D 16 52.02 -6.69 14.83
N GLY D 17 51.95 -6.66 13.50
CA GLY D 17 52.48 -5.55 12.74
C GLY D 17 53.96 -5.68 12.49
N CYS D 18 54.38 -5.54 11.24
CA CYS D 18 55.78 -5.69 10.88
C CYS D 18 56.16 -4.58 9.91
N VAL D 19 57.04 -3.69 10.34
CA VAL D 19 57.42 -2.52 9.56
C VAL D 19 58.90 -2.59 9.27
N THR D 20 59.28 -2.54 8.00
CA THR D 20 60.67 -2.47 7.61
C THR D 20 61.05 -1.02 7.31
N GLY D 21 62.35 -0.81 7.12
CA GLY D 21 62.84 0.53 6.87
C GLY D 21 64.30 0.70 7.22
N HIS D 22 64.67 1.86 7.75
CA HIS D 22 66.06 2.18 8.04
C HIS D 22 66.16 2.81 9.42
N PHE D 23 65.58 2.14 10.42
CA PHE D 23 65.48 2.68 11.77
C PHE D 23 66.83 2.74 12.47
N THR D 24 67.64 1.68 12.37
CA THR D 24 68.93 1.69 13.04
C THR D 24 69.95 2.53 12.29
N SER D 25 70.26 2.14 11.05
CA SER D 25 71.26 2.85 10.27
C SER D 25 70.64 3.46 9.02
N ALA D 26 71.40 4.31 8.33
CA ALA D 26 70.84 5.01 7.17
C ALA D 26 70.77 4.09 5.95
N GLU D 27 71.82 3.30 5.70
CA GLU D 27 71.85 2.46 4.51
C GLU D 27 71.77 0.99 4.88
N ASP D 28 70.97 0.66 5.88
CA ASP D 28 70.85 -0.71 6.36
C ASP D 28 69.38 -0.99 6.60
N LEU D 29 68.82 -1.90 5.80
CA LEU D 29 67.43 -2.29 5.97
C LEU D 29 67.30 -3.18 7.21
N ASN D 30 66.17 -3.07 7.89
CA ASN D 30 65.98 -3.81 9.13
C ASN D 30 64.51 -4.22 9.26
N LEU D 31 64.23 -4.99 10.30
CA LEU D 31 62.89 -5.47 10.60
C LEU D 31 62.52 -5.07 12.02
N LEU D 32 61.30 -4.55 12.20
CA LEU D 32 60.83 -4.05 13.49
C LEU D 32 59.52 -4.75 13.82
N ILE D 33 59.61 -5.89 14.47
CA ILE D 33 58.42 -6.66 14.85
C ILE D 33 58.00 -6.26 16.26
N ALA D 34 56.75 -5.87 16.42
CA ALA D 34 56.11 -5.78 17.73
C ALA D 34 55.24 -7.02 17.93
N LYS D 35 55.19 -7.51 19.18
CA LYS D 35 54.43 -8.71 19.47
C LYS D 35 53.23 -8.45 20.37
N ASN D 36 53.43 -8.02 21.62
CA ASN D 36 52.32 -7.58 22.45
C ASN D 36 52.59 -6.19 22.98
N THR D 37 53.70 -6.07 23.72
CA THR D 37 54.22 -4.82 24.23
C THR D 37 55.69 -4.64 23.91
N ARG D 38 56.37 -5.71 23.48
CA ARG D 38 57.76 -5.65 23.10
C ARG D 38 57.91 -5.07 21.72
N LEU D 39 59.04 -4.43 21.48
CA LEU D 39 59.38 -3.88 20.18
C LEU D 39 60.74 -4.46 19.78
N GLU D 40 60.72 -5.50 18.97
CA GLU D 40 61.92 -6.27 18.67
C GLU D 40 62.61 -5.73 17.44
N ILE D 41 63.76 -5.10 17.65
CA ILE D 41 64.51 -4.43 16.60
C ILE D 41 65.46 -5.46 16.01
N TYR D 42 65.12 -6.00 14.84
CA TYR D 42 66.03 -6.90 14.15
C TYR D 42 66.92 -6.07 13.22
N VAL D 43 67.81 -6.75 12.50
CA VAL D 43 68.51 -6.16 11.36
C VAL D 43 68.73 -7.28 10.36
N VAL D 44 68.81 -6.91 9.08
CA VAL D 44 68.82 -7.90 8.00
C VAL D 44 70.24 -8.12 7.55
N THR D 45 70.74 -9.33 7.73
CA THR D 45 72.00 -9.77 7.15
C THR D 45 71.72 -10.50 5.85
N ALA D 46 72.79 -10.77 5.09
CA ALA D 46 72.63 -11.61 3.91
C ALA D 46 72.36 -13.06 4.27
N GLU D 47 72.74 -13.49 5.48
CA GLU D 47 72.45 -14.81 5.99
C GLU D 47 71.06 -14.92 6.60
N GLY D 48 70.46 -13.80 6.95
CA GLY D 48 69.17 -13.81 7.62
C GLY D 48 68.92 -12.58 8.47
N LEU D 49 68.60 -12.80 9.74
CA LEU D 49 68.19 -11.72 10.64
C LEU D 49 69.07 -11.72 11.89
N ARG D 50 69.10 -10.57 12.56
CA ARG D 50 69.92 -10.42 13.76
C ARG D 50 69.34 -9.33 14.67
N PRO D 51 69.13 -9.62 15.95
CA PRO D 51 68.54 -8.61 16.84
C PRO D 51 69.56 -7.55 17.26
N VAL D 52 69.06 -6.43 17.75
CA VAL D 52 69.90 -5.35 18.23
C VAL D 52 69.57 -5.05 19.68
N LYS D 53 68.34 -4.62 19.95
CA LYS D 53 67.88 -4.36 21.31
C LYS D 53 66.38 -4.62 21.36
N GLU D 54 65.95 -5.41 22.34
CA GLU D 54 64.54 -5.64 22.59
C GLU D 54 64.06 -4.65 23.64
N VAL D 55 62.98 -3.93 23.34
CA VAL D 55 62.44 -2.89 24.21
C VAL D 55 60.97 -3.17 24.43
N GLY D 56 60.56 -3.24 25.69
CA GLY D 56 59.15 -3.36 26.03
C GLY D 56 58.58 -2.01 26.42
N MET D 57 57.26 -1.88 26.32
CA MET D 57 56.57 -0.64 26.66
C MET D 57 55.32 -0.93 27.47
N TYR D 58 54.77 0.13 28.04
CA TYR D 58 53.58 0.02 28.90
C TYR D 58 52.35 0.33 28.06
N GLY D 59 51.96 -0.63 27.25
CA GLY D 59 50.79 -0.50 26.40
C GLY D 59 50.85 -1.44 25.22
N LYS D 60 49.68 -1.90 24.79
CA LYS D 60 49.59 -2.81 23.66
C LYS D 60 49.84 -2.07 22.35
N ILE D 61 50.90 -2.47 21.64
CA ILE D 61 51.20 -1.88 20.34
C ILE D 61 50.24 -2.47 19.33
N ALA D 62 49.43 -1.63 18.69
CA ALA D 62 48.50 -2.08 17.67
C ALA D 62 48.71 -1.38 16.33
N VAL D 63 49.25 -0.16 16.34
CA VAL D 63 49.47 0.62 15.12
C VAL D 63 50.90 1.13 15.13
N MET D 64 51.66 0.80 14.09
CA MET D 64 53.02 1.29 13.95
C MET D 64 53.38 1.41 12.48
N GLU D 65 54.17 2.44 12.16
CA GLU D 65 54.59 2.72 10.81
C GLU D 65 55.77 3.69 10.83
N LEU D 66 56.86 3.33 10.17
CA LEU D 66 57.98 4.23 10.05
C LEU D 66 57.67 5.32 9.03
N PHE D 67 58.46 6.38 9.08
CA PHE D 67 58.37 7.50 8.15
C PHE D 67 59.63 8.34 8.26
N ARG D 68 60.15 8.81 7.13
CA ARG D 68 61.25 9.75 7.14
C ARG D 68 60.74 11.14 6.82
N PRO D 69 60.63 12.03 7.79
CA PRO D 69 60.24 13.42 7.49
C PRO D 69 61.38 14.17 6.81
N LYS D 70 61.02 15.30 6.20
CA LYS D 70 62.01 16.17 5.59
C LYS D 70 62.78 16.91 6.67
N GLY D 71 64.04 16.53 6.87
CA GLY D 71 64.85 17.15 7.90
C GLY D 71 65.62 16.13 8.71
N GLU D 72 65.39 14.85 8.43
CA GLU D 72 66.03 13.75 9.12
C GLU D 72 66.63 12.80 8.10
N SER D 73 67.92 12.51 8.25
CA SER D 73 68.57 11.51 7.39
C SER D 73 67.99 10.13 7.65
N LYS D 74 67.88 9.76 8.91
CA LYS D 74 67.15 8.57 9.30
C LYS D 74 65.66 8.89 9.44
N ASP D 75 64.94 7.97 10.05
CA ASP D 75 63.48 8.01 10.13
C ASP D 75 63.03 8.16 11.59
N LEU D 76 61.72 8.05 11.78
CA LEU D 76 61.12 8.01 13.10
C LEU D 76 60.07 6.90 13.12
N LEU D 77 59.72 6.47 14.33
CA LEU D 77 58.70 5.45 14.51
C LEU D 77 57.60 5.99 15.40
N PHE D 78 56.35 5.83 14.95
CA PHE D 78 55.18 6.25 15.71
C PHE D 78 54.41 5.02 16.15
N ILE D 79 54.09 4.96 17.45
CA ILE D 79 53.40 3.82 18.05
C ILE D 79 52.31 4.34 18.96
N LEU D 80 51.09 3.84 18.77
CA LEU D 80 49.95 4.14 19.62
C LEU D 80 49.59 2.93 20.45
N THR D 81 49.34 3.14 21.74
CA THR D 81 48.96 2.06 22.64
C THR D 81 47.51 1.64 22.41
N ALA D 82 47.04 0.69 23.22
CA ALA D 82 45.61 0.42 23.27
C ALA D 82 44.92 1.35 24.26
N LYS D 83 45.68 2.17 24.97
CA LYS D 83 45.14 3.15 25.90
C LYS D 83 45.32 4.57 25.40
N TYR D 84 45.44 4.75 24.08
CA TYR D 84 45.32 6.02 23.37
C TYR D 84 46.45 7.01 23.67
N ASN D 85 47.50 6.57 24.36
CA ASN D 85 48.65 7.43 24.64
C ASN D 85 49.66 7.18 23.53
N ALA D 86 49.94 8.21 22.75
CA ALA D 86 50.82 8.10 21.60
C ALA D 86 52.25 8.50 21.96
N CYS D 87 53.17 8.17 21.06
CA CYS D 87 54.59 8.46 21.28
C CYS D 87 55.32 8.43 19.95
N ILE D 88 56.38 9.24 19.86
CA ILE D 88 57.23 9.29 18.68
C ILE D 88 58.63 8.86 19.10
N LEU D 89 59.13 7.78 18.51
CA LEU D 89 60.35 7.14 18.98
C LEU D 89 61.53 7.52 18.10
N GLU D 90 62.70 7.59 18.71
CA GLU D 90 63.92 7.91 18.00
C GLU D 90 65.05 7.06 18.56
N TYR D 91 65.74 6.34 17.68
CA TYR D 91 66.85 5.50 18.11
C TYR D 91 68.11 6.35 18.29
N LYS D 92 68.80 6.14 19.40
CA LYS D 92 70.10 6.75 19.61
C LYS D 92 71.10 5.68 20.03
N GLN D 93 72.21 5.60 19.29
CA GLN D 93 73.30 4.72 19.62
C GLN D 93 74.58 5.53 19.78
N SER D 94 75.36 5.23 20.82
CA SER D 94 76.68 5.83 20.98
C SER D 94 77.63 4.71 21.42
N GLY D 95 78.21 4.03 20.44
CA GLY D 95 79.02 2.87 20.74
C GLY D 95 78.15 1.72 21.20
N GLU D 96 78.46 1.17 22.38
CA GLU D 96 77.64 0.12 22.95
C GLU D 96 76.41 0.67 23.65
N SER D 97 76.35 1.98 23.88
CA SER D 97 75.18 2.62 24.48
C SER D 97 74.06 2.61 23.46
N ILE D 98 73.03 1.78 23.70
CA ILE D 98 71.94 1.56 22.76
C ILE D 98 70.66 2.05 23.43
N ASP D 99 70.11 3.16 22.94
CA ASP D 99 69.06 3.88 23.65
C ASP D 99 67.89 4.17 22.72
N ILE D 100 66.72 4.33 23.32
CA ILE D 100 65.49 4.72 22.62
C ILE D 100 65.03 6.06 23.19
N ILE D 101 64.89 7.06 22.32
CA ILE D 101 64.46 8.39 22.70
C ILE D 101 63.02 8.58 22.25
N THR D 102 62.12 8.88 23.19
CA THR D 102 60.80 9.33 22.82
C THR D 102 60.81 10.84 22.64
N ARG D 103 60.63 11.29 21.40
CA ARG D 103 60.75 12.72 21.10
C ARG D 103 59.50 13.51 21.49
N ALA D 104 58.31 12.99 21.22
CA ALA D 104 57.08 13.66 21.59
C ALA D 104 56.02 12.62 21.89
N HIS D 105 55.07 12.99 22.75
CA HIS D 105 54.05 12.06 23.19
C HIS D 105 52.78 12.84 23.51
N GLY D 106 51.86 12.20 24.23
CA GLY D 106 50.64 12.84 24.67
C GLY D 106 49.43 11.95 24.51
N ASN D 107 48.70 11.73 25.59
CA ASN D 107 47.49 10.91 25.53
C ASN D 107 46.38 11.71 24.85
N VAL D 108 45.99 11.25 23.67
CA VAL D 108 44.90 11.87 22.91
C VAL D 108 43.73 10.89 22.92
N GLN D 109 42.62 11.32 23.52
CA GLN D 109 41.42 10.51 23.67
C GLN D 109 40.24 11.43 23.88
N ASP D 110 39.04 10.86 23.98
CA ASP D 110 37.86 11.66 24.21
C ASP D 110 37.06 11.11 25.40
N ARG D 111 36.22 11.97 25.96
CA ARG D 111 35.39 11.59 27.10
C ARG D 111 34.28 10.64 26.69
N ILE D 112 33.75 10.79 25.49
CA ILE D 112 32.47 10.20 25.11
C ILE D 112 32.66 9.42 23.81
N GLY D 113 31.77 8.44 23.60
CA GLY D 113 31.64 7.81 22.29
C GLY D 113 31.95 6.34 22.25
N ARG D 114 31.46 5.65 21.22
CA ARG D 114 31.89 4.29 20.96
C ARG D 114 33.34 4.32 20.48
N PRO D 115 34.18 3.39 20.92
CA PRO D 115 35.56 3.36 20.41
C PRO D 115 35.63 3.05 18.91
N SER D 116 35.25 1.83 18.53
CA SER D 116 35.39 1.38 17.14
C SER D 116 34.68 0.04 17.03
N GLU D 117 34.79 -0.54 15.86
CA GLU D 117 34.33 -1.89 15.56
C GLU D 117 35.44 -2.77 14.99
N THR D 118 36.27 -2.24 14.10
CA THR D 118 37.32 -3.00 13.44
C THR D 118 38.71 -2.68 13.98
N GLY D 119 38.84 -2.43 15.28
CA GLY D 119 40.13 -2.07 15.84
C GLY D 119 40.50 -0.65 15.49
N ILE D 120 41.80 -0.37 15.60
CA ILE D 120 42.33 0.97 15.38
C ILE D 120 43.16 0.94 14.11
N ILE D 121 43.00 1.95 13.25
CA ILE D 121 43.62 1.97 11.94
C ILE D 121 44.41 3.28 11.83
N GLY D 122 45.68 3.16 11.41
CA GLY D 122 46.55 4.32 11.29
C GLY D 122 47.58 4.25 10.18
N ILE D 123 47.61 5.26 9.31
CA ILE D 123 48.44 5.28 8.11
C ILE D 123 49.09 6.65 8.01
N ILE D 124 50.36 6.70 7.58
CA ILE D 124 51.12 7.94 7.49
C ILE D 124 51.01 8.50 6.07
N ASP D 125 50.88 9.82 5.97
CA ASP D 125 50.98 10.53 4.69
C ASP D 125 52.37 10.34 4.08
N PRO D 126 52.46 10.12 2.76
CA PRO D 126 53.77 9.89 2.13
C PRO D 126 54.64 11.13 2.08
N GLU D 127 54.06 12.33 2.11
CA GLU D 127 54.86 13.54 2.17
C GLU D 127 55.23 13.93 3.59
N CYS D 128 54.89 13.09 4.57
CA CYS D 128 55.10 13.31 6.00
C CYS D 128 54.48 14.63 6.47
N ARG D 129 53.22 14.79 6.10
CA ARG D 129 52.46 15.98 6.47
C ARG D 129 51.39 15.72 7.53
N MET D 130 50.79 14.54 7.55
CA MET D 130 49.83 14.22 8.60
C MET D 130 49.94 12.76 8.99
N ILE D 131 49.22 12.41 10.06
CA ILE D 131 49.25 11.09 10.66
C ILE D 131 47.80 10.68 10.90
N GLY D 132 47.38 9.58 10.30
CA GLY D 132 46.00 9.15 10.35
C GLY D 132 45.68 8.32 11.58
N LEU D 133 44.48 8.51 12.10
CA LEU D 133 43.97 7.77 13.25
C LEU D 133 42.45 7.75 13.20
N ARG D 134 41.88 6.54 13.17
CA ARG D 134 40.45 6.34 13.35
C ARG D 134 40.24 5.91 14.80
N LEU D 135 39.60 6.77 15.60
CA LEU D 135 39.57 6.53 17.04
C LEU D 135 38.19 6.43 17.68
N TYR D 136 37.21 7.22 17.24
CA TYR D 136 35.95 7.25 17.99
C TYR D 136 34.70 7.26 17.12
N ASP D 137 34.79 6.69 15.91
CA ASP D 137 33.63 6.36 15.06
C ASP D 137 32.80 7.59 14.72
N GLY D 138 33.41 8.48 13.96
CA GLY D 138 32.76 9.72 13.60
C GLY D 138 33.74 10.87 13.63
N LEU D 139 34.82 10.67 14.38
CA LEU D 139 35.95 11.58 14.34
C LEU D 139 37.07 10.94 13.55
N PHE D 140 37.91 11.78 12.95
CA PHE D 140 39.05 11.35 12.15
C PHE D 140 40.25 12.12 12.69
N LYS D 141 40.88 11.58 13.73
CA LYS D 141 41.88 12.36 14.46
C LYS D 141 43.17 12.45 13.66
N VAL D 142 43.59 13.69 13.39
CA VAL D 142 44.73 13.98 12.55
C VAL D 142 45.79 14.64 13.42
N ILE D 143 47.04 14.19 13.30
CA ILE D 143 48.15 14.70 14.09
C ILE D 143 48.98 15.61 13.20
N PRO D 144 48.95 16.93 13.42
CA PRO D 144 49.84 17.82 12.66
C PRO D 144 51.29 17.68 13.08
N LEU D 145 52.09 17.05 12.22
CA LEU D 145 53.48 16.76 12.55
C LEU D 145 54.33 18.01 12.38
N ASP D 146 55.07 18.37 13.43
CA ASP D 146 56.01 19.48 13.38
C ASP D 146 57.01 19.27 14.52
N ARG D 147 58.18 19.91 14.38
CA ARG D 147 59.11 20.03 15.50
C ARG D 147 58.64 21.04 16.53
N ASP D 148 57.61 21.83 16.21
CA ASP D 148 56.86 22.58 17.20
C ASP D 148 56.22 21.68 18.25
N ASN D 149 55.92 20.43 17.89
CA ASN D 149 55.24 19.48 18.78
C ASN D 149 56.28 18.80 19.66
N LYS D 150 56.55 19.39 20.83
CA LYS D 150 57.22 18.62 21.88
C LYS D 150 56.23 17.69 22.56
N GLU D 151 54.95 18.05 22.52
CA GLU D 151 53.84 17.17 22.86
C GLU D 151 52.87 17.20 21.69
N LEU D 152 52.04 16.17 21.59
CA LEU D 152 51.22 15.99 20.40
C LEU D 152 49.93 16.80 20.49
N LYS D 153 49.77 17.76 19.59
CA LYS D 153 48.48 18.39 19.38
C LYS D 153 47.57 17.44 18.61
N ALA D 154 46.27 17.75 18.62
CA ALA D 154 45.31 16.88 17.97
C ALA D 154 44.22 17.70 17.31
N PHE D 155 43.78 17.25 16.14
CA PHE D 155 42.58 17.77 15.49
C PHE D 155 41.51 16.68 15.53
N ASN D 156 40.25 17.10 15.43
CA ASN D 156 39.14 16.17 15.29
C ASN D 156 38.20 16.74 14.25
N ILE D 157 38.45 16.39 12.99
CA ILE D 157 37.56 16.76 11.91
C ILE D 157 36.50 15.68 11.77
N ARG D 158 35.23 16.08 11.78
CA ARG D 158 34.13 15.12 11.88
C ARG D 158 33.96 14.36 10.58
N LEU D 159 33.80 13.04 10.69
CA LEU D 159 33.35 12.25 9.56
C LEU D 159 31.83 12.24 9.55
N GLU D 160 31.24 12.82 8.50
CA GLU D 160 29.80 12.70 8.30
C GLU D 160 29.41 11.29 7.87
N GLU D 161 30.37 10.49 7.42
CA GLU D 161 30.17 9.09 7.13
C GLU D 161 30.60 8.28 8.35
N LEU D 162 29.66 7.54 8.94
CA LEU D 162 29.92 6.94 10.25
C LEU D 162 30.68 5.63 10.15
N HIS D 163 30.07 4.61 9.56
CA HIS D 163 30.59 3.25 9.63
C HIS D 163 31.60 3.01 8.51
N VAL D 164 32.87 3.26 8.80
CA VAL D 164 33.95 3.16 7.83
C VAL D 164 34.60 1.79 7.95
N ILE D 165 34.81 1.11 6.83
CA ILE D 165 35.43 -0.22 6.85
C ILE D 165 36.94 -0.11 6.70
N ASP D 166 37.40 0.64 5.71
CA ASP D 166 38.83 0.85 5.55
C ASP D 166 39.08 2.32 5.21
N VAL D 167 40.30 2.76 5.48
CA VAL D 167 40.77 4.08 5.14
C VAL D 167 42.24 3.94 4.76
N LYS D 168 42.69 4.67 3.74
CA LYS D 168 44.08 4.71 3.35
C LYS D 168 44.47 6.12 2.94
N PHE D 169 45.70 6.25 2.47
CA PHE D 169 46.19 7.50 1.90
C PHE D 169 46.70 7.28 0.48
N LEU D 170 46.55 8.29 -0.35
CA LEU D 170 47.00 8.22 -1.73
C LEU D 170 48.28 9.04 -1.91
N TYR D 171 49.04 8.68 -2.93
CA TYR D 171 50.42 9.17 -3.06
C TYR D 171 50.45 10.56 -3.69
N GLY D 172 51.65 11.00 -4.07
CA GLY D 172 51.97 12.39 -4.36
C GLY D 172 51.18 13.08 -5.47
N CYS D 173 50.24 13.94 -5.05
CA CYS D 173 49.38 14.66 -5.97
C CYS D 173 49.17 16.09 -5.53
N GLN D 174 50.19 16.69 -4.87
CA GLN D 174 50.30 18.07 -4.38
C GLN D 174 49.40 18.32 -3.17
N ALA D 175 48.55 17.36 -2.81
CA ALA D 175 47.66 17.53 -1.69
C ALA D 175 47.54 16.22 -0.94
N PRO D 176 47.58 16.24 0.39
CA PRO D 176 47.32 15.03 1.17
C PRO D 176 45.86 14.64 1.10
N THR D 177 45.59 13.45 0.58
CA THR D 177 44.23 13.03 0.30
C THR D 177 43.97 11.63 0.81
N ILE D 178 42.69 11.32 0.95
CA ILE D 178 42.21 10.18 1.73
C ILE D 178 41.42 9.27 0.80
N CYS D 179 41.29 8.01 1.17
CA CYS D 179 40.37 7.07 0.56
C CYS D 179 39.57 6.39 1.66
N PHE D 180 38.32 6.04 1.36
CA PHE D 180 37.46 5.31 2.29
C PHE D 180 37.05 3.98 1.68
N VAL D 181 36.40 3.17 2.49
CA VAL D 181 35.39 2.22 2.05
C VAL D 181 34.23 2.41 3.02
N TYR D 182 33.21 3.17 2.62
CA TYR D 182 32.13 3.54 3.51
C TYR D 182 30.87 2.76 3.20
N GLN D 183 30.20 2.28 4.25
CA GLN D 183 28.92 1.59 4.15
C GLN D 183 27.80 2.62 4.24
N ASP D 184 27.24 2.99 3.08
CA ASP D 184 26.02 3.78 3.02
C ASP D 184 24.83 3.01 3.60
N PRO D 185 23.73 3.70 3.90
CA PRO D 185 22.47 2.98 4.13
C PRO D 185 21.97 2.27 2.89
N GLN D 186 22.16 2.86 1.72
CA GLN D 186 21.65 2.33 0.45
C GLN D 186 22.84 2.14 -0.48
N GLY D 187 23.45 0.97 -0.41
CA GLY D 187 24.67 0.69 -1.16
C GLY D 187 25.91 0.90 -0.32
N ARG D 188 27.04 0.98 -1.01
CA ARG D 188 28.32 1.31 -0.39
C ARG D 188 29.25 1.81 -1.49
N HIS D 189 30.18 2.69 -1.11
CA HIS D 189 30.95 3.37 -2.13
C HIS D 189 32.38 3.51 -1.65
N VAL D 190 33.15 4.29 -2.40
CA VAL D 190 34.53 4.65 -2.08
C VAL D 190 34.62 6.16 -2.32
N LYS D 191 34.64 6.93 -1.25
CA LYS D 191 34.72 8.37 -1.37
C LYS D 191 36.16 8.80 -1.11
N THR D 192 36.52 9.96 -1.63
CA THR D 192 37.79 10.60 -1.31
C THR D 192 37.51 11.96 -0.69
N TYR D 193 38.57 12.59 -0.20
CA TYR D 193 38.50 13.91 0.40
C TYR D 193 39.85 14.59 0.27
N GLU D 194 39.98 15.71 0.98
CA GLU D 194 41.17 16.54 0.97
C GLU D 194 41.11 17.41 2.21
N VAL D 195 42.15 17.36 3.03
CA VAL D 195 42.14 18.04 4.33
C VAL D 195 43.05 19.25 4.27
N SER D 196 42.48 20.41 4.63
CA SER D 196 43.26 21.63 4.87
C SER D 196 43.55 21.70 6.36
N LEU D 197 44.79 21.39 6.74
CA LEU D 197 45.19 21.47 8.14
C LEU D 197 45.19 22.90 8.64
N ARG D 198 45.47 23.87 7.76
CA ARG D 198 45.35 25.27 8.12
C ARG D 198 43.90 25.72 8.30
N GLU D 199 42.93 24.92 7.85
CA GLU D 199 41.53 25.29 7.98
C GLU D 199 40.68 24.23 8.67
N LYS D 200 41.25 23.06 9.01
CA LYS D 200 40.59 21.98 9.76
C LYS D 200 39.34 21.45 9.06
N GLU D 201 39.32 21.47 7.73
CA GLU D 201 38.07 21.26 7.02
C GLU D 201 38.30 20.39 5.79
N PHE D 202 37.35 19.50 5.55
CA PHE D 202 37.35 18.67 4.34
C PHE D 202 37.14 19.54 3.11
N ASN D 203 37.95 19.31 2.07
CA ASN D 203 37.81 20.04 0.82
C ASN D 203 36.99 19.16 -0.13
N LYS D 204 36.80 19.63 -1.36
CA LYS D 204 36.04 18.90 -2.36
C LYS D 204 36.91 17.79 -2.94
N GLY D 205 36.42 16.56 -2.90
CA GLY D 205 37.21 15.41 -3.25
C GLY D 205 37.42 15.24 -4.74
N PRO D 206 38.56 14.67 -5.13
CA PRO D 206 38.83 14.44 -6.55
C PRO D 206 38.12 13.24 -7.15
N TRP D 207 37.73 12.25 -6.36
CA TRP D 207 37.04 11.08 -6.86
C TRP D 207 35.67 11.00 -6.22
N LYS D 208 34.73 10.38 -6.92
CA LYS D 208 33.40 10.15 -6.35
C LYS D 208 33.13 8.66 -6.17
N GLN D 209 33.15 7.87 -7.25
CA GLN D 209 33.15 6.41 -7.25
C GLN D 209 31.96 5.84 -6.47
N GLU D 210 30.77 6.17 -6.99
CA GLU D 210 29.54 6.16 -6.22
C GLU D 210 29.06 4.77 -5.85
N ASN D 211 29.54 3.72 -6.51
CA ASN D 211 29.16 2.36 -6.13
C ASN D 211 30.31 1.45 -6.47
N VAL D 212 30.61 0.51 -5.57
CA VAL D 212 31.69 -0.45 -5.73
C VAL D 212 31.19 -1.84 -5.36
N GLU D 213 32.11 -2.79 -5.32
CA GLU D 213 31.79 -4.18 -4.97
C GLU D 213 31.24 -4.25 -3.56
N ALA D 214 30.36 -5.22 -3.32
CA ALA D 214 29.60 -5.29 -2.08
C ALA D 214 30.43 -5.71 -0.87
N GLU D 215 31.65 -6.21 -1.06
CA GLU D 215 32.47 -6.73 0.02
C GLU D 215 33.88 -6.19 -0.06
N ALA D 216 34.02 -4.88 -0.25
CA ALA D 216 35.34 -4.27 -0.36
C ALA D 216 36.01 -4.22 1.01
N SER D 217 37.08 -5.00 1.17
CA SER D 217 37.76 -5.09 2.46
C SER D 217 38.97 -4.19 2.58
N MET D 218 39.86 -4.14 1.59
CA MET D 218 41.06 -3.34 1.76
C MET D 218 41.31 -2.47 0.53
N VAL D 219 42.17 -1.48 0.72
CA VAL D 219 42.56 -0.53 -0.32
C VAL D 219 44.07 -0.55 -0.44
N ILE D 220 44.57 -0.81 -1.63
CA ILE D 220 46.00 -0.88 -1.88
C ILE D 220 46.35 0.28 -2.80
N ALA D 221 46.96 1.32 -2.25
CA ALA D 221 47.32 2.50 -3.03
C ALA D 221 48.63 2.27 -3.77
N VAL D 222 48.64 2.59 -5.06
CA VAL D 222 49.81 2.37 -5.91
C VAL D 222 50.56 3.70 -6.03
N PRO D 223 51.90 3.70 -6.20
CA PRO D 223 52.65 4.94 -6.02
C PRO D 223 52.65 5.89 -7.20
N GLU D 224 53.47 6.93 -7.04
CA GLU D 224 53.63 8.13 -7.86
C GLU D 224 53.77 8.00 -9.39
N PRO D 225 54.35 6.91 -9.98
CA PRO D 225 54.32 6.83 -11.45
C PRO D 225 52.93 6.70 -12.06
N PHE D 226 52.06 5.88 -11.47
CA PHE D 226 50.77 5.55 -12.08
C PHE D 226 49.67 5.53 -11.02
N GLY D 227 49.69 6.54 -10.14
CA GLY D 227 48.88 6.62 -8.93
C GLY D 227 47.38 6.39 -9.04
N GLY D 228 46.83 5.72 -8.04
CA GLY D 228 45.44 5.30 -8.02
C GLY D 228 45.14 4.58 -6.72
N ALA D 229 44.15 3.68 -6.79
CA ALA D 229 43.76 2.94 -5.59
C ALA D 229 43.08 1.64 -6.00
N ILE D 230 43.75 0.52 -5.77
CA ILE D 230 43.20 -0.80 -6.00
C ILE D 230 42.19 -1.06 -4.89
N ILE D 231 41.04 -1.62 -5.25
CA ILE D 231 40.03 -1.99 -4.27
C ILE D 231 39.90 -3.50 -4.32
N ILE D 232 40.54 -4.20 -3.39
CA ILE D 232 40.33 -5.62 -3.25
C ILE D 232 38.95 -5.85 -2.64
N GLY D 233 38.27 -6.89 -3.09
CA GLY D 233 37.04 -7.28 -2.43
C GLY D 233 37.14 -8.71 -1.94
N GLN D 234 36.00 -9.30 -1.63
CA GLN D 234 35.97 -10.73 -1.36
C GLN D 234 36.16 -11.54 -2.62
N GLU D 235 35.52 -11.11 -3.72
CA GLU D 235 35.44 -11.90 -4.92
C GLU D 235 36.19 -11.31 -6.11
N SER D 236 36.40 -10.00 -6.16
CA SER D 236 37.04 -9.44 -7.34
C SER D 236 37.90 -8.25 -6.97
N ILE D 237 38.68 -7.81 -7.96
CA ILE D 237 39.71 -6.78 -7.81
C ILE D 237 39.46 -5.73 -8.88
N THR D 238 39.54 -4.47 -8.51
CA THR D 238 39.38 -3.38 -9.46
C THR D 238 40.67 -2.58 -9.56
N TYR D 239 40.60 -1.50 -10.33
CA TYR D 239 41.57 -0.42 -10.28
C TYR D 239 40.83 0.86 -10.58
N HIS D 240 41.27 1.97 -9.98
CA HIS D 240 40.61 3.25 -10.16
C HIS D 240 41.67 4.34 -10.19
N ASN D 241 41.54 5.28 -11.12
CA ASN D 241 42.40 6.45 -11.13
C ASN D 241 41.62 7.70 -11.50
N GLY D 242 40.34 7.72 -11.18
CA GLY D 242 39.51 8.89 -11.42
C GLY D 242 38.87 8.99 -12.79
N ASP D 243 39.61 8.61 -13.82
CA ASP D 243 39.12 8.67 -15.19
C ASP D 243 38.93 7.29 -15.78
N LYS D 244 39.96 6.45 -15.75
CA LYS D 244 39.85 5.11 -16.26
C LYS D 244 39.55 4.13 -15.13
N TYR D 245 39.43 2.87 -15.50
CA TYR D 245 39.16 1.78 -14.58
C TYR D 245 39.55 0.48 -15.25
N LEU D 246 40.04 -0.47 -14.45
CA LEU D 246 40.23 -1.83 -14.90
C LEU D 246 39.65 -2.76 -13.85
N ALA D 247 39.19 -3.92 -14.29
CA ALA D 247 38.57 -4.86 -13.36
C ALA D 247 38.83 -6.26 -13.85
N ILE D 248 39.08 -7.18 -12.93
CA ILE D 248 39.23 -8.59 -13.22
C ILE D 248 38.34 -9.37 -12.28
N ALA D 249 38.31 -10.68 -12.47
CA ALA D 249 37.68 -11.61 -11.55
C ALA D 249 38.37 -12.96 -11.71
N PRO D 250 39.58 -13.12 -11.17
CA PRO D 250 40.34 -14.33 -11.45
C PRO D 250 39.79 -15.52 -10.68
N PRO D 251 39.79 -16.71 -11.29
CA PRO D 251 39.27 -17.90 -10.59
C PRO D 251 40.19 -18.45 -9.51
N ILE D 252 41.35 -17.85 -9.28
CA ILE D 252 42.20 -18.23 -8.16
C ILE D 252 41.57 -17.83 -6.85
N ILE D 253 41.14 -16.58 -6.74
CA ILE D 253 40.66 -16.01 -5.47
C ILE D 253 39.17 -16.31 -5.42
N LYS D 254 38.83 -17.52 -5.00
CA LYS D 254 37.42 -17.93 -4.96
C LYS D 254 37.07 -18.65 -3.67
N GLN D 255 38.07 -19.08 -2.90
CA GLN D 255 37.81 -19.84 -1.68
C GLN D 255 38.50 -19.28 -0.46
N SER D 256 38.91 -18.01 -0.48
CA SER D 256 39.59 -17.41 0.65
C SER D 256 39.47 -15.89 0.59
N THR D 257 39.72 -15.25 1.73
CA THR D 257 39.56 -13.80 1.86
C THR D 257 40.93 -13.15 1.98
N ILE D 258 41.15 -12.09 1.19
CA ILE D 258 42.44 -11.39 1.19
C ILE D 258 42.60 -10.59 2.47
N VAL D 259 43.74 -10.77 3.15
CA VAL D 259 43.94 -10.20 4.47
C VAL D 259 45.17 -9.30 4.56
N CYS D 260 46.14 -9.38 3.64
CA CYS D 260 47.40 -8.68 3.83
C CYS D 260 48.06 -8.37 2.50
N HIS D 261 48.93 -7.35 2.52
CA HIS D 261 49.52 -6.81 1.31
C HIS D 261 50.83 -6.12 1.66
N ASN D 262 51.63 -5.84 0.62
CA ASN D 262 52.83 -5.03 0.76
C ASN D 262 53.30 -4.55 -0.60
N ARG D 263 53.96 -3.39 -0.59
CA ARG D 263 54.56 -2.78 -1.77
C ARG D 263 55.94 -3.39 -1.98
N VAL D 264 56.04 -4.33 -2.93
CA VAL D 264 57.30 -5.07 -3.11
C VAL D 264 58.32 -4.19 -3.82
N ASP D 265 58.03 -3.80 -5.00
CA ASP D 265 58.96 -2.96 -5.73
C ASP D 265 58.74 -1.49 -5.38
N PRO D 266 59.81 -0.68 -5.35
CA PRO D 266 59.65 0.72 -4.96
C PRO D 266 58.85 1.57 -5.94
N ASN D 267 58.71 1.15 -7.20
CA ASN D 267 57.77 1.78 -8.12
C ASN D 267 56.42 1.07 -8.11
N GLY D 268 56.19 0.15 -7.17
CA GLY D 268 54.91 -0.51 -7.02
C GLY D 268 54.55 -1.45 -8.14
N SER D 269 55.54 -2.15 -8.71
CA SER D 269 55.26 -2.99 -9.87
C SER D 269 54.62 -4.31 -9.47
N ARG D 270 54.90 -4.79 -8.27
CA ARG D 270 54.41 -6.09 -7.82
C ARG D 270 53.82 -5.96 -6.43
N TYR D 271 52.86 -6.83 -6.12
CA TYR D 271 52.22 -6.84 -4.81
C TYR D 271 51.97 -8.28 -4.39
N LEU D 272 52.24 -8.59 -3.14
CA LEU D 272 51.98 -9.92 -2.59
C LEU D 272 50.70 -9.91 -1.78
N LEU D 273 50.00 -11.04 -1.79
CA LEU D 273 48.73 -11.16 -1.10
C LEU D 273 48.69 -12.48 -0.34
N GLY D 274 48.10 -12.47 0.85
CA GLY D 274 47.86 -13.68 1.61
C GLY D 274 46.39 -14.03 1.63
N ASP D 275 46.00 -14.82 2.63
CA ASP D 275 44.60 -15.16 2.82
C ASP D 275 44.36 -15.59 4.26
N MET D 276 43.15 -16.09 4.50
CA MET D 276 42.75 -16.68 5.78
C MET D 276 43.11 -18.14 5.88
N GLU D 277 43.72 -18.73 4.86
CA GLU D 277 43.98 -20.16 4.86
C GLU D 277 45.42 -20.54 4.53
N GLY D 278 46.32 -19.57 4.36
CA GLY D 278 47.73 -19.89 4.28
C GLY D 278 48.38 -19.65 2.93
N ARG D 279 47.58 -19.37 1.91
CA ARG D 279 48.09 -19.19 0.56
C ARG D 279 48.85 -17.88 0.43
N LEU D 280 49.71 -17.82 -0.57
CA LEU D 280 50.34 -16.57 -0.98
C LEU D 280 50.18 -16.38 -2.48
N PHE D 281 49.77 -15.18 -2.86
CA PHE D 281 49.54 -14.83 -4.26
C PHE D 281 50.52 -13.74 -4.64
N MET D 282 50.52 -13.35 -5.91
CA MET D 282 51.33 -12.22 -6.35
C MET D 282 50.51 -11.40 -7.33
N LEU D 283 50.49 -10.09 -7.14
CA LEU D 283 49.82 -9.20 -8.09
C LEU D 283 50.88 -8.65 -9.03
N LEU D 284 50.76 -8.97 -10.31
CA LEU D 284 51.67 -8.43 -11.31
C LEU D 284 50.97 -7.33 -12.10
N LEU D 285 51.62 -6.18 -12.17
CA LEU D 285 51.09 -5.03 -12.88
C LEU D 285 51.83 -4.86 -14.20
N GLU D 286 51.07 -4.84 -15.29
CA GLU D 286 51.62 -4.63 -16.62
C GLU D 286 51.78 -3.13 -16.85
N LYS D 287 52.99 -2.63 -16.63
CA LYS D 287 53.27 -1.21 -16.81
C LYS D 287 53.27 -0.84 -18.28
N GLU D 288 52.44 0.11 -18.66
CA GLU D 288 52.25 0.49 -20.05
C GLU D 288 52.69 1.93 -20.25
N GLU D 289 53.68 2.13 -21.13
CA GLU D 289 54.11 3.46 -21.55
C GLU D 289 53.33 3.85 -22.80
N GLN D 290 52.25 4.62 -22.58
CA GLN D 290 51.46 5.10 -23.71
C GLN D 290 52.20 6.16 -24.51
N MET D 291 52.77 7.16 -23.82
CA MET D 291 53.51 8.22 -24.48
C MET D 291 54.94 8.26 -23.98
N ASP D 292 55.67 9.32 -24.36
CA ASP D 292 57.05 9.49 -23.92
C ASP D 292 57.16 9.84 -22.44
N GLY D 293 56.06 10.25 -21.81
CA GLY D 293 56.07 10.54 -20.39
C GLY D 293 54.84 10.02 -19.67
N THR D 294 53.96 9.32 -20.39
CA THR D 294 52.71 8.86 -19.80
C THR D 294 52.86 7.43 -19.31
N VAL D 295 52.47 7.19 -18.05
CA VAL D 295 52.55 5.88 -17.41
C VAL D 295 51.12 5.47 -17.08
N THR D 296 50.73 4.26 -17.52
CA THR D 296 49.38 3.77 -17.29
C THR D 296 49.38 2.25 -17.12
N LEU D 297 48.21 1.73 -16.79
CA LEU D 297 48.03 0.31 -16.51
C LEU D 297 47.41 -0.41 -17.70
N LYS D 298 47.82 -1.66 -17.89
CA LYS D 298 47.31 -2.49 -18.98
C LYS D 298 46.65 -3.78 -18.52
N ASP D 299 47.22 -4.48 -17.55
CA ASP D 299 46.72 -5.80 -17.20
C ASP D 299 46.97 -6.08 -15.72
N LEU D 300 46.17 -6.98 -15.18
CA LEU D 300 46.24 -7.40 -13.78
C LEU D 300 46.46 -8.91 -13.77
N ARG D 301 47.56 -9.36 -13.18
CA ARG D 301 47.87 -10.78 -13.12
C ARG D 301 47.91 -11.23 -11.66
N VAL D 302 47.28 -12.37 -11.40
CA VAL D 302 47.28 -12.99 -10.08
C VAL D 302 47.89 -14.38 -10.22
N GLU D 303 49.08 -14.58 -9.65
CA GLU D 303 49.81 -15.83 -9.79
C GLU D 303 49.83 -16.55 -8.45
N LEU D 304 49.44 -17.82 -8.46
CA LEU D 304 49.52 -18.66 -7.28
C LEU D 304 50.96 -18.98 -6.94
N LEU D 305 51.37 -18.69 -5.70
CA LEU D 305 52.77 -18.84 -5.30
C LEU D 305 53.03 -19.94 -4.29
N GLY D 306 52.01 -20.54 -3.69
CA GLY D 306 52.21 -21.64 -2.79
C GLY D 306 51.67 -21.37 -1.40
N GLU D 307 51.95 -22.29 -0.49
CA GLU D 307 51.32 -22.32 0.83
C GLU D 307 52.33 -22.04 1.93
N THR D 308 51.98 -21.12 2.82
CA THR D 308 52.71 -20.80 4.04
C THR D 308 51.75 -20.77 5.22
N SER D 309 52.21 -20.22 6.35
CA SER D 309 51.35 -20.04 7.50
C SER D 309 50.38 -18.88 7.27
N ILE D 310 49.47 -18.71 8.23
CA ILE D 310 48.44 -17.68 8.13
C ILE D 310 49.09 -16.32 8.36
N ALA D 311 49.13 -15.50 7.32
CA ALA D 311 49.90 -14.27 7.39
C ALA D 311 49.08 -13.12 7.98
N GLU D 312 49.73 -12.36 8.86
CA GLU D 312 49.25 -11.05 9.27
C GLU D 312 50.31 -9.98 9.16
N CYS D 313 51.57 -10.35 9.14
CA CYS D 313 52.62 -9.51 8.59
C CYS D 313 52.94 -9.96 7.18
N LEU D 314 53.44 -9.03 6.38
CA LEU D 314 53.88 -9.35 5.03
C LEU D 314 54.93 -8.32 4.64
N THR D 315 56.20 -8.72 4.68
CA THR D 315 57.31 -7.82 4.40
C THR D 315 58.29 -8.51 3.46
N TYR D 316 58.36 -8.04 2.22
CA TYR D 316 59.46 -8.38 1.35
C TYR D 316 60.71 -7.69 1.87
N LEU D 317 61.79 -8.44 2.06
CA LEU D 317 63.02 -7.84 2.57
C LEU D 317 63.95 -7.47 1.42
N ASP D 318 64.50 -8.48 0.75
CA ASP D 318 65.47 -8.31 -0.33
C ASP D 318 65.77 -9.69 -0.90
N ASN D 319 66.16 -9.73 -2.18
CA ASN D 319 66.73 -10.91 -2.84
C ASN D 319 65.77 -12.10 -2.82
N GLY D 320 64.48 -11.82 -2.94
CA GLY D 320 63.48 -12.89 -2.94
C GLY D 320 63.12 -13.42 -1.58
N VAL D 321 63.41 -12.68 -0.51
CA VAL D 321 63.19 -13.16 0.86
C VAL D 321 62.06 -12.34 1.48
N VAL D 322 61.01 -13.03 1.90
CA VAL D 322 59.85 -12.42 2.55
C VAL D 322 59.73 -13.05 3.93
N PHE D 323 59.33 -12.25 4.92
CA PHE D 323 58.95 -12.82 6.20
C PHE D 323 57.43 -12.94 6.28
N VAL D 324 56.96 -14.07 6.82
CA VAL D 324 55.54 -14.30 7.07
C VAL D 324 55.33 -14.21 8.58
N GLY D 325 54.48 -13.29 9.01
CA GLY D 325 54.20 -13.09 10.43
C GLY D 325 52.80 -13.54 10.79
N SER D 326 52.71 -14.39 11.80
CA SER D 326 51.47 -15.03 12.20
C SER D 326 51.15 -14.70 13.65
N ARG D 327 49.90 -14.35 13.91
CA ARG D 327 49.38 -14.47 15.26
C ARG D 327 49.08 -15.92 15.58
N LEU D 328 48.56 -16.65 14.62
CA LEU D 328 47.94 -17.94 14.85
C LEU D 328 48.91 -19.11 14.81
N GLY D 329 50.18 -18.86 14.57
CA GLY D 329 51.17 -19.91 14.71
C GLY D 329 52.29 -19.91 13.70
N ASP D 330 53.52 -20.02 14.20
CA ASP D 330 54.74 -20.27 13.42
C ASP D 330 55.00 -19.15 12.40
N SER D 331 55.28 -17.97 12.93
CA SER D 331 55.77 -16.87 12.10
C SER D 331 57.13 -17.21 11.53
N GLN D 332 57.20 -17.40 10.21
CA GLN D 332 58.39 -17.98 9.60
C GLN D 332 58.88 -17.10 8.47
N LEU D 333 60.14 -17.34 8.10
CA LEU D 333 60.84 -16.60 7.05
C LEU D 333 60.98 -17.48 5.82
N VAL D 334 60.62 -16.94 4.65
CA VAL D 334 60.60 -17.72 3.42
C VAL D 334 61.41 -17.02 2.35
N LYS D 335 61.68 -17.77 1.28
CA LYS D 335 62.48 -17.30 0.16
C LYS D 335 61.75 -17.63 -1.15
N LEU D 336 61.68 -16.65 -2.05
CA LEU D 336 61.03 -16.82 -3.34
C LEU D 336 62.02 -17.32 -4.37
N ASN D 337 61.53 -18.13 -5.31
CA ASN D 337 62.35 -18.65 -6.40
C ASN D 337 62.09 -17.84 -7.67
N VAL D 338 62.68 -18.29 -8.77
CA VAL D 338 62.37 -17.77 -10.10
C VAL D 338 61.68 -18.85 -10.94
N ASP D 339 62.25 -20.05 -10.96
CA ASP D 339 61.57 -21.21 -11.53
C ASP D 339 60.70 -21.88 -10.46
N SER D 340 59.97 -22.91 -10.85
CA SER D 340 59.01 -23.53 -9.94
C SER D 340 59.45 -24.94 -9.58
N ASN D 341 58.80 -25.48 -8.56
CA ASN D 341 58.97 -26.85 -8.11
C ASN D 341 57.81 -27.71 -8.61
N GLU D 342 57.69 -28.91 -8.04
CA GLU D 342 56.65 -29.87 -8.42
C GLU D 342 55.23 -29.39 -8.12
N GLN D 343 55.07 -28.37 -7.27
CA GLN D 343 53.75 -27.85 -6.96
C GLN D 343 53.59 -26.38 -7.30
N GLY D 344 54.50 -25.82 -8.11
CA GLY D 344 54.43 -24.42 -8.49
C GLY D 344 54.92 -23.45 -7.45
N SER D 345 55.32 -23.93 -6.27
CA SER D 345 55.75 -23.05 -5.20
C SER D 345 57.11 -22.45 -5.49
N TYR D 346 57.17 -21.13 -5.50
CA TYR D 346 58.44 -20.43 -5.45
C TYR D 346 58.99 -20.35 -4.04
N VAL D 347 58.19 -20.76 -3.06
CA VAL D 347 58.45 -20.48 -1.65
C VAL D 347 59.44 -21.49 -1.10
N VAL D 348 60.64 -21.02 -0.73
CA VAL D 348 61.64 -21.84 -0.07
C VAL D 348 61.54 -21.63 1.42
N ALA D 349 61.35 -22.72 2.16
CA ALA D 349 61.31 -22.64 3.62
C ALA D 349 62.71 -22.37 4.17
N MET D 350 62.77 -21.55 5.20
CA MET D 350 64.02 -21.25 5.90
C MET D 350 63.80 -21.51 7.38
N GLU D 351 64.72 -21.03 8.22
CA GLU D 351 64.56 -21.16 9.67
C GLU D 351 63.31 -20.42 10.14
N THR D 352 62.72 -20.92 11.22
CA THR D 352 61.44 -20.43 11.70
C THR D 352 61.62 -19.66 13.00
N PHE D 353 60.50 -19.28 13.61
CA PHE D 353 60.49 -18.62 14.90
C PHE D 353 59.39 -19.27 15.73
N THR D 354 59.64 -19.44 17.02
CA THR D 354 58.70 -20.17 17.85
C THR D 354 57.61 -19.25 18.38
N ASN D 355 56.37 -19.62 18.13
CA ASN D 355 55.20 -18.91 18.63
C ASN D 355 54.30 -19.88 19.37
N LEU D 356 53.81 -19.46 20.53
CA LEU D 356 52.67 -20.12 21.15
C LEU D 356 51.34 -19.62 20.60
N GLY D 357 51.16 -18.31 20.53
CA GLY D 357 49.93 -17.74 20.04
C GLY D 357 48.77 -17.97 20.98
N PRO D 358 47.65 -18.40 20.43
CA PRO D 358 46.45 -18.58 21.26
C PRO D 358 46.46 -19.84 22.10
N ILE D 359 46.66 -19.68 23.42
CA ILE D 359 46.54 -20.80 24.33
C ILE D 359 45.07 -20.98 24.68
N VAL D 360 44.57 -22.22 24.57
CA VAL D 360 43.16 -22.49 24.84
C VAL D 360 42.94 -23.41 26.04
N ASP D 361 43.94 -24.20 26.44
CA ASP D 361 43.90 -24.89 27.72
C ASP D 361 45.33 -25.28 28.10
N MET D 362 45.55 -25.50 29.40
CA MET D 362 46.85 -25.93 29.90
C MET D 362 46.65 -27.04 30.93
N CYS D 363 47.74 -27.75 31.21
CA CYS D 363 47.84 -28.57 32.42
C CYS D 363 49.31 -28.71 32.79
N VAL D 364 49.64 -28.35 34.01
CA VAL D 364 51.00 -28.52 34.52
C VAL D 364 51.11 -29.94 35.05
N VAL D 365 51.90 -30.77 34.37
CA VAL D 365 52.03 -32.17 34.76
C VAL D 365 53.48 -32.59 34.59
N ASP D 366 53.96 -33.41 35.52
CA ASP D 366 55.30 -33.96 35.48
C ASP D 366 55.23 -35.36 34.90
N LEU D 367 56.24 -35.74 34.13
CA LEU D 367 56.29 -37.06 33.51
C LEU D 367 57.46 -37.90 33.97
N GLU D 368 58.39 -37.33 34.74
CA GLU D 368 59.54 -38.06 35.24
C GLU D 368 59.60 -38.07 36.75
N ARG D 369 58.52 -37.63 37.42
CA ARG D 369 58.36 -37.65 38.88
C ARG D 369 59.44 -36.87 39.61
N GLN D 370 59.87 -35.75 39.03
CA GLN D 370 60.83 -34.88 39.67
C GLN D 370 60.08 -33.82 40.48
N GLY D 371 60.82 -32.85 41.01
CA GLY D 371 60.20 -31.67 41.56
C GLY D 371 59.81 -30.66 40.50
N GLN D 372 60.34 -30.80 39.29
CA GLN D 372 60.05 -29.92 38.17
C GLN D 372 58.89 -30.49 37.35
N GLY D 373 57.81 -29.73 37.25
CA GLY D 373 56.69 -30.12 36.42
C GLY D 373 56.77 -29.53 35.02
N GLN D 374 56.42 -30.35 34.04
CA GLN D 374 56.40 -29.93 32.65
C GLN D 374 55.09 -29.23 32.37
N LEU D 375 55.00 -28.61 31.19
CA LEU D 375 53.86 -27.78 30.83
C LEU D 375 53.43 -28.10 29.42
N VAL D 376 52.16 -28.46 29.25
CA VAL D 376 51.61 -28.82 27.95
C VAL D 376 50.47 -27.84 27.65
N THR D 377 50.73 -26.90 26.74
CA THR D 377 49.75 -25.91 26.34
C THR D 377 49.27 -26.20 24.93
N CYS D 378 47.95 -26.18 24.74
CA CYS D 378 47.39 -26.29 23.40
C CYS D 378 47.62 -24.98 22.66
N SER D 379 48.23 -25.04 21.49
CA SER D 379 48.57 -23.83 20.76
C SER D 379 48.21 -23.95 19.29
N GLY D 380 48.01 -22.79 18.66
CA GLY D 380 47.78 -22.75 17.23
C GLY D 380 46.33 -22.53 16.84
N ALA D 381 46.08 -22.82 15.56
CA ALA D 381 44.80 -22.52 14.92
C ALA D 381 44.57 -23.55 13.82
N PHE D 382 43.74 -23.17 12.83
CA PHE D 382 43.14 -24.03 11.81
C PHE D 382 44.08 -25.04 11.14
N LYS D 383 45.31 -24.64 10.83
CA LYS D 383 46.31 -25.60 10.40
C LYS D 383 47.64 -25.42 11.11
N GLU D 384 47.75 -24.45 12.02
CA GLU D 384 48.93 -24.30 12.84
C GLU D 384 48.80 -25.01 14.18
N GLY D 385 47.91 -25.99 14.26
CA GLY D 385 47.57 -26.58 15.55
C GLY D 385 48.66 -27.52 16.03
N SER D 386 49.12 -27.30 17.25
CA SER D 386 50.28 -27.99 17.78
C SER D 386 50.32 -27.84 19.28
N LEU D 387 50.49 -28.95 19.99
CA LEU D 387 50.88 -28.87 21.38
C LEU D 387 52.32 -28.38 21.46
N ARG D 388 52.64 -27.64 22.51
CA ARG D 388 54.00 -27.20 22.74
C ARG D 388 54.36 -27.47 24.18
N ILE D 389 55.56 -28.02 24.39
CA ILE D 389 56.00 -28.47 25.70
C ILE D 389 57.02 -27.48 26.22
N ILE D 390 56.73 -26.85 27.35
CA ILE D 390 57.57 -25.80 27.91
C ILE D 390 58.14 -26.30 29.23
N ARG D 391 59.47 -26.30 29.33
CA ARG D 391 60.17 -26.84 30.48
C ARG D 391 61.31 -25.91 30.88
N ASN D 392 61.53 -25.78 32.19
CA ASN D 392 62.71 -25.11 32.68
C ASN D 392 63.96 -25.95 32.40
N GLY D 393 65.10 -25.30 32.46
CA GLY D 393 66.37 -26.00 32.38
C GLY D 393 66.73 -26.45 30.99
N ILE D 394 67.67 -27.40 30.95
CA ILE D 394 68.21 -27.96 29.71
C ILE D 394 67.91 -29.44 29.68
N GLY D 395 67.37 -29.92 28.56
CA GLY D 395 66.96 -31.29 28.42
C GLY D 395 68.06 -32.27 28.09
N ILE D 396 68.87 -32.64 29.08
CA ILE D 396 69.83 -33.72 28.90
C ILE D 396 69.05 -35.03 28.98
N HIS D 397 68.60 -35.52 27.82
CA HIS D 397 67.84 -36.76 27.74
C HIS D 397 68.45 -37.77 26.79
N GLU D 398 69.28 -37.34 25.84
CA GLU D 398 69.98 -38.25 24.93
C GLU D 398 71.30 -38.63 25.60
N HIS D 399 71.19 -39.53 26.59
CA HIS D 399 72.31 -39.91 27.42
C HIS D 399 72.44 -41.42 27.50
N ALA D 400 73.68 -41.90 27.46
CA ALA D 400 73.97 -43.31 27.68
C ALA D 400 74.13 -43.59 29.17
N SER D 401 73.90 -44.84 29.55
CA SER D 401 73.97 -45.26 30.94
C SER D 401 75.19 -46.14 31.15
N ILE D 402 76.18 -45.64 31.89
CA ILE D 402 77.39 -46.37 32.25
C ILE D 402 77.58 -46.23 33.76
N ASP D 403 77.78 -47.35 34.44
CA ASP D 403 77.79 -47.37 35.90
C ASP D 403 79.21 -47.11 36.40
N LEU D 404 79.50 -45.83 36.62
CA LEU D 404 80.77 -45.41 37.24
C LEU D 404 80.50 -44.23 38.17
N PRO D 405 80.12 -44.48 39.43
CA PRO D 405 79.87 -43.38 40.35
C PRO D 405 81.11 -42.95 41.13
N GLY D 406 81.27 -41.64 41.26
CA GLY D 406 82.37 -41.09 42.05
C GLY D 406 83.74 -41.24 41.44
N ILE D 407 83.82 -41.55 40.15
CA ILE D 407 85.09 -41.75 39.45
C ILE D 407 85.72 -40.38 39.21
N LYS D 408 87.05 -40.33 39.28
CA LYS D 408 87.78 -39.06 39.28
C LYS D 408 88.01 -38.47 37.91
N GLY D 409 88.39 -39.28 36.92
CA GLY D 409 88.71 -38.71 35.62
C GLY D 409 88.78 -39.69 34.47
N LEU D 410 88.22 -39.29 33.33
CA LEU D 410 88.27 -40.07 32.10
C LEU D 410 88.96 -39.23 31.03
N TRP D 411 90.04 -39.75 30.48
CA TRP D 411 90.87 -38.98 29.56
C TRP D 411 91.18 -39.78 28.30
N PRO D 412 91.13 -39.16 27.13
CA PRO D 412 91.22 -39.91 25.88
C PRO D 412 92.62 -40.43 25.58
N LEU D 413 92.65 -41.45 24.72
CA LEU D 413 93.86 -42.02 24.16
C LEU D 413 93.54 -42.44 22.74
N ARG D 414 94.17 -41.80 21.76
CA ARG D 414 93.79 -41.99 20.37
C ARG D 414 94.92 -42.67 19.60
N SER D 415 94.58 -43.12 18.39
CA SER D 415 95.55 -43.66 17.44
C SER D 415 95.41 -43.09 16.04
N ASP D 416 94.27 -42.54 15.67
CA ASP D 416 94.10 -41.89 14.38
C ASP D 416 94.64 -40.47 14.46
N PRO D 417 95.66 -40.10 13.67
CA PRO D 417 96.24 -38.76 13.81
C PRO D 417 95.36 -37.65 13.28
N ASN D 418 94.51 -37.94 12.29
CA ASN D 418 93.78 -36.89 11.58
C ASN D 418 92.29 -36.89 11.92
N ARG D 419 91.81 -37.88 12.67
CA ARG D 419 90.43 -37.90 13.15
C ARG D 419 90.39 -38.34 14.60
N GLU D 420 89.18 -38.34 15.16
CA GLU D 420 88.93 -38.83 16.51
C GLU D 420 88.63 -40.33 16.54
N THR D 421 88.90 -41.04 15.45
CA THR D 421 88.51 -42.44 15.32
C THR D 421 89.37 -43.33 16.21
N ASP D 422 88.73 -44.32 16.83
CA ASP D 422 89.33 -45.32 17.72
C ASP D 422 89.99 -44.65 18.94
N ASP D 423 89.15 -44.03 19.75
CA ASP D 423 89.58 -43.33 20.95
C ASP D 423 89.33 -44.23 22.16
N THR D 424 90.40 -44.71 22.77
CA THR D 424 90.31 -45.40 24.04
C THR D 424 90.48 -44.38 25.17
N LEU D 425 90.09 -44.78 26.38
CA LEU D 425 89.99 -43.85 27.49
C LEU D 425 90.96 -44.24 28.61
N VAL D 426 90.96 -43.44 29.67
CA VAL D 426 91.75 -43.69 30.87
C VAL D 426 90.81 -43.74 32.06
N LEU D 427 90.72 -44.89 32.72
CA LEU D 427 90.00 -45.00 33.98
C LEU D 427 90.98 -44.69 35.12
N SER D 428 90.66 -43.66 35.89
CA SER D 428 91.56 -43.16 36.94
C SER D 428 90.82 -43.15 38.27
N PHE D 429 91.04 -44.17 39.08
CA PHE D 429 90.66 -44.15 40.48
C PHE D 429 91.77 -43.47 41.29
N VAL D 430 91.68 -43.54 42.61
CA VAL D 430 92.78 -43.08 43.46
C VAL D 430 93.46 -44.33 44.02
N GLY D 431 94.53 -44.77 43.36
CA GLY D 431 95.20 -45.99 43.70
C GLY D 431 94.97 -47.13 42.72
N GLN D 432 93.88 -47.09 41.97
CA GLN D 432 93.58 -48.08 40.95
C GLN D 432 93.50 -47.38 39.60
N THR D 433 93.67 -48.16 38.53
CA THR D 433 93.65 -47.63 37.18
C THR D 433 93.29 -48.73 36.18
N ARG D 434 92.53 -48.36 35.16
CA ARG D 434 92.17 -49.25 34.05
C ARG D 434 92.14 -48.41 32.76
N VAL D 435 91.89 -49.09 31.64
CA VAL D 435 91.79 -48.44 30.33
C VAL D 435 90.43 -48.79 29.73
N LEU D 436 89.68 -47.77 29.33
CA LEU D 436 88.30 -47.94 28.89
C LEU D 436 88.17 -47.72 27.39
N MET D 437 87.23 -48.44 26.78
CA MET D 437 86.82 -48.23 25.40
C MET D 437 85.37 -47.75 25.37
N LEU D 438 84.89 -47.44 24.16
CA LEU D 438 83.54 -46.95 23.96
C LEU D 438 82.96 -47.52 22.67
N ASN D 439 81.96 -48.38 22.79
CA ASN D 439 81.17 -48.81 21.64
C ASN D 439 79.88 -48.00 21.56
N GLY D 440 80.04 -46.69 21.39
CA GLY D 440 78.88 -45.82 21.42
C GLY D 440 78.35 -45.63 22.82
N GLU D 441 77.22 -46.27 23.12
CA GLU D 441 76.60 -46.15 24.43
C GLU D 441 77.21 -47.10 25.47
N GLU D 442 78.00 -48.08 25.06
CA GLU D 442 78.56 -49.07 25.97
C GLU D 442 80.08 -48.99 26.00
N VAL D 443 80.66 -49.64 27.01
CA VAL D 443 82.07 -49.51 27.33
C VAL D 443 82.75 -50.87 27.26
N GLU D 444 84.08 -50.84 27.12
CA GLU D 444 84.92 -52.03 27.18
C GLU D 444 86.20 -51.68 27.94
N GLU D 445 86.62 -52.59 28.82
CA GLU D 445 87.80 -52.39 29.64
C GLU D 445 88.95 -53.23 29.11
N THR D 446 90.14 -52.64 29.06
CA THR D 446 91.31 -53.28 28.47
C THR D 446 92.57 -52.69 29.10
N GLU D 447 93.73 -52.96 28.49
CA GLU D 447 95.01 -52.38 28.86
C GLU D 447 95.78 -52.09 27.58
N LEU D 448 96.03 -50.82 27.29
CA LEU D 448 96.58 -50.43 25.99
C LEU D 448 98.01 -49.92 26.04
N MET D 449 98.28 -48.89 26.84
CA MET D 449 99.55 -48.17 26.72
C MET D 449 100.70 -48.92 27.37
N GLY D 450 100.62 -49.14 28.68
CA GLY D 450 101.71 -49.71 29.44
C GLY D 450 102.40 -48.74 30.37
N PHE D 451 102.12 -47.45 30.26
CA PHE D 451 102.65 -46.48 31.20
C PHE D 451 101.78 -46.37 32.44
N VAL D 452 100.47 -46.17 32.23
CA VAL D 452 99.55 -45.86 33.31
C VAL D 452 98.66 -47.06 33.60
N ASP D 453 99.15 -48.26 33.28
CA ASP D 453 98.48 -49.50 33.66
C ASP D 453 98.86 -49.95 35.07
N ASP D 454 99.53 -49.12 35.84
CA ASP D 454 99.93 -49.44 37.21
C ASP D 454 99.48 -48.41 38.23
N GLN D 455 99.48 -47.13 37.88
CA GLN D 455 99.22 -46.05 38.82
C GLN D 455 98.22 -45.06 38.22
N GLN D 456 97.71 -44.18 39.07
CA GLN D 456 96.62 -43.28 38.73
C GLN D 456 97.07 -42.19 37.77
N THR D 457 96.08 -41.55 37.12
CA THR D 457 96.28 -40.34 36.35
C THR D 457 95.38 -39.25 36.92
N PHE D 458 95.68 -38.00 36.56
CA PHE D 458 94.81 -36.88 36.88
C PHE D 458 94.34 -36.14 35.64
N PHE D 459 95.25 -35.78 34.75
CA PHE D 459 94.92 -34.96 33.59
C PHE D 459 95.72 -35.44 32.39
N CYS D 460 95.03 -35.89 31.34
CA CYS D 460 95.68 -36.35 30.11
C CYS D 460 94.88 -35.80 28.92
N GLY D 461 95.26 -34.62 28.45
CA GLY D 461 94.54 -33.93 27.41
C GLY D 461 94.87 -34.42 26.01
N ASN D 462 94.82 -33.49 25.06
CA ASN D 462 95.06 -33.79 23.65
C ASN D 462 95.96 -32.71 23.07
N VAL D 463 97.22 -33.06 22.81
CA VAL D 463 98.16 -32.11 22.23
C VAL D 463 97.88 -31.97 20.73
N ALA D 464 97.85 -30.73 20.24
CA ALA D 464 97.62 -30.46 18.83
C ALA D 464 98.80 -30.83 17.95
N HIS D 465 99.95 -31.17 18.54
CA HIS D 465 101.07 -31.75 17.80
C HIS D 465 100.97 -33.28 17.71
N GLN D 466 99.76 -33.83 17.83
CA GLN D 466 99.46 -35.27 17.78
C GLN D 466 100.20 -36.02 18.88
N GLN D 467 100.30 -35.39 20.05
CA GLN D 467 100.96 -35.97 21.20
C GLN D 467 99.93 -36.08 22.33
N LEU D 468 100.41 -36.46 23.52
CA LEU D 468 99.56 -36.53 24.69
C LEU D 468 100.46 -36.40 25.91
N ILE D 469 99.87 -35.98 27.02
CA ILE D 469 100.60 -35.75 28.26
C ILE D 469 100.13 -36.79 29.28
N GLN D 470 101.05 -37.63 29.73
CA GLN D 470 100.78 -38.65 30.73
C GLN D 470 101.48 -38.28 32.03
N ILE D 471 100.73 -38.34 33.13
CA ILE D 471 101.24 -38.01 34.45
C ILE D 471 100.91 -39.20 35.35
N THR D 472 101.95 -39.85 35.88
CA THR D 472 101.77 -41.12 36.58
C THR D 472 102.04 -41.01 38.07
N SER D 473 103.26 -40.67 38.48
CA SER D 473 103.56 -40.45 39.89
C SER D 473 104.12 -39.06 40.16
N ALA D 474 105.23 -38.69 39.52
CA ALA D 474 105.90 -37.44 39.81
C ALA D 474 106.48 -36.77 38.57
N SER D 475 106.26 -37.33 37.39
CA SER D 475 106.94 -36.88 36.20
C SER D 475 105.96 -36.79 35.04
N VAL D 476 106.27 -35.90 34.10
CA VAL D 476 105.45 -35.68 32.92
C VAL D 476 106.20 -36.22 31.71
N ARG D 477 105.44 -36.58 30.67
CA ARG D 477 106.02 -37.22 29.50
C ARG D 477 105.15 -36.95 28.27
N LEU D 478 105.78 -37.03 27.11
CA LEU D 478 105.07 -36.92 25.84
C LEU D 478 104.79 -38.31 25.28
N VAL D 479 103.81 -38.37 24.38
CA VAL D 479 103.27 -39.64 23.89
C VAL D 479 103.33 -39.64 22.37
N SER D 480 103.93 -40.69 21.80
CA SER D 480 103.99 -40.90 20.36
C SER D 480 102.73 -41.63 19.91
N GLN D 481 102.74 -42.21 18.72
CA GLN D 481 101.58 -42.95 18.21
C GLN D 481 101.48 -44.29 18.95
N GLU D 482 100.90 -44.23 20.16
CA GLU D 482 100.73 -45.31 21.14
C GLU D 482 102.01 -46.07 21.44
N PRO D 483 102.99 -45.48 22.16
CA PRO D 483 104.23 -46.20 22.43
C PRO D 483 104.17 -47.07 23.68
N LYS D 484 105.26 -47.77 23.97
CA LYS D 484 105.45 -48.45 25.25
C LYS D 484 106.71 -48.00 25.98
N ALA D 485 107.58 -47.26 25.31
CA ALA D 485 108.75 -46.65 25.93
C ALA D 485 108.57 -45.13 25.93
N LEU D 486 109.23 -44.47 26.87
CA LEU D 486 109.03 -43.06 27.10
C LEU D 486 109.62 -42.21 25.97
N VAL D 487 108.87 -41.20 25.55
CA VAL D 487 109.38 -40.26 24.56
C VAL D 487 110.34 -39.27 25.22
N SER D 488 109.82 -38.47 26.16
CA SER D 488 110.67 -37.62 26.97
C SER D 488 110.01 -37.49 28.34
N GLU D 489 110.40 -38.35 29.28
CA GLU D 489 109.86 -38.30 30.63
C GLU D 489 110.74 -37.35 31.45
N TRP D 490 110.28 -36.10 31.57
CA TRP D 490 110.98 -35.12 32.40
C TRP D 490 110.66 -35.41 33.86
N LYS D 491 111.68 -35.81 34.62
CA LYS D 491 111.52 -36.08 36.03
C LYS D 491 111.39 -34.76 36.81
N GLU D 492 110.92 -34.89 38.04
CA GLU D 492 110.86 -33.73 38.93
C GLU D 492 112.05 -33.77 39.89
N PRO D 493 112.75 -32.65 40.09
CA PRO D 493 113.86 -32.65 41.07
C PRO D 493 113.43 -32.43 42.51
N GLN D 494 112.34 -33.09 42.94
CA GLN D 494 111.91 -33.07 44.33
C GLN D 494 111.56 -34.45 44.89
N ALA D 495 111.23 -35.43 44.03
CA ALA D 495 110.90 -36.82 44.40
C ALA D 495 109.73 -36.88 45.37
N LYS D 496 108.67 -36.14 45.07
CA LYS D 496 107.48 -36.08 45.90
C LYS D 496 106.27 -36.43 45.07
N ASN D 497 105.17 -36.76 45.75
CA ASN D 497 103.90 -36.97 45.10
C ASN D 497 103.35 -35.66 44.59
N ILE D 498 102.79 -35.66 43.39
CA ILE D 498 102.20 -34.46 42.82
C ILE D 498 100.90 -34.15 43.54
N SER D 499 100.79 -32.94 44.09
CA SER D 499 99.56 -32.53 44.75
C SER D 499 98.43 -32.33 43.75
N VAL D 500 98.59 -31.35 42.86
CA VAL D 500 97.62 -31.10 41.78
C VAL D 500 98.41 -30.85 40.50
N ALA D 501 98.23 -31.71 39.51
CA ALA D 501 98.78 -31.51 38.18
C ALA D 501 97.71 -30.93 37.27
N SER D 502 98.11 -30.60 36.04
CA SER D 502 97.22 -30.12 34.99
C SER D 502 97.98 -30.22 33.67
N CYS D 503 97.23 -30.16 32.57
CA CYS D 503 97.82 -30.27 31.24
C CYS D 503 97.03 -29.41 30.26
N ASN D 504 97.58 -29.28 29.05
CA ASN D 504 96.95 -28.50 28.00
C ASN D 504 97.38 -29.13 26.67
N SER D 505 97.22 -28.39 25.57
CA SER D 505 97.63 -28.84 24.25
C SER D 505 98.98 -28.27 23.81
N SER D 506 99.57 -27.34 24.59
CA SER D 506 100.85 -26.77 24.22
C SER D 506 101.77 -26.58 25.42
N GLN D 507 101.39 -27.03 26.61
CA GLN D 507 102.11 -26.71 27.83
C GLN D 507 101.67 -27.66 28.94
N VAL D 508 102.53 -27.83 29.93
CA VAL D 508 102.26 -28.65 31.10
C VAL D 508 102.41 -27.76 32.33
N VAL D 509 101.38 -27.75 33.18
CA VAL D 509 101.38 -26.98 34.42
C VAL D 509 101.15 -27.95 35.57
N VAL D 510 102.19 -28.22 36.36
CA VAL D 510 102.13 -29.17 37.45
C VAL D 510 102.55 -28.46 38.74
N ALA D 511 101.71 -28.57 39.78
CA ALA D 511 101.99 -27.98 41.07
C ALA D 511 102.18 -29.10 42.10
N VAL D 512 103.32 -29.10 42.77
CA VAL D 512 103.66 -30.10 43.78
C VAL D 512 103.89 -29.35 45.07
N GLY D 513 102.92 -29.42 45.99
CA GLY D 513 102.99 -28.64 47.20
C GLY D 513 102.78 -27.17 46.89
N ARG D 514 103.86 -26.39 46.98
CA ARG D 514 103.84 -25.00 46.55
C ARG D 514 104.65 -24.73 45.29
N ALA D 515 105.50 -25.66 44.87
CA ALA D 515 106.32 -25.46 43.68
C ALA D 515 105.47 -25.61 42.42
N LEU D 516 105.46 -24.56 41.59
CA LEU D 516 104.64 -24.53 40.38
C LEU D 516 105.54 -24.56 39.16
N TYR D 517 105.44 -25.63 38.38
CA TYR D 517 106.34 -25.89 37.27
C TYR D 517 105.70 -25.53 35.94
N TYR D 518 106.52 -25.58 34.88
CA TYR D 518 106.09 -25.27 33.53
C TYR D 518 106.96 -26.03 32.53
N LEU D 519 106.32 -26.59 31.51
CA LEU D 519 107.02 -27.32 30.46
C LEU D 519 106.63 -26.73 29.11
N GLN D 520 107.60 -26.58 28.23
CA GLN D 520 107.36 -26.11 26.87
C GLN D 520 107.36 -27.32 25.94
N ILE D 521 106.23 -27.59 25.31
CA ILE D 521 106.10 -28.74 24.43
C ILE D 521 106.70 -28.38 23.08
N HIS D 522 107.92 -28.83 22.85
CA HIS D 522 108.58 -28.93 21.56
C HIS D 522 108.11 -30.21 20.87
N PRO D 523 108.49 -30.45 19.58
CA PRO D 523 108.27 -31.79 19.05
C PRO D 523 109.17 -32.82 19.72
N GLN D 524 108.54 -33.65 20.57
CA GLN D 524 109.17 -34.73 21.34
C GLN D 524 110.29 -34.22 22.24
N GLU D 525 110.03 -33.12 22.95
CA GLU D 525 110.98 -32.56 23.91
C GLU D 525 110.23 -31.71 24.92
N LEU D 526 110.53 -31.92 26.20
CA LEU D 526 109.96 -31.13 27.30
C LEU D 526 111.09 -30.29 27.90
N ARG D 527 110.93 -28.96 27.80
CA ARG D 527 111.96 -28.02 28.23
C ARG D 527 111.42 -27.10 29.31
N GLN D 528 112.22 -26.86 30.34
CA GLN D 528 111.84 -25.99 31.45
C GLN D 528 112.18 -24.54 31.10
N ILE D 529 111.25 -23.63 31.35
CA ILE D 529 111.45 -22.22 31.08
C ILE D 529 111.23 -21.37 32.32
N SER D 530 110.03 -21.46 32.91
CA SER D 530 109.64 -20.59 34.00
C SER D 530 109.38 -21.42 35.25
N HIS D 531 109.35 -20.72 36.39
CA HIS D 531 109.14 -21.32 37.69
C HIS D 531 108.73 -20.24 38.68
N THR D 532 107.72 -20.55 39.50
CA THR D 532 107.29 -19.67 40.57
C THR D 532 106.80 -20.52 41.73
N GLU D 533 106.68 -19.89 42.90
CA GLU D 533 106.34 -20.58 44.13
C GLU D 533 105.18 -19.88 44.82
N MET D 534 104.36 -20.67 45.49
CA MET D 534 103.19 -20.18 46.19
C MET D 534 103.45 -20.09 47.68
N GLU D 535 102.70 -19.19 48.35
CA GLU D 535 102.86 -19.01 49.78
C GLU D 535 102.20 -20.12 50.59
N HIS D 536 101.21 -20.81 50.03
CA HIS D 536 100.58 -21.97 50.67
C HIS D 536 100.57 -23.12 49.67
N GLU D 537 100.03 -24.25 50.11
CA GLU D 537 99.95 -25.42 49.25
C GLU D 537 98.79 -25.29 48.28
N VAL D 538 98.95 -25.91 47.11
CA VAL D 538 98.02 -25.72 46.00
C VAL D 538 96.80 -26.60 46.20
N ALA D 539 95.61 -25.99 46.21
CA ALA D 539 94.37 -26.74 46.36
C ALA D 539 93.94 -27.37 45.04
N CYS D 540 94.02 -26.63 43.95
CA CYS D 540 93.62 -27.12 42.64
C CYS D 540 94.30 -26.29 41.56
N LEU D 541 94.16 -26.75 40.32
CA LEU D 541 94.64 -26.02 39.14
C LEU D 541 93.61 -26.13 38.04
N ASP D 542 93.54 -25.10 37.20
CA ASP D 542 92.60 -25.03 36.10
C ASP D 542 93.30 -24.47 34.87
N ILE D 543 93.05 -25.10 33.72
CA ILE D 543 93.56 -24.63 32.43
C ILE D 543 92.42 -24.65 31.43
N THR D 544 92.14 -23.48 30.83
CA THR D 544 91.10 -23.34 29.84
C THR D 544 91.69 -23.00 28.47
N PRO D 545 91.12 -23.53 27.37
CA PRO D 545 91.63 -23.19 26.04
C PRO D 545 91.21 -21.79 25.58
N LEU D 546 92.01 -20.78 25.95
CA LEU D 546 91.62 -19.39 25.70
C LEU D 546 91.76 -19.03 24.22
N GLY D 547 92.98 -19.07 23.68
CA GLY D 547 93.24 -18.43 22.40
C GLY D 547 94.03 -19.29 21.44
N ASP D 548 93.90 -18.94 20.16
CA ASP D 548 94.64 -19.41 18.99
C ASP D 548 94.37 -20.86 18.62
N SER D 549 93.46 -21.56 19.32
CA SER D 549 93.25 -23.00 19.22
C SER D 549 94.54 -23.79 19.41
N ASN D 550 95.41 -23.28 20.30
CA ASN D 550 96.75 -23.80 20.50
C ASN D 550 96.99 -24.31 21.91
N GLY D 551 96.46 -23.63 22.92
CA GLY D 551 96.77 -23.95 24.30
C GLY D 551 97.59 -22.91 25.01
N LEU D 552 97.80 -21.74 24.41
CA LEU D 552 98.51 -20.66 25.07
C LEU D 552 97.53 -19.77 25.83
N SER D 553 97.75 -19.61 27.12
CA SER D 553 96.85 -18.86 27.99
C SER D 553 97.63 -17.76 28.69
N PRO D 554 97.32 -16.47 28.43
CA PRO D 554 98.05 -15.38 29.10
C PRO D 554 97.76 -15.26 30.59
N LEU D 555 96.74 -15.93 31.10
CA LEU D 555 96.37 -15.84 32.51
C LEU D 555 96.60 -17.18 33.19
N CYS D 556 96.54 -17.15 34.52
CA CYS D 556 96.67 -18.36 35.34
C CYS D 556 95.60 -18.37 36.42
N ALA D 557 95.43 -19.53 37.04
CA ALA D 557 94.49 -19.72 38.14
C ALA D 557 95.25 -20.32 39.32
N ILE D 558 95.08 -19.73 40.51
CA ILE D 558 95.79 -20.14 41.71
C ILE D 558 94.77 -20.37 42.82
N GLY D 559 94.82 -21.54 43.43
CA GLY D 559 94.02 -21.83 44.61
C GLY D 559 94.89 -22.39 45.71
N LEU D 560 94.51 -22.09 46.95
CA LEU D 560 95.28 -22.49 48.12
C LEU D 560 94.41 -23.22 49.12
N TRP D 561 95.05 -24.06 49.93
CA TRP D 561 94.36 -24.80 50.96
C TRP D 561 94.05 -23.89 52.15
N THR D 562 92.78 -23.91 52.58
CA THR D 562 92.25 -23.10 53.70
C THR D 562 92.49 -21.61 53.52
N ASP D 563 92.51 -21.15 52.27
CA ASP D 563 92.84 -19.76 51.96
C ASP D 563 92.32 -19.46 50.56
N ILE D 564 91.36 -18.55 50.47
CA ILE D 564 90.83 -18.14 49.17
C ILE D 564 91.87 -17.30 48.46
N SER D 565 92.34 -17.78 47.31
CA SER D 565 93.41 -17.14 46.55
C SER D 565 92.84 -16.66 45.21
N ALA D 566 92.97 -15.37 44.94
CA ALA D 566 92.67 -14.80 43.63
C ALA D 566 93.94 -14.41 42.89
N ARG D 567 95.03 -15.14 43.14
CA ARG D 567 96.33 -14.84 42.55
C ARG D 567 96.32 -15.19 41.07
N ILE D 568 96.77 -14.26 40.23
CA ILE D 568 96.67 -14.36 38.78
C ILE D 568 98.06 -14.14 38.20
N LEU D 569 98.55 -15.09 37.42
CA LEU D 569 99.89 -15.07 36.87
C LEU D 569 99.86 -15.09 35.36
N LYS D 570 100.94 -14.63 34.74
CA LYS D 570 101.13 -14.70 33.30
C LYS D 570 101.79 -16.05 33.00
N LEU D 571 100.96 -17.10 32.99
CA LEU D 571 101.26 -18.53 33.01
C LEU D 571 102.41 -19.01 32.11
N PRO D 572 102.67 -18.47 30.88
CA PRO D 572 103.93 -18.83 30.20
C PRO D 572 105.19 -18.36 30.91
N SER D 573 105.10 -17.21 31.58
CA SER D 573 106.24 -16.64 32.29
C SER D 573 106.04 -16.56 33.80
N PHE D 574 104.80 -16.64 34.27
CA PHE D 574 104.39 -16.49 35.67
C PHE D 574 104.84 -15.14 36.24
N GLU D 575 104.33 -14.09 35.59
CA GLU D 575 104.51 -12.71 36.04
C GLU D 575 103.31 -12.31 36.88
N LEU D 576 103.57 -11.62 37.99
CA LEU D 576 102.49 -11.22 38.89
C LEU D 576 101.66 -10.10 38.25
N LEU D 577 100.38 -10.38 38.05
CA LEU D 577 99.46 -9.43 37.43
C LEU D 577 98.41 -8.89 38.39
N HIS D 578 97.79 -9.77 39.18
CA HIS D 578 96.82 -9.33 40.17
C HIS D 578 96.99 -10.19 41.43
N LYS D 579 97.07 -9.54 42.58
CA LYS D 579 97.24 -10.20 43.86
C LYS D 579 96.13 -9.73 44.79
N GLU D 580 95.22 -10.64 45.14
CA GLU D 580 94.15 -10.36 46.09
C GLU D 580 93.93 -11.60 46.94
N MET D 581 94.05 -11.45 48.26
CA MET D 581 93.87 -12.55 49.20
C MET D 581 92.64 -12.25 50.04
N LEU D 582 91.54 -12.98 49.77
CA LEU D 582 90.31 -12.78 50.51
C LEU D 582 90.43 -13.34 51.93
N GLY D 583 90.84 -14.60 52.04
CA GLY D 583 91.00 -15.24 53.32
C GLY D 583 89.77 -16.03 53.75
N GLY D 584 89.97 -17.10 54.51
CA GLY D 584 88.86 -17.90 54.96
C GLY D 584 89.05 -19.39 54.77
N GLU D 585 88.20 -20.18 55.44
CA GLU D 585 88.33 -21.63 55.46
C GLU D 585 87.76 -22.31 54.22
N ILE D 586 87.01 -21.57 53.40
CA ILE D 586 86.36 -22.16 52.24
C ILE D 586 87.38 -22.39 51.13
N ILE D 587 87.53 -23.64 50.70
CA ILE D 587 88.51 -23.98 49.67
C ILE D 587 87.88 -23.86 48.29
N PRO D 588 88.49 -23.09 47.38
CA PRO D 588 87.93 -22.96 46.03
C PRO D 588 88.54 -23.93 45.03
N ARG D 589 87.70 -24.49 44.15
CA ARG D 589 88.18 -25.05 42.89
C ARG D 589 88.38 -23.86 41.95
N SER D 590 89.65 -23.52 41.71
CA SER D 590 90.16 -22.16 41.64
C SER D 590 89.37 -21.15 40.81
N ILE D 591 89.41 -21.26 39.48
CA ILE D 591 88.90 -20.23 38.57
C ILE D 591 88.53 -20.90 37.24
N LEU D 592 87.33 -20.64 36.75
CA LEU D 592 86.97 -20.98 35.38
C LEU D 592 87.07 -19.73 34.51
N MET D 593 87.88 -19.81 33.45
CA MET D 593 88.11 -18.69 32.54
C MET D 593 87.39 -18.95 31.24
N THR D 594 86.32 -18.20 30.98
CA THR D 594 85.64 -18.24 29.69
C THR D 594 85.07 -16.86 29.39
N THR D 595 85.32 -16.36 28.18
CA THR D 595 84.71 -15.13 27.72
C THR D 595 83.32 -15.41 27.17
N PHE D 596 82.32 -14.75 27.74
CA PHE D 596 80.92 -14.97 27.36
C PHE D 596 80.46 -13.97 26.30
N GLU D 597 81.23 -13.90 25.19
CA GLU D 597 81.01 -13.12 23.98
C GLU D 597 81.12 -11.61 24.17
N SER D 598 81.28 -11.11 25.41
CA SER D 598 81.42 -9.68 25.64
C SER D 598 82.57 -9.31 26.56
N SER D 599 82.92 -10.13 27.55
CA SER D 599 83.94 -9.76 28.51
C SER D 599 84.52 -11.04 29.13
N HIS D 600 85.80 -11.00 29.44
CA HIS D 600 86.42 -12.09 30.17
C HIS D 600 86.02 -11.99 31.64
N TYR D 601 85.51 -13.10 32.19
CA TYR D 601 85.17 -13.19 33.59
C TYR D 601 86.07 -14.22 34.26
N LEU D 602 86.07 -14.20 35.59
CA LEU D 602 86.64 -15.28 36.38
C LEU D 602 85.50 -15.93 37.16
N LEU D 603 85.48 -17.25 37.18
CA LEU D 603 84.37 -18.02 37.75
C LEU D 603 84.97 -18.95 38.80
N CYS D 604 84.85 -18.58 40.07
CA CYS D 604 85.46 -19.31 41.17
C CYS D 604 84.47 -20.32 41.73
N ALA D 605 84.87 -21.59 41.78
CA ALA D 605 84.04 -22.66 42.31
C ALA D 605 84.41 -22.90 43.76
N LEU D 606 83.70 -22.21 44.66
CA LEU D 606 84.05 -22.26 46.07
C LEU D 606 83.53 -23.55 46.71
N GLY D 607 84.06 -23.83 47.90
CA GLY D 607 83.58 -24.95 48.68
C GLY D 607 82.25 -24.66 49.34
N ASP D 608 81.55 -25.76 49.68
CA ASP D 608 80.27 -25.75 50.42
C ASP D 608 79.18 -24.97 49.67
N GLY D 609 79.22 -25.02 48.34
CA GLY D 609 78.18 -24.43 47.52
C GLY D 609 78.15 -22.93 47.54
N ALA D 610 79.24 -22.28 47.12
CA ALA D 610 79.29 -20.83 47.02
C ALA D 610 79.86 -20.43 45.68
N LEU D 611 79.49 -19.24 45.22
CA LEU D 611 79.86 -18.76 43.91
C LEU D 611 80.15 -17.27 43.97
N PHE D 612 81.20 -16.84 43.28
CA PHE D 612 81.58 -15.44 43.17
C PHE D 612 81.50 -15.01 41.71
N TYR D 613 81.05 -13.77 41.48
CA TYR D 613 81.13 -13.14 40.16
C TYR D 613 82.38 -12.27 40.13
N PHE D 614 83.38 -12.69 39.37
CA PHE D 614 84.59 -11.90 39.17
C PHE D 614 84.70 -11.52 37.71
N GLY D 615 85.15 -10.29 37.44
CA GLY D 615 85.36 -9.85 36.08
C GLY D 615 86.77 -9.31 35.88
N LEU D 616 87.53 -9.92 34.97
CA LEU D 616 88.94 -9.61 34.79
C LEU D 616 89.22 -9.21 33.34
N ASN D 617 89.92 -8.10 33.15
CA ASN D 617 90.51 -7.78 31.86
C ASN D 617 91.81 -8.57 31.72
N ILE D 618 92.03 -9.15 30.54
CA ILE D 618 93.14 -10.09 30.34
C ILE D 618 94.49 -9.40 30.17
N GLU D 619 94.55 -8.07 30.27
CA GLU D 619 95.80 -7.34 30.08
C GLU D 619 96.14 -6.37 31.20
N THR D 620 95.22 -6.06 32.12
CA THR D 620 95.47 -5.09 33.16
C THR D 620 95.56 -5.70 34.55
N GLY D 621 94.52 -6.43 34.99
CA GLY D 621 94.53 -7.02 36.31
C GLY D 621 93.69 -6.27 37.32
N LEU D 622 92.51 -5.81 36.91
CA LEU D 622 91.60 -5.07 37.78
C LEU D 622 90.27 -5.81 37.86
N LEU D 623 89.84 -6.13 39.08
CA LEU D 623 88.63 -6.91 39.30
C LEU D 623 87.47 -6.02 39.77
N SER D 624 86.26 -6.51 39.53
CA SER D 624 85.03 -5.84 39.94
C SER D 624 84.54 -6.43 41.27
N ASP D 625 83.32 -6.07 41.65
CA ASP D 625 82.74 -6.55 42.89
C ASP D 625 82.35 -8.01 42.80
N ARG D 626 82.38 -8.69 43.94
CA ARG D 626 81.97 -10.08 44.05
C ARG D 626 80.46 -10.17 44.28
N LYS D 627 79.93 -11.37 44.13
CA LYS D 627 78.49 -11.57 44.20
C LYS D 627 78.21 -13.00 44.65
N LYS D 628 77.68 -13.14 45.86
CA LYS D 628 77.42 -14.44 46.47
C LYS D 628 76.16 -15.06 45.87
N VAL D 629 76.34 -16.18 45.17
CA VAL D 629 75.24 -16.95 44.61
C VAL D 629 75.29 -18.35 45.20
N THR D 630 74.17 -18.81 45.74
CA THR D 630 74.14 -20.09 46.44
C THR D 630 73.82 -21.22 45.48
N LEU D 631 74.57 -22.32 45.57
CA LEU D 631 74.34 -23.50 44.75
C LEU D 631 74.05 -24.75 45.56
N GLY D 632 74.65 -24.89 46.75
CA GLY D 632 74.38 -26.04 47.58
C GLY D 632 75.20 -26.12 48.86
N THR D 633 75.53 -27.34 49.29
CA THR D 633 76.25 -27.56 50.55
C THR D 633 77.59 -28.26 50.35
N GLN D 634 77.92 -28.66 49.14
CA GLN D 634 79.16 -29.35 48.82
C GLN D 634 80.03 -28.45 47.94
N PRO D 635 81.35 -28.70 47.87
CA PRO D 635 82.20 -27.91 46.97
C PRO D 635 81.83 -28.10 45.51
N THR D 636 81.94 -27.01 44.75
CA THR D 636 81.44 -26.92 43.39
C THR D 636 82.58 -27.00 42.39
N VAL D 637 82.21 -27.21 41.12
CA VAL D 637 83.15 -27.33 40.00
C VAL D 637 82.60 -26.52 38.84
N LEU D 638 83.45 -25.69 38.23
CA LEU D 638 83.05 -24.86 37.10
C LEU D 638 83.94 -25.22 35.90
N ARG D 639 83.30 -25.67 34.81
CA ARG D 639 84.02 -26.15 33.65
C ARG D 639 83.45 -25.54 32.37
N THR D 640 84.28 -25.55 31.33
CA THR D 640 83.88 -25.14 29.99
C THR D 640 84.34 -26.22 29.01
N PHE D 641 83.64 -26.29 27.87
CA PHE D 641 83.79 -27.42 26.96
C PHE D 641 83.25 -27.03 25.59
N ARG D 642 83.12 -28.03 24.72
CA ARG D 642 82.48 -27.89 23.41
C ARG D 642 81.40 -28.95 23.30
N SER D 643 80.13 -28.52 23.34
CA SER D 643 79.01 -29.44 23.16
C SER D 643 78.94 -29.87 21.70
N LEU D 644 78.76 -28.91 20.81
CA LEU D 644 79.05 -29.04 19.39
C LEU D 644 79.82 -27.84 18.86
N SER D 645 79.49 -26.65 19.34
CA SER D 645 80.17 -25.41 19.01
C SER D 645 79.88 -24.42 20.13
N THR D 646 80.23 -23.15 19.89
CA THR D 646 79.87 -21.96 20.66
C THR D 646 80.38 -21.96 22.10
N THR D 647 81.24 -22.91 22.49
CA THR D 647 81.96 -22.95 23.77
C THR D 647 80.99 -22.94 24.96
N ASN D 648 80.29 -24.06 25.11
CA ASN D 648 79.28 -24.18 26.15
C ASN D 648 79.93 -24.30 27.52
N VAL D 649 79.32 -23.62 28.50
CA VAL D 649 79.85 -23.49 29.84
C VAL D 649 78.86 -24.09 30.83
N PHE D 650 79.35 -24.93 31.74
CA PHE D 650 78.50 -25.65 32.68
C PHE D 650 79.01 -25.45 34.10
N ALA D 651 78.07 -25.50 35.05
CA ALA D 651 78.36 -25.44 36.48
C ALA D 651 78.09 -26.81 37.09
N CYS D 652 79.15 -27.55 37.38
CA CYS D 652 79.03 -28.83 38.06
C CYS D 652 78.90 -28.56 39.55
N SER D 653 77.66 -28.49 40.03
CA SER D 653 77.41 -28.11 41.42
C SER D 653 76.22 -28.90 41.94
N ASP D 654 75.82 -28.59 43.17
CA ASP D 654 74.62 -29.17 43.74
C ASP D 654 73.35 -28.66 43.06
N ARG D 655 73.40 -27.45 42.51
CA ARG D 655 72.35 -26.93 41.64
C ARG D 655 73.00 -26.76 40.27
N PRO D 656 72.93 -27.79 39.42
CA PRO D 656 73.65 -27.75 38.14
C PRO D 656 73.01 -26.78 37.16
N THR D 657 73.78 -25.75 36.77
CA THR D 657 73.29 -24.67 35.94
C THR D 657 74.18 -24.53 34.70
N VAL D 658 73.58 -23.99 33.64
CA VAL D 658 74.30 -23.63 32.42
C VAL D 658 74.60 -22.14 32.51
N ILE D 659 75.89 -21.80 32.49
CA ILE D 659 76.31 -20.43 32.76
C ILE D 659 76.27 -19.55 31.52
N TYR D 660 76.30 -20.16 30.32
CA TYR D 660 76.75 -19.48 29.12
C TYR D 660 75.81 -18.36 28.68
N SER D 661 74.53 -18.66 28.47
CA SER D 661 73.64 -17.65 27.93
C SER D 661 72.19 -17.95 28.32
N SER D 662 71.39 -16.89 28.36
CA SER D 662 69.94 -16.96 28.55
C SER D 662 69.34 -15.71 27.90
N ASN D 663 68.86 -15.87 26.66
CA ASN D 663 68.50 -14.77 25.77
C ASN D 663 69.64 -13.76 25.64
N HIS D 664 70.86 -14.31 25.47
CA HIS D 664 72.13 -13.57 25.38
C HIS D 664 72.34 -12.69 26.62
N LYS D 665 72.30 -13.33 27.79
CA LYS D 665 72.35 -12.63 29.06
C LYS D 665 72.78 -13.61 30.14
N LEU D 666 73.53 -13.12 31.13
CA LEU D 666 74.06 -13.96 32.20
C LEU D 666 72.97 -14.20 33.24
N VAL D 667 72.08 -15.15 32.94
CA VAL D 667 71.13 -15.71 33.89
C VAL D 667 71.26 -17.23 33.79
N PHE D 668 71.34 -17.90 34.94
CA PHE D 668 71.58 -19.34 34.94
C PHE D 668 70.34 -20.10 34.48
N SER D 669 70.60 -21.20 33.77
CA SER D 669 69.56 -22.12 33.34
C SER D 669 69.97 -23.52 33.77
N ASN D 670 69.04 -24.25 34.38
CA ASN D 670 69.34 -25.54 35.00
C ASN D 670 69.51 -26.62 33.93
N VAL D 671 69.63 -27.88 34.38
CA VAL D 671 69.55 -29.05 33.53
C VAL D 671 68.59 -30.04 34.18
N ASN D 672 68.30 -31.11 33.47
CA ASN D 672 67.43 -32.16 34.00
C ASN D 672 68.21 -33.29 34.65
N LEU D 673 69.10 -32.93 35.58
CA LEU D 673 69.89 -33.89 36.35
C LEU D 673 69.98 -33.40 37.78
N LYS D 674 70.02 -34.34 38.73
CA LYS D 674 69.90 -34.01 40.14
C LYS D 674 71.18 -33.36 40.68
N GLU D 675 72.32 -34.02 40.51
CA GLU D 675 73.57 -33.53 41.09
C GLU D 675 74.74 -33.94 40.20
N VAL D 676 75.60 -32.99 39.87
CA VAL D 676 76.69 -33.17 38.92
C VAL D 676 77.99 -32.77 39.59
N ASN D 677 78.96 -33.69 39.59
CA ASN D 677 80.28 -33.45 40.17
C ASN D 677 81.33 -33.11 39.11
N TYR D 678 81.53 -34.00 38.14
CA TYR D 678 82.56 -33.84 37.12
C TYR D 678 81.91 -33.93 35.74
N MET D 679 82.70 -33.64 34.71
CA MET D 679 82.33 -33.90 33.33
C MET D 679 83.52 -34.47 32.58
N CYS D 680 83.22 -35.18 31.49
CA CYS D 680 84.25 -35.87 30.72
C CYS D 680 83.98 -35.79 29.21
N PRO D 681 84.84 -35.12 28.45
CA PRO D 681 84.68 -35.11 26.98
C PRO D 681 85.12 -36.39 26.31
N LEU D 682 84.21 -37.37 26.22
CA LEU D 682 84.52 -38.67 25.64
C LEU D 682 84.35 -38.63 24.11
N ASN D 683 84.36 -39.80 23.48
CA ASN D 683 84.17 -39.95 22.03
C ASN D 683 83.23 -41.13 21.80
N SER D 684 81.93 -40.84 21.72
CA SER D 684 80.94 -41.89 21.50
C SER D 684 80.65 -42.07 20.01
N ASP D 685 80.31 -43.30 19.63
CA ASP D 685 79.98 -43.61 18.24
C ASP D 685 78.55 -43.24 17.87
N GLY D 686 77.65 -43.12 18.85
CA GLY D 686 76.27 -42.77 18.57
C GLY D 686 75.88 -41.42 19.12
N TYR D 687 76.86 -40.67 19.63
CA TYR D 687 76.63 -39.37 20.22
C TYR D 687 77.70 -38.41 19.72
N PRO D 688 77.37 -37.48 18.81
CA PRO D 688 78.39 -36.61 18.23
C PRO D 688 78.83 -35.52 19.19
N ASP D 689 80.14 -35.53 19.49
CA ASP D 689 80.83 -34.55 20.35
C ASP D 689 80.23 -34.45 21.74
N SER D 690 79.59 -35.50 22.23
CA SER D 690 78.92 -35.45 23.52
C SER D 690 79.92 -35.59 24.66
N LEU D 691 79.44 -35.35 25.86
CA LEU D 691 80.27 -35.42 27.06
C LEU D 691 79.60 -36.30 28.11
N ALA D 692 80.43 -37.01 28.86
CA ALA D 692 79.95 -37.83 29.96
C ALA D 692 80.10 -37.08 31.27
N LEU D 693 79.28 -37.46 32.24
CA LEU D 693 79.19 -36.72 33.50
C LEU D 693 79.46 -37.66 34.67
N ALA D 694 80.67 -37.62 35.19
CA ALA D 694 81.03 -38.35 36.39
C ALA D 694 80.43 -37.66 37.60
N ASN D 695 79.63 -38.39 38.36
CA ASN D 695 78.75 -37.81 39.36
C ASN D 695 78.82 -38.69 40.61
N ASN D 696 77.87 -38.50 41.53
CA ASN D 696 77.59 -39.48 42.57
C ASN D 696 76.64 -40.58 42.09
N SER D 697 76.49 -40.73 40.79
CA SER D 697 75.64 -41.74 40.16
C SER D 697 76.29 -42.09 38.82
N THR D 698 75.50 -42.65 37.91
CA THR D 698 76.00 -43.20 36.65
C THR D 698 76.56 -42.11 35.73
N LEU D 699 77.14 -42.58 34.62
CA LEU D 699 77.92 -41.75 33.70
C LEU D 699 77.09 -41.54 32.44
N THR D 700 76.78 -40.27 32.13
CA THR D 700 75.78 -39.93 31.12
C THR D 700 76.46 -39.23 29.94
N ILE D 701 76.74 -39.98 28.88
CA ILE D 701 77.30 -39.42 27.64
C ILE D 701 76.17 -38.70 26.93
N GLY D 702 76.10 -37.37 27.07
CA GLY D 702 75.05 -36.60 26.46
C GLY D 702 75.55 -35.27 25.94
N THR D 703 74.79 -34.70 25.02
CA THR D 703 75.07 -33.39 24.44
C THR D 703 73.99 -32.39 24.85
N ILE D 704 74.27 -31.12 24.59
CA ILE D 704 73.41 -30.03 25.02
C ILE D 704 72.96 -29.25 23.78
N ASP D 705 71.65 -29.02 23.69
CA ASP D 705 71.00 -28.32 22.58
C ASP D 705 71.13 -26.81 22.69
N GLU D 706 70.29 -26.10 21.94
CA GLU D 706 70.11 -24.65 22.10
C GLU D 706 69.74 -24.32 23.54
N ILE D 707 70.54 -23.47 24.16
CA ILE D 707 70.38 -23.16 25.58
C ILE D 707 69.42 -21.97 25.73
N GLN D 708 68.36 -22.17 26.51
CA GLN D 708 67.46 -21.08 26.92
C GLN D 708 66.78 -21.49 28.21
N LYS D 709 65.98 -20.56 28.75
CA LYS D 709 65.23 -20.85 29.97
C LYS D 709 64.13 -21.87 29.72
N LEU D 710 63.35 -21.68 28.66
CA LEU D 710 62.19 -22.51 28.38
C LEU D 710 62.35 -23.17 27.02
N HIS D 711 62.79 -24.43 27.04
CA HIS D 711 62.89 -25.21 25.82
C HIS D 711 61.51 -25.62 25.34
N ILE D 712 61.23 -25.41 24.06
CA ILE D 712 59.89 -25.55 23.49
C ILE D 712 59.94 -26.62 22.41
N ARG D 713 59.17 -27.69 22.61
CA ARG D 713 59.11 -28.80 21.66
C ARG D 713 57.73 -28.84 21.04
N THR D 714 57.68 -28.82 19.71
CA THR D 714 56.43 -28.71 18.96
C THR D 714 55.98 -30.08 18.49
N VAL D 715 54.72 -30.42 18.78
CA VAL D 715 54.10 -31.64 18.27
C VAL D 715 52.98 -31.20 17.34
N PRO D 716 53.24 -31.02 16.05
CA PRO D 716 52.22 -30.47 15.16
C PRO D 716 51.13 -31.48 14.79
N LEU D 717 49.91 -30.98 14.65
CA LEU D 717 48.76 -31.79 14.26
C LEU D 717 47.94 -31.19 13.13
N TYR D 718 48.17 -29.92 12.80
CA TYR D 718 47.58 -29.23 11.65
C TYR D 718 46.06 -29.08 11.73
N GLU D 719 45.54 -28.94 12.95
CA GLU D 719 44.14 -28.58 13.17
C GLU D 719 44.00 -27.97 14.55
N SER D 720 42.94 -27.19 14.74
CA SER D 720 42.76 -26.35 15.93
C SER D 720 42.58 -27.17 17.20
N PRO D 721 43.45 -27.02 18.20
CA PRO D 721 43.24 -27.73 19.46
C PRO D 721 42.22 -27.00 20.32
N ARG D 722 41.56 -27.74 21.21
CA ARG D 722 40.57 -27.11 22.07
C ARG D 722 40.92 -27.22 23.55
N LYS D 723 41.18 -28.43 24.04
CA LYS D 723 41.49 -28.60 25.46
C LYS D 723 42.58 -29.64 25.64
N ILE D 724 42.97 -29.83 26.90
CA ILE D 724 43.97 -30.82 27.30
C ILE D 724 43.61 -31.33 28.69
N CYS D 725 43.74 -32.64 28.88
CA CYS D 725 43.54 -33.28 30.17
C CYS D 725 44.78 -34.12 30.49
N TYR D 726 44.71 -34.97 31.52
CA TYR D 726 45.83 -35.85 31.82
C TYR D 726 45.33 -37.14 32.43
N GLN D 727 45.95 -38.24 32.02
CA GLN D 727 45.73 -39.54 32.64
C GLN D 727 46.98 -39.94 33.41
N GLU D 728 46.80 -40.31 34.69
CA GLU D 728 47.88 -40.93 35.43
C GLU D 728 47.96 -42.43 35.15
N VAL D 729 46.83 -43.13 35.26
CA VAL D 729 46.80 -44.59 35.10
C VAL D 729 47.10 -44.97 33.66
N SER D 730 46.28 -44.48 32.74
CA SER D 730 46.69 -44.52 31.34
C SER D 730 47.84 -43.55 31.12
N GLN D 731 48.70 -43.88 30.18
CA GLN D 731 49.80 -43.00 29.80
C GLN D 731 49.46 -42.32 28.48
N CYS D 732 48.59 -41.30 28.57
CA CYS D 732 48.09 -40.67 27.36
C CYS D 732 47.51 -39.30 27.69
N PHE D 733 47.52 -38.41 26.70
CA PHE D 733 46.84 -37.13 26.78
C PHE D 733 45.47 -37.21 26.12
N GLY D 734 44.80 -36.06 26.05
CA GLY D 734 43.60 -35.92 25.26
C GLY D 734 43.49 -34.50 24.75
N VAL D 735 43.37 -34.33 23.44
CA VAL D 735 43.27 -33.00 22.82
C VAL D 735 42.04 -32.98 21.93
N LEU D 736 41.07 -32.13 22.28
CA LEU D 736 39.92 -31.93 21.43
C LEU D 736 40.30 -31.06 20.24
N SER D 737 39.73 -31.37 19.08
CA SER D 737 40.26 -30.89 17.82
C SER D 737 39.20 -30.07 17.09
N SER D 738 39.62 -29.45 15.99
CA SER D 738 38.71 -28.73 15.11
C SER D 738 39.28 -28.67 13.71
N ARG D 739 38.58 -29.25 12.74
CA ARG D 739 39.02 -29.33 11.36
C ARG D 739 38.02 -28.62 10.46
N ILE D 740 38.51 -27.92 9.46
CA ILE D 740 37.66 -27.28 8.46
C ILE D 740 37.37 -28.27 7.34
N GLU D 741 36.10 -28.48 7.05
CA GLU D 741 35.68 -29.31 5.93
C GLU D 741 34.57 -28.62 5.16
N VAL D 742 34.45 -28.98 3.88
CA VAL D 742 33.37 -28.49 3.05
C VAL D 742 32.47 -29.67 2.69
N GLN D 743 31.22 -29.38 2.39
CA GLN D 743 30.24 -30.41 2.07
C GLN D 743 30.30 -30.75 0.59
N ASP D 744 30.48 -32.04 0.29
CA ASP D 744 30.40 -32.53 -1.07
C ASP D 744 28.94 -32.65 -1.48
N THR D 745 28.70 -32.55 -2.78
CA THR D 745 27.34 -32.72 -3.30
C THR D 745 26.93 -34.18 -3.31
N SER D 746 27.80 -35.07 -3.79
CA SER D 746 27.51 -36.49 -3.80
C SER D 746 27.78 -37.11 -2.43
N GLY D 747 29.02 -37.03 -1.97
CA GLY D 747 29.40 -37.56 -0.68
C GLY D 747 28.91 -36.69 0.47
N GLY D 748 29.20 -37.15 1.67
CA GLY D 748 28.82 -36.42 2.86
C GLY D 748 29.61 -35.15 3.06
N THR D 749 30.91 -35.30 3.40
CA THR D 749 31.82 -34.18 3.56
C THR D 749 33.16 -34.56 2.93
N THR D 750 34.06 -33.59 2.83
CA THR D 750 35.41 -33.83 2.35
C THR D 750 36.36 -32.83 3.00
N ALA D 751 37.60 -33.28 3.22
CA ALA D 751 38.59 -32.50 3.94
C ALA D 751 39.28 -31.52 2.99
N LEU D 752 40.36 -30.90 3.48
CA LEU D 752 41.12 -29.95 2.68
C LEU D 752 42.61 -30.22 2.64
N ARG D 753 43.19 -30.78 3.69
CA ARG D 753 44.62 -31.10 3.70
C ARG D 753 44.85 -32.22 4.71
N PRO D 754 45.86 -33.08 4.48
CA PRO D 754 46.07 -34.25 5.38
C PRO D 754 46.69 -33.91 6.73
N SER D 755 45.84 -33.54 7.69
CA SER D 755 46.29 -33.33 9.06
C SER D 755 46.45 -34.69 9.77
N ALA D 756 46.72 -34.63 11.07
CA ALA D 756 46.93 -35.84 11.86
C ALA D 756 45.65 -36.41 12.42
N SER D 757 44.49 -35.90 11.99
CA SER D 757 43.21 -36.42 12.44
C SER D 757 42.85 -37.69 11.68
N THR D 758 42.88 -37.63 10.35
CA THR D 758 42.61 -38.82 9.55
C THR D 758 43.78 -39.80 9.62
N GLN D 759 44.98 -39.31 9.92
CA GLN D 759 46.16 -40.14 10.02
C GLN D 759 46.32 -40.62 11.47
N ALA D 760 45.38 -41.45 11.89
CA ALA D 760 45.36 -41.97 13.25
C ALA D 760 45.55 -43.48 13.24
N LEU D 761 45.84 -44.06 14.40
CA LEU D 761 46.06 -45.50 14.48
C LEU D 761 44.76 -46.28 14.57
N SER D 762 43.66 -45.62 14.94
CA SER D 762 42.36 -46.27 15.05
C SER D 762 41.27 -45.22 14.98
N SER D 763 40.21 -45.54 14.27
CA SER D 763 39.12 -44.59 14.02
C SER D 763 37.79 -45.21 14.41
N SER D 764 36.85 -44.35 14.78
CA SER D 764 35.50 -44.74 15.12
C SER D 764 34.60 -43.53 14.95
N VAL D 765 33.28 -43.77 15.04
CA VAL D 765 32.29 -42.71 14.93
C VAL D 765 31.23 -42.98 15.99
N SER D 766 30.51 -41.93 16.38
CA SER D 766 29.48 -42.07 17.39
C SER D 766 28.30 -42.86 16.85
N SER D 767 27.60 -43.54 17.75
CA SER D 767 26.42 -44.31 17.38
C SER D 767 25.21 -43.80 18.17
N SER D 768 24.05 -44.43 17.96
CA SER D 768 22.78 -44.09 18.61
C SER D 768 22.40 -42.64 18.34
N LYS D 769 22.07 -42.39 17.07
CA LYS D 769 21.77 -41.03 16.61
C LYS D 769 20.46 -40.57 17.23
N LEU D 770 20.57 -39.88 18.35
CA LEU D 770 19.44 -39.59 19.22
C LEU D 770 18.90 -38.17 19.04
N PHE D 771 19.39 -37.45 18.04
CA PHE D 771 18.78 -36.19 17.61
C PHE D 771 18.00 -36.41 16.32
N SER D 772 17.59 -37.66 16.08
CA SER D 772 16.90 -38.04 14.86
C SER D 772 15.45 -37.57 14.81
N SER D 773 14.82 -37.37 15.97
CA SER D 773 13.43 -36.92 15.99
C SER D 773 13.28 -35.45 15.63
N SER D 774 14.35 -34.66 15.75
CA SER D 774 14.30 -33.26 15.38
C SER D 774 14.66 -33.09 13.91
N THR D 775 13.77 -32.47 13.14
CA THR D 775 13.94 -32.31 11.71
C THR D 775 14.75 -31.06 11.34
N ALA D 776 15.46 -30.48 12.30
CA ALA D 776 16.34 -29.32 12.13
C ALA D 776 17.47 -29.45 11.09
N PRO D 777 18.14 -30.64 10.87
CA PRO D 777 19.18 -30.66 9.82
C PRO D 777 18.63 -30.58 8.41
N HIS D 778 18.33 -29.35 7.97
CA HIS D 778 17.92 -29.13 6.60
C HIS D 778 19.13 -28.97 5.70
N GLU D 779 18.88 -28.95 4.39
CA GLU D 779 19.94 -29.02 3.40
C GLU D 779 20.63 -27.68 3.21
N THR D 780 21.94 -27.72 2.99
CA THR D 780 22.72 -26.55 2.57
C THR D 780 23.13 -26.71 1.10
N SER D 781 23.44 -25.58 0.47
CA SER D 781 23.70 -25.58 -0.97
C SER D 781 25.12 -26.02 -1.28
N PHE D 782 26.11 -25.24 -0.87
CA PHE D 782 27.50 -25.48 -1.21
C PHE D 782 28.27 -25.98 0.01
N GLY D 783 29.57 -26.20 -0.21
CA GLY D 783 30.48 -26.53 0.87
C GLY D 783 31.02 -25.29 1.55
N GLU D 784 30.22 -24.67 2.42
CA GLU D 784 30.59 -23.40 3.03
C GLU D 784 31.18 -23.57 4.43
N GLU D 785 32.25 -24.38 4.49
CA GLU D 785 33.20 -24.47 5.61
C GLU D 785 32.52 -24.83 6.94
N VAL D 786 31.95 -26.03 6.98
CA VAL D 786 31.50 -26.57 8.26
C VAL D 786 32.71 -27.03 9.07
N GLU D 787 32.50 -27.21 10.37
CA GLU D 787 33.57 -27.65 11.27
C GLU D 787 33.28 -29.05 11.77
N VAL D 788 34.32 -29.87 11.85
CA VAL D 788 34.22 -31.25 12.32
C VAL D 788 35.21 -31.42 13.46
N HIS D 789 34.72 -31.90 14.61
CA HIS D 789 35.56 -32.14 15.77
C HIS D 789 35.71 -33.64 16.03
N ASN D 790 36.81 -34.00 16.68
CA ASN D 790 36.99 -35.34 17.20
C ASN D 790 37.96 -35.31 18.37
N LEU D 791 38.03 -36.45 19.07
CA LEU D 791 38.86 -36.61 20.26
C LEU D 791 40.19 -37.24 19.85
N LEU D 792 41.28 -36.57 20.18
CA LEU D 792 42.61 -37.08 19.87
C LEU D 792 43.32 -37.50 21.15
N ILE D 793 43.58 -38.80 21.28
CA ILE D 793 44.35 -39.35 22.39
C ILE D 793 45.78 -39.46 21.92
N ILE D 794 46.66 -38.63 22.48
CA ILE D 794 48.05 -38.55 22.06
C ILE D 794 48.90 -39.40 23.00
N ASP D 795 49.83 -40.16 22.41
CA ASP D 795 50.73 -41.04 23.15
C ASP D 795 51.61 -40.25 24.12
N GLN D 796 52.08 -40.94 25.15
CA GLN D 796 52.82 -40.31 26.24
C GLN D 796 54.20 -39.83 25.80
N HIS D 797 54.96 -40.70 25.14
CA HIS D 797 56.35 -40.40 24.82
C HIS D 797 56.63 -40.33 23.32
N THR D 798 56.06 -41.23 22.53
CA THR D 798 56.23 -41.13 21.08
C THR D 798 55.40 -40.00 20.48
N PHE D 799 54.36 -39.56 21.19
CA PHE D 799 53.41 -38.51 20.76
C PHE D 799 52.76 -38.86 19.42
N GLU D 800 52.39 -40.12 19.26
CA GLU D 800 51.68 -40.56 18.07
C GLU D 800 50.19 -40.53 18.36
N VAL D 801 49.41 -40.14 17.35
CA VAL D 801 47.95 -40.05 17.49
C VAL D 801 47.40 -41.47 17.59
N LEU D 802 46.88 -41.82 18.76
CA LEU D 802 46.52 -43.21 19.02
C LEU D 802 45.10 -43.53 18.56
N HIS D 803 44.17 -42.60 18.74
CA HIS D 803 42.79 -42.87 18.38
C HIS D 803 42.11 -41.57 18.00
N ALA D 804 41.16 -41.68 17.08
CA ALA D 804 40.32 -40.55 16.68
C ALA D 804 38.87 -41.00 16.65
N HIS D 805 38.00 -40.20 17.26
CA HIS D 805 36.58 -40.53 17.40
C HIS D 805 35.77 -39.38 16.84
N GLN D 806 35.42 -39.46 15.56
CA GLN D 806 34.71 -38.38 14.90
C GLN D 806 33.27 -38.30 15.41
N PHE D 807 32.85 -37.10 15.79
CA PHE D 807 31.55 -36.89 16.39
C PHE D 807 30.46 -36.85 15.32
N LEU D 808 29.25 -36.51 15.73
CA LEU D 808 28.15 -36.34 14.79
C LEU D 808 28.31 -35.01 14.05
N GLN D 809 27.42 -34.79 13.08
CA GLN D 809 27.51 -33.62 12.23
C GLN D 809 27.13 -32.36 13.01
N ASN D 810 28.03 -31.36 12.97
CA ASN D 810 27.90 -30.08 13.66
C ASN D 810 27.70 -30.25 15.16
N GLU D 811 28.44 -31.19 15.75
CA GLU D 811 28.46 -31.36 17.19
C GLU D 811 29.83 -30.92 17.68
N TYR D 812 29.86 -29.80 18.41
CA TYR D 812 31.11 -29.29 18.93
C TYR D 812 31.61 -30.14 20.10
N ALA D 813 32.86 -29.90 20.48
CA ALA D 813 33.43 -30.40 21.71
C ALA D 813 33.85 -29.19 22.54
N LEU D 814 33.11 -28.93 23.62
CA LEU D 814 33.26 -27.69 24.36
C LEU D 814 33.87 -27.87 25.75
N SER D 815 33.80 -29.07 26.33
CA SER D 815 34.22 -29.25 27.71
C SER D 815 34.84 -30.64 27.85
N LEU D 816 35.95 -30.71 28.58
CA LEU D 816 36.67 -31.96 28.77
C LEU D 816 37.43 -31.93 30.08
N VAL D 817 37.19 -32.94 30.91
CA VAL D 817 38.06 -33.26 32.04
C VAL D 817 38.29 -34.75 32.05
N SER D 818 39.04 -35.20 33.05
CA SER D 818 39.38 -36.61 33.22
C SER D 818 39.55 -36.88 34.71
N CYS D 819 38.67 -37.70 35.27
CA CYS D 819 38.62 -37.91 36.70
C CYS D 819 37.92 -39.23 36.99
N LYS D 820 37.55 -39.43 38.25
CA LYS D 820 36.86 -40.62 38.72
C LYS D 820 35.60 -40.22 39.45
N LEU D 821 34.51 -40.95 39.20
CA LEU D 821 33.19 -40.60 39.73
C LEU D 821 32.65 -41.79 40.54
N GLY D 822 32.31 -41.55 41.79
CA GLY D 822 31.70 -42.56 42.61
C GLY D 822 32.69 -43.60 43.10
N LYS D 823 32.15 -44.77 43.41
CA LYS D 823 32.95 -45.89 43.88
C LYS D 823 33.39 -46.82 42.74
N ASP D 824 33.38 -46.33 41.51
CA ASP D 824 33.91 -47.08 40.39
C ASP D 824 35.38 -46.72 40.23
N PRO D 825 36.31 -47.67 40.34
CA PRO D 825 37.74 -47.34 40.28
C PRO D 825 38.27 -47.03 38.89
N ASN D 826 37.42 -46.98 37.85
CA ASN D 826 37.89 -46.59 36.53
C ASN D 826 38.10 -45.09 36.44
N THR D 827 39.07 -44.69 35.63
CA THR D 827 39.37 -43.28 35.39
C THR D 827 38.91 -42.92 33.99
N TYR D 828 38.00 -41.96 33.89
CA TYR D 828 37.25 -41.72 32.67
C TYR D 828 37.74 -40.49 31.91
N PHE D 829 37.32 -40.40 30.66
CA PHE D 829 37.26 -39.15 29.91
C PHE D 829 35.80 -38.71 29.85
N ILE D 830 35.53 -37.45 30.18
CA ILE D 830 34.17 -36.93 30.17
C ILE D 830 34.13 -35.73 29.24
N VAL D 831 33.28 -35.81 28.21
CA VAL D 831 33.12 -34.76 27.21
C VAL D 831 31.65 -34.34 27.22
N GLY D 832 31.41 -33.06 27.49
CA GLY D 832 30.08 -32.50 27.37
C GLY D 832 29.95 -31.66 26.12
N THR D 833 29.05 -32.05 25.23
CA THR D 833 28.96 -31.46 23.90
C THR D 833 27.70 -30.61 23.75
N ALA D 834 27.64 -29.91 22.62
CA ALA D 834 26.47 -29.13 22.25
C ALA D 834 26.24 -29.27 20.76
N MET D 835 24.98 -29.13 20.35
CA MET D 835 24.58 -29.19 18.96
C MET D 835 24.38 -27.78 18.45
N VAL D 836 25.05 -27.43 17.36
CA VAL D 836 25.11 -26.06 16.87
C VAL D 836 24.56 -25.97 15.45
N TYR D 837 24.04 -24.79 15.12
CA TYR D 837 23.62 -24.40 13.79
C TYR D 837 23.88 -22.91 13.70
N PRO D 838 24.36 -22.41 12.57
CA PRO D 838 24.30 -20.96 12.32
C PRO D 838 22.88 -20.59 11.90
N GLU D 839 22.64 -19.28 11.83
CA GLU D 839 21.30 -18.69 11.72
C GLU D 839 20.37 -19.23 12.80
N GLU D 840 20.84 -19.14 14.04
CA GLU D 840 20.17 -19.76 15.18
C GLU D 840 20.60 -18.99 16.42
N ALA D 841 19.75 -19.00 17.43
CA ALA D 841 20.07 -18.41 18.74
C ALA D 841 20.94 -19.35 19.55
N GLU D 842 21.03 -19.10 20.86
CA GLU D 842 21.69 -20.02 21.77
C GLU D 842 21.02 -21.40 21.69
N PRO D 843 21.79 -22.48 21.68
CA PRO D 843 21.21 -23.80 21.40
C PRO D 843 20.49 -24.40 22.58
N LYS D 844 19.48 -25.20 22.28
CA LYS D 844 18.82 -26.05 23.28
C LYS D 844 18.78 -27.46 22.72
N GLN D 845 19.93 -28.14 22.77
CA GLN D 845 20.13 -29.55 22.45
C GLN D 845 21.42 -29.97 23.17
N GLY D 846 21.96 -31.12 22.81
CA GLY D 846 23.26 -31.54 23.29
C GLY D 846 23.18 -32.79 24.16
N ARG D 847 24.36 -33.32 24.44
CA ARG D 847 24.49 -34.50 25.29
C ARG D 847 25.82 -34.44 26.02
N ILE D 848 25.99 -35.37 26.96
CA ILE D 848 27.21 -35.50 27.75
C ILE D 848 27.66 -36.94 27.70
N VAL D 849 28.87 -37.16 27.18
CA VAL D 849 29.38 -38.50 26.89
C VAL D 849 30.59 -38.75 27.78
N VAL D 850 30.68 -39.96 28.33
CA VAL D 850 31.78 -40.36 29.20
C VAL D 850 32.51 -41.52 28.53
N PHE D 851 33.84 -41.37 28.39
CA PHE D 851 34.67 -42.35 27.70
C PHE D 851 35.59 -43.09 28.66
N GLN D 852 36.14 -44.20 28.20
CA GLN D 852 37.21 -44.91 28.87
C GLN D 852 38.17 -45.46 27.81
N TYR D 853 39.32 -45.95 28.29
CA TYR D 853 40.44 -46.33 27.44
C TYR D 853 40.83 -47.78 27.72
N SER D 854 39.84 -48.67 27.64
CA SER D 854 40.03 -50.08 27.99
C SER D 854 40.95 -50.77 27.00
N ASP D 855 42.17 -51.08 27.45
CA ASP D 855 43.21 -51.79 26.68
C ASP D 855 43.58 -51.05 25.40
N GLY D 856 43.69 -49.73 25.50
CA GLY D 856 44.00 -48.90 24.35
C GLY D 856 42.86 -48.72 23.38
N LYS D 857 41.63 -49.05 23.79
CA LYS D 857 40.47 -48.94 22.93
C LYS D 857 39.47 -47.99 23.57
N LEU D 858 39.02 -47.00 22.80
CA LEU D 858 38.07 -46.04 23.32
C LEU D 858 36.68 -46.65 23.35
N GLN D 859 35.96 -46.44 24.45
CA GLN D 859 34.64 -47.02 24.63
C GLN D 859 33.65 -45.94 25.04
N THR D 860 32.51 -45.90 24.37
CA THR D 860 31.41 -45.04 24.77
C THR D 860 30.52 -45.84 25.72
N VAL D 861 30.61 -45.54 27.02
CA VAL D 861 29.87 -46.31 28.01
C VAL D 861 28.43 -45.83 28.11
N ALA D 862 28.25 -44.56 28.49
CA ALA D 862 26.93 -44.00 28.69
C ALA D 862 26.88 -42.57 28.19
N GLU D 863 25.68 -42.13 27.82
CA GLU D 863 25.45 -40.76 27.40
C GLU D 863 24.21 -40.25 28.12
N LYS D 864 24.12 -38.93 28.22
CA LYS D 864 22.97 -38.29 28.86
C LYS D 864 22.57 -37.10 27.99
N GLU D 865 21.43 -37.23 27.34
CA GLU D 865 20.93 -36.15 26.48
C GLU D 865 20.45 -35.00 27.35
N VAL D 866 21.04 -33.83 27.16
CA VAL D 866 20.82 -32.68 28.03
C VAL D 866 20.24 -31.55 27.20
N LYS D 867 19.13 -30.96 27.69
CA LYS D 867 18.54 -29.79 27.06
C LYS D 867 19.36 -28.54 27.34
N GLY D 868 20.49 -28.39 26.65
CA GLY D 868 21.30 -27.19 26.78
C GLY D 868 22.78 -27.39 26.44
N ALA D 869 23.44 -26.28 26.11
CA ALA D 869 24.86 -26.32 25.80
C ALA D 869 25.68 -26.48 27.07
N VAL D 870 26.72 -27.30 27.02
CA VAL D 870 27.58 -27.57 28.16
C VAL D 870 28.84 -26.72 27.98
N TYR D 871 29.17 -25.92 28.99
CA TYR D 871 30.31 -25.02 28.83
C TYR D 871 31.52 -25.47 29.65
N SER D 872 31.36 -25.63 30.96
CA SER D 872 32.49 -25.94 31.82
C SER D 872 32.17 -27.15 32.68
N MET D 873 33.20 -27.93 32.98
CA MET D 873 33.09 -29.04 33.91
C MET D 873 34.32 -29.07 34.80
N VAL D 874 34.10 -29.33 36.09
CA VAL D 874 35.17 -29.63 37.04
C VAL D 874 34.71 -30.77 37.94
N GLU D 875 35.67 -31.57 38.37
CA GLU D 875 35.41 -32.65 39.32
C GLU D 875 35.15 -32.05 40.71
N PHE D 876 34.19 -32.63 41.42
CA PHE D 876 33.82 -32.14 42.74
C PHE D 876 33.62 -33.33 43.66
N ASN D 877 34.72 -33.77 44.29
CA ASN D 877 34.72 -34.73 45.40
C ASN D 877 34.10 -36.06 44.99
N GLY D 878 34.38 -36.49 43.77
CA GLY D 878 33.76 -37.67 43.21
C GLY D 878 32.45 -37.42 42.49
N LYS D 879 31.94 -36.19 42.51
CA LYS D 879 30.71 -35.84 41.83
C LYS D 879 31.02 -34.89 40.67
N LEU D 880 30.25 -35.04 39.59
CA LEU D 880 30.47 -34.29 38.36
C LEU D 880 29.72 -32.96 38.42
N LEU D 881 30.45 -31.86 38.28
CA LEU D 881 29.84 -30.53 38.22
C LEU D 881 29.85 -30.05 36.78
N ALA D 882 28.73 -29.50 36.31
CA ALA D 882 28.61 -28.98 34.96
C ALA D 882 27.93 -27.61 34.98
N SER D 883 27.93 -26.94 33.83
CA SER D 883 27.29 -25.63 33.70
C SER D 883 26.52 -25.63 32.38
N ILE D 884 25.19 -25.71 32.47
CA ILE D 884 24.34 -25.96 31.31
C ILE D 884 23.34 -24.81 31.23
N ASN D 885 23.71 -23.74 30.51
CA ASN D 885 22.85 -22.60 30.19
C ASN D 885 22.27 -21.93 31.43
N SER D 886 23.17 -21.32 32.21
CA SER D 886 22.88 -20.57 33.43
C SER D 886 22.22 -21.44 34.51
N THR D 887 22.53 -22.73 34.49
CA THR D 887 21.96 -23.67 35.44
C THR D 887 23.06 -24.61 35.91
N VAL D 888 23.59 -24.34 37.10
CA VAL D 888 24.66 -25.13 37.69
C VAL D 888 24.09 -26.48 38.06
N ARG D 889 24.49 -27.53 37.36
CA ARG D 889 23.84 -28.83 37.47
C ARG D 889 24.86 -29.89 37.89
N LEU D 890 24.95 -30.11 39.19
CA LEU D 890 25.84 -31.10 39.78
C LEU D 890 25.28 -32.51 39.56
N TYR D 891 26.16 -33.46 39.34
CA TYR D 891 25.77 -34.84 39.04
C TYR D 891 26.28 -35.80 40.10
N GLU D 892 26.10 -37.09 39.82
CA GLU D 892 26.35 -38.17 40.77
C GLU D 892 26.46 -39.46 39.98
N TRP D 893 27.42 -40.31 40.35
CA TRP D 893 27.63 -41.56 39.63
C TRP D 893 26.89 -42.69 40.34
N THR D 894 26.22 -43.51 39.56
CA THR D 894 25.57 -44.70 40.11
C THR D 894 26.28 -45.97 39.64
N THR D 895 25.92 -47.09 40.26
CA THR D 895 26.49 -48.37 39.89
C THR D 895 25.84 -48.89 38.60
N GLU D 896 24.67 -48.34 38.24
CA GLU D 896 23.96 -48.70 37.02
C GLU D 896 24.50 -47.99 35.78
N LYS D 897 25.71 -47.41 35.87
CA LYS D 897 26.42 -46.75 34.76
C LYS D 897 25.59 -45.61 34.16
N GLU D 898 25.02 -44.79 35.03
CA GLU D 898 24.15 -43.68 34.60
C GLU D 898 24.55 -42.45 35.40
N LEU D 899 23.74 -41.41 35.30
CA LEU D 899 23.89 -40.21 36.10
C LEU D 899 22.55 -39.81 36.68
N ARG D 900 22.59 -39.16 37.84
CA ARG D 900 21.40 -38.60 38.47
C ARG D 900 21.71 -37.17 38.88
N THR D 901 20.86 -36.24 38.43
CA THR D 901 21.00 -34.84 38.82
C THR D 901 20.72 -34.71 40.32
N GLU D 902 21.75 -34.35 41.08
CA GLU D 902 21.56 -34.30 42.53
C GLU D 902 20.97 -32.97 42.96
N CYS D 903 21.38 -31.87 42.35
CA CYS D 903 20.77 -30.59 42.65
C CYS D 903 20.89 -29.69 41.42
N ASN D 904 20.37 -28.46 41.55
CA ASN D 904 20.38 -27.48 40.49
C ASN D 904 20.56 -26.10 41.09
N HIS D 905 20.54 -25.09 40.21
CA HIS D 905 20.62 -23.69 40.60
C HIS D 905 20.14 -22.86 39.43
N TYR D 906 19.51 -21.70 39.71
CA TYR D 906 18.84 -20.97 38.66
C TYR D 906 19.06 -19.47 38.65
N ASN D 907 19.82 -18.90 39.59
CA ASN D 907 20.00 -17.46 39.63
C ASN D 907 21.31 -17.11 38.93
N ASN D 908 21.27 -17.12 37.60
CA ASN D 908 22.44 -16.84 36.79
C ASN D 908 22.02 -16.11 35.52
N ILE D 909 22.92 -15.29 34.98
CA ILE D 909 22.74 -14.78 33.63
C ILE D 909 23.10 -15.86 32.62
N MET D 910 24.37 -16.26 32.59
CA MET D 910 24.85 -17.37 31.77
C MET D 910 26.17 -17.85 32.38
N ALA D 911 26.15 -19.02 33.01
CA ALA D 911 27.30 -19.50 33.78
C ALA D 911 28.25 -20.25 32.87
N LEU D 912 29.48 -19.75 32.76
CA LEU D 912 30.47 -20.29 31.84
C LEU D 912 31.70 -20.86 32.53
N TYR D 913 31.91 -20.58 33.82
CA TYR D 913 33.16 -20.92 34.47
C TYR D 913 32.86 -21.55 35.81
N LEU D 914 33.59 -22.62 36.12
CA LEU D 914 33.40 -23.38 37.34
C LEU D 914 34.75 -23.78 37.90
N LYS D 915 35.02 -23.41 39.14
CA LYS D 915 36.23 -23.83 39.84
C LYS D 915 35.87 -24.23 41.26
N THR D 916 36.44 -25.36 41.71
CA THR D 916 36.13 -25.91 43.02
C THR D 916 37.40 -26.04 43.85
N LYS D 917 37.26 -25.88 45.16
CA LYS D 917 38.33 -26.20 46.11
C LYS D 917 37.67 -26.67 47.40
N GLY D 918 37.57 -27.98 47.57
CA GLY D 918 36.91 -28.54 48.73
C GLY D 918 35.41 -28.62 48.54
N ASP D 919 34.67 -27.72 49.18
CA ASP D 919 33.21 -27.68 49.06
C ASP D 919 32.68 -26.28 48.78
N PHE D 920 33.52 -25.34 48.38
CA PHE D 920 33.04 -24.10 47.79
C PHE D 920 33.02 -24.26 46.28
N ILE D 921 32.15 -23.51 45.62
CA ILE D 921 32.07 -23.50 44.16
C ILE D 921 32.00 -22.05 43.70
N LEU D 922 32.98 -21.66 42.89
CA LEU D 922 33.07 -20.33 42.33
C LEU D 922 32.54 -20.35 40.91
N VAL D 923 31.51 -19.55 40.64
CA VAL D 923 30.86 -19.52 39.33
C VAL D 923 31.15 -18.18 38.67
N GLY D 924 31.74 -18.21 37.50
CA GLY D 924 31.95 -17.02 36.70
C GLY D 924 30.80 -16.79 35.75
N ASP D 925 30.13 -15.66 35.90
CA ASP D 925 28.94 -15.36 35.13
C ASP D 925 29.34 -14.87 33.75
N LEU D 926 28.35 -14.68 32.87
CA LEU D 926 28.64 -14.10 31.56
C LEU D 926 28.94 -12.62 31.68
N MET D 927 28.01 -11.86 32.24
CA MET D 927 28.13 -10.41 32.25
C MET D 927 28.29 -9.81 33.62
N ARG D 928 27.83 -10.49 34.68
CA ARG D 928 27.80 -9.79 35.94
C ARG D 928 29.15 -9.84 36.64
N SER D 929 29.48 -10.96 37.27
CA SER D 929 30.67 -11.01 38.10
C SER D 929 30.97 -12.38 38.67
N VAL D 930 31.96 -12.40 39.56
CA VAL D 930 32.22 -13.44 40.54
C VAL D 930 30.93 -13.82 41.26
N LEU D 931 30.61 -15.11 41.27
CA LEU D 931 29.52 -15.64 42.06
C LEU D 931 30.03 -16.81 42.89
N LEU D 932 30.02 -16.66 44.20
CA LEU D 932 30.39 -17.73 45.12
C LEU D 932 29.12 -18.45 45.57
N LEU D 933 29.14 -19.77 45.46
CA LEU D 933 28.01 -20.61 45.77
C LEU D 933 28.45 -21.71 46.72
N ALA D 934 27.69 -21.92 47.79
CA ALA D 934 28.03 -22.95 48.76
C ALA D 934 27.35 -24.27 48.40
N TYR D 935 27.89 -25.35 48.95
CA TYR D 935 27.25 -26.65 48.84
C TYR D 935 27.21 -27.27 50.22
N LYS D 936 26.00 -27.38 50.78
CA LYS D 936 25.83 -28.00 52.09
C LYS D 936 25.58 -29.48 51.90
N PRO D 937 26.48 -30.36 52.37
CA PRO D 937 26.26 -31.79 52.15
C PRO D 937 25.14 -32.35 52.99
N MET D 938 24.83 -31.72 54.13
CA MET D 938 23.72 -32.16 54.97
C MET D 938 22.38 -31.92 54.30
N GLU D 939 22.16 -30.72 53.77
CA GLU D 939 20.94 -30.42 53.03
C GLU D 939 20.88 -31.14 51.69
N GLY D 940 22.02 -31.32 51.03
CA GLY D 940 22.07 -31.90 49.71
C GLY D 940 21.92 -30.90 48.59
N ASN D 941 21.66 -29.63 48.89
CA ASN D 941 21.37 -28.65 47.86
C ASN D 941 22.31 -27.46 47.97
N PHE D 942 22.40 -26.66 46.91
CA PHE D 942 23.27 -25.49 46.89
C PHE D 942 22.69 -24.40 47.78
N GLU D 943 23.52 -23.40 48.09
CA GLU D 943 23.08 -22.28 48.91
C GLU D 943 23.88 -21.04 48.54
N GLU D 944 23.17 -19.95 48.25
CA GLU D 944 23.78 -18.69 47.90
C GLU D 944 24.32 -18.03 49.15
N ILE D 945 25.64 -18.08 49.36
CA ILE D 945 26.24 -17.26 50.40
C ILE D 945 26.20 -15.79 49.98
N ALA D 946 26.80 -15.48 48.84
CA ALA D 946 26.98 -14.09 48.45
C ALA D 946 27.03 -14.01 46.94
N ARG D 947 27.17 -12.78 46.44
CA ARG D 947 27.10 -12.47 45.02
C ARG D 947 27.64 -11.07 44.82
N ASP D 948 28.53 -10.90 43.85
CA ASP D 948 28.94 -9.56 43.46
C ASP D 948 27.94 -9.05 42.42
N PHE D 949 27.81 -7.72 42.35
CA PHE D 949 26.77 -7.07 41.56
C PHE D 949 27.32 -6.22 40.42
N ASN D 950 28.59 -5.84 40.46
CA ASN D 950 29.16 -4.94 39.47
C ASN D 950 29.34 -5.68 38.14
N PRO D 951 28.68 -5.25 37.05
CA PRO D 951 28.64 -6.05 35.81
C PRO D 951 29.92 -6.07 34.99
N ASN D 952 30.84 -6.99 35.25
CA ASN D 952 32.02 -7.17 34.42
C ASN D 952 31.92 -8.49 33.64
N TRP D 953 32.26 -8.43 32.36
CA TRP D 953 32.19 -9.62 31.50
C TRP D 953 33.38 -10.53 31.83
N MET D 954 33.09 -11.73 32.35
CA MET D 954 34.16 -12.61 32.82
C MET D 954 34.93 -13.21 31.66
N SER D 955 36.17 -13.59 31.93
CA SER D 955 37.04 -14.23 30.97
C SER D 955 37.61 -15.55 31.47
N ALA D 956 37.98 -15.64 32.75
CA ALA D 956 38.40 -16.85 33.46
C ALA D 956 38.51 -16.53 34.95
N VAL D 957 38.21 -17.50 35.80
CA VAL D 957 38.25 -17.33 37.25
C VAL D 957 38.98 -18.52 37.89
N GLU D 958 39.43 -18.32 39.13
CA GLU D 958 40.17 -19.34 39.86
C GLU D 958 40.17 -19.04 41.35
N ILE D 959 39.91 -20.07 42.16
CA ILE D 959 39.98 -19.99 43.61
C ILE D 959 41.44 -19.94 44.05
N LEU D 960 41.77 -19.00 44.95
CA LEU D 960 43.11 -18.98 45.54
C LEU D 960 43.18 -19.83 46.82
N ASP D 961 42.43 -19.44 47.84
CA ASP D 961 42.60 -20.05 49.17
C ASP D 961 41.29 -20.20 49.92
N ASP D 962 40.18 -20.32 49.19
CA ASP D 962 38.80 -20.38 49.69
C ASP D 962 38.39 -19.16 50.50
N ASP D 963 39.13 -18.06 50.41
CA ASP D 963 38.70 -16.78 50.97
C ASP D 963 38.85 -15.69 49.92
N ASN D 964 39.89 -15.78 49.11
CA ASN D 964 40.17 -14.83 48.05
C ASN D 964 39.94 -15.51 46.71
N PHE D 965 39.25 -14.81 45.80
CA PHE D 965 38.78 -15.41 44.56
C PHE D 965 39.20 -14.53 43.39
N LEU D 966 40.02 -15.08 42.51
CA LEU D 966 40.62 -14.34 41.40
C LEU D 966 39.69 -14.35 40.20
N GLY D 967 39.49 -13.18 39.60
CA GLY D 967 38.66 -13.07 38.42
C GLY D 967 39.32 -12.22 37.36
N ALA D 968 39.14 -12.64 36.11
CA ALA D 968 39.59 -11.89 34.94
C ALA D 968 38.42 -11.17 34.29
N GLU D 969 38.67 -10.61 33.11
CA GLU D 969 37.69 -9.78 32.44
C GLU D 969 38.00 -9.71 30.95
N ASN D 970 36.97 -9.42 30.13
CA ASN D 970 37.21 -9.09 28.73
C ASN D 970 38.00 -7.80 28.55
N ALA D 971 37.95 -6.89 29.51
CA ALA D 971 38.64 -5.61 29.41
C ALA D 971 40.12 -5.70 29.81
N PHE D 972 40.68 -6.92 29.80
CA PHE D 972 42.11 -7.20 29.99
C PHE D 972 42.59 -6.73 31.36
N ASN D 973 41.97 -7.29 32.41
CA ASN D 973 42.14 -6.78 33.76
C ASN D 973 42.07 -7.92 34.77
N LEU D 974 42.53 -7.64 35.98
CA LEU D 974 42.47 -8.58 37.10
C LEU D 974 41.92 -7.91 38.35
N PHE D 975 41.20 -8.69 39.15
CA PHE D 975 40.64 -8.25 40.42
C PHE D 975 40.37 -9.49 41.26
N VAL D 976 40.34 -9.30 42.58
CA VAL D 976 39.99 -10.37 43.51
C VAL D 976 38.85 -9.89 44.40
N CYS D 977 37.77 -10.67 44.42
CA CYS D 977 36.72 -10.45 45.40
C CYS D 977 37.01 -11.28 46.65
N GLN D 978 37.01 -10.60 47.79
CA GLN D 978 37.22 -11.26 49.08
C GLN D 978 35.89 -11.44 49.76
N LYS D 979 35.67 -12.64 50.30
CA LYS D 979 34.43 -12.93 51.03
C LYS D 979 34.35 -12.07 52.28
N ASP D 980 33.17 -11.52 52.55
CA ASP D 980 33.04 -10.49 53.56
C ASP D 980 33.05 -11.12 54.96
N SER D 981 33.77 -10.47 55.87
CA SER D 981 34.03 -10.98 57.20
C SER D 981 33.02 -10.51 58.23
N ALA D 982 32.69 -9.21 58.24
CA ALA D 982 31.80 -8.63 59.23
C ALA D 982 30.36 -9.07 58.95
N ALA D 983 30.01 -10.23 59.49
CA ALA D 983 28.66 -10.79 59.34
C ALA D 983 27.72 -10.24 60.42
N THR D 984 27.58 -8.90 60.42
CA THR D 984 26.76 -8.22 61.40
C THR D 984 25.27 -8.43 61.15
N THR D 985 24.86 -8.50 59.88
CA THR D 985 23.47 -8.70 59.51
C THR D 985 23.43 -9.68 58.35
N ASP D 986 22.26 -9.80 57.73
CA ASP D 986 22.13 -10.71 56.60
C ASP D 986 22.27 -10.02 55.25
N GLU D 987 22.03 -8.71 55.20
CA GLU D 987 22.26 -7.96 53.97
C GLU D 987 23.75 -7.78 53.69
N GLU D 988 24.53 -7.48 54.72
CA GLU D 988 25.95 -7.23 54.54
C GLU D 988 26.78 -8.51 54.45
N ARG D 989 26.17 -9.68 54.61
CA ARG D 989 26.91 -10.93 54.46
C ARG D 989 26.60 -11.65 53.16
N GLN D 990 25.67 -11.13 52.36
CA GLN D 990 25.43 -11.66 51.02
C GLN D 990 26.07 -10.80 49.95
N HIS D 991 26.92 -9.86 50.33
CA HIS D 991 27.56 -8.95 49.39
C HIS D 991 29.06 -9.17 49.43
N LEU D 992 29.63 -9.62 48.32
CA LEU D 992 31.08 -9.70 48.19
C LEU D 992 31.66 -8.31 48.02
N GLN D 993 32.97 -8.20 48.22
CA GLN D 993 33.66 -6.91 48.11
C GLN D 993 34.87 -7.06 47.20
N GLU D 994 34.95 -6.20 46.19
CA GLU D 994 36.06 -6.21 45.25
C GLU D 994 37.29 -5.65 45.95
N VAL D 995 38.28 -6.51 46.20
CA VAL D 995 39.47 -6.13 46.94
C VAL D 995 40.69 -6.25 46.03
N GLY D 996 41.14 -5.12 45.49
CA GLY D 996 42.30 -5.14 44.63
C GLY D 996 41.98 -5.16 43.16
N LEU D 997 42.68 -4.33 42.39
CA LEU D 997 42.43 -4.19 40.95
C LEU D 997 43.78 -4.19 40.24
N PHE D 998 43.78 -4.69 39.00
CA PHE D 998 45.03 -4.77 38.25
C PHE D 998 44.71 -4.85 36.76
N HIS D 999 45.54 -4.18 35.94
CA HIS D 999 45.42 -4.25 34.49
C HIS D 999 46.53 -5.14 33.94
N LEU D 1000 46.24 -6.44 33.90
CA LEU D 1000 47.07 -7.38 33.16
C LEU D 1000 46.82 -7.16 31.69
N GLY D 1001 47.75 -6.48 31.01
CA GLY D 1001 47.49 -6.06 29.64
C GLY D 1001 47.55 -7.17 28.61
N GLU D 1002 46.65 -8.15 28.72
CA GLU D 1002 46.65 -9.39 27.98
C GLU D 1002 45.37 -10.14 28.28
N PHE D 1003 44.79 -10.78 27.26
CA PHE D 1003 43.58 -11.58 27.44
C PHE D 1003 43.95 -12.83 28.22
N VAL D 1004 43.01 -13.35 29.01
CA VAL D 1004 43.26 -14.51 29.85
C VAL D 1004 42.32 -15.62 29.41
N ASN D 1005 42.86 -16.82 29.16
CA ASN D 1005 42.03 -17.96 28.81
C ASN D 1005 41.94 -18.99 29.93
N VAL D 1006 43.09 -19.37 30.50
CA VAL D 1006 43.19 -20.56 31.34
C VAL D 1006 43.66 -20.10 32.72
N PHE D 1007 43.37 -20.92 33.74
CA PHE D 1007 44.08 -20.89 35.00
C PHE D 1007 44.35 -22.32 35.44
N CYS D 1008 45.46 -22.52 36.15
CA CYS D 1008 45.81 -23.84 36.68
C CYS D 1008 46.75 -23.69 37.85
N HIS D 1009 46.86 -24.76 38.63
CA HIS D 1009 47.75 -24.81 39.78
C HIS D 1009 49.15 -25.24 39.32
N GLY D 1010 50.02 -25.56 40.28
CA GLY D 1010 51.31 -26.12 39.98
C GLY D 1010 52.38 -25.09 39.64
N SER D 1011 53.61 -25.35 40.06
CA SER D 1011 54.71 -24.44 39.79
C SER D 1011 55.61 -25.00 38.71
N LEU D 1012 56.64 -24.23 38.38
CA LEU D 1012 57.62 -24.61 37.36
C LEU D 1012 58.99 -24.91 37.94
N VAL D 1013 59.21 -24.65 39.23
CA VAL D 1013 60.50 -24.87 39.86
C VAL D 1013 60.47 -26.20 40.61
N MET D 1014 61.66 -26.69 40.96
CA MET D 1014 61.78 -27.96 41.65
C MET D 1014 61.42 -27.82 43.12
N GLN D 1015 60.92 -28.90 43.71
CA GLN D 1015 60.51 -28.93 45.11
C GLN D 1015 61.73 -29.19 45.98
N ASN D 1016 62.16 -28.16 46.71
CA ASN D 1016 63.35 -28.27 47.54
C ASN D 1016 63.10 -28.99 48.87
N LEU D 1017 61.85 -29.32 49.19
CA LEU D 1017 61.55 -30.01 50.45
C LEU D 1017 61.72 -31.52 50.30
N PRO D 1023 59.07 -17.25 52.36
CA PRO D 1023 58.81 -17.20 50.92
C PRO D 1023 57.35 -16.87 50.61
N THR D 1024 56.86 -17.32 49.46
CA THR D 1024 55.50 -17.09 49.03
C THR D 1024 54.69 -18.36 49.22
N GLN D 1025 53.37 -18.24 48.99
CA GLN D 1025 52.44 -19.34 49.24
C GLN D 1025 51.56 -19.54 48.01
N GLY D 1026 51.52 -20.77 47.51
CA GLY D 1026 50.71 -21.09 46.36
C GLY D 1026 51.27 -20.58 45.04
N SER D 1027 50.69 -21.00 43.93
CA SER D 1027 51.11 -20.56 42.60
C SER D 1027 50.00 -20.86 41.62
N VAL D 1028 49.60 -19.86 40.84
CA VAL D 1028 48.60 -20.02 39.80
C VAL D 1028 49.19 -19.52 38.49
N LEU D 1029 49.21 -20.38 37.48
CA LEU D 1029 49.63 -20.02 36.14
C LEU D 1029 48.41 -19.78 35.26
N PHE D 1030 48.57 -18.92 34.27
CA PHE D 1030 47.43 -18.55 33.44
C PHE D 1030 47.76 -18.60 31.96
N GLY D 1031 46.76 -18.99 31.18
CA GLY D 1031 46.90 -19.12 29.73
C GLY D 1031 46.28 -17.92 29.04
N THR D 1032 46.91 -17.51 27.93
CA THR D 1032 46.61 -16.24 27.27
C THR D 1032 46.34 -16.42 25.78
N VAL D 1033 46.36 -15.32 25.01
CA VAL D 1033 46.20 -15.41 23.56
C VAL D 1033 47.45 -14.99 22.80
N ASN D 1034 48.42 -14.36 23.47
CA ASN D 1034 49.64 -13.94 22.80
C ASN D 1034 50.82 -14.84 23.13
N GLY D 1035 50.58 -15.96 23.81
CA GLY D 1035 51.67 -16.78 24.29
C GLY D 1035 52.52 -16.11 25.33
N MET D 1036 51.91 -15.59 26.39
CA MET D 1036 52.62 -14.88 27.44
C MET D 1036 52.18 -15.48 28.77
N ILE D 1037 52.84 -16.53 29.20
CA ILE D 1037 52.50 -17.23 30.43
C ILE D 1037 53.12 -16.48 31.61
N GLY D 1038 52.32 -16.22 32.64
CA GLY D 1038 52.82 -15.64 33.86
C GLY D 1038 52.37 -16.44 35.06
N LEU D 1039 52.71 -15.93 36.24
CA LEU D 1039 52.46 -16.63 37.49
C LEU D 1039 51.74 -15.70 38.45
N VAL D 1040 50.82 -16.26 39.23
CA VAL D 1040 50.12 -15.54 40.29
C VAL D 1040 50.33 -16.30 41.59
N THR D 1041 50.82 -15.61 42.62
CA THR D 1041 51.07 -16.21 43.92
C THR D 1041 50.76 -15.23 45.03
N SER D 1042 50.75 -15.74 46.26
CA SER D 1042 50.33 -14.98 47.42
C SER D 1042 51.52 -14.54 48.25
N LEU D 1043 51.45 -13.35 48.82
CA LEU D 1043 52.52 -12.77 49.60
C LEU D 1043 52.21 -12.80 51.09
N SER D 1044 53.12 -12.23 51.89
CA SER D 1044 52.88 -11.91 53.27
C SER D 1044 52.68 -10.40 53.40
N GLU D 1045 51.81 -10.02 54.33
CA GLU D 1045 51.38 -8.62 54.44
C GLU D 1045 52.49 -7.69 54.90
N SER D 1046 53.45 -8.21 55.67
CA SER D 1046 54.62 -7.41 56.01
C SER D 1046 55.48 -7.17 54.77
N TRP D 1047 55.62 -8.19 53.93
CA TRP D 1047 56.36 -8.01 52.68
C TRP D 1047 55.60 -7.17 51.66
N TYR D 1048 54.26 -7.09 51.77
CA TYR D 1048 53.52 -6.23 50.86
C TYR D 1048 53.89 -4.77 51.09
N ASN D 1049 54.00 -4.37 52.36
CA ASN D 1049 54.48 -3.03 52.67
C ASN D 1049 55.95 -2.87 52.33
N LEU D 1050 56.69 -3.97 52.29
CA LEU D 1050 58.08 -3.93 51.84
C LEU D 1050 58.17 -3.76 50.33
N LEU D 1051 57.33 -4.47 49.58
CA LEU D 1051 57.46 -4.47 48.12
C LEU D 1051 56.81 -3.24 47.49
N LEU D 1052 55.63 -2.82 47.97
CA LEU D 1052 54.88 -1.76 47.32
C LEU D 1052 55.60 -0.42 47.42
N ASP D 1053 56.31 -0.17 48.53
CA ASP D 1053 57.09 1.05 48.64
C ASP D 1053 58.28 1.03 47.69
N MET D 1054 58.79 -0.16 47.35
CA MET D 1054 59.86 -0.24 46.36
C MET D 1054 59.35 -0.01 44.95
N GLN D 1055 58.05 -0.24 44.72
CA GLN D 1055 57.47 0.13 43.43
C GLN D 1055 57.44 1.64 43.25
N ASN D 1056 57.11 2.36 44.33
CA ASN D 1056 57.04 3.82 44.25
C ASN D 1056 58.42 4.45 44.16
N ARG D 1057 59.45 3.81 44.72
CA ARG D 1057 60.81 4.28 44.51
C ARG D 1057 61.25 4.10 43.07
N LEU D 1058 60.95 2.96 42.47
CA LEU D 1058 61.35 2.68 41.10
C LEU D 1058 60.54 3.48 40.08
N ASN D 1059 59.37 4.00 40.47
CA ASN D 1059 58.56 4.81 39.57
C ASN D 1059 58.96 6.28 39.57
N LYS D 1060 60.16 6.60 40.03
CA LYS D 1060 60.76 7.92 39.86
C LYS D 1060 62.12 7.85 39.18
N VAL D 1061 62.67 6.65 39.01
CA VAL D 1061 64.02 6.47 38.49
C VAL D 1061 63.95 5.86 37.09
N ILE D 1062 63.14 4.81 36.95
CA ILE D 1062 63.00 4.11 35.67
C ILE D 1062 62.21 4.99 34.71
N LYS D 1063 62.86 5.40 33.62
CA LYS D 1063 62.17 6.09 32.55
C LYS D 1063 61.72 5.06 31.52
N SER D 1064 60.48 4.59 31.64
CA SER D 1064 59.95 3.65 30.67
C SER D 1064 59.67 4.35 29.35
N VAL D 1065 59.72 3.58 28.26
CA VAL D 1065 59.58 4.14 26.93
C VAL D 1065 58.13 4.53 26.70
N GLY D 1066 57.92 5.80 26.35
CA GLY D 1066 56.60 6.39 26.27
C GLY D 1066 56.32 7.41 27.34
N LYS D 1067 57.18 7.49 28.37
CA LYS D 1067 57.00 8.29 29.58
C LYS D 1067 55.65 7.99 30.24
N ILE D 1068 55.34 6.69 30.26
CA ILE D 1068 54.05 6.18 30.69
C ILE D 1068 54.14 5.91 32.18
N GLU D 1069 53.19 6.45 32.94
CA GLU D 1069 53.16 6.16 34.37
C GLU D 1069 52.67 4.73 34.59
N HIS D 1070 53.43 3.96 35.36
CA HIS D 1070 53.06 2.59 35.65
C HIS D 1070 51.83 2.50 36.54
N SER D 1071 51.65 3.47 37.43
CA SER D 1071 50.40 3.60 38.16
C SER D 1071 49.24 3.89 37.22
N PHE D 1072 49.49 4.62 36.14
CA PHE D 1072 48.46 4.86 35.14
C PHE D 1072 48.28 3.67 34.21
N TRP D 1073 49.36 2.95 33.88
CA TRP D 1073 49.22 1.87 32.92
C TRP D 1073 48.58 0.63 33.54
N ARG D 1074 48.90 0.32 34.78
CA ARG D 1074 48.26 -0.82 35.43
C ARG D 1074 46.90 -0.48 36.02
N SER D 1075 46.40 0.73 35.80
CA SER D 1075 45.13 1.15 36.38
C SER D 1075 43.97 0.40 35.71
N PHE D 1076 43.00 0.01 36.54
CA PHE D 1076 41.82 -0.72 36.08
C PHE D 1076 40.97 0.19 35.21
N HIS D 1077 41.04 -0.01 33.90
CA HIS D 1077 40.37 0.87 32.94
C HIS D 1077 39.39 0.08 32.07
N THR D 1078 38.12 0.11 32.45
CA THR D 1078 37.06 -0.33 31.56
C THR D 1078 36.53 0.88 30.81
N GLU D 1079 35.38 0.74 30.15
CA GLU D 1079 34.72 1.85 29.49
C GLU D 1079 34.07 2.82 30.47
N ARG D 1080 33.91 2.43 31.73
CA ARG D 1080 33.21 3.24 32.71
C ARG D 1080 33.92 3.38 34.05
N LYS D 1081 34.92 2.55 34.34
CA LYS D 1081 35.69 2.64 35.57
C LYS D 1081 37.13 2.99 35.23
N THR D 1082 37.59 4.11 35.75
CA THR D 1082 38.99 4.52 35.64
C THR D 1082 39.63 4.50 37.01
N GLU D 1083 39.21 3.52 37.82
CA GLU D 1083 39.69 3.42 39.19
C GLU D 1083 41.15 2.95 39.22
N PRO D 1084 41.99 3.58 40.02
CA PRO D 1084 43.39 3.17 40.08
C PRO D 1084 43.58 1.81 40.74
N ALA D 1085 44.68 1.17 40.40
CA ALA D 1085 44.94 -0.21 40.80
C ALA D 1085 45.41 -0.27 42.26
N THR D 1086 45.07 -1.36 42.92
CA THR D 1086 45.55 -1.63 44.27
C THR D 1086 45.60 -3.14 44.47
N GLY D 1087 46.17 -3.55 45.60
CA GLY D 1087 46.16 -4.95 45.95
C GLY D 1087 47.31 -5.78 45.41
N PHE D 1088 47.40 -5.93 44.10
CA PHE D 1088 48.41 -6.80 43.51
C PHE D 1088 49.78 -6.15 43.47
N ILE D 1089 50.78 -6.97 43.13
CA ILE D 1089 52.16 -6.53 42.97
C ILE D 1089 52.61 -6.89 41.56
N ASP D 1090 53.03 -5.87 40.80
CA ASP D 1090 53.60 -6.07 39.47
C ASP D 1090 55.08 -6.36 39.65
N GLY D 1091 55.41 -7.65 39.82
CA GLY D 1091 56.80 -8.04 40.04
C GLY D 1091 57.68 -7.91 38.81
N ASP D 1092 57.07 -7.75 37.63
CA ASP D 1092 57.85 -7.48 36.43
C ASP D 1092 58.48 -6.09 36.46
N LEU D 1093 57.93 -5.17 37.25
CA LEU D 1093 58.64 -3.92 37.51
C LEU D 1093 59.75 -4.14 38.53
N ILE D 1094 59.56 -5.08 39.46
CA ILE D 1094 60.55 -5.33 40.49
C ILE D 1094 61.81 -5.94 39.92
N GLU D 1095 61.67 -6.99 39.11
CA GLU D 1095 62.82 -7.80 38.73
C GLU D 1095 63.75 -7.11 37.72
N SER D 1096 63.39 -5.92 37.26
CA SER D 1096 64.31 -5.08 36.49
C SER D 1096 65.29 -4.33 37.37
N PHE D 1097 65.20 -4.47 38.70
CA PHE D 1097 66.16 -3.83 39.60
C PHE D 1097 67.55 -4.44 39.46
N LEU D 1098 67.62 -5.71 39.03
CA LEU D 1098 68.90 -6.35 38.77
C LEU D 1098 69.62 -5.67 37.61
N ASP D 1099 68.88 -5.16 36.63
CA ASP D 1099 69.45 -4.46 35.49
C ASP D 1099 69.90 -3.05 35.83
N ILE D 1100 69.47 -2.50 36.95
CA ILE D 1100 69.82 -1.13 37.32
C ILE D 1100 71.24 -1.11 37.86
N SER D 1101 72.03 -0.13 37.42
CA SER D 1101 73.38 0.03 37.91
C SER D 1101 73.36 0.58 39.34
N ARG D 1102 74.45 0.31 40.07
CA ARG D 1102 74.54 0.71 41.47
C ARG D 1102 74.59 2.22 41.71
N PRO D 1103 75.19 3.08 40.86
CA PRO D 1103 74.94 4.53 41.04
C PRO D 1103 73.49 4.96 40.81
N LYS D 1104 72.65 4.12 40.19
CA LYS D 1104 71.22 4.36 40.22
C LYS D 1104 70.48 3.40 41.14
N MET D 1105 71.12 2.33 41.60
CA MET D 1105 70.51 1.55 42.69
C MET D 1105 70.67 2.26 44.02
N GLN D 1106 71.69 3.12 44.16
CA GLN D 1106 71.91 3.81 45.43
C GLN D 1106 70.85 4.87 45.69
N GLU D 1107 70.22 5.40 44.63
CA GLU D 1107 69.18 6.40 44.80
C GLU D 1107 67.81 5.77 45.01
N VAL D 1108 67.64 4.51 44.62
CA VAL D 1108 66.44 3.76 45.01
C VAL D 1108 66.43 3.54 46.51
N VAL D 1109 67.60 3.29 47.09
CA VAL D 1109 67.70 3.03 48.52
C VAL D 1109 67.73 4.36 49.27
N ALA D 1110 66.55 4.85 49.62
CA ALA D 1110 66.41 5.97 50.53
C ALA D 1110 66.22 5.43 51.95
N ASN D 1111 65.75 6.27 52.86
CA ASN D 1111 65.46 5.84 54.22
C ASN D 1111 64.19 4.99 54.20
N LEU D 1112 64.39 3.69 54.00
CA LEU D 1112 63.31 2.73 53.89
C LEU D 1112 63.40 1.75 55.06
N GLN D 1113 62.54 0.73 55.03
CA GLN D 1113 62.38 -0.18 56.15
C GLN D 1113 62.85 -1.59 55.79
N TYR D 1114 62.97 -2.42 56.83
CA TYR D 1114 63.36 -3.81 56.67
C TYR D 1114 62.92 -4.56 57.92
N ASP D 1115 62.41 -5.79 57.74
CA ASP D 1115 61.77 -6.54 58.82
C ASP D 1115 62.75 -7.35 59.67
N ASP D 1116 64.04 -7.28 59.35
CA ASP D 1116 65.01 -8.13 60.03
C ASP D 1116 66.34 -7.39 60.19
N GLY D 1119 59.19 -8.12 62.97
CA GLY D 1119 59.29 -7.62 64.33
C GLY D 1119 60.41 -6.62 64.52
N MET D 1120 61.47 -6.74 63.73
CA MET D 1120 62.61 -5.86 63.83
C MET D 1120 62.40 -4.62 62.97
N LYS D 1121 63.41 -3.76 62.90
CA LYS D 1121 63.34 -2.52 62.14
C LYS D 1121 64.76 -2.10 61.76
N ARG D 1122 65.03 -2.06 60.47
CA ARG D 1122 66.34 -1.69 59.98
C ARG D 1122 66.17 -0.82 58.74
N GLU D 1123 67.07 0.14 58.58
CA GLU D 1123 67.13 0.89 57.33
C GLU D 1123 67.58 -0.04 56.20
N ALA D 1124 67.00 0.18 55.03
CA ALA D 1124 67.28 -0.68 53.88
C ALA D 1124 68.68 -0.42 53.35
N THR D 1125 69.29 -1.46 52.79
CA THR D 1125 70.58 -1.37 52.15
C THR D 1125 70.52 -2.04 50.78
N ALA D 1126 71.51 -1.71 49.94
CA ALA D 1126 71.50 -2.17 48.56
C ALA D 1126 71.74 -3.66 48.47
N ASP D 1127 72.57 -4.21 49.34
CA ASP D 1127 72.93 -5.62 49.26
C ASP D 1127 71.86 -6.53 49.86
N ASP D 1128 70.85 -5.99 50.52
CA ASP D 1128 69.73 -6.80 50.99
C ASP D 1128 68.49 -6.64 50.13
N LEU D 1129 68.26 -5.47 49.55
CA LEU D 1129 67.14 -5.30 48.64
C LEU D 1129 67.37 -6.05 47.33
N ILE D 1130 68.63 -6.26 46.96
CA ILE D 1130 68.94 -7.08 45.80
C ILE D 1130 68.75 -8.56 46.13
N LYS D 1131 68.72 -8.91 47.42
CA LYS D 1131 68.48 -10.30 47.79
C LYS D 1131 67.01 -10.65 47.71
N VAL D 1132 66.13 -9.72 48.08
CA VAL D 1132 64.69 -9.98 48.09
C VAL D 1132 64.16 -10.19 46.68
N VAL D 1133 64.72 -9.46 45.72
CA VAL D 1133 64.40 -9.68 44.31
C VAL D 1133 64.85 -11.07 43.88
N GLU D 1134 66.04 -11.50 44.35
CA GLU D 1134 66.51 -12.84 44.07
C GLU D 1134 65.73 -13.90 44.84
N GLU D 1135 65.08 -13.52 45.94
CA GLU D 1135 64.16 -14.45 46.59
C GLU D 1135 62.88 -14.61 45.78
N LEU D 1136 62.58 -13.65 44.91
CA LEU D 1136 61.45 -13.77 43.99
C LEU D 1136 61.87 -14.29 42.63
N THR D 1137 63.13 -14.08 42.25
CA THR D 1137 63.60 -14.49 40.93
C THR D 1137 63.79 -16.01 40.88
N ARG D 1138 64.00 -16.66 42.03
CA ARG D 1138 64.13 -18.10 42.06
C ARG D 1138 62.81 -18.82 41.78
N ILE D 1139 61.67 -18.15 41.95
CA ILE D 1139 60.43 -18.66 41.38
C ILE D 1139 60.41 -18.42 39.88
N HIS D 1140 60.43 -17.16 39.48
CA HIS D 1140 60.87 -16.72 38.14
C HIS D 1140 61.28 -15.26 38.20
#